data_1PON
#
_entry.id   1PON
#
_cell.length_a   1.000
_cell.length_b   1.000
_cell.length_c   1.000
_cell.angle_alpha   90.00
_cell.angle_beta   90.00
_cell.angle_gamma   90.00
#
_symmetry.space_group_name_H-M   'P 1'
#
loop_
_entity.id
_entity.type
_entity.pdbx_description
1 polymer 'TROPONIN C'
2 polymer 'TROPONIN C'
#
loop_
_entity_poly.entity_id
_entity_poly.type
_entity_poly.pdbx_seq_one_letter_code
_entity_poly.pdbx_strand_id
1 'polypeptide(L)' (ACE)KSEEELANAFRIFDKNADGYIDIEELGEILRATG(NH2) A
2 'polypeptide(L)' (ACE)VTEEDIEDLMKDSDKNNDGRIDFDEFLKMMEGVQ(NH2) B
#
loop_
_chem_comp.id
_chem_comp.type
_chem_comp.name
_chem_comp.formula
ACE non-polymer 'ACETYL GROUP' 'C2 H4 O'
NH2 non-polymer 'AMINO GROUP' 'H2 N'
#
# COMPACT_ATOMS: atom_id res chain seq x y z
C ACE A 1 -15.98 -16.87 -0.63
O ACE A 1 -15.00 -16.81 -1.39
CH3 ACE A 1 -16.15 -18.07 0.38
H1 ACE A 1 -16.08 -17.69 1.39
H2 ACE A 1 -17.09 -18.58 0.20
H3 ACE A 1 -15.31 -18.76 0.20
N LYS A 2 -16.96 -15.95 -0.69
CA LYS A 2 -16.95 -14.79 -1.62
C LYS A 2 -16.40 -13.51 -0.88
N SER A 3 -15.39 -13.69 -0.01
CA SER A 3 -14.97 -12.66 1.00
C SER A 3 -13.66 -11.91 0.58
N GLU A 4 -12.54 -12.18 1.27
CA GLU A 4 -11.31 -11.33 1.26
C GLU A 4 -10.02 -12.15 0.95
N GLU A 5 -10.17 -13.40 0.44
CA GLU A 5 -9.14 -14.47 0.61
C GLU A 5 -7.87 -14.28 -0.30
N GLU A 6 -8.06 -13.93 -1.58
CA GLU A 6 -6.95 -13.80 -2.58
C GLU A 6 -6.33 -12.35 -2.65
N LEU A 7 -7.16 -11.32 -2.38
CA LEU A 7 -6.69 -9.96 -1.96
C LEU A 7 -5.99 -10.00 -0.55
N ALA A 8 -6.35 -10.98 0.30
CA ALA A 8 -5.59 -11.30 1.54
C ALA A 8 -4.12 -11.83 1.29
N ASN A 9 -3.99 -13.07 0.78
CA ASN A 9 -2.68 -13.62 0.32
C ASN A 9 -1.83 -12.62 -0.54
N ALA A 10 -2.51 -11.81 -1.39
CA ALA A 10 -1.87 -10.69 -2.14
C ALA A 10 -1.30 -9.53 -1.26
N PHE A 11 -2.09 -9.07 -0.27
CA PHE A 11 -1.69 -7.96 0.65
C PHE A 11 -0.59 -8.41 1.68
N ARG A 12 -0.59 -9.71 2.05
CA ARG A 12 0.49 -10.33 2.88
C ARG A 12 1.78 -10.69 2.06
N ILE A 13 1.61 -11.12 0.81
CA ILE A 13 2.75 -11.43 -0.12
C ILE A 13 3.62 -10.14 -0.38
N PHE A 14 2.97 -8.97 -0.45
CA PHE A 14 3.66 -7.64 -0.60
C PHE A 14 4.41 -7.27 0.73
N ASP A 15 3.79 -7.50 1.89
CA ASP A 15 4.22 -6.91 3.20
C ASP A 15 5.56 -7.53 3.74
N LYS A 16 6.49 -6.69 4.21
CA LYS A 16 7.86 -7.12 4.61
C LYS A 16 7.77 -8.01 5.91
N ASN A 17 7.57 -7.37 7.08
CA ASN A 17 7.66 -8.05 8.41
C ASN A 17 6.28 -8.34 9.09
N ALA A 18 5.23 -7.62 8.69
CA ALA A 18 3.80 -8.08 8.85
C ALA A 18 3.19 -7.82 10.27
N ASP A 19 3.25 -6.57 10.75
CA ASP A 19 2.30 -6.04 11.79
C ASP A 19 0.86 -5.75 11.22
N GLY A 20 0.75 -5.59 9.88
CA GLY A 20 -0.56 -5.62 9.16
C GLY A 20 -0.82 -4.42 8.18
N TYR A 21 0.09 -3.43 8.16
CA TYR A 21 -0.12 -2.11 7.48
C TYR A 21 0.86 -1.91 6.27
N ILE A 22 0.57 -0.94 5.38
CA ILE A 22 1.53 -0.42 4.36
C ILE A 22 1.99 1.03 4.74
N ASP A 23 3.29 1.34 4.56
CA ASP A 23 3.86 2.71 4.73
C ASP A 23 4.47 3.28 3.41
N ILE A 24 4.68 4.61 3.34
CA ILE A 24 5.20 5.30 2.12
C ILE A 24 6.65 4.79 1.78
N GLU A 25 7.40 4.31 2.79
CA GLU A 25 8.78 3.76 2.62
C GLU A 25 8.82 2.34 1.97
N GLU A 26 7.85 1.47 2.30
CA GLU A 26 7.65 0.15 1.64
C GLU A 26 7.18 0.24 0.14
N LEU A 27 6.39 1.28 -0.19
CA LEU A 27 5.51 1.27 -1.40
C LEU A 27 6.33 1.35 -2.74
N GLY A 28 7.34 2.25 -2.79
CA GLY A 28 8.43 2.20 -3.82
C GLY A 28 9.08 0.80 -4.03
N GLU A 29 9.39 0.08 -2.93
CA GLU A 29 10.02 -1.28 -2.96
C GLU A 29 9.11 -2.40 -3.58
N ILE A 30 7.78 -2.26 -3.44
CA ILE A 30 6.79 -3.01 -4.28
C ILE A 30 7.02 -2.69 -5.80
N LEU A 31 7.00 -1.39 -6.17
CA LEU A 31 7.15 -0.94 -7.58
C LEU A 31 8.63 -1.08 -8.09
N ARG A 32 9.53 -1.72 -7.30
CA ARG A 32 10.95 -1.95 -7.71
C ARG A 32 11.39 -3.42 -7.36
N ALA A 33 11.58 -3.72 -6.06
CA ALA A 33 12.48 -4.81 -5.58
C ALA A 33 12.37 -6.16 -6.36
N THR A 34 13.52 -6.75 -6.76
CA THR A 34 13.60 -8.10 -7.37
C THR A 34 15.03 -8.72 -7.12
N GLY A 35 15.12 -9.67 -6.16
CA GLY A 35 16.26 -10.64 -6.08
C GLY A 35 16.64 -11.09 -4.62
N NH2 A 36 16.05 -10.43 -3.59
HN1 NH2 A 36 15.40 -9.66 -3.78
HN2 NH2 A 36 16.25 -10.72 -2.63
C ACE B 1 14.02 10.52 -12.36
O ACE B 1 13.35 10.88 -11.38
CH3 ACE B 1 14.69 11.57 -13.32
H1 ACE B 1 15.76 11.56 -13.15
H2 ACE B 1 14.45 11.34 -14.35
H3 ACE B 1 14.29 12.57 -13.06
N VAL B 2 14.15 9.22 -12.68
CA VAL B 2 13.18 8.17 -12.24
C VAL B 2 13.57 7.71 -10.79
N THR B 3 12.98 8.34 -9.76
CA THR B 3 13.42 8.20 -8.34
C THR B 3 12.18 8.31 -7.38
N GLU B 4 12.41 8.22 -6.06
CA GLU B 4 11.34 7.97 -5.04
C GLU B 4 10.40 9.21 -4.79
N GLU B 5 10.77 10.38 -5.33
CA GLU B 5 9.87 11.58 -5.36
C GLU B 5 8.63 11.42 -6.31
N ASP B 6 8.82 10.80 -7.48
CA ASP B 6 7.70 10.31 -8.35
C ASP B 6 6.75 9.31 -7.61
N ILE B 7 7.32 8.26 -6.97
CA ILE B 7 6.57 7.34 -6.07
C ILE B 7 5.84 8.17 -4.95
N GLU B 8 6.52 9.19 -4.38
CA GLU B 8 5.94 10.06 -3.31
C GLU B 8 4.70 10.91 -3.78
N ASP B 9 4.72 11.37 -5.04
CA ASP B 9 3.59 12.14 -5.66
C ASP B 9 2.36 11.22 -6.02
N LEU B 10 2.61 9.93 -6.28
CA LEU B 10 1.53 8.94 -6.61
C LEU B 10 0.73 8.44 -5.36
N MET B 11 1.43 8.14 -4.25
CA MET B 11 0.79 7.91 -2.91
C MET B 11 0.07 9.19 -2.38
N LYS B 12 0.53 10.39 -2.79
CA LYS B 12 -0.07 11.69 -2.37
C LYS B 12 -1.21 12.10 -3.38
N ASP B 13 -1.10 11.68 -4.66
CA ASP B 13 -2.23 11.80 -5.65
C ASP B 13 -3.44 10.87 -5.29
N SER B 14 -3.20 9.55 -5.15
CA SER B 14 -4.27 8.53 -4.94
C SER B 14 -4.87 8.56 -3.49
N ASP B 15 -4.08 9.00 -2.50
CA ASP B 15 -4.59 9.40 -1.15
C ASP B 15 -5.28 10.81 -1.15
N LYS B 16 -6.08 11.11 -0.11
CA LYS B 16 -6.91 12.36 -0.05
C LYS B 16 -6.87 12.95 1.41
N ASN B 17 -7.34 12.17 2.40
CA ASN B 17 -7.46 12.64 3.83
C ASN B 17 -6.08 12.80 4.55
N ASN B 18 -4.97 12.43 3.88
CA ASN B 18 -3.59 12.47 4.48
C ASN B 18 -3.42 11.52 5.72
N ASP B 19 -3.95 10.28 5.62
CA ASP B 19 -3.44 9.11 6.40
C ASP B 19 -2.08 8.54 5.83
N GLY B 20 -0.99 9.32 5.95
CA GLY B 20 0.35 8.96 5.39
C GLY B 20 0.87 7.53 5.76
N ARG B 21 0.16 6.79 6.62
CA ARG B 21 0.21 5.30 6.67
C ARG B 21 -1.14 4.60 6.29
N ILE B 22 -1.08 3.48 5.55
CA ILE B 22 -2.26 2.84 4.88
C ILE B 22 -2.64 1.50 5.59
N ASP B 23 -3.94 1.26 5.83
CA ASP B 23 -4.49 -0.08 6.21
C ASP B 23 -5.25 -0.78 5.03
N PHE B 24 -5.72 -2.02 5.23
CA PHE B 24 -6.24 -2.92 4.14
C PHE B 24 -7.52 -2.32 3.47
N ASP B 25 -8.28 -1.47 4.18
CA ASP B 25 -9.31 -0.57 3.56
C ASP B 25 -8.72 0.17 2.29
N GLU B 26 -8.00 1.30 2.59
CA GLU B 26 -7.10 2.02 1.63
C GLU B 26 -6.53 1.11 0.49
N PHE B 27 -6.17 -0.15 0.81
CA PHE B 27 -5.66 -1.13 -0.22
C PHE B 27 -6.73 -1.42 -1.32
N LEU B 28 -7.97 -1.73 -0.91
CA LEU B 28 -9.12 -2.04 -1.81
C LEU B 28 -9.41 -0.85 -2.80
N LYS B 29 -9.18 0.40 -2.38
CA LYS B 29 -9.51 1.62 -3.19
C LYS B 29 -8.23 2.12 -3.94
N MET B 30 -7.05 2.05 -3.30
CA MET B 30 -5.73 2.23 -3.99
C MET B 30 -5.49 1.24 -5.19
N MET B 31 -6.09 0.04 -5.13
CA MET B 31 -6.17 -0.92 -6.27
C MET B 31 -7.26 -0.44 -7.32
N GLU B 32 -8.54 -0.53 -6.94
CA GLU B 32 -9.70 -0.21 -7.83
C GLU B 32 -10.80 0.69 -7.15
N GLY B 33 -10.41 1.84 -6.59
CA GLY B 33 -11.34 2.98 -6.32
C GLY B 33 -11.40 4.07 -7.45
N VAL B 34 -11.07 3.70 -8.70
CA VAL B 34 -11.49 4.43 -9.93
C VAL B 34 -12.99 4.07 -10.23
N GLN B 35 -13.84 5.08 -10.51
CA GLN B 35 -15.33 4.95 -10.50
C GLN B 35 -15.83 3.85 -11.51
N NH2 B 36 -16.27 2.69 -10.99
HN1 NH2 B 36 -16.21 2.52 -9.97
HN2 NH2 B 36 -16.65 1.97 -11.62
C ACE A 1 -18.55 -11.24 -0.36
O ACE A 1 -18.32 -12.35 0.16
CH3 ACE A 1 -19.94 -10.55 -0.17
H1 ACE A 1 -19.82 -9.64 0.42
H2 ACE A 1 -20.39 -10.35 -1.14
H3 ACE A 1 -20.58 -11.25 0.39
N LYS A 2 -17.64 -10.62 -1.13
CA LYS A 2 -16.51 -11.33 -1.79
C LYS A 2 -15.37 -11.63 -0.75
N SER A 3 -14.77 -12.85 -0.81
CA SER A 3 -13.65 -13.26 0.08
C SER A 3 -12.55 -12.14 0.21
N GLU A 4 -12.16 -11.80 1.45
CA GLU A 4 -10.91 -11.02 1.73
C GLU A 4 -9.66 -11.95 1.99
N GLU A 5 -9.79 -13.27 1.79
CA GLU A 5 -8.82 -14.27 2.34
C GLU A 5 -7.39 -14.20 1.70
N GLU A 6 -7.31 -14.10 0.36
CA GLU A 6 -6.03 -14.05 -0.39
C GLU A 6 -5.29 -12.66 -0.29
N LEU A 7 -6.02 -11.55 -0.51
CA LEU A 7 -5.52 -10.17 -0.21
C LEU A 7 -5.18 -9.97 1.31
N ALA A 8 -5.85 -10.73 2.19
CA ALA A 8 -5.51 -10.79 3.65
C ALA A 8 -4.08 -11.36 3.97
N ASN A 9 -3.84 -12.65 3.62
CA ASN A 9 -2.46 -13.21 3.49
C ASN A 9 -1.45 -12.22 2.81
N ALA A 10 -1.67 -11.87 1.54
CA ALA A 10 -0.78 -10.96 0.76
C ALA A 10 -0.48 -9.57 1.45
N PHE A 11 -1.44 -9.06 2.25
CA PHE A 11 -1.29 -7.78 3.00
C PHE A 11 -0.35 -7.93 4.26
N ARG A 12 -0.46 -9.06 4.97
CA ARG A 12 0.45 -9.42 6.11
C ARG A 12 1.86 -9.93 5.62
N ILE A 13 1.91 -10.59 4.44
CA ILE A 13 3.17 -11.06 3.80
C ILE A 13 4.05 -9.83 3.37
N PHE A 14 3.41 -8.78 2.82
CA PHE A 14 4.10 -7.50 2.45
C PHE A 14 4.73 -6.82 3.73
N ASP A 15 3.89 -6.46 4.71
CA ASP A 15 4.35 -5.92 6.03
C ASP A 15 5.14 -6.98 6.88
N LYS A 16 6.46 -7.05 6.72
CA LYS A 16 7.29 -8.23 7.14
C LYS A 16 7.23 -8.36 8.70
N ASN A 17 7.01 -7.24 9.42
CA ASN A 17 6.86 -7.25 10.90
C ASN A 17 5.39 -7.51 11.41
N ALA A 18 4.39 -6.83 10.81
CA ALA A 18 2.97 -7.30 10.80
C ALA A 18 2.18 -7.02 12.13
N ASP A 19 1.92 -5.74 12.44
CA ASP A 19 0.85 -5.30 13.37
C ASP A 19 -0.55 -5.17 12.68
N GLY A 20 -0.56 -4.96 11.35
CA GLY A 20 -1.82 -4.66 10.58
C GLY A 20 -1.62 -3.74 9.32
N TYR A 21 -0.54 -2.94 9.29
CA TYR A 21 -0.48 -1.68 8.49
C TYR A 21 0.62 -1.74 7.37
N ILE A 22 0.48 -0.95 6.30
CA ILE A 22 1.60 -0.55 5.39
C ILE A 22 2.02 0.95 5.67
N ASP A 23 3.28 1.30 5.39
CA ASP A 23 3.78 2.71 5.43
C ASP A 23 4.21 3.25 4.02
N ILE A 24 4.43 4.57 3.90
CA ILE A 24 4.95 5.21 2.65
C ILE A 24 6.38 4.67 2.31
N GLU A 25 7.15 4.24 3.33
CA GLU A 25 8.51 3.64 3.14
C GLU A 25 8.49 2.20 2.51
N GLU A 26 7.47 1.40 2.84
CA GLU A 26 7.25 0.05 2.25
C GLU A 26 6.62 0.07 0.81
N LEU A 27 5.82 1.11 0.49
CA LEU A 27 4.90 1.12 -0.69
C LEU A 27 5.70 1.10 -2.04
N GLY A 28 6.76 1.92 -2.15
CA GLY A 28 7.58 2.04 -3.40
C GLY A 28 8.58 0.87 -3.66
N GLU A 29 9.22 0.34 -2.61
CA GLU A 29 10.12 -0.86 -2.69
C GLU A 29 9.37 -2.18 -3.10
N ILE A 30 8.16 -2.40 -2.56
CA ILE A 30 7.20 -3.42 -3.09
C ILE A 30 6.96 -3.21 -4.62
N LEU A 31 6.31 -2.08 -4.99
CA LEU A 31 5.72 -1.88 -6.35
C LEU A 31 6.83 -1.76 -7.45
N ARG A 32 8.08 -1.49 -7.05
CA ARG A 32 9.21 -1.24 -8.00
C ARG A 32 10.16 -2.50 -8.08
N ALA A 33 10.20 -3.31 -7.01
CA ALA A 33 10.86 -4.66 -7.03
C ALA A 33 10.03 -5.78 -7.74
N THR A 34 10.68 -6.55 -8.63
CA THR A 34 10.04 -7.67 -9.39
C THR A 34 11.06 -8.85 -9.55
N GLY A 35 12.24 -8.58 -10.13
CA GLY A 35 13.15 -9.64 -10.68
C GLY A 35 14.61 -9.63 -10.09
N NH2 A 36 15.50 -8.79 -10.65
HN1 NH2 A 36 15.22 -8.20 -11.46
HN2 NH2 A 36 16.46 -8.73 -10.27
C ACE B 1 12.26 6.15 -12.71
O ACE B 1 11.19 5.53 -12.82
CH3 ACE B 1 13.05 6.60 -13.99
H1 ACE B 1 12.94 7.67 -14.11
H2 ACE B 1 14.09 6.31 -13.91
H3 ACE B 1 12.60 6.10 -14.87
N VAL B 2 12.80 6.41 -11.52
CA VAL B 2 12.04 6.33 -10.22
C VAL B 2 12.71 7.32 -9.20
N THR B 3 11.90 8.20 -8.57
CA THR B 3 12.33 9.01 -7.39
C THR B 3 11.23 8.96 -6.28
N GLU B 4 11.50 9.56 -5.10
CA GLU B 4 10.51 9.68 -4.00
C GLU B 4 9.23 10.52 -4.38
N GLU B 5 9.39 11.55 -5.23
CA GLU B 5 8.29 12.49 -5.60
C GLU B 5 7.08 11.80 -6.32
N ASP B 6 7.35 10.74 -7.10
CA ASP B 6 6.29 9.96 -7.83
C ASP B 6 5.48 9.02 -6.89
N ILE B 7 6.17 8.24 -6.02
CA ILE B 7 5.52 7.48 -4.92
C ILE B 7 4.71 8.46 -3.99
N GLU B 8 5.27 9.63 -3.67
CA GLU B 8 4.59 10.69 -2.85
C GLU B 8 3.33 11.31 -3.55
N ASP B 9 3.35 11.42 -4.88
CA ASP B 9 2.14 11.75 -5.69
C ASP B 9 0.99 10.68 -5.54
N LEU B 10 1.31 9.39 -5.74
CA LEU B 10 0.37 8.27 -5.47
C LEU B 10 -0.30 8.32 -4.05
N MET B 11 0.51 8.42 -2.99
CA MET B 11 0.03 8.33 -1.58
C MET B 11 -0.90 9.54 -1.20
N LYS B 12 -0.43 10.78 -1.40
CA LYS B 12 -1.21 12.02 -1.10
C LYS B 12 -2.55 12.03 -1.92
N ASP B 13 -2.52 11.47 -3.15
CA ASP B 13 -3.73 11.42 -4.03
C ASP B 13 -4.84 10.46 -3.46
N SER B 14 -4.44 9.37 -2.78
CA SER B 14 -5.35 8.50 -1.98
C SER B 14 -5.23 8.74 -0.44
N ASP B 15 -4.70 9.91 -0.03
CA ASP B 15 -4.66 10.35 1.41
C ASP B 15 -6.02 11.00 1.87
N LYS B 16 -6.72 10.37 2.82
CA LYS B 16 -7.71 11.06 3.72
C LYS B 16 -6.98 12.19 4.54
N ASN B 17 -7.37 12.37 5.81
CA ASN B 17 -6.57 13.18 6.81
C ASN B 17 -5.24 12.48 7.25
N ASN B 18 -5.34 11.24 7.78
CA ASN B 18 -4.16 10.34 7.99
C ASN B 18 -3.18 10.85 9.12
N ASP B 19 -2.94 10.03 10.15
CA ASP B 19 -1.70 10.08 10.98
C ASP B 19 -0.53 9.23 10.35
N GLY B 20 -0.32 9.34 9.02
CA GLY B 20 0.98 9.03 8.35
C GLY B 20 1.03 7.65 7.59
N ARG B 21 0.01 6.80 7.77
CA ARG B 21 0.12 5.32 7.55
C ARG B 21 -1.18 4.67 6.97
N ILE B 22 -1.04 3.53 6.25
CA ILE B 22 -2.11 2.96 5.37
C ILE B 22 -2.67 1.63 6.00
N ASP B 23 -4.00 1.43 5.98
CA ASP B 23 -4.67 0.18 6.46
C ASP B 23 -5.33 -0.64 5.31
N PHE B 24 -5.93 -1.80 5.63
CA PHE B 24 -6.33 -2.84 4.63
C PHE B 24 -7.32 -2.25 3.55
N ASP B 25 -8.19 -1.32 3.94
CA ASP B 25 -9.05 -0.53 3.00
C ASP B 25 -8.20 0.06 1.81
N GLU B 26 -7.58 1.26 2.09
CA GLU B 26 -6.52 1.91 1.27
C GLU B 26 -5.70 0.91 0.39
N PHE B 27 -5.43 -0.31 0.88
CA PHE B 27 -4.78 -1.39 0.04
C PHE B 27 -5.67 -1.78 -1.20
N LEU B 28 -6.91 -2.21 -0.95
CA LEU B 28 -7.90 -2.59 -2.01
C LEU B 28 -8.16 -1.41 -3.01
N LYS B 29 -7.84 -0.16 -2.59
CA LYS B 29 -7.84 1.03 -3.50
C LYS B 29 -6.48 1.10 -4.28
N MET B 30 -5.35 1.12 -3.55
CA MET B 30 -3.98 1.08 -4.15
C MET B 30 -3.81 0.00 -5.30
N MET B 31 -4.40 -1.19 -5.12
CA MET B 31 -4.66 -2.15 -6.23
C MET B 31 -5.87 -1.67 -7.12
N GLU B 32 -7.08 -2.22 -6.87
CA GLU B 32 -8.23 -2.15 -7.82
C GLU B 32 -8.94 -0.75 -7.86
N GLY B 33 -8.44 0.23 -7.11
CA GLY B 33 -8.95 1.64 -7.14
C GLY B 33 -8.97 2.31 -8.57
N VAL B 34 -10.16 2.56 -9.13
CA VAL B 34 -10.33 3.38 -10.37
C VAL B 34 -10.02 4.88 -10.03
N GLN B 35 -9.32 5.59 -10.92
CA GLN B 35 -9.14 7.07 -10.85
C GLN B 35 -10.48 7.83 -11.19
N NH2 B 36 -10.72 8.10 -12.49
HN1 NH2 B 36 -10.05 7.81 -13.22
HN2 NH2 B 36 -11.58 8.62 -12.76
C ACE A 1 -14.62 -18.03 1.72
O ACE A 1 -13.74 -17.50 2.39
CH3 ACE A 1 -14.79 -19.59 1.67
H1 ACE A 1 -15.73 -19.86 2.12
H2 ACE A 1 -14.71 -19.95 0.64
H3 ACE A 1 -13.97 -20.02 2.26
N LYS A 2 -15.45 -17.29 0.95
CA LYS A 2 -15.17 -15.88 0.53
C LYS A 2 -15.22 -14.93 1.78
N SER A 3 -14.15 -14.14 2.01
CA SER A 3 -14.19 -12.92 2.86
C SER A 3 -12.94 -11.99 2.64
N GLU A 4 -12.51 -11.27 3.69
CA GLU A 4 -11.16 -10.60 3.74
C GLU A 4 -9.97 -11.64 3.66
N GLU A 5 -10.27 -12.95 3.71
CA GLU A 5 -9.24 -14.03 3.73
C GLU A 5 -7.99 -13.75 2.82
N GLU A 6 -8.21 -13.46 1.52
CA GLU A 6 -7.15 -13.54 0.47
C GLU A 6 -6.39 -12.19 0.22
N LEU A 7 -7.10 -11.05 0.33
CA LEU A 7 -6.50 -9.70 0.61
C LEU A 7 -5.90 -9.63 2.05
N ALA A 8 -6.21 -10.61 2.92
CA ALA A 8 -5.48 -10.84 4.21
C ALA A 8 -4.12 -11.60 4.06
N ASN A 9 -4.14 -12.80 3.45
CA ASN A 9 -2.92 -13.49 2.94
C ASN A 9 -1.97 -12.55 2.11
N ALA A 10 -2.54 -11.78 1.16
CA ALA A 10 -1.80 -10.78 0.33
C ALA A 10 -1.20 -9.58 1.16
N PHE A 11 -2.01 -8.98 2.06
CA PHE A 11 -1.61 -7.80 2.88
C PHE A 11 -0.49 -8.15 3.92
N ARG A 12 -0.53 -9.36 4.49
CA ARG A 12 0.60 -9.95 5.28
C ARG A 12 1.88 -10.22 4.42
N ILE A 13 1.70 -10.66 3.16
CA ILE A 13 2.79 -11.17 2.28
C ILE A 13 3.65 -9.99 1.72
N PHE A 14 3.03 -8.82 1.51
CA PHE A 14 3.75 -7.51 1.36
C PHE A 14 4.55 -7.19 2.66
N ASP A 15 3.88 -6.70 3.71
CA ASP A 15 4.52 -5.98 4.86
C ASP A 15 5.58 -6.86 5.61
N LYS A 16 6.62 -6.23 6.18
CA LYS A 16 7.86 -6.92 6.65
C LYS A 16 7.49 -7.90 7.82
N ASN A 17 6.61 -7.48 8.74
CA ASN A 17 6.44 -8.11 10.08
C ASN A 17 5.00 -8.68 10.36
N ALA A 18 3.96 -7.98 9.88
CA ALA A 18 2.56 -8.52 9.77
C ALA A 18 1.75 -8.50 11.11
N ASP A 19 1.78 -7.38 11.85
CA ASP A 19 0.77 -7.03 12.88
C ASP A 19 -0.58 -6.50 12.27
N GLY A 20 -0.61 -6.21 10.96
CA GLY A 20 -1.85 -5.78 10.24
C GLY A 20 -1.99 -4.23 9.99
N TYR A 21 -0.85 -3.50 9.94
CA TYR A 21 -0.77 -2.13 9.37
C TYR A 21 0.24 -2.07 8.17
N ILE A 22 0.23 -0.96 7.40
CA ILE A 22 1.33 -0.56 6.48
C ILE A 22 1.79 0.91 6.79
N ASP A 23 3.09 1.22 6.62
CA ASP A 23 3.69 2.53 6.98
C ASP A 23 4.33 3.27 5.74
N ILE A 24 4.70 4.55 5.91
CA ILE A 24 5.26 5.39 4.80
C ILE A 24 6.65 4.81 4.33
N GLU A 25 7.47 4.32 5.29
CA GLU A 25 8.83 3.78 5.00
C GLU A 25 8.83 2.41 4.25
N GLU A 26 7.86 1.54 4.57
CA GLU A 26 7.68 0.20 3.92
C GLU A 26 6.95 0.25 2.54
N LEU A 27 6.19 1.33 2.28
CA LEU A 27 5.39 1.52 1.04
C LEU A 27 6.28 1.56 -0.25
N GLY A 28 7.26 2.48 -0.29
CA GLY A 28 8.49 2.36 -1.14
C GLY A 28 8.83 0.89 -1.60
N GLU A 29 9.16 0.00 -0.66
CA GLU A 29 9.57 -1.41 -0.95
C GLU A 29 8.45 -2.27 -1.64
N ILE A 30 7.17 -2.00 -1.30
CA ILE A 30 6.00 -2.55 -2.06
C ILE A 30 6.08 -2.14 -3.57
N LEU A 31 6.30 -0.84 -3.85
CA LEU A 31 6.66 -0.33 -5.20
C LEU A 31 7.80 -1.20 -5.86
N ARG A 32 8.74 -1.71 -5.04
CA ARG A 32 9.98 -2.39 -5.55
C ARG A 32 9.66 -3.86 -6.00
N ALA A 33 9.02 -4.66 -5.12
CA ALA A 33 8.66 -6.08 -5.40
C ALA A 33 7.21 -6.30 -5.96
N THR A 34 7.07 -7.07 -7.05
CA THR A 34 5.81 -7.16 -7.85
C THR A 34 5.50 -8.67 -8.19
N GLY A 35 6.40 -9.33 -8.96
CA GLY A 35 6.04 -10.55 -9.75
C GLY A 35 6.78 -10.69 -11.13
N NH2 A 36 6.32 -11.61 -11.99
HN1 NH2 A 36 5.48 -12.15 -11.76
HN2 NH2 A 36 6.81 -11.77 -12.89
C ACE B 1 9.67 7.90 -11.78
O ACE B 1 8.74 7.14 -11.48
CH3 ACE B 1 9.48 9.05 -12.84
H1 ACE B 1 9.45 9.99 -12.31
H2 ACE B 1 10.28 9.00 -13.57
H3 ACE B 1 8.52 8.87 -13.34
N VAL B 2 10.90 7.74 -11.25
CA VAL B 2 11.20 6.78 -10.14
C VAL B 2 11.96 7.54 -9.00
N THR B 3 11.22 8.20 -8.10
CA THR B 3 11.81 9.07 -7.04
C THR B 3 10.87 9.10 -5.79
N GLU B 4 11.36 9.60 -4.64
CA GLU B 4 10.55 9.79 -3.40
C GLU B 4 9.47 10.91 -3.52
N GLU B 5 9.63 11.84 -4.49
CA GLU B 5 8.62 12.91 -4.78
C GLU B 5 7.27 12.35 -5.36
N ASP B 6 7.33 11.27 -6.16
CA ASP B 6 6.12 10.57 -6.68
C ASP B 6 5.48 9.60 -5.62
N ILE B 7 6.31 9.03 -4.71
CA ILE B 7 5.81 8.34 -3.47
C ILE B 7 4.99 9.35 -2.60
N GLU B 8 5.48 10.59 -2.43
CA GLU B 8 4.74 11.68 -1.71
C GLU B 8 3.46 12.17 -2.48
N ASP B 9 3.59 12.41 -3.80
CA ASP B 9 2.45 12.86 -4.67
C ASP B 9 1.30 11.79 -4.75
N LEU B 10 1.64 10.49 -4.77
CA LEU B 10 0.67 9.37 -4.64
C LEU B 10 -0.02 9.30 -3.23
N MET B 11 0.77 9.44 -2.15
CA MET B 11 0.26 9.31 -0.74
C MET B 11 -0.23 10.69 -0.16
N LYS B 12 -0.26 11.74 -0.99
CA LYS B 12 -1.16 12.93 -0.80
C LYS B 12 -2.49 12.74 -1.62
N ASP B 13 -2.39 12.11 -2.82
CA ASP B 13 -3.56 11.96 -3.75
C ASP B 13 -4.66 11.00 -3.17
N SER B 14 -4.37 9.68 -3.13
CA SER B 14 -5.29 8.66 -2.53
C SER B 14 -5.30 8.70 -0.97
N ASP B 15 -4.81 9.79 -0.36
CA ASP B 15 -4.91 10.03 1.12
C ASP B 15 -6.36 10.47 1.56
N LYS B 16 -6.92 9.81 2.60
CA LYS B 16 -7.97 10.42 3.48
C LYS B 16 -7.35 11.59 4.32
N ASN B 17 -7.54 11.58 5.66
CA ASN B 17 -6.80 12.46 6.60
C ASN B 17 -5.28 12.08 6.75
N ASN B 18 -4.99 10.78 6.90
CA ASN B 18 -3.74 10.29 7.57
C ASN B 18 -3.43 11.02 8.93
N ASP B 19 -3.85 10.43 10.05
CA ASP B 19 -3.33 10.78 11.42
C ASP B 19 -1.83 10.33 11.61
N GLY B 20 -1.42 9.22 10.96
CA GLY B 20 0.02 8.88 10.72
C GLY B 20 0.27 7.76 9.66
N ARG B 21 -0.31 6.57 9.86
CA ARG B 21 0.00 5.35 9.06
C ARG B 21 -1.25 4.67 8.40
N ILE B 22 -1.06 3.51 7.75
CA ILE B 22 -2.12 2.82 6.96
C ILE B 22 -2.59 1.52 7.70
N ASP B 23 -3.89 1.17 7.61
CA ASP B 23 -4.43 -0.18 7.94
C ASP B 23 -5.07 -0.90 6.69
N PHE B 24 -5.79 -2.01 6.91
CA PHE B 24 -6.36 -2.86 5.83
C PHE B 24 -7.46 -2.12 4.99
N ASP B 25 -8.20 -1.19 5.62
CA ASP B 25 -9.04 -0.19 4.90
C ASP B 25 -8.24 0.52 3.74
N GLU B 26 -7.47 1.57 4.15
CA GLU B 26 -6.39 2.21 3.36
C GLU B 26 -5.76 1.27 2.27
N PHE B 27 -5.56 -0.01 2.59
CA PHE B 27 -5.00 -1.01 1.61
C PHE B 27 -5.95 -1.21 0.37
N LEU B 28 -7.25 -1.44 0.63
CA LEU B 28 -8.30 -1.63 -0.43
C LEU B 28 -8.38 -0.39 -1.40
N LYS B 29 -8.30 0.84 -0.85
CA LYS B 29 -8.47 2.10 -1.63
C LYS B 29 -7.15 2.39 -2.43
N MET B 30 -5.99 1.96 -1.89
CA MET B 30 -4.65 2.27 -2.48
C MET B 30 -4.21 1.30 -3.64
N MET B 31 -4.33 -0.02 -3.43
CA MET B 31 -4.13 -1.06 -4.48
C MET B 31 -5.27 -0.98 -5.57
N GLU B 32 -6.41 -0.35 -5.22
CA GLU B 32 -7.42 0.14 -6.20
C GLU B 32 -6.94 1.39 -7.03
N GLY B 33 -6.62 2.49 -6.35
CA GLY B 33 -5.72 3.57 -6.90
C GLY B 33 -6.14 4.11 -8.31
N VAL B 34 -5.14 4.50 -9.13
CA VAL B 34 -5.38 5.17 -10.44
C VAL B 34 -4.81 4.24 -11.58
N GLN B 35 -5.43 4.28 -12.78
CA GLN B 35 -5.32 3.18 -13.79
C GLN B 35 -3.98 3.28 -14.61
N NH2 B 36 -2.98 2.46 -14.24
HN1 NH2 B 36 -3.11 1.78 -13.47
HN2 NH2 B 36 -2.06 2.50 -14.73
C ACE A 1 -18.40 -11.12 -0.89
O ACE A 1 -18.15 -9.94 -0.69
CH3 ACE A 1 -18.98 -11.62 -2.26
H1 ACE A 1 -18.25 -12.26 -2.75
H2 ACE A 1 -19.94 -12.13 -2.11
H3 ACE A 1 -19.13 -10.72 -2.89
N LYS A 2 -18.13 -12.06 0.04
CA LYS A 2 -17.27 -11.81 1.24
C LYS A 2 -15.77 -12.13 0.89
N SER A 3 -15.30 -11.68 -0.29
CA SER A 3 -14.03 -12.18 -0.92
C SER A 3 -12.80 -11.25 -0.61
N GLU A 4 -12.15 -11.45 0.55
CA GLU A 4 -10.91 -10.71 0.95
C GLU A 4 -9.73 -11.67 1.34
N GLU A 5 -9.85 -12.97 1.05
CA GLU A 5 -8.95 -14.03 1.59
C GLU A 5 -7.48 -13.99 1.05
N GLU A 6 -7.31 -13.89 -0.28
CA GLU A 6 -5.96 -13.80 -0.93
C GLU A 6 -5.31 -12.37 -0.83
N LEU A 7 -6.13 -11.31 -0.87
CA LEU A 7 -5.70 -9.91 -0.53
C LEU A 7 -5.18 -9.82 0.96
N ALA A 8 -5.72 -10.65 1.86
CA ALA A 8 -5.26 -10.73 3.29
C ALA A 8 -3.99 -11.62 3.51
N ASN A 9 -3.93 -12.80 2.87
CA ASN A 9 -2.67 -13.55 2.62
C ASN A 9 -1.50 -12.65 2.09
N ALA A 10 -1.75 -11.88 1.01
CA ALA A 10 -0.77 -10.92 0.42
C ALA A 10 -0.39 -9.71 1.36
N PHE A 11 -1.36 -9.22 2.16
CA PHE A 11 -1.20 -8.01 3.02
C PHE A 11 -0.34 -8.31 4.30
N ARG A 12 -0.37 -9.57 4.78
CA ARG A 12 0.60 -10.12 5.78
C ARG A 12 1.97 -10.53 5.13
N ILE A 13 1.94 -11.20 3.97
CA ILE A 13 3.11 -11.95 3.40
C ILE A 13 4.15 -10.95 2.79
N PHE A 14 3.68 -9.79 2.29
CA PHE A 14 4.51 -8.56 2.10
C PHE A 14 5.17 -8.15 3.46
N ASP A 15 4.35 -7.87 4.49
CA ASP A 15 4.77 -7.08 5.69
C ASP A 15 5.57 -7.92 6.74
N LYS A 16 6.62 -7.33 7.35
CA LYS A 16 7.68 -8.08 8.09
C LYS A 16 7.69 -7.64 9.60
N ASN A 17 6.73 -6.83 10.06
CA ASN A 17 6.93 -5.92 11.24
C ASN A 17 5.68 -5.04 11.61
N ALA A 18 4.74 -5.61 12.39
CA ALA A 18 3.30 -5.22 12.39
C ALA A 18 2.51 -5.55 11.06
N ASP A 19 2.18 -6.83 10.86
CA ASP A 19 1.23 -7.28 9.78
C ASP A 19 -0.16 -6.56 9.85
N GLY A 20 -0.48 -5.90 10.98
CA GLY A 20 -1.65 -4.98 11.10
C GLY A 20 -1.73 -3.83 10.03
N TYR A 21 -0.72 -2.95 10.01
CA TYR A 21 -0.72 -1.71 9.16
C TYR A 21 0.44 -1.75 8.09
N ILE A 22 0.27 -1.04 6.96
CA ILE A 22 1.36 -0.76 5.98
C ILE A 22 1.75 0.77 6.04
N ASP A 23 3.04 1.09 5.85
CA ASP A 23 3.59 2.48 5.98
C ASP A 23 4.14 3.05 4.63
N ILE A 24 4.32 4.38 4.54
CA ILE A 24 4.74 5.07 3.28
C ILE A 24 6.16 4.57 2.83
N GLU A 25 7.02 4.20 3.79
CA GLU A 25 8.43 3.77 3.53
C GLU A 25 8.55 2.28 3.05
N GLU A 26 7.63 1.40 3.49
CA GLU A 26 7.53 -0.02 3.04
C GLU A 26 6.81 -0.20 1.65
N LEU A 27 5.86 0.70 1.33
CA LEU A 27 5.11 0.68 0.04
C LEU A 27 6.06 0.49 -1.19
N GLY A 28 6.80 1.55 -1.59
CA GLY A 28 7.74 1.52 -2.75
C GLY A 28 8.63 0.23 -2.86
N GLU A 29 9.15 -0.26 -1.71
CA GLU A 29 10.08 -1.43 -1.65
C GLU A 29 9.36 -2.81 -1.91
N ILE A 30 8.08 -2.93 -1.52
CA ILE A 30 7.16 -3.97 -2.08
C ILE A 30 7.12 -3.89 -3.65
N LEU A 31 6.55 -2.80 -4.20
CA LEU A 31 6.10 -2.73 -5.62
C LEU A 31 7.31 -2.91 -6.61
N ARG A 32 8.54 -2.58 -6.16
CA ARG A 32 9.74 -2.51 -7.04
C ARG A 32 10.82 -3.56 -6.61
N ALA A 33 11.03 -3.74 -5.29
CA ALA A 33 12.29 -4.28 -4.71
C ALA A 33 12.25 -5.80 -4.33
N THR A 34 13.25 -6.59 -4.78
CA THR A 34 13.45 -8.00 -4.32
C THR A 34 14.29 -8.01 -3.00
N GLY A 35 13.99 -8.95 -2.08
CA GLY A 35 14.92 -9.33 -0.97
C GLY A 35 14.51 -10.64 -0.18
N NH2 A 36 13.65 -11.47 -0.78
HN1 NH2 A 36 13.25 -11.23 -1.69
HN2 NH2 A 36 13.40 -12.36 -0.32
C ACE B 1 11.53 7.52 -13.30
O ACE B 1 12.76 7.42 -13.22
CH3 ACE B 1 10.84 8.00 -14.63
H1 ACE B 1 10.36 7.16 -15.10
H2 ACE B 1 10.13 8.80 -14.42
H3 ACE B 1 11.63 8.39 -15.29
N VAL B 2 10.72 7.29 -12.24
CA VAL B 2 11.25 6.88 -10.90
C VAL B 2 11.78 8.15 -10.16
N THR B 3 10.91 8.83 -9.37
CA THR B 3 11.32 9.86 -8.37
C THR B 3 10.36 9.81 -7.13
N GLU B 4 10.85 10.22 -5.95
CA GLU B 4 10.11 10.12 -4.65
C GLU B 4 8.89 11.12 -4.55
N GLU B 5 8.85 12.13 -5.43
CA GLU B 5 7.66 13.06 -5.54
C GLU B 5 6.37 12.36 -6.11
N ASP B 6 6.53 11.47 -7.09
CA ASP B 6 5.43 10.59 -7.59
C ASP B 6 4.80 9.70 -6.45
N ILE B 7 5.64 9.05 -5.63
CA ILE B 7 5.20 8.35 -4.38
C ILE B 7 4.43 9.35 -3.45
N GLU B 8 5.03 10.52 -3.16
CA GLU B 8 4.48 11.50 -2.18
C GLU B 8 3.12 12.15 -2.61
N ASP B 9 2.98 12.44 -3.93
CA ASP B 9 1.71 12.95 -4.53
C ASP B 9 0.64 11.82 -4.73
N LEU B 10 1.08 10.56 -4.86
CA LEU B 10 0.19 9.36 -4.84
C LEU B 10 -0.47 9.09 -3.45
N MET B 11 0.32 9.16 -2.37
CA MET B 11 -0.19 8.99 -0.97
C MET B 11 -0.60 10.36 -0.32
N LYS B 12 -0.76 11.41 -1.14
CA LYS B 12 -1.52 12.65 -0.77
C LYS B 12 -2.88 12.70 -1.57
N ASP B 13 -2.85 12.26 -2.84
CA ASP B 13 -4.07 12.21 -3.71
C ASP B 13 -5.12 11.15 -3.21
N SER B 14 -4.65 9.94 -2.87
CA SER B 14 -5.53 8.83 -2.37
C SER B 14 -5.96 9.01 -0.88
N ASP B 15 -5.16 9.74 -0.08
CA ASP B 15 -5.10 9.57 1.41
C ASP B 15 -6.26 10.33 2.15
N LYS B 16 -6.82 9.73 3.20
CA LYS B 16 -7.54 10.46 4.29
C LYS B 16 -6.58 11.51 4.95
N ASN B 17 -6.98 12.08 6.11
CA ASN B 17 -6.09 12.95 6.95
C ASN B 17 -4.96 12.15 7.68
N ASN B 18 -5.33 11.11 8.45
CA ASN B 18 -4.41 10.00 8.83
C ASN B 18 -3.33 10.42 9.89
N ASP B 19 -3.21 9.67 11.00
CA ASP B 19 -2.13 9.86 12.01
C ASP B 19 -0.70 9.52 11.43
N GLY B 20 -0.65 8.70 10.37
CA GLY B 20 0.51 8.68 9.41
C GLY B 20 0.56 7.43 8.45
N ARG B 21 -0.29 6.43 8.69
CA ARG B 21 -0.10 5.04 8.15
C ARG B 21 -1.42 4.40 7.58
N ILE B 22 -1.29 3.32 6.79
CA ILE B 22 -2.43 2.68 6.06
C ILE B 22 -2.87 1.36 6.79
N ASP B 23 -4.12 0.93 6.60
CA ASP B 23 -4.60 -0.44 7.00
C ASP B 23 -5.44 -1.14 5.87
N PHE B 24 -5.87 -2.39 6.09
CA PHE B 24 -6.35 -3.31 5.01
C PHE B 24 -7.49 -2.66 4.16
N ASP B 25 -8.31 -1.77 4.76
CA ASP B 25 -9.28 -0.91 4.02
C ASP B 25 -8.59 -0.16 2.81
N GLU B 26 -7.94 1.00 3.17
CA GLU B 26 -6.97 1.75 2.32
C GLU B 26 -6.19 0.84 1.30
N PHE B 27 -5.87 -0.43 1.65
CA PHE B 27 -5.25 -1.39 0.69
C PHE B 27 -6.20 -1.71 -0.52
N LEU B 28 -7.46 -2.10 -0.23
CA LEU B 28 -8.49 -2.46 -1.25
C LEU B 28 -8.77 -1.27 -2.23
N LYS B 29 -8.55 -0.02 -1.79
CA LYS B 29 -8.78 1.21 -2.61
C LYS B 29 -7.42 1.67 -3.26
N MET B 30 -6.28 1.22 -2.72
CA MET B 30 -4.93 1.43 -3.34
C MET B 30 -4.61 0.46 -4.53
N MET B 31 -4.81 -0.86 -4.33
CA MET B 31 -4.91 -1.85 -5.44
C MET B 31 -6.07 -1.45 -6.43
N GLU B 32 -7.33 -1.42 -5.94
CA GLU B 32 -8.57 -1.52 -6.78
C GLU B 32 -9.48 -0.25 -6.74
N GLY B 33 -8.99 0.86 -6.15
CA GLY B 33 -9.54 2.23 -6.41
C GLY B 33 -8.74 3.09 -7.45
N VAL B 34 -9.25 4.27 -7.82
CA VAL B 34 -8.83 5.02 -9.05
C VAL B 34 -8.21 6.39 -8.62
N GLN B 35 -7.13 6.83 -9.28
CA GLN B 35 -6.27 7.95 -8.79
C GLN B 35 -7.11 9.23 -8.42
N NH2 B 36 -7.03 9.69 -7.17
HN1 NH2 B 36 -6.41 9.23 -6.48
HN2 NH2 B 36 -7.58 10.52 -6.88
C ACE A 1 -18.68 -11.45 -1.38
O ACE A 1 -18.75 -10.28 -1.76
CH3 ACE A 1 -19.97 -12.35 -1.25
H1 ACE A 1 -19.91 -13.15 -1.97
H2 ACE A 1 -20.08 -12.70 -0.24
H3 ACE A 1 -20.83 -11.70 -1.52
N LYS A 2 -17.52 -11.99 -0.98
CA LYS A 2 -16.30 -11.19 -0.61
C LYS A 2 -15.01 -12.05 -0.83
N SER A 3 -14.49 -12.10 -2.07
CA SER A 3 -13.35 -13.00 -2.46
C SER A 3 -11.97 -12.24 -2.48
N GLU A 4 -11.58 -11.65 -1.34
CA GLU A 4 -10.23 -11.01 -1.17
C GLU A 4 -9.16 -12.02 -0.63
N GLU A 5 -9.30 -13.32 -0.96
CA GLU A 5 -8.54 -14.42 -0.29
C GLU A 5 -7.02 -14.45 -0.67
N GLU A 6 -6.68 -14.17 -1.94
CA GLU A 6 -5.27 -14.19 -2.45
C GLU A 6 -4.64 -12.76 -2.62
N LEU A 7 -5.48 -11.71 -2.66
CA LEU A 7 -5.08 -10.30 -2.34
C LEU A 7 -4.78 -10.13 -0.81
N ALA A 8 -5.34 -11.01 0.04
CA ALA A 8 -4.92 -11.15 1.47
C ALA A 8 -3.55 -11.90 1.68
N ASN A 9 -3.42 -13.11 1.09
CA ASN A 9 -2.09 -13.77 0.87
C ASN A 9 -1.03 -12.84 0.18
N ALA A 10 -1.45 -12.09 -0.85
CA ALA A 10 -0.58 -11.09 -1.55
C ALA A 10 -0.20 -9.83 -0.69
N PHE A 11 -1.09 -9.41 0.23
CA PHE A 11 -0.86 -8.25 1.13
C PHE A 11 0.13 -8.61 2.30
N ARG A 12 -0.01 -9.82 2.88
CA ARG A 12 1.06 -10.47 3.71
C ARG A 12 2.46 -10.50 2.99
N ILE A 13 2.47 -10.86 1.69
CA ILE A 13 3.72 -11.12 0.90
C ILE A 13 4.49 -9.78 0.65
N PHE A 14 3.76 -8.66 0.47
CA PHE A 14 4.32 -7.28 0.58
C PHE A 14 5.01 -7.07 1.96
N ASP A 15 4.37 -7.53 3.06
CA ASP A 15 4.79 -7.23 4.46
C ASP A 15 6.13 -7.96 4.85
N LYS A 16 6.74 -7.56 5.98
CA LYS A 16 7.90 -8.30 6.59
C LYS A 16 7.66 -8.45 8.13
N ASN A 17 7.40 -7.33 8.84
CA ASN A 17 7.43 -7.28 10.33
C ASN A 17 6.04 -7.49 11.02
N ALA A 18 4.94 -7.26 10.29
CA ALA A 18 3.56 -7.71 10.68
C ALA A 18 2.88 -6.84 11.79
N ASP A 19 2.77 -5.52 11.56
CA ASP A 19 1.80 -4.62 12.27
C ASP A 19 0.34 -4.77 11.73
N GLY A 20 0.18 -5.32 10.52
CA GLY A 20 -1.12 -5.26 9.75
C GLY A 20 -1.14 -4.23 8.56
N TYR A 21 -0.19 -3.30 8.52
CA TYR A 21 -0.26 -2.06 7.67
C TYR A 21 0.85 -2.04 6.56
N ILE A 22 0.65 -1.27 5.49
CA ILE A 22 1.72 -0.88 4.51
C ILE A 22 2.09 0.64 4.68
N ASP A 23 3.37 0.95 4.93
CA ASP A 23 3.83 2.34 5.25
C ASP A 23 4.61 3.01 4.05
N ILE A 24 4.99 4.29 4.21
CA ILE A 24 5.75 5.05 3.16
C ILE A 24 7.15 4.39 2.93
N GLU A 25 7.73 3.75 3.95
CA GLU A 25 9.07 3.10 3.89
C GLU A 25 9.07 1.72 3.15
N GLU A 26 7.98 0.95 3.29
CA GLU A 26 7.77 -0.35 2.55
C GLU A 26 7.46 -0.16 1.03
N LEU A 27 6.68 0.89 0.67
CA LEU A 27 5.86 0.93 -0.58
C LEU A 27 6.73 1.27 -1.84
N GLY A 28 7.62 2.27 -1.72
CA GLY A 28 8.63 2.59 -2.78
C GLY A 28 9.64 1.43 -3.13
N GLU A 29 10.06 0.66 -2.11
CA GLU A 29 10.98 -0.52 -2.27
C GLU A 29 10.27 -1.80 -2.84
N ILE A 30 8.99 -2.02 -2.46
CA ILE A 30 8.03 -2.85 -3.26
C ILE A 30 8.07 -2.41 -4.76
N LEU A 31 7.53 -1.21 -5.07
CA LEU A 31 7.17 -0.79 -6.45
C LEU A 31 8.44 -0.60 -7.36
N ARG A 32 9.64 -0.64 -6.77
CA ARG A 32 10.92 -0.82 -7.52
C ARG A 32 11.23 -2.35 -7.75
N ALA A 33 11.16 -3.16 -6.69
CA ALA A 33 11.80 -4.51 -6.65
C ALA A 33 11.14 -5.58 -7.59
N THR A 34 11.62 -6.84 -7.53
CA THR A 34 10.94 -8.00 -8.19
C THR A 34 9.39 -7.89 -8.02
N GLY A 35 8.86 -8.35 -6.87
CA GLY A 35 7.39 -8.52 -6.66
C GLY A 35 6.77 -9.83 -7.26
N NH2 A 36 7.63 -10.83 -7.59
HN1 NH2 A 36 8.64 -10.69 -7.45
HN2 NH2 A 36 7.27 -11.70 -7.98
C ACE B 1 10.98 3.69 -12.58
O ACE B 1 11.34 3.30 -11.46
CH3 ACE B 1 11.55 3.02 -13.88
H1 ACE B 1 10.77 2.41 -14.33
H2 ACE B 1 11.90 3.79 -14.57
H3 ACE B 1 12.39 2.38 -13.58
N VAL B 2 10.04 4.64 -12.73
CA VAL B 2 9.27 5.22 -11.59
C VAL B 2 10.26 6.00 -10.66
N THR B 3 10.46 7.30 -10.92
CA THR B 3 11.22 8.22 -10.02
C THR B 3 10.35 8.55 -8.76
N GLU B 4 10.99 9.04 -7.67
CA GLU B 4 10.36 9.16 -6.32
C GLU B 4 9.27 10.28 -6.23
N GLU B 5 9.32 11.29 -7.13
CA GLU B 5 8.27 12.33 -7.25
C GLU B 5 6.89 11.78 -7.79
N ASP B 6 6.92 10.69 -8.56
CA ASP B 6 5.69 9.90 -8.93
C ASP B 6 5.10 9.09 -7.72
N ILE B 7 5.98 8.54 -6.85
CA ILE B 7 5.56 7.89 -5.57
C ILE B 7 4.76 8.92 -4.69
N GLU B 8 5.36 10.08 -4.38
CA GLU B 8 4.77 11.10 -3.48
C GLU B 8 3.45 11.77 -4.04
N ASP B 9 3.41 11.99 -5.37
CA ASP B 9 2.17 12.42 -6.09
C ASP B 9 1.04 11.33 -6.08
N LEU B 10 1.42 10.05 -6.31
CA LEU B 10 0.47 8.91 -6.35
C LEU B 10 -0.11 8.52 -4.94
N MET B 11 0.75 8.45 -3.92
CA MET B 11 0.32 8.15 -2.51
C MET B 11 -0.42 9.37 -1.85
N LYS B 12 -0.34 10.56 -2.48
CA LYS B 12 -1.26 11.71 -2.19
C LYS B 12 -2.58 11.55 -3.05
N ASP B 13 -2.47 11.00 -4.27
CA ASP B 13 -3.63 10.86 -5.20
C ASP B 13 -4.70 9.84 -4.68
N SER B 14 -4.25 8.76 -4.01
CA SER B 14 -5.14 7.80 -3.30
C SER B 14 -5.57 8.29 -1.87
N ASP B 15 -4.60 8.74 -1.04
CA ASP B 15 -4.78 8.92 0.42
C ASP B 15 -5.67 10.16 0.78
N LYS B 16 -6.43 10.09 1.88
CA LYS B 16 -7.33 11.19 2.34
C LYS B 16 -6.57 12.11 3.37
N ASN B 17 -6.98 12.13 4.65
CA ASN B 17 -6.61 13.21 5.61
C ASN B 17 -5.11 13.19 6.03
N ASN B 18 -4.29 12.31 5.44
CA ASN B 18 -2.79 12.44 5.43
C ASN B 18 -2.15 12.16 6.84
N ASP B 19 -2.06 10.87 7.25
CA ASP B 19 -1.09 10.39 8.27
C ASP B 19 0.22 9.80 7.63
N GLY B 20 0.11 9.24 6.42
CA GLY B 20 1.27 8.60 5.71
C GLY B 20 1.36 7.03 5.85
N ARG B 21 0.20 6.34 5.88
CA ARG B 21 0.13 4.88 6.21
C ARG B 21 -1.18 4.18 5.70
N ILE B 22 -1.04 3.02 5.04
CA ILE B 22 -2.13 2.38 4.22
C ILE B 22 -2.61 1.06 4.91
N ASP B 23 -3.91 0.73 4.77
CA ASP B 23 -4.49 -0.59 5.19
C ASP B 23 -4.85 -1.51 3.96
N PHE B 24 -5.60 -2.60 4.21
CA PHE B 24 -6.06 -3.54 3.13
C PHE B 24 -7.13 -2.85 2.20
N ASP B 25 -7.98 -1.97 2.74
CA ASP B 25 -8.90 -1.11 1.94
C ASP B 25 -8.16 -0.35 0.79
N GLU B 26 -7.54 0.81 1.20
CA GLU B 26 -6.50 1.55 0.43
C GLU B 26 -5.72 0.63 -0.60
N PHE B 27 -5.35 -0.59 -0.17
CA PHE B 27 -4.58 -1.54 -1.04
C PHE B 27 -5.39 -1.95 -2.33
N LEU B 28 -6.69 -2.30 -2.14
CA LEU B 28 -7.64 -2.66 -3.24
C LEU B 28 -7.86 -1.48 -4.24
N LYS B 29 -7.98 -0.23 -3.72
CA LYS B 29 -8.21 0.98 -4.56
C LYS B 29 -6.86 1.39 -5.26
N MET B 30 -5.75 1.40 -4.53
CA MET B 30 -4.37 1.58 -5.10
C MET B 30 -4.09 0.71 -6.38
N MET B 31 -4.20 -0.62 -6.25
CA MET B 31 -3.62 -1.60 -7.23
C MET B 31 -4.67 -1.96 -8.34
N GLU B 32 -5.94 -1.58 -8.12
CA GLU B 32 -6.93 -1.34 -9.22
C GLU B 32 -6.69 0.00 -10.01
N GLY B 33 -7.01 1.15 -9.38
CA GLY B 33 -6.76 2.50 -9.98
C GLY B 33 -8.04 3.26 -10.49
N VAL B 34 -9.08 2.51 -10.91
CA VAL B 34 -10.26 3.07 -11.63
C VAL B 34 -10.97 4.11 -10.69
N GLN B 35 -11.63 5.13 -11.29
CA GLN B 35 -12.64 5.97 -10.57
C GLN B 35 -13.89 6.26 -11.47
N NH2 B 36 -15.03 5.59 -11.19
HN1 NH2 B 36 -15.04 4.91 -10.42
HN2 NH2 B 36 -15.87 5.75 -11.75
C ACE A 1 -18.88 -11.11 -0.80
O ACE A 1 -19.06 -11.26 0.41
CH3 ACE A 1 -19.77 -10.10 -1.63
H1 ACE A 1 -19.14 -9.29 -1.98
H2 ACE A 1 -20.27 -10.62 -2.44
H3 ACE A 1 -20.52 -9.69 -0.93
N LYS A 2 -17.89 -11.72 -1.45
CA LYS A 2 -16.68 -12.29 -0.76
C LYS A 2 -15.46 -12.36 -1.74
N SER A 3 -14.52 -11.41 -1.63
CA SER A 3 -13.13 -11.54 -2.14
C SER A 3 -12.08 -10.81 -1.22
N GLU A 4 -12.34 -10.76 0.10
CA GLU A 4 -11.35 -10.25 1.10
C GLU A 4 -10.13 -11.22 1.27
N GLU A 5 -10.29 -12.50 0.89
CA GLU A 5 -9.30 -13.57 1.19
C GLU A 5 -7.97 -13.48 0.36
N GLU A 6 -8.05 -12.98 -0.88
CA GLU A 6 -6.89 -12.94 -1.83
C GLU A 6 -6.04 -11.62 -1.76
N LEU A 7 -6.70 -10.48 -1.43
CA LEU A 7 -6.03 -9.24 -0.95
C LEU A 7 -5.60 -9.35 0.55
N ALA A 8 -6.20 -10.29 1.31
CA ALA A 8 -5.69 -10.71 2.65
C ALA A 8 -4.27 -11.40 2.64
N ASN A 9 -4.17 -12.58 2.00
CA ASN A 9 -2.87 -13.21 1.65
C ASN A 9 -1.85 -12.22 0.97
N ALA A 10 -2.35 -11.32 0.11
CA ALA A 10 -1.53 -10.26 -0.56
C ALA A 10 -1.00 -9.13 0.40
N PHE A 11 -1.84 -8.68 1.35
CA PHE A 11 -1.50 -7.59 2.32
C PHE A 11 -0.51 -8.08 3.43
N ARG A 12 -0.56 -9.37 3.79
CA ARG A 12 0.46 -10.06 4.62
C ARG A 12 1.80 -10.32 3.84
N ILE A 13 1.73 -10.82 2.60
CA ILE A 13 2.88 -11.40 1.85
C ILE A 13 3.81 -10.24 1.31
N PHE A 14 3.22 -9.08 0.99
CA PHE A 14 3.97 -7.78 0.85
C PHE A 14 4.72 -7.42 2.17
N ASP A 15 4.00 -7.46 3.32
CA ASP A 15 4.52 -6.95 4.63
C ASP A 15 5.78 -7.72 5.13
N LYS A 16 6.83 -6.99 5.57
CA LYS A 16 8.12 -7.59 6.03
C LYS A 16 8.15 -7.61 7.60
N ASN A 17 7.59 -6.57 8.24
CA ASN A 17 7.87 -6.26 9.69
C ASN A 17 6.77 -6.78 10.69
N ALA A 18 5.50 -6.88 10.24
CA ALA A 18 4.42 -7.59 10.97
C ALA A 18 3.85 -6.84 12.22
N ASP A 19 3.24 -5.66 12.01
CA ASP A 19 2.23 -5.06 12.93
C ASP A 19 0.78 -5.08 12.33
N GLY A 20 0.59 -5.78 11.20
CA GLY A 20 -0.64 -5.66 10.35
C GLY A 20 -0.84 -4.26 9.65
N TYR A 21 0.27 -3.53 9.41
CA TYR A 21 0.26 -2.20 8.72
C TYR A 21 1.10 -2.24 7.39
N ILE A 22 0.94 -1.21 6.53
CA ILE A 22 1.92 -0.89 5.45
C ILE A 22 2.33 0.63 5.52
N ASP A 23 3.64 0.93 5.61
CA ASP A 23 4.17 2.32 5.76
C ASP A 23 4.70 2.92 4.41
N ILE A 24 5.05 4.23 4.41
CA ILE A 24 5.69 4.91 3.24
C ILE A 24 7.17 4.38 3.05
N GLU A 25 7.83 3.95 4.14
CA GLU A 25 9.20 3.36 4.10
C GLU A 25 9.25 1.94 3.44
N GLU A 26 8.17 1.16 3.54
CA GLU A 26 8.00 -0.16 2.85
C GLU A 26 7.66 -0.04 1.32
N LEU A 27 7.03 1.08 0.91
CA LEU A 27 6.26 1.18 -0.37
C LEU A 27 7.21 1.12 -1.63
N GLY A 28 8.37 1.80 -1.55
CA GLY A 28 9.48 1.65 -2.54
C GLY A 28 10.32 0.34 -2.39
N GLU A 29 10.17 -0.38 -1.26
CA GLU A 29 10.61 -1.80 -1.11
C GLU A 29 9.63 -2.83 -1.76
N ILE A 30 8.32 -2.54 -1.78
CA ILE A 30 7.30 -3.27 -2.60
C ILE A 30 7.69 -3.19 -4.13
N LEU A 31 7.51 -2.00 -4.74
CA LEU A 31 7.71 -1.80 -6.21
C LEU A 31 9.19 -2.10 -6.64
N ARG A 32 10.17 -1.75 -5.78
CA ARG A 32 11.58 -1.46 -6.21
C ARG A 32 12.59 -2.36 -5.41
N ALA A 33 12.08 -3.35 -4.65
CA ALA A 33 12.90 -4.51 -4.16
C ALA A 33 12.52 -5.90 -4.78
N THR A 34 13.17 -6.98 -4.32
CA THR A 34 13.05 -8.34 -4.93
C THR A 34 11.65 -8.97 -4.56
N GLY A 35 11.26 -8.92 -3.29
CA GLY A 35 9.85 -9.17 -2.84
C GLY A 35 9.71 -9.90 -1.45
N NH2 A 36 9.86 -11.23 -1.43
HN1 NH2 A 36 10.04 -11.75 -2.31
HN2 NH2 A 36 9.81 -11.74 -0.54
C ACE B 1 9.47 7.13 -13.24
O ACE B 1 8.57 7.88 -12.86
CH3 ACE B 1 10.21 7.36 -14.60
H1 ACE B 1 11.22 7.73 -14.39
H2 ACE B 1 10.23 6.45 -15.18
H3 ACE B 1 9.65 8.13 -15.16
N VAL B 2 9.89 6.11 -12.47
CA VAL B 2 9.25 5.73 -11.17
C VAL B 2 10.19 6.19 -10.00
N THR B 3 10.24 7.50 -9.71
CA THR B 3 11.05 8.06 -8.59
C THR B 3 10.11 8.36 -7.37
N GLU B 4 10.70 8.71 -6.21
CA GLU B 4 10.00 8.70 -4.89
C GLU B 4 8.82 9.73 -4.78
N GLU B 5 9.03 10.97 -5.25
CA GLU B 5 8.06 12.09 -5.08
C GLU B 5 6.71 11.89 -5.87
N ASP B 6 6.75 11.19 -7.02
CA ASP B 6 5.53 10.68 -7.72
C ASP B 6 4.78 9.56 -6.90
N ILE B 7 5.54 8.58 -6.37
CA ILE B 7 4.99 7.55 -5.43
C ILE B 7 4.37 8.25 -4.17
N GLU B 8 4.97 9.36 -3.70
CA GLU B 8 4.51 10.12 -2.51
C GLU B 8 3.18 10.93 -2.76
N ASP B 9 3.02 11.48 -3.99
CA ASP B 9 1.78 12.19 -4.42
C ASP B 9 0.57 11.20 -4.69
N LEU B 10 0.88 9.99 -5.18
CA LEU B 10 -0.06 8.82 -5.10
C LEU B 10 -0.40 8.39 -3.63
N MET B 11 0.62 8.31 -2.75
CA MET B 11 0.44 7.96 -1.32
C MET B 11 -0.49 9.00 -0.56
N LYS B 12 -0.33 10.29 -0.88
CA LYS B 12 -1.21 11.39 -0.35
C LYS B 12 -2.62 11.34 -1.05
N ASP B 13 -2.67 10.89 -2.32
CA ASP B 13 -3.96 10.73 -3.07
C ASP B 13 -4.88 9.61 -2.46
N SER B 14 -4.28 8.48 -2.03
CA SER B 14 -4.97 7.46 -1.17
C SER B 14 -5.42 8.06 0.21
N ASP B 15 -4.66 9.02 0.76
CA ASP B 15 -4.92 9.59 2.12
C ASP B 15 -6.13 10.59 2.14
N LYS B 16 -6.86 10.66 3.27
CA LYS B 16 -7.69 11.85 3.64
C LYS B 16 -7.49 12.20 5.16
N ASN B 17 -7.68 11.22 6.06
CA ASN B 17 -7.80 11.46 7.53
C ASN B 17 -6.43 11.78 8.23
N ASN B 18 -5.36 12.03 7.45
CA ASN B 18 -4.00 12.33 7.99
C ASN B 18 -3.42 11.18 8.88
N ASP B 19 -3.79 9.93 8.60
CA ASP B 19 -2.97 8.72 8.96
C ASP B 19 -1.95 8.32 7.83
N GLY B 20 -0.86 9.08 7.68
CA GLY B 20 0.23 8.76 6.70
C GLY B 20 0.67 7.26 6.65
N ARG B 21 0.41 6.49 7.72
CA ARG B 21 0.52 5.00 7.73
C ARG B 21 -0.82 4.26 7.37
N ILE B 22 -0.75 3.18 6.57
CA ILE B 22 -1.90 2.65 5.79
C ILE B 22 -2.39 1.29 6.41
N ASP B 23 -3.71 1.06 6.44
CA ASP B 23 -4.34 -0.23 6.88
C ASP B 23 -5.11 -0.96 5.74
N PHE B 24 -5.68 -2.14 6.00
CA PHE B 24 -6.22 -3.07 4.95
C PHE B 24 -7.31 -2.38 4.06
N ASP B 25 -8.20 -1.59 4.68
CA ASP B 25 -9.14 -0.67 3.98
C ASP B 25 -8.48 0.20 2.85
N GLU B 26 -7.72 1.24 3.28
CA GLU B 26 -6.76 1.99 2.41
C GLU B 26 -6.17 1.12 1.24
N PHE B 27 -5.70 -0.11 1.56
CA PHE B 27 -5.05 -1.02 0.58
C PHE B 27 -6.01 -1.38 -0.62
N LEU B 28 -7.30 -1.59 -0.33
CA LEU B 28 -8.33 -1.98 -1.35
C LEU B 28 -8.67 -0.78 -2.31
N LYS B 29 -8.39 0.46 -1.87
CA LYS B 29 -8.53 1.68 -2.73
C LYS B 29 -7.21 1.88 -3.57
N MET B 30 -6.04 1.68 -2.93
CA MET B 30 -4.72 1.65 -3.64
C MET B 30 -4.62 0.57 -4.78
N MET B 31 -5.50 -0.44 -4.75
CA MET B 31 -5.61 -1.47 -5.84
C MET B 31 -6.80 -1.11 -6.80
N GLU B 32 -8.04 -1.15 -6.30
CA GLU B 32 -9.29 -0.99 -7.11
C GLU B 32 -10.31 0.06 -6.53
N GLY B 33 -9.80 1.19 -6.02
CA GLY B 33 -10.58 2.46 -5.90
C GLY B 33 -10.83 3.23 -7.25
N VAL B 34 -9.87 4.09 -7.64
CA VAL B 34 -10.10 5.17 -8.66
C VAL B 34 -8.92 5.14 -9.69
N GLN B 35 -9.23 5.21 -11.00
CA GLN B 35 -8.23 5.08 -12.10
C GLN B 35 -7.63 6.48 -12.52
N NH2 B 36 -8.01 7.56 -11.82
HN1 NH2 B 36 -8.70 7.47 -11.07
HN2 NH2 B 36 -7.61 8.48 -12.05
C ACE A 1 -18.15 -15.50 -1.99
O ACE A 1 -18.40 -15.59 -0.78
CH3 ACE A 1 -19.29 -15.33 -3.05
H1 ACE A 1 -19.22 -14.36 -3.51
H2 ACE A 1 -19.27 -16.13 -3.77
H3 ACE A 1 -20.25 -15.38 -2.49
N LYS A 2 -16.88 -15.46 -2.45
CA LYS A 2 -15.70 -15.12 -1.60
C LYS A 2 -14.75 -14.14 -2.36
N SER A 3 -14.13 -13.18 -1.66
CA SER A 3 -13.39 -12.04 -2.28
C SER A 3 -12.49 -11.27 -1.25
N GLU A 4 -12.11 -11.94 -0.14
CA GLU A 4 -11.50 -11.27 1.06
C GLU A 4 -10.33 -12.11 1.66
N GLU A 5 -10.41 -13.45 1.57
CA GLU A 5 -9.33 -14.38 2.02
C GLU A 5 -7.95 -14.14 1.29
N GLU A 6 -7.98 -13.72 0.01
CA GLU A 6 -6.76 -13.60 -0.85
C GLU A 6 -6.02 -12.23 -0.69
N LEU A 7 -6.72 -11.11 -0.94
CA LEU A 7 -6.23 -9.73 -0.60
C LEU A 7 -5.77 -9.64 0.91
N ALA A 8 -6.32 -10.51 1.77
CA ALA A 8 -5.91 -10.61 3.22
C ALA A 8 -4.50 -11.26 3.45
N ASN A 9 -4.33 -12.54 3.06
CA ASN A 9 -3.00 -13.18 2.91
C ASN A 9 -1.97 -12.31 2.10
N ALA A 10 -2.47 -11.47 1.16
CA ALA A 10 -1.64 -10.53 0.35
C ALA A 10 -1.23 -9.21 1.11
N PHE A 11 -2.09 -8.74 2.02
CA PHE A 11 -1.80 -7.53 2.88
C PHE A 11 -0.77 -7.86 4.02
N ARG A 12 -0.75 -9.11 4.50
CA ARG A 12 0.36 -9.65 5.34
C ARG A 12 1.72 -9.78 4.55
N ILE A 13 1.70 -10.45 3.39
CA ILE A 13 2.92 -10.92 2.67
C ILE A 13 3.72 -9.68 2.10
N PHE A 14 3.01 -8.60 1.74
CA PHE A 14 3.61 -7.25 1.55
C PHE A 14 4.59 -6.91 2.73
N ASP A 15 4.04 -6.62 3.92
CA ASP A 15 4.72 -5.77 4.95
C ASP A 15 5.99 -6.46 5.57
N LYS A 16 7.02 -5.68 5.90
CA LYS A 16 8.39 -6.20 6.20
C LYS A 16 8.32 -7.12 7.48
N ASN A 17 7.43 -6.78 8.43
CA ASN A 17 7.44 -7.37 9.81
C ASN A 17 6.02 -7.78 10.36
N ALA A 18 4.99 -6.95 10.09
CA ALA A 18 3.56 -7.38 10.11
C ALA A 18 2.92 -7.43 11.56
N ASP A 19 2.76 -6.27 12.21
CA ASP A 19 1.73 -6.05 13.27
C ASP A 19 0.27 -6.10 12.71
N GLY A 20 0.09 -5.96 11.39
CA GLY A 20 -1.25 -5.76 10.74
C GLY A 20 -1.53 -4.31 10.21
N TYR A 21 -0.47 -3.48 10.05
CA TYR A 21 -0.53 -2.17 9.33
C TYR A 21 0.39 -2.16 8.06
N ILE A 22 0.22 -1.17 7.17
CA ILE A 22 1.19 -0.83 6.09
C ILE A 22 1.71 0.65 6.26
N ASP A 23 3.03 0.85 6.28
CA ASP A 23 3.66 2.17 6.60
C ASP A 23 4.30 2.86 5.34
N ILE A 24 4.62 4.17 5.44
CA ILE A 24 5.38 4.91 4.39
C ILE A 24 6.88 4.47 4.35
N GLU A 25 7.31 3.56 5.26
CA GLU A 25 8.60 2.81 5.12
C GLU A 25 8.51 1.57 4.14
N GLU A 26 7.39 0.82 4.22
CA GLU A 26 7.21 -0.48 3.50
C GLU A 26 6.93 -0.31 1.96
N LEU A 27 6.00 0.59 1.60
CA LEU A 27 5.54 0.85 0.21
C LEU A 27 6.71 0.81 -0.82
N GLY A 28 7.77 1.62 -0.60
CA GLY A 28 8.91 1.77 -1.55
C GLY A 28 9.83 0.50 -1.68
N GLU A 29 9.94 -0.30 -0.61
CA GLU A 29 10.51 -1.69 -0.66
C GLU A 29 9.73 -2.66 -1.63
N ILE A 30 8.39 -2.66 -1.56
CA ILE A 30 7.52 -3.47 -2.47
C ILE A 30 7.80 -3.11 -3.96
N LEU A 31 7.59 -1.83 -4.34
CA LEU A 31 7.66 -1.35 -5.75
C LEU A 31 9.12 -1.50 -6.33
N ARG A 32 10.15 -1.24 -5.50
CA ARG A 32 11.57 -1.15 -5.96
C ARG A 32 12.24 -2.57 -5.99
N ALA A 33 11.86 -3.45 -5.05
CA ALA A 33 12.17 -4.92 -5.13
C ALA A 33 11.89 -5.58 -6.52
N THR A 34 12.83 -6.40 -7.03
CA THR A 34 12.58 -7.33 -8.17
C THR A 34 11.82 -8.60 -7.68
N GLY A 35 11.77 -8.83 -6.34
CA GLY A 35 10.85 -9.82 -5.70
C GLY A 35 9.57 -9.21 -5.03
N NH2 A 36 9.64 -8.90 -3.72
HN1 NH2 A 36 10.50 -9.12 -3.18
HN2 NH2 A 36 8.85 -8.45 -3.25
C ACE B 1 7.27 6.10 -13.38
O ACE B 1 6.85 7.14 -12.88
CH3 ACE B 1 7.73 6.04 -14.89
H1 ACE B 1 8.81 5.97 -14.92
H2 ACE B 1 7.25 5.21 -15.39
H3 ACE B 1 7.41 6.98 -15.36
N VAL B 2 7.29 4.95 -12.69
CA VAL B 2 7.19 4.88 -11.20
C VAL B 2 8.59 5.24 -10.59
N THR B 3 8.72 6.43 -9.99
CA THR B 3 9.76 6.72 -8.95
C THR B 3 9.09 7.39 -7.70
N GLU B 4 9.89 8.05 -6.85
CA GLU B 4 9.41 8.62 -5.55
C GLU B 4 8.32 9.74 -5.71
N GLU B 5 8.38 10.52 -6.80
CA GLU B 5 7.44 11.67 -7.05
C GLU B 5 5.96 11.23 -7.29
N ASP B 6 5.74 10.20 -8.14
CA ASP B 6 4.42 9.52 -8.28
C ASP B 6 3.98 8.77 -6.97
N ILE B 7 4.94 8.16 -6.25
CA ILE B 7 4.71 7.58 -4.89
C ILE B 7 4.15 8.69 -3.93
N GLU B 8 4.80 9.87 -3.90
CA GLU B 8 4.44 10.99 -2.98
C GLU B 8 3.05 11.66 -3.32
N ASP B 9 2.70 11.73 -4.63
CA ASP B 9 1.33 12.10 -5.09
C ASP B 9 0.22 11.13 -4.56
N LEU B 10 0.48 9.81 -4.63
CA LEU B 10 -0.46 8.76 -4.10
C LEU B 10 -0.49 8.68 -2.53
N MET B 11 0.70 8.65 -1.89
CA MET B 11 0.83 8.61 -0.41
C MET B 11 0.98 10.05 0.22
N LYS B 12 0.38 11.07 -0.45
CA LYS B 12 -0.02 12.36 0.19
C LYS B 12 -1.54 12.65 -0.10
N ASP B 13 -2.03 12.27 -1.31
CA ASP B 13 -3.48 12.37 -1.65
C ASP B 13 -4.37 11.38 -0.81
N SER B 14 -3.89 10.13 -0.63
CA SER B 14 -4.41 9.21 0.43
C SER B 14 -3.98 9.63 1.88
N ASP B 15 -2.74 10.11 2.05
CA ASP B 15 -2.10 10.31 3.39
C ASP B 15 -2.52 11.67 4.05
N LYS B 16 -3.41 12.44 3.40
CA LYS B 16 -3.73 13.84 3.79
C LYS B 16 -4.06 13.93 5.33
N ASN B 17 -4.57 12.82 5.90
CA ASN B 17 -5.22 12.83 7.26
C ASN B 17 -4.19 12.91 8.44
N ASN B 18 -2.94 13.31 8.14
CA ASN B 18 -1.90 13.63 9.17
C ASN B 18 -1.39 12.34 9.92
N ASP B 19 -0.08 12.04 9.79
CA ASP B 19 0.50 10.67 9.91
C ASP B 19 -0.61 9.58 10.17
N GLY B 20 -1.59 9.47 9.24
CA GLY B 20 -2.59 8.35 9.20
C GLY B 20 -2.17 7.12 8.33
N ARG B 21 -0.94 6.62 8.54
CA ARG B 21 -0.52 5.21 8.28
C ARG B 21 -1.69 4.22 7.93
N ILE B 22 -1.46 3.30 6.98
CA ILE B 22 -2.53 2.65 6.15
C ILE B 22 -2.98 1.29 6.83
N ASP B 23 -4.29 1.05 6.91
CA ASP B 23 -4.88 -0.26 7.35
C ASP B 23 -5.59 -1.03 6.19
N PHE B 24 -6.15 -2.22 6.47
CA PHE B 24 -6.71 -3.15 5.45
C PHE B 24 -7.72 -2.43 4.47
N ASP B 25 -8.56 -1.54 5.03
CA ASP B 25 -9.45 -0.63 4.22
C ASP B 25 -8.64 0.11 3.09
N GLU B 26 -7.99 1.24 3.51
CA GLU B 26 -6.96 2.00 2.75
C GLU B 26 -6.18 1.12 1.70
N PHE B 27 -5.91 -0.17 2.01
CA PHE B 27 -5.32 -1.12 1.02
C PHE B 27 -6.25 -1.34 -0.23
N LEU B 28 -7.48 -1.83 0.01
CA LEU B 28 -8.49 -2.12 -1.06
C LEU B 28 -8.70 -0.87 -2.01
N LYS B 29 -8.48 0.35 -1.50
CA LYS B 29 -8.60 1.61 -2.29
C LYS B 29 -7.22 1.96 -2.94
N MET B 30 -6.12 1.86 -2.16
CA MET B 30 -4.72 1.95 -2.69
C MET B 30 -4.42 0.98 -3.90
N MET B 31 -5.19 -0.13 -4.01
CA MET B 31 -5.06 -1.09 -5.14
C MET B 31 -6.04 -0.71 -6.31
N GLU B 32 -7.35 -0.62 -6.03
CA GLU B 32 -8.39 -0.31 -7.05
C GLU B 32 -8.21 1.10 -7.74
N GLY B 33 -7.76 2.11 -6.97
CA GLY B 33 -7.53 3.49 -7.49
C GLY B 33 -8.83 4.28 -7.89
N VAL B 34 -8.67 5.51 -8.43
CA VAL B 34 -9.71 6.18 -9.27
C VAL B 34 -9.09 6.50 -10.67
N GLN B 35 -9.37 5.67 -11.69
CA GLN B 35 -8.82 5.82 -13.07
C GLN B 35 -9.54 6.97 -13.86
N NH2 B 36 -8.80 7.68 -14.73
HN1 NH2 B 36 -7.79 7.48 -14.83
HN2 NH2 B 36 -9.24 8.42 -15.30
C ACE A 1 -14.88 -13.66 -4.59
O ACE A 1 -14.31 -12.63 -5.00
CH3 ACE A 1 -14.98 -14.94 -5.50
H1 ACE A 1 -14.40 -15.74 -5.03
H2 ACE A 1 -16.01 -15.21 -5.65
H3 ACE A 1 -14.51 -14.69 -6.47
N LYS A 2 -15.49 -13.69 -3.40
CA LYS A 2 -15.15 -12.77 -2.26
C LYS A 2 -13.62 -12.43 -2.29
N SER A 3 -13.27 -11.13 -2.37
CA SER A 3 -11.94 -10.65 -2.87
C SER A 3 -11.00 -10.17 -1.71
N GLU A 4 -11.33 -10.52 -0.46
CA GLU A 4 -10.71 -9.92 0.77
C GLU A 4 -9.90 -10.98 1.59
N GLU A 5 -10.22 -12.27 1.42
CA GLU A 5 -9.35 -13.41 1.85
C GLU A 5 -7.95 -13.44 1.14
N GLU A 6 -7.92 -13.25 -0.20
CA GLU A 6 -6.69 -13.38 -1.03
C GLU A 6 -5.73 -12.15 -0.92
N LEU A 7 -6.25 -10.92 -1.07
CA LEU A 7 -5.57 -9.66 -0.65
C LEU A 7 -5.15 -9.70 0.86
N ALA A 8 -5.84 -10.51 1.68
CA ALA A 8 -5.45 -10.75 3.11
C ALA A 8 -4.11 -11.55 3.30
N ASN A 9 -3.98 -12.71 2.61
CA ASN A 9 -2.68 -13.42 2.45
C ASN A 9 -1.53 -12.51 1.90
N ALA A 10 -1.80 -11.76 0.80
CA ALA A 10 -0.89 -10.72 0.27
C ALA A 10 -0.53 -9.57 1.28
N PHE A 11 -1.48 -9.20 2.15
CA PHE A 11 -1.31 -8.10 3.15
C PHE A 11 -0.40 -8.53 4.36
N ARG A 12 -0.79 -9.60 5.08
CA ARG A 12 0.11 -10.36 6.01
C ARG A 12 1.53 -10.61 5.42
N ILE A 13 1.62 -11.07 4.15
CA ILE A 13 2.88 -11.58 3.52
C ILE A 13 3.89 -10.39 3.30
N PHE A 14 3.39 -9.23 2.83
CA PHE A 14 4.22 -8.00 2.65
C PHE A 14 4.85 -7.55 4.02
N ASP A 15 4.10 -7.72 5.13
CA ASP A 15 4.42 -7.08 6.45
C ASP A 15 5.52 -7.85 7.24
N LYS A 16 6.73 -7.27 7.36
CA LYS A 16 7.88 -7.91 8.07
C LYS A 16 7.45 -8.29 9.54
N ASN A 17 7.24 -7.27 10.40
CA ASN A 17 7.21 -7.46 11.89
C ASN A 17 5.77 -7.59 12.49
N ALA A 18 4.73 -7.16 11.75
CA ALA A 18 3.31 -7.59 11.96
C ALA A 18 2.59 -6.90 13.18
N ASP A 19 2.30 -5.59 13.07
CA ASP A 19 1.28 -4.89 13.91
C ASP A 19 -0.17 -5.00 13.32
N GLY A 20 -0.29 -5.32 12.01
CA GLY A 20 -1.59 -5.26 11.27
C GLY A 20 -1.78 -4.00 10.36
N TYR A 21 -0.76 -3.12 10.29
CA TYR A 21 -0.80 -1.86 9.48
C TYR A 21 0.38 -1.79 8.45
N ILE A 22 0.23 -1.02 7.36
CA ILE A 22 1.33 -0.68 6.41
C ILE A 22 1.77 0.83 6.60
N ASP A 23 3.06 1.12 6.39
CA ASP A 23 3.66 2.47 6.63
C ASP A 23 4.35 3.06 5.35
N ILE A 24 4.85 4.31 5.45
CA ILE A 24 5.45 5.05 4.28
C ILE A 24 6.83 4.44 3.90
N GLU A 25 7.54 3.82 4.87
CA GLU A 25 8.80 3.04 4.62
C GLU A 25 8.56 1.70 3.84
N GLU A 26 7.43 1.02 4.11
CA GLU A 26 7.00 -0.21 3.37
C GLU A 26 6.43 0.08 1.94
N LEU A 27 5.94 1.30 1.70
CA LEU A 27 5.24 1.70 0.44
C LEU A 27 6.18 1.56 -0.82
N GLY A 28 7.13 2.49 -0.98
CA GLY A 28 8.02 2.54 -2.18
C GLY A 28 8.70 1.18 -2.57
N GLU A 29 9.32 0.50 -1.60
CA GLU A 29 10.13 -0.75 -1.83
C GLU A 29 9.26 -2.01 -2.17
N ILE A 30 8.08 -2.14 -1.52
CA ILE A 30 6.96 -3.00 -2.03
C ILE A 30 6.79 -2.81 -3.58
N LEU A 31 6.38 -1.60 -4.01
CA LEU A 31 6.08 -1.31 -5.44
C LEU A 31 7.30 -1.66 -6.37
N ARG A 32 8.54 -1.49 -5.87
CA ARG A 32 9.78 -1.60 -6.69
C ARG A 32 10.30 -3.08 -6.74
N ALA A 33 10.04 -3.86 -5.67
CA ALA A 33 10.74 -5.15 -5.40
C ALA A 33 10.35 -6.33 -6.37
N THR A 34 9.11 -6.30 -6.90
CA THR A 34 8.43 -7.51 -7.47
C THR A 34 7.74 -7.13 -8.83
N GLY A 35 7.35 -5.86 -9.00
CA GLY A 35 6.93 -5.30 -10.33
C GLY A 35 5.53 -5.79 -10.84
N NH2 A 36 4.45 -5.44 -10.12
HN1 NH2 A 36 4.56 -4.91 -9.25
HN2 NH2 A 36 3.51 -5.70 -10.45
C ACE B 1 12.54 7.27 -12.98
O ACE B 1 13.53 6.89 -12.34
CH3 ACE B 1 12.68 8.29 -14.17
H1 ACE B 1 12.54 7.76 -15.10
H2 ACE B 1 11.97 9.10 -14.04
H3 ACE B 1 13.70 8.70 -14.13
N VAL B 2 11.31 6.77 -12.74
CA VAL B 2 10.92 6.14 -11.44
C VAL B 2 11.52 6.99 -10.27
N THR B 3 11.15 8.29 -10.19
CA THR B 3 11.57 9.20 -9.08
C THR B 3 10.93 8.73 -7.74
N GLU B 4 11.39 9.28 -6.60
CA GLU B 4 10.67 9.23 -5.29
C GLU B 4 9.43 10.18 -5.21
N GLU B 5 9.38 11.22 -6.05
CA GLU B 5 8.18 12.11 -6.19
C GLU B 5 6.91 11.37 -6.72
N ASP B 6 7.07 10.39 -7.61
CA ASP B 6 5.97 9.45 -8.02
C ASP B 6 5.39 8.64 -6.81
N ILE B 7 6.26 8.25 -5.85
CA ILE B 7 5.84 7.61 -4.57
C ILE B 7 5.12 8.66 -3.65
N GLU B 8 5.70 9.86 -3.50
CA GLU B 8 5.15 10.94 -2.63
C GLU B 8 3.79 11.53 -3.15
N ASP B 9 3.66 11.69 -4.49
CA ASP B 9 2.40 12.13 -5.16
C ASP B 9 1.30 11.00 -5.17
N LEU B 10 1.71 9.74 -5.34
CA LEU B 10 0.83 8.54 -5.17
C LEU B 10 0.24 8.40 -3.71
N MET B 11 1.11 8.56 -2.69
CA MET B 11 0.72 8.39 -1.25
C MET B 11 -0.06 9.65 -0.69
N LYS B 12 -0.13 10.72 -1.49
CA LYS B 12 -1.09 11.86 -1.25
C LYS B 12 -2.41 11.62 -2.06
N ASP B 13 -2.31 11.00 -3.26
CA ASP B 13 -3.47 10.83 -4.18
C ASP B 13 -4.56 9.85 -3.60
N SER B 14 -4.14 8.63 -3.19
CA SER B 14 -5.01 7.68 -2.43
C SER B 14 -5.44 8.23 -1.02
N ASP B 15 -4.49 8.85 -0.29
CA ASP B 15 -4.63 9.07 1.19
C ASP B 15 -5.65 10.20 1.55
N LYS B 16 -5.84 10.48 2.85
CA LYS B 16 -6.32 11.80 3.37
C LYS B 16 -5.45 12.23 4.61
N ASN B 17 -6.07 12.78 5.66
CA ASN B 17 -5.38 13.69 6.64
C ASN B 17 -4.33 12.94 7.53
N ASN B 18 -4.70 11.77 8.07
CA ASN B 18 -3.74 10.69 8.46
C ASN B 18 -2.59 11.18 9.42
N ASP B 19 -2.74 10.95 10.73
CA ASP B 19 -1.61 10.84 11.70
C ASP B 19 -0.29 10.31 11.03
N GLY B 20 -0.40 9.38 10.07
CA GLY B 20 0.62 9.19 8.99
C GLY B 20 0.42 7.90 8.10
N ARG B 21 -0.23 6.86 8.64
CA ARG B 21 -0.03 5.45 8.19
C ARG B 21 -1.31 4.78 7.57
N ILE B 22 -1.18 3.56 7.02
CA ILE B 22 -2.24 2.88 6.22
C ILE B 22 -2.84 1.67 7.03
N ASP B 23 -4.13 1.34 6.80
CA ASP B 23 -4.76 0.06 7.26
C ASP B 23 -5.32 -0.79 6.06
N PHE B 24 -5.81 -2.01 6.35
CA PHE B 24 -6.21 -3.01 5.29
C PHE B 24 -7.20 -2.40 4.24
N ASP B 25 -8.08 -1.47 4.68
CA ASP B 25 -8.94 -0.67 3.76
C ASP B 25 -8.10 -0.03 2.59
N GLU B 26 -7.50 1.17 2.92
CA GLU B 26 -6.46 1.87 2.13
C GLU B 26 -5.57 0.90 1.26
N PHE B 27 -5.28 -0.33 1.73
CA PHE B 27 -4.56 -1.36 0.91
C PHE B 27 -5.37 -1.76 -0.37
N LEU B 28 -6.64 -2.17 -0.19
CA LEU B 28 -7.58 -2.56 -1.29
C LEU B 28 -7.71 -1.43 -2.37
N LYS B 29 -7.60 -0.15 -1.95
CA LYS B 29 -7.78 1.02 -2.87
C LYS B 29 -6.41 1.35 -3.58
N MET B 30 -5.32 1.48 -2.79
CA MET B 30 -3.93 1.58 -3.33
C MET B 30 -3.53 0.44 -4.32
N MET B 31 -4.10 -0.77 -4.15
CA MET B 31 -3.84 -1.93 -5.05
C MET B 31 -4.64 -1.80 -6.39
N GLU B 32 -5.97 -1.61 -6.29
CA GLU B 32 -6.84 -1.27 -7.47
C GLU B 32 -6.61 0.19 -8.02
N GLY B 33 -7.33 1.18 -7.47
CA GLY B 33 -7.41 2.55 -8.05
C GLY B 33 -8.87 3.12 -8.22
N VAL B 34 -9.03 4.45 -8.19
CA VAL B 34 -10.26 5.15 -8.66
C VAL B 34 -9.91 6.02 -9.91
N GLN B 35 -10.91 6.35 -10.75
CA GLN B 35 -10.84 7.47 -11.74
C GLN B 35 -10.87 8.87 -11.05
N NH2 B 36 -11.57 8.98 -9.91
HN1 NH2 B 36 -12.07 8.16 -9.52
HN2 NH2 B 36 -11.62 9.88 -9.42
C ACE A 1 -16.68 -9.58 -7.90
O ACE A 1 -15.59 -9.59 -8.49
CH3 ACE A 1 -18.02 -9.89 -8.65
H1 ACE A 1 -18.45 -10.81 -8.27
H2 ACE A 1 -18.71 -9.05 -8.57
H3 ACE A 1 -17.76 -10.04 -9.72
N LYS A 2 -16.76 -9.37 -6.57
CA LYS A 2 -15.55 -9.15 -5.70
C LYS A 2 -15.13 -10.50 -5.03
N SER A 3 -13.81 -10.70 -4.84
CA SER A 3 -13.26 -11.68 -3.85
C SER A 3 -12.79 -10.99 -2.52
N GLU A 4 -11.99 -11.71 -1.70
CA GLU A 4 -11.14 -11.09 -0.63
C GLU A 4 -9.94 -12.02 -0.23
N GLU A 5 -10.12 -13.34 -0.34
CA GLU A 5 -9.03 -14.34 -0.09
C GLU A 5 -7.67 -13.98 -0.80
N GLU A 6 -7.71 -13.79 -2.14
CA GLU A 6 -6.49 -13.59 -2.99
C GLU A 6 -5.71 -12.26 -2.66
N LEU A 7 -6.44 -11.15 -2.42
CA LEU A 7 -5.86 -9.87 -1.94
C LEU A 7 -5.36 -9.98 -0.45
N ALA A 8 -5.88 -10.96 0.31
CA ALA A 8 -5.37 -11.30 1.67
C ALA A 8 -3.92 -11.92 1.70
N ASN A 9 -3.74 -13.09 1.06
CA ASN A 9 -2.39 -13.62 0.66
C ASN A 9 -1.46 -12.52 0.05
N ALA A 10 -1.94 -11.79 -0.97
CA ALA A 10 -1.13 -10.76 -1.70
C ALA A 10 -0.67 -9.54 -0.81
N PHE A 11 -1.51 -9.12 0.16
CA PHE A 11 -1.18 -8.02 1.11
C PHE A 11 -0.19 -8.47 2.23
N ARG A 12 -0.24 -9.77 2.62
CA ARG A 12 0.82 -10.45 3.42
C ARG A 12 2.16 -10.65 2.62
N ILE A 13 2.08 -10.80 1.29
CA ILE A 13 3.23 -11.15 0.40
C ILE A 13 4.10 -9.87 0.12
N PHE A 14 3.43 -8.70 -0.05
CA PHE A 14 4.11 -7.40 -0.29
C PHE A 14 4.84 -6.90 1.00
N ASP A 15 4.33 -7.28 2.19
CA ASP A 15 4.94 -6.98 3.52
C ASP A 15 6.51 -7.12 3.50
N LYS A 16 7.23 -6.22 4.21
CA LYS A 16 8.67 -6.40 4.55
C LYS A 16 8.82 -6.57 6.10
N ASN A 17 8.03 -5.82 6.89
CA ASN A 17 7.85 -6.07 8.36
C ASN A 17 6.36 -6.17 8.82
N ALA A 18 5.70 -5.03 9.04
CA ALA A 18 4.21 -4.91 9.01
C ALA A 18 3.46 -5.55 10.23
N ASP A 19 3.36 -4.81 11.36
CA ASP A 19 2.38 -5.10 12.43
C ASP A 19 0.89 -5.06 11.93
N GLY A 20 0.63 -4.38 10.79
CA GLY A 20 -0.74 -4.20 10.24
C GLY A 20 -0.81 -3.47 8.84
N TYR A 21 0.14 -2.56 8.57
CA TYR A 21 0.06 -1.58 7.45
C TYR A 21 1.13 -1.90 6.33
N ILE A 22 0.94 -1.37 5.11
CA ILE A 22 1.96 -1.35 4.02
C ILE A 22 2.39 0.13 3.69
N ASP A 23 3.68 0.46 3.82
CA ASP A 23 4.17 1.86 4.03
C ASP A 23 4.84 2.47 2.75
N ILE A 24 5.25 3.74 2.82
CA ILE A 24 5.88 4.48 1.67
C ILE A 24 7.30 3.88 1.36
N GLU A 25 7.97 3.32 2.38
CA GLU A 25 9.27 2.57 2.21
C GLU A 25 9.10 1.13 1.61
N GLU A 26 7.93 0.50 1.83
CA GLU A 26 7.53 -0.74 1.09
C GLU A 26 7.26 -0.51 -0.44
N LEU A 27 6.68 0.64 -0.82
CA LEU A 27 5.94 0.80 -2.10
C LEU A 27 6.90 0.67 -3.35
N GLY A 28 7.81 1.62 -3.53
CA GLY A 28 8.89 1.55 -4.58
C GLY A 28 9.47 0.11 -4.83
N GLU A 29 9.89 -0.58 -3.76
CA GLU A 29 10.64 -1.88 -3.84
C GLU A 29 9.72 -3.11 -4.20
N ILE A 30 8.40 -2.99 -3.96
CA ILE A 30 7.36 -3.79 -4.67
C ILE A 30 7.45 -3.55 -6.23
N LEU A 31 7.08 -2.34 -6.68
CA LEU A 31 6.97 -2.00 -8.14
C LEU A 31 8.30 -2.38 -8.90
N ARG A 32 9.47 -2.19 -8.26
CA ARG A 32 10.79 -2.17 -8.95
C ARG A 32 11.61 -3.47 -8.63
N ALA A 33 11.31 -4.13 -7.49
CA ALA A 33 12.04 -5.35 -7.03
C ALA A 33 11.14 -6.62 -6.79
N THR A 34 11.77 -7.77 -6.52
CA THR A 34 11.07 -9.09 -6.47
C THR A 34 10.73 -9.46 -4.96
N GLY A 35 11.65 -9.16 -4.04
CA GLY A 35 11.68 -9.78 -2.67
C GLY A 35 12.12 -8.81 -1.51
N NH2 A 36 11.82 -9.18 -0.25
HN1 NH2 A 36 11.32 -10.06 -0.07
HN2 NH2 A 36 12.10 -8.57 0.53
C ACE B 1 12.32 4.40 -12.42
O ACE B 1 11.28 3.75 -12.37
CH3 ACE B 1 13.18 4.45 -13.74
H1 ACE B 1 13.06 5.44 -14.19
H2 ACE B 1 14.21 4.24 -13.53
H3 ACE B 1 12.77 3.69 -14.43
N VAL B 2 12.82 5.04 -11.35
CA VAL B 2 12.00 5.43 -10.17
C VAL B 2 12.58 6.77 -9.57
N THR B 3 11.73 7.59 -8.93
CA THR B 3 12.17 8.79 -8.16
C THR B 3 11.29 8.96 -6.88
N GLU B 4 11.68 9.86 -5.96
CA GLU B 4 10.82 10.31 -4.83
C GLU B 4 9.46 10.97 -5.28
N GLU B 5 9.53 12.06 -6.04
CA GLU B 5 8.34 12.93 -6.34
C GLU B 5 7.24 12.22 -7.21
N ASP B 6 7.61 11.11 -7.88
CA ASP B 6 6.63 10.24 -8.61
C ASP B 6 5.95 9.19 -7.67
N ILE B 7 6.71 8.61 -6.72
CA ILE B 7 6.14 7.82 -5.58
C ILE B 7 5.25 8.74 -4.67
N GLU B 8 5.72 9.96 -4.38
CA GLU B 8 4.95 10.97 -3.56
C GLU B 8 3.63 11.46 -4.25
N ASP B 9 3.68 11.67 -5.59
CA ASP B 9 2.46 11.98 -6.41
C ASP B 9 1.46 10.76 -6.48
N LEU B 10 1.99 9.53 -6.55
CA LEU B 10 1.16 8.28 -6.60
C LEU B 10 0.33 8.03 -5.29
N MET B 11 0.96 8.21 -4.11
CA MET B 11 0.30 8.00 -2.78
C MET B 11 -0.75 9.15 -2.47
N LYS B 12 -0.35 10.41 -2.65
CA LYS B 12 -1.24 11.59 -2.45
C LYS B 12 -2.48 11.53 -3.42
N ASP B 13 -2.35 10.84 -4.57
CA ASP B 13 -3.51 10.49 -5.44
C ASP B 13 -4.49 9.46 -4.75
N SER B 14 -3.98 8.28 -4.37
CA SER B 14 -4.82 7.13 -3.91
C SER B 14 -5.59 7.41 -2.57
N ASP B 15 -5.00 8.24 -1.69
CA ASP B 15 -5.30 8.22 -0.22
C ASP B 15 -6.59 9.06 0.13
N LYS B 16 -7.48 8.51 0.97
CA LYS B 16 -8.43 9.31 1.80
C LYS B 16 -7.65 10.19 2.84
N ASN B 17 -7.52 9.71 4.09
CA ASN B 17 -7.31 10.57 5.29
C ASN B 17 -5.92 11.30 5.31
N ASN B 18 -5.03 10.97 4.35
CA ASN B 18 -3.76 11.72 4.11
C ASN B 18 -2.77 11.66 5.33
N ASP B 19 -2.70 10.50 6.02
CA ASP B 19 -1.49 10.11 6.81
C ASP B 19 -0.27 9.70 5.91
N GLY B 20 -0.53 8.97 4.81
CA GLY B 20 0.54 8.40 3.93
C GLY B 20 1.00 6.95 4.29
N ARG B 21 0.16 6.20 5.04
CA ARG B 21 0.36 4.73 5.29
C ARG B 21 -0.95 3.88 5.11
N ILE B 22 -0.84 2.72 4.45
CA ILE B 22 -1.98 2.06 3.72
C ILE B 22 -2.46 0.79 4.50
N ASP B 23 -3.69 0.83 5.05
CA ASP B 23 -4.36 -0.37 5.66
C ASP B 23 -5.29 -1.15 4.66
N PHE B 24 -5.65 -2.41 5.00
CA PHE B 24 -6.15 -3.42 4.02
C PHE B 24 -7.33 -2.86 3.15
N ASP B 25 -8.17 -1.97 3.71
CA ASP B 25 -9.16 -1.16 2.96
C ASP B 25 -8.51 -0.46 1.70
N GLU B 26 -7.90 0.73 1.98
CA GLU B 26 -7.01 1.48 1.06
C GLU B 26 -6.02 0.58 0.21
N PHE B 27 -5.79 -0.69 0.56
CA PHE B 27 -5.18 -1.69 -0.40
C PHE B 27 -6.16 -2.01 -1.59
N LEU B 28 -7.36 -2.52 -1.28
CA LEU B 28 -8.41 -2.87 -2.27
C LEU B 28 -8.70 -1.70 -3.28
N LYS B 29 -8.48 -0.44 -2.84
CA LYS B 29 -8.64 0.77 -3.72
C LYS B 29 -7.25 1.17 -4.32
N MET B 30 -6.14 0.75 -3.67
CA MET B 30 -4.76 0.91 -4.23
C MET B 30 -4.43 -0.06 -5.42
N MET B 31 -5.28 -1.08 -5.65
CA MET B 31 -5.10 -2.08 -6.75
C MET B 31 -6.25 -1.94 -7.81
N GLU B 32 -7.50 -1.73 -7.36
CA GLU B 32 -8.67 -1.48 -8.24
C GLU B 32 -9.61 -0.31 -7.76
N GLY B 33 -9.01 0.78 -7.25
CA GLY B 33 -9.68 2.12 -7.14
C GLY B 33 -10.85 2.35 -8.17
N VAL B 34 -12.11 2.35 -7.69
CA VAL B 34 -13.26 2.96 -8.41
C VAL B 34 -13.39 4.47 -7.98
N GLN B 35 -13.19 5.40 -8.93
CA GLN B 35 -13.46 6.86 -8.72
C GLN B 35 -14.77 7.10 -7.89
N NH2 B 36 -14.75 8.08 -6.96
HN1 NH2 B 36 -13.92 8.67 -6.85
HN2 NH2 B 36 -15.58 8.23 -6.36
C ACE A 1 -17.45 -13.22 -5.50
O ACE A 1 -17.69 -14.04 -4.60
CH3 ACE A 1 -18.01 -13.42 -6.95
H1 ACE A 1 -18.73 -12.64 -7.17
H2 ACE A 1 -17.20 -13.46 -7.67
H3 ACE A 1 -18.55 -14.40 -6.96
N LYS A 2 -16.76 -12.09 -5.26
CA LYS A 2 -16.48 -11.58 -3.88
C LYS A 2 -15.38 -12.47 -3.19
N SER A 3 -14.12 -12.02 -3.21
CA SER A 3 -13.01 -12.61 -2.40
C SER A 3 -12.35 -11.56 -1.43
N GLU A 4 -12.09 -11.96 -0.17
CA GLU A 4 -11.14 -11.25 0.73
C GLU A 4 -9.87 -12.12 1.05
N GLU A 5 -10.03 -13.45 1.05
CA GLU A 5 -8.88 -14.41 1.15
C GLU A 5 -7.59 -13.93 0.40
N GLU A 6 -7.67 -13.71 -0.92
CA GLU A 6 -6.49 -13.43 -1.80
C GLU A 6 -5.76 -12.08 -1.48
N LEU A 7 -6.52 -10.98 -1.36
CA LEU A 7 -5.97 -9.62 -1.05
C LEU A 7 -5.26 -9.58 0.34
N ALA A 8 -5.82 -10.31 1.34
CA ALA A 8 -5.19 -10.47 2.69
C ALA A 8 -3.88 -11.33 2.71
N ASN A 9 -3.94 -12.56 2.13
CA ASN A 9 -2.74 -13.34 1.75
C ASN A 9 -1.58 -12.46 1.14
N ALA A 10 -1.91 -11.61 0.15
CA ALA A 10 -0.95 -10.65 -0.48
C ALA A 10 -0.50 -9.46 0.44
N PHE A 11 -1.43 -8.91 1.23
CA PHE A 11 -1.19 -7.72 2.11
C PHE A 11 -0.23 -8.06 3.31
N ARG A 12 -0.29 -9.30 3.81
CA ARG A 12 0.68 -9.84 4.81
C ARG A 12 2.04 -10.30 4.16
N ILE A 13 1.99 -10.92 2.97
CA ILE A 13 3.17 -11.55 2.30
C ILE A 13 4.20 -10.45 1.86
N PHE A 14 3.70 -9.30 1.38
CA PHE A 14 4.54 -8.10 1.09
C PHE A 14 5.31 -7.64 2.38
N ASP A 15 4.61 -7.55 3.52
CA ASP A 15 5.13 -6.89 4.76
C ASP A 15 6.06 -7.82 5.61
N LYS A 16 6.94 -7.23 6.44
CA LYS A 16 8.07 -7.97 7.09
C LYS A 16 8.08 -7.68 8.64
N ASN A 17 7.07 -6.98 9.18
CA ASN A 17 7.22 -6.17 10.44
C ASN A 17 5.92 -5.43 10.91
N ALA A 18 5.03 -6.13 11.63
CA ALA A 18 3.57 -5.82 11.68
C ALA A 18 2.82 -5.95 10.30
N ASP A 19 2.55 -7.19 9.87
CA ASP A 19 1.64 -7.50 8.72
C ASP A 19 0.28 -6.72 8.81
N GLY A 20 -0.11 -6.27 10.01
CA GLY A 20 -1.31 -5.40 10.22
C GLY A 20 -1.36 -4.08 9.36
N TYR A 21 -0.25 -3.31 9.35
CA TYR A 21 -0.16 -2.01 8.61
C TYR A 21 0.94 -2.07 7.49
N ILE A 22 0.82 -1.21 6.45
CA ILE A 22 1.91 -0.93 5.47
C ILE A 22 2.37 0.57 5.57
N ASP A 23 3.59 0.88 5.11
CA ASP A 23 4.21 2.24 5.25
C ASP A 23 4.71 2.82 3.87
N ILE A 24 5.05 4.12 3.84
CA ILE A 24 5.57 4.80 2.60
C ILE A 24 6.98 4.23 2.23
N GLU A 25 7.77 3.77 3.22
CA GLU A 25 9.05 3.06 2.97
C GLU A 25 8.89 1.67 2.24
N GLU A 26 7.78 0.97 2.51
CA GLU A 26 7.43 -0.32 1.85
C GLU A 26 6.86 -0.17 0.40
N LEU A 27 6.25 1.00 0.10
CA LEU A 27 5.49 1.22 -1.18
C LEU A 27 6.43 1.20 -2.44
N GLY A 28 7.26 2.24 -2.61
CA GLY A 28 8.37 2.27 -3.62
C GLY A 28 9.12 0.91 -3.84
N GLU A 29 9.77 0.39 -2.80
CA GLU A 29 10.67 -0.80 -2.90
C GLU A 29 9.95 -2.11 -3.36
N ILE A 30 8.65 -2.26 -2.99
CA ILE A 30 7.70 -3.16 -3.74
C ILE A 30 7.68 -2.80 -5.26
N LEU A 31 7.04 -1.66 -5.62
CA LEU A 31 6.73 -1.32 -7.04
C LEU A 31 8.03 -1.15 -7.91
N ARG A 32 9.21 -1.25 -7.27
CA ARG A 32 10.52 -1.35 -8.00
C ARG A 32 10.89 -2.86 -8.26
N ALA A 33 11.12 -3.63 -7.18
CA ALA A 33 11.80 -4.97 -7.27
C ALA A 33 10.81 -6.20 -7.32
N THR A 34 11.31 -7.38 -7.74
CA THR A 34 10.61 -8.68 -7.59
C THR A 34 11.62 -9.87 -7.77
N GLY A 35 12.53 -9.76 -8.75
CA GLY A 35 13.70 -10.69 -8.89
C GLY A 35 14.01 -11.15 -10.36
N NH2 A 36 14.53 -10.23 -11.20
HN1 NH2 A 36 14.75 -9.28 -10.85
HN2 NH2 A 36 14.70 -10.47 -12.19
C ACE B 1 12.62 5.22 -12.53
O ACE B 1 12.57 4.24 -11.77
CH3 ACE B 1 13.74 5.34 -13.63
H1 ACE B 1 13.28 5.16 -14.60
H2 ACE B 1 14.20 6.31 -13.58
H3 ACE B 1 14.48 4.55 -13.43
N VAL B 2 11.76 6.24 -12.40
CA VAL B 2 10.94 6.50 -11.17
C VAL B 2 11.88 7.04 -10.05
N THR B 3 11.57 8.24 -9.50
CA THR B 3 12.35 8.86 -8.38
C THR B 3 11.43 9.01 -7.11
N GLU B 4 11.89 9.77 -6.11
CA GLU B 4 11.08 10.08 -4.89
C GLU B 4 9.77 10.90 -5.19
N GLU B 5 9.84 11.85 -6.14
CA GLU B 5 8.66 12.67 -6.56
C GLU B 5 7.53 11.84 -7.29
N ASP B 6 7.91 10.78 -8.02
CA ASP B 6 6.96 9.76 -8.56
C ASP B 6 6.17 9.01 -7.44
N ILE B 7 6.87 8.62 -6.35
CA ILE B 7 6.22 8.01 -5.14
C ILE B 7 5.19 9.02 -4.52
N GLU B 8 5.65 10.22 -4.13
CA GLU B 8 4.81 11.25 -3.45
C GLU B 8 3.64 11.81 -4.35
N ASP B 9 3.87 11.90 -5.67
CA ASP B 9 2.80 12.12 -6.68
C ASP B 9 1.63 11.08 -6.56
N LEU B 10 1.97 9.77 -6.59
CA LEU B 10 0.98 8.67 -6.39
C LEU B 10 0.15 8.80 -5.06
N MET B 11 0.84 8.76 -3.90
CA MET B 11 0.22 8.42 -2.59
C MET B 11 -0.34 9.69 -1.84
N LYS B 12 -0.15 10.89 -2.42
CA LYS B 12 -0.90 12.12 -2.04
C LYS B 12 -2.13 12.30 -3.00
N ASP B 13 -1.96 11.98 -4.30
CA ASP B 13 -3.09 11.97 -5.29
C ASP B 13 -4.14 10.84 -4.98
N SER B 14 -3.71 9.76 -4.31
CA SER B 14 -4.60 8.60 -3.95
C SER B 14 -5.28 8.78 -2.54
N ASP B 15 -4.49 9.13 -1.50
CA ASP B 15 -4.84 8.87 -0.07
C ASP B 15 -5.99 9.82 0.44
N LYS B 16 -7.02 9.24 1.07
CA LYS B 16 -8.20 10.01 1.59
C LYS B 16 -7.72 11.03 2.70
N ASN B 17 -7.93 10.71 3.99
CA ASN B 17 -7.84 11.70 5.11
C ASN B 17 -6.36 12.16 5.41
N ASN B 18 -5.37 11.52 4.76
CA ASN B 18 -3.98 12.04 4.66
C ASN B 18 -3.25 12.16 6.05
N ASP B 19 -3.31 11.09 6.87
CA ASP B 19 -2.61 11.04 8.19
C ASP B 19 -1.11 10.61 8.07
N GLY B 20 -0.84 9.48 7.38
CA GLY B 20 0.55 9.02 7.06
C GLY B 20 0.66 7.53 6.56
N ARG B 21 0.00 6.59 7.27
CA ARG B 21 0.18 5.12 7.07
C ARG B 21 -1.08 4.40 6.49
N ILE B 22 -0.90 3.22 5.87
CA ILE B 22 -1.99 2.47 5.17
C ILE B 22 -2.36 1.17 5.99
N ASP B 23 -3.67 0.88 6.13
CA ASP B 23 -4.19 -0.45 6.54
C ASP B 23 -5.03 -1.15 5.40
N PHE B 24 -5.58 -2.35 5.68
CA PHE B 24 -6.18 -3.24 4.64
C PHE B 24 -7.28 -2.52 3.79
N ASP B 25 -8.06 -1.61 4.41
CA ASP B 25 -9.04 -0.73 3.71
C ASP B 25 -8.37 0.00 2.47
N GLU B 26 -7.72 1.16 2.81
CA GLU B 26 -6.79 1.90 1.92
C GLU B 26 -6.05 0.99 0.86
N PHE B 27 -5.69 -0.25 1.23
CA PHE B 27 -5.07 -1.22 0.26
C PHE B 27 -6.03 -1.57 -0.93
N LEU B 28 -7.28 -1.93 -0.62
CA LEU B 28 -8.36 -2.20 -1.61
C LEU B 28 -8.63 -0.98 -2.56
N LYS B 29 -8.44 0.25 -2.04
CA LYS B 29 -8.67 1.51 -2.81
C LYS B 29 -7.38 1.87 -3.63
N MET B 30 -6.19 1.68 -3.03
CA MET B 30 -4.89 1.77 -3.74
C MET B 30 -4.80 0.91 -5.05
N MET B 31 -5.43 -0.29 -5.05
CA MET B 31 -5.24 -1.32 -6.11
C MET B 31 -6.57 -1.53 -6.92
N GLU B 32 -7.70 -1.04 -6.39
CA GLU B 32 -8.99 -0.94 -7.13
C GLU B 32 -9.87 0.29 -6.70
N GLY B 33 -9.27 1.48 -6.62
CA GLY B 33 -10.01 2.78 -6.61
C GLY B 33 -10.34 3.38 -8.02
N VAL B 34 -10.27 4.72 -8.17
CA VAL B 34 -10.86 5.45 -9.33
C VAL B 34 -9.88 5.30 -10.56
N GLN B 35 -10.20 4.41 -11.51
CA GLN B 35 -9.56 4.38 -12.87
C GLN B 35 -9.36 5.82 -13.45
N NH2 B 36 -10.30 6.74 -13.17
HN1 NH2 B 36 -11.08 6.50 -12.56
HN2 NH2 B 36 -10.22 7.68 -13.57
C ACE A 1 -19.04 -10.71 -2.46
O ACE A 1 -18.43 -9.63 -2.49
CH3 ACE A 1 -20.51 -10.84 -3.00
H1 ACE A 1 -20.51 -11.47 -3.87
H2 ACE A 1 -21.17 -11.20 -2.22
H3 ACE A 1 -20.83 -9.82 -3.29
N LYS A 2 -18.48 -11.81 -1.92
CA LYS A 2 -17.23 -11.77 -1.10
C LYS A 2 -15.97 -12.00 -2.01
N SER A 3 -15.08 -11.00 -2.11
CA SER A 3 -13.70 -11.17 -2.69
C SER A 3 -12.60 -10.55 -1.77
N GLU A 4 -11.91 -11.39 -0.98
CA GLU A 4 -11.02 -10.93 0.15
C GLU A 4 -9.87 -11.95 0.44
N GLU A 5 -10.16 -13.26 0.34
CA GLU A 5 -9.22 -14.34 0.77
C GLU A 5 -7.79 -14.25 0.12
N GLU A 6 -7.72 -14.06 -1.21
CA GLU A 6 -6.45 -14.18 -1.99
C GLU A 6 -5.59 -12.88 -2.03
N LEU A 7 -6.23 -11.71 -2.23
CA LEU A 7 -5.64 -10.36 -1.95
C LEU A 7 -5.27 -10.20 -0.43
N ALA A 8 -5.68 -11.16 0.42
CA ALA A 8 -5.23 -11.23 1.85
C ALA A 8 -3.93 -12.08 2.09
N ASN A 9 -3.81 -13.24 1.43
CA ASN A 9 -2.51 -13.93 1.21
C ASN A 9 -1.45 -13.07 0.44
N ALA A 10 -1.92 -12.29 -0.56
CA ALA A 10 -1.06 -11.31 -1.32
C ALA A 10 -0.59 -10.06 -0.49
N PHE A 11 -1.47 -9.52 0.38
CA PHE A 11 -1.16 -8.33 1.23
C PHE A 11 -0.20 -8.67 2.41
N ARG A 12 -0.45 -9.79 3.12
CA ARG A 12 0.56 -10.49 3.98
C ARG A 12 1.95 -10.67 3.26
N ILE A 13 1.96 -11.26 2.07
CA ILE A 13 3.20 -11.72 1.36
C ILE A 13 4.06 -10.49 0.91
N PHE A 14 3.42 -9.33 0.68
CA PHE A 14 4.09 -8.02 0.43
C PHE A 14 4.91 -7.57 1.70
N ASP A 15 4.26 -7.55 2.88
CA ASP A 15 4.76 -6.82 4.08
C ASP A 15 5.98 -7.54 4.78
N LYS A 16 7.08 -6.81 5.01
CA LYS A 16 8.42 -7.41 5.30
C LYS A 16 8.55 -7.69 6.84
N ASN A 17 7.73 -7.02 7.66
CA ASN A 17 7.73 -7.18 9.16
C ASN A 17 6.35 -7.61 9.77
N ALA A 18 5.24 -7.25 9.11
CA ALA A 18 3.90 -7.87 9.34
C ALA A 18 3.26 -7.56 10.75
N ASP A 19 3.22 -6.28 11.13
CA ASP A 19 2.22 -5.74 12.12
C ASP A 19 0.78 -5.62 11.50
N GLY A 20 0.65 -5.74 10.16
CA GLY A 20 -0.67 -5.77 9.46
C GLY A 20 -0.76 -4.85 8.19
N TYR A 21 0.15 -3.88 8.05
CA TYR A 21 -0.05 -2.64 7.25
C TYR A 21 0.88 -2.60 5.98
N ILE A 22 0.67 -1.63 5.08
CA ILE A 22 1.70 -1.16 4.10
C ILE A 22 2.23 0.26 4.53
N ASP A 23 3.53 0.53 4.30
CA ASP A 23 4.14 1.89 4.46
C ASP A 23 4.56 2.53 3.09
N ILE A 24 4.83 3.84 3.07
CA ILE A 24 5.32 4.57 1.85
C ILE A 24 6.70 3.98 1.40
N GLU A 25 7.58 3.65 2.36
CA GLU A 25 8.98 3.19 2.09
C GLU A 25 9.07 1.74 1.50
N GLU A 26 8.11 0.87 1.85
CA GLU A 26 7.95 -0.49 1.26
C GLU A 26 7.23 -0.50 -0.13
N LEU A 27 6.52 0.58 -0.47
CA LEU A 27 5.69 0.68 -1.71
C LEU A 27 6.59 0.67 -3.01
N GLY A 28 7.48 1.67 -3.16
CA GLY A 28 8.59 1.64 -4.17
C GLY A 28 9.38 0.29 -4.25
N GLU A 29 9.91 -0.18 -3.10
CA GLU A 29 10.73 -1.44 -3.04
C GLU A 29 9.99 -2.72 -3.58
N ILE A 30 8.69 -2.85 -3.26
CA ILE A 30 7.75 -3.79 -3.98
C ILE A 30 7.79 -3.49 -5.52
N LEU A 31 7.10 -2.41 -5.96
CA LEU A 31 6.78 -2.20 -7.41
C LEU A 31 8.06 -2.23 -8.31
N ARG A 32 9.24 -1.98 -7.71
CA ARG A 32 10.56 -2.20 -8.38
C ARG A 32 10.94 -3.73 -8.38
N ALA A 33 11.23 -4.30 -7.20
CA ALA A 33 12.05 -5.54 -7.06
C ALA A 33 11.63 -6.71 -8.01
N THR A 34 10.50 -7.39 -7.72
CA THR A 34 10.19 -8.74 -8.26
C THR A 34 10.00 -8.66 -9.82
N GLY A 35 10.38 -9.72 -10.55
CA GLY A 35 10.18 -9.81 -12.04
C GLY A 35 10.27 -11.25 -12.63
N NH2 A 36 9.12 -11.84 -13.02
HN1 NH2 A 36 8.22 -11.36 -12.87
HN2 NH2 A 36 9.13 -12.77 -13.46
C ACE B 1 11.25 10.91 -14.40
O ACE B 1 10.68 10.02 -15.02
CH3 ACE B 1 10.90 12.42 -14.63
H1 ACE B 1 10.34 12.78 -13.77
H2 ACE B 1 11.80 13.00 -14.80
H3 ACE B 1 10.26 12.48 -15.53
N VAL B 2 12.15 10.62 -13.45
CA VAL B 2 12.30 9.28 -12.79
C VAL B 2 12.73 9.49 -11.30
N THR B 3 11.77 9.86 -10.42
CA THR B 3 12.08 10.42 -9.07
C THR B 3 11.21 9.68 -7.98
N GLU B 4 11.69 9.63 -6.73
CA GLU B 4 10.84 9.34 -5.54
C GLU B 4 9.79 10.46 -5.21
N GLU B 5 10.01 11.68 -5.72
CA GLU B 5 9.00 12.78 -5.68
C GLU B 5 7.74 12.53 -6.58
N ASP B 6 7.90 11.77 -7.67
CA ASP B 6 6.77 11.22 -8.48
C ASP B 6 5.92 10.16 -7.68
N ILE B 7 6.59 9.32 -6.86
CA ILE B 7 5.91 8.34 -5.96
C ILE B 7 5.10 9.09 -4.84
N GLU B 8 5.63 10.22 -4.33
CA GLU B 8 4.94 11.06 -3.31
C GLU B 8 3.66 11.80 -3.85
N ASP B 9 3.71 12.26 -5.11
CA ASP B 9 2.53 12.86 -5.81
C ASP B 9 1.39 11.82 -6.10
N LEU B 10 1.77 10.61 -6.54
CA LEU B 10 0.85 9.43 -6.57
C LEU B 10 0.30 9.00 -5.16
N MET B 11 1.17 9.03 -4.13
CA MET B 11 0.76 8.91 -2.70
C MET B 11 -0.13 10.12 -2.25
N LYS B 12 -0.25 11.16 -3.10
CA LYS B 12 -1.22 12.28 -2.90
C LYS B 12 -2.48 12.08 -3.83
N ASP B 13 -2.29 11.47 -5.01
CA ASP B 13 -3.41 11.15 -5.95
C ASP B 13 -4.39 10.06 -5.35
N SER B 14 -3.84 8.93 -4.89
CA SER B 14 -4.64 7.76 -4.41
C SER B 14 -5.21 7.97 -2.96
N ASP B 15 -4.42 8.57 -2.06
CA ASP B 15 -4.73 8.64 -0.59
C ASP B 15 -6.02 9.47 -0.28
N LYS B 16 -6.80 9.05 0.73
CA LYS B 16 -7.72 9.96 1.49
C LYS B 16 -6.89 11.10 2.18
N ASN B 17 -7.32 11.54 3.38
CA ASN B 17 -6.79 12.77 4.05
C ASN B 17 -5.30 12.64 4.53
N ASN B 18 -4.67 11.47 4.34
CA ASN B 18 -3.31 11.17 4.88
C ASN B 18 -3.23 11.30 6.45
N ASP B 19 -3.54 10.21 7.18
CA ASP B 19 -3.09 10.00 8.58
C ASP B 19 -1.57 9.60 8.68
N GLY B 20 -1.11 8.68 7.82
CA GLY B 20 0.35 8.42 7.61
C GLY B 20 0.68 7.25 6.61
N ARG B 21 0.09 6.05 6.83
CA ARG B 21 0.37 4.82 6.03
C ARG B 21 -0.90 3.99 5.68
N ILE B 22 -0.74 2.88 4.92
CA ILE B 22 -1.83 2.23 4.14
C ILE B 22 -2.36 0.97 4.92
N ASP B 23 -3.70 0.80 5.00
CA ASP B 23 -4.37 -0.46 5.44
C ASP B 23 -5.15 -1.17 4.28
N PHE B 24 -5.67 -2.39 4.51
CA PHE B 24 -6.16 -3.30 3.44
C PHE B 24 -7.19 -2.59 2.48
N ASP B 25 -7.99 -1.65 3.01
CA ASP B 25 -8.82 -0.72 2.17
C ASP B 25 -7.98 -0.06 1.02
N GLU B 26 -7.27 1.05 1.41
CA GLU B 26 -6.18 1.69 0.62
C GLU B 26 -5.45 0.71 -0.36
N PHE B 27 -5.23 -0.55 0.04
CA PHE B 27 -4.60 -1.58 -0.85
C PHE B 27 -5.48 -1.91 -2.10
N LEU B 28 -6.78 -2.20 -1.89
CA LEU B 28 -7.76 -2.60 -2.95
C LEU B 28 -7.96 -1.46 -4.02
N LYS B 29 -8.00 -0.19 -3.57
CA LYS B 29 -8.09 1.00 -4.48
C LYS B 29 -6.70 1.21 -5.20
N MET B 30 -5.59 1.01 -4.46
CA MET B 30 -4.21 1.23 -4.98
C MET B 30 -3.74 0.18 -6.06
N MET B 31 -4.38 -1.00 -6.09
CA MET B 31 -4.27 -1.99 -7.21
C MET B 31 -5.22 -1.57 -8.39
N GLU B 32 -6.53 -1.52 -8.15
CA GLU B 32 -7.57 -1.40 -9.22
C GLU B 32 -7.65 0.03 -9.88
N GLY B 33 -7.77 1.08 -9.06
CA GLY B 33 -7.33 2.47 -9.43
C GLY B 33 -7.76 2.95 -10.86
N VAL B 34 -9.02 2.70 -11.26
CA VAL B 34 -9.44 2.60 -12.69
C VAL B 34 -10.25 3.89 -13.06
N GLN B 35 -9.63 5.07 -12.88
CA GLN B 35 -10.25 6.39 -13.24
C GLN B 35 -9.93 6.81 -14.72
N NH2 B 36 -9.96 8.12 -15.01
HN1 NH2 B 36 -10.16 8.81 -14.27
HN2 NH2 B 36 -9.78 8.44 -15.97
C ACE A 1 -19.01 -13.61 -0.92
O ACE A 1 -18.82 -14.03 -2.06
CH3 ACE A 1 -20.17 -14.21 -0.01
H1 ACE A 1 -19.73 -14.71 0.83
H2 ACE A 1 -20.85 -13.41 0.30
H3 ACE A 1 -20.71 -14.94 -0.64
N LYS A 2 -18.30 -12.60 -0.41
CA LYS A 2 -17.18 -11.94 -1.15
C LYS A 2 -15.80 -12.45 -0.62
N SER A 3 -15.06 -13.20 -1.44
CA SER A 3 -13.80 -13.91 -1.02
C SER A 3 -12.63 -12.90 -0.71
N GLU A 4 -11.63 -13.34 0.09
CA GLU A 4 -10.64 -12.44 0.73
C GLU A 4 -9.30 -13.19 1.08
N GLU A 5 -9.38 -14.51 1.29
CA GLU A 5 -8.17 -15.36 1.57
C GLU A 5 -6.93 -15.00 0.68
N GLU A 6 -7.12 -14.78 -0.62
CA GLU A 6 -6.03 -14.53 -1.60
C GLU A 6 -5.34 -13.12 -1.46
N LEU A 7 -6.15 -12.05 -1.34
CA LEU A 7 -5.66 -10.65 -1.10
C LEU A 7 -5.11 -10.48 0.36
N ALA A 8 -5.76 -11.14 1.35
CA ALA A 8 -5.22 -11.27 2.74
C ALA A 8 -3.80 -11.93 2.83
N ASN A 9 -3.68 -13.19 2.37
CA ASN A 9 -2.38 -13.82 1.98
C ASN A 9 -1.36 -12.81 1.34
N ALA A 10 -1.63 -12.36 0.11
CA ALA A 10 -0.68 -11.53 -0.70
C ALA A 10 -0.30 -10.15 -0.07
N PHE A 11 -1.24 -9.53 0.67
CA PHE A 11 -1.00 -8.25 1.41
C PHE A 11 -0.02 -8.45 2.62
N ARG A 12 -0.15 -9.56 3.36
CA ARG A 12 0.90 -10.08 4.29
C ARG A 12 2.26 -10.39 3.56
N ILE A 13 2.20 -10.95 2.34
CA ILE A 13 3.38 -11.51 1.61
C ILE A 13 4.33 -10.36 1.12
N PHE A 14 3.76 -9.21 0.76
CA PHE A 14 4.52 -7.93 0.55
C PHE A 14 5.25 -7.51 1.88
N ASP A 15 4.57 -7.63 3.03
CA ASP A 15 4.94 -6.92 4.30
C ASP A 15 6.20 -7.56 5.00
N LYS A 16 7.08 -6.72 5.57
CA LYS A 16 8.48 -7.12 5.93
C LYS A 16 8.75 -6.78 7.44
N ASN A 17 7.72 -6.81 8.30
CA ASN A 17 7.86 -6.52 9.77
C ASN A 17 6.55 -6.79 10.60
N ALA A 18 5.38 -6.43 10.04
CA ALA A 18 4.06 -7.06 10.38
C ALA A 18 3.35 -6.47 11.66
N ASP A 19 3.34 -5.12 11.78
CA ASP A 19 2.30 -4.39 12.56
C ASP A 19 0.89 -4.43 11.88
N GLY A 20 0.84 -4.69 10.56
CA GLY A 20 -0.43 -4.91 9.81
C GLY A 20 -0.56 -4.10 8.46
N TYR A 21 0.09 -2.93 8.36
CA TYR A 21 -0.14 -1.94 7.27
C TYR A 21 1.07 -1.88 6.28
N ILE A 22 0.89 -1.23 5.11
CA ILE A 22 2.01 -0.83 4.20
C ILE A 22 2.42 0.66 4.46
N ASP A 23 3.65 1.04 4.07
CA ASP A 23 4.20 2.41 4.28
C ASP A 23 4.67 3.09 2.93
N ILE A 24 5.22 4.32 3.03
CA ILE A 24 5.75 5.07 1.84
C ILE A 24 7.02 4.37 1.26
N GLU A 25 7.87 3.80 2.14
CA GLU A 25 9.10 3.05 1.73
C GLU A 25 8.80 1.68 1.03
N GLU A 26 7.72 1.00 1.43
CA GLU A 26 7.25 -0.29 0.82
C GLU A 26 6.54 -0.11 -0.57
N LEU A 27 5.79 0.99 -0.74
CA LEU A 27 5.13 1.37 -2.03
C LEU A 27 6.09 1.16 -3.26
N GLY A 28 7.22 1.91 -3.30
CA GLY A 28 8.15 1.91 -4.47
C GLY A 28 8.90 0.55 -4.74
N GLU A 29 9.45 -0.06 -3.67
CA GLU A 29 10.06 -1.43 -3.75
C GLU A 29 9.04 -2.56 -4.12
N ILE A 30 7.78 -2.46 -3.64
CA ILE A 30 6.64 -3.23 -4.21
C ILE A 30 6.62 -3.12 -5.77
N LEU A 31 6.40 -1.91 -6.31
CA LEU A 31 6.03 -1.71 -7.75
C LEU A 31 7.19 -2.15 -8.71
N ARG A 32 8.43 -2.24 -8.20
CA ARG A 32 9.66 -2.43 -9.03
C ARG A 32 10.32 -3.82 -8.75
N ALA A 33 9.93 -4.50 -7.65
CA ALA A 33 10.49 -5.83 -7.28
C ALA A 33 10.01 -7.02 -8.18
N THR A 34 8.77 -6.96 -8.68
CA THR A 34 7.97 -8.17 -9.08
C THR A 34 8.39 -8.63 -10.52
N GLY A 35 8.98 -9.85 -10.63
CA GLY A 35 8.98 -10.64 -11.89
C GLY A 35 9.82 -11.97 -11.84
N NH2 A 36 10.04 -12.51 -10.63
HN1 NH2 A 36 9.66 -12.06 -9.79
HN2 NH2 A 36 10.60 -13.38 -10.56
C ACE B 1 14.35 7.50 -11.33
O ACE B 1 14.65 6.46 -10.72
CH3 ACE B 1 15.17 7.94 -12.60
H1 ACE B 1 14.54 7.79 -13.48
H2 ACE B 1 15.46 8.99 -12.50
H3 ACE B 1 16.05 7.31 -12.66
N VAL B 2 13.29 8.25 -10.97
CA VAL B 2 12.28 7.80 -9.96
C VAL B 2 12.84 8.08 -8.53
N THR B 3 12.72 9.33 -8.04
CA THR B 3 13.24 9.74 -6.70
C THR B 3 12.05 9.83 -5.67
N GLU B 4 12.31 10.33 -4.46
CA GLU B 4 11.39 10.23 -3.29
C GLU B 4 10.18 11.23 -3.33
N GLU B 5 10.46 12.52 -3.60
CA GLU B 5 9.41 13.57 -3.76
C GLU B 5 8.40 13.30 -4.94
N ASP B 6 8.90 12.71 -6.04
CA ASP B 6 8.03 12.22 -7.17
C ASP B 6 7.01 11.11 -6.69
N ILE B 7 7.51 10.08 -6.01
CA ILE B 7 6.64 9.01 -5.39
C ILE B 7 5.68 9.64 -4.31
N GLU B 8 6.18 10.63 -3.54
CA GLU B 8 5.35 11.42 -2.58
C GLU B 8 4.22 12.28 -3.27
N ASP B 9 4.49 12.78 -4.48
CA ASP B 9 3.46 13.44 -5.35
C ASP B 9 2.40 12.42 -5.92
N LEU B 10 2.87 11.27 -6.44
CA LEU B 10 1.99 10.17 -6.94
C LEU B 10 1.10 9.53 -5.81
N MET B 11 1.71 9.21 -4.65
CA MET B 11 0.97 8.66 -3.46
C MET B 11 -0.07 9.69 -2.88
N LYS B 12 0.24 10.99 -2.98
CA LYS B 12 -0.67 12.09 -2.53
C LYS B 12 -1.69 12.47 -3.66
N ASP B 13 -1.53 11.95 -4.89
CA ASP B 13 -2.67 11.79 -5.85
C ASP B 13 -3.72 10.73 -5.37
N SER B 14 -3.32 9.44 -5.32
CA SER B 14 -4.27 8.30 -5.12
C SER B 14 -4.97 8.33 -3.71
N ASP B 15 -4.21 8.66 -2.64
CA ASP B 15 -4.73 8.68 -1.25
C ASP B 15 -6.01 9.57 -1.08
N LYS B 16 -7.05 9.08 -0.39
CA LYS B 16 -8.12 9.92 0.23
C LYS B 16 -7.56 10.65 1.50
N ASN B 17 -7.78 10.07 2.70
CA ASN B 17 -7.83 10.81 3.98
C ASN B 17 -6.50 11.58 4.31
N ASN B 18 -5.37 11.14 3.74
CA ASN B 18 -4.03 11.78 3.94
C ASN B 18 -3.58 11.83 5.44
N ASP B 19 -3.04 10.71 5.96
CA ASP B 19 -2.30 10.67 7.27
C ASP B 19 -1.04 9.74 7.23
N GLY B 20 -0.58 9.34 6.03
CA GLY B 20 0.85 8.95 5.79
C GLY B 20 1.09 7.43 5.50
N ARG B 21 0.15 6.55 5.88
CA ARG B 21 0.27 5.07 5.67
C ARG B 21 -0.85 4.47 4.74
N ILE B 22 -0.65 3.22 4.26
CA ILE B 22 -1.70 2.44 3.54
C ILE B 22 -2.13 1.19 4.39
N ASP B 23 -3.45 0.93 4.48
CA ASP B 23 -4.02 -0.34 5.04
C ASP B 23 -4.93 -1.10 4.02
N PHE B 24 -5.49 -2.26 4.40
CA PHE B 24 -6.04 -3.28 3.46
C PHE B 24 -7.10 -2.66 2.48
N ASP B 25 -7.87 -1.64 2.93
CA ASP B 25 -8.76 -0.83 2.06
C ASP B 25 -8.01 -0.29 0.79
N GLU B 26 -7.30 0.87 0.99
CA GLU B 26 -6.27 1.44 0.08
C GLU B 26 -5.57 0.36 -0.82
N PHE B 27 -5.32 -0.86 -0.29
CA PHE B 27 -4.74 -1.98 -1.10
C PHE B 27 -5.69 -2.42 -2.27
N LEU B 28 -6.96 -2.72 -1.94
CA LEU B 28 -8.00 -3.17 -2.92
C LEU B 28 -8.26 -2.09 -4.04
N LYS B 29 -8.06 -0.80 -3.71
CA LYS B 29 -8.09 0.32 -4.71
C LYS B 29 -6.72 0.37 -5.47
N MET B 30 -5.60 0.25 -4.73
CA MET B 30 -4.23 0.14 -5.33
C MET B 30 -4.06 -1.03 -6.35
N MET B 31 -4.99 -2.00 -6.33
CA MET B 31 -5.14 -3.02 -7.43
C MET B 31 -6.07 -2.47 -8.56
N GLU B 32 -7.29 -2.02 -8.20
CA GLU B 32 -8.38 -1.73 -9.19
C GLU B 32 -8.08 -0.52 -10.14
N GLY B 33 -7.45 0.55 -9.61
CA GLY B 33 -7.01 1.73 -10.40
C GLY B 33 -7.87 3.03 -10.20
N VAL B 34 -8.82 3.30 -11.11
CA VAL B 34 -9.96 4.24 -10.87
C VAL B 34 -11.30 3.41 -10.86
N GLN B 35 -12.37 3.98 -10.28
CA GLN B 35 -13.75 3.39 -10.37
C GLN B 35 -14.12 2.94 -11.82
N NH2 B 36 -14.56 3.89 -12.67
HN1 NH2 B 36 -14.70 4.84 -12.34
HN2 NH2 B 36 -14.76 3.64 -13.66
C ACE A 1 -11.90 -10.06 -6.78
O ACE A 1 -10.70 -9.78 -6.86
CH3 ACE A 1 -12.76 -10.34 -8.07
H1 ACE A 1 -13.07 -11.38 -8.07
H2 ACE A 1 -13.60 -9.66 -8.10
H3 ACE A 1 -12.10 -10.16 -8.93
N LYS A 2 -12.50 -10.23 -5.59
CA LYS A 2 -11.86 -9.88 -4.27
C LYS A 2 -12.50 -10.74 -3.12
N SER A 3 -12.24 -12.06 -3.10
CA SER A 3 -12.38 -12.92 -1.89
C SER A 3 -11.48 -12.42 -0.69
N GLU A 4 -12.11 -12.04 0.43
CA GLU A 4 -11.44 -11.24 1.52
C GLU A 4 -10.09 -11.92 1.97
N GLU A 5 -10.05 -13.26 2.02
CA GLU A 5 -9.05 -14.02 2.83
C GLU A 5 -7.64 -14.16 2.15
N GLU A 6 -7.62 -14.34 0.82
CA GLU A 6 -6.36 -14.36 0.01
C GLU A 6 -5.66 -12.96 -0.12
N LEU A 7 -6.46 -11.88 -0.16
CA LEU A 7 -5.97 -10.48 0.09
C LEU A 7 -5.55 -10.27 1.59
N ALA A 8 -6.05 -11.13 2.50
CA ALA A 8 -5.54 -11.21 3.90
C ALA A 8 -4.13 -11.90 4.06
N ASN A 9 -3.95 -13.08 3.44
CA ASN A 9 -2.61 -13.71 3.25
C ASN A 9 -1.58 -12.78 2.50
N ALA A 10 -2.04 -12.07 1.46
CA ALA A 10 -1.20 -11.13 0.65
C ALA A 10 -0.79 -9.82 1.40
N PHE A 11 -1.75 -9.18 2.10
CA PHE A 11 -1.49 -7.97 2.94
C PHE A 11 -0.62 -8.30 4.21
N ARG A 12 -0.78 -9.52 4.76
CA ARG A 12 0.14 -10.07 5.81
C ARG A 12 1.60 -10.29 5.30
N ILE A 13 1.77 -10.90 4.11
CA ILE A 13 3.07 -11.46 3.62
C ILE A 13 4.00 -10.30 3.12
N PHE A 14 3.42 -9.22 2.59
CA PHE A 14 4.13 -7.92 2.34
C PHE A 14 4.65 -7.31 3.69
N ASP A 15 3.78 -7.16 4.69
CA ASP A 15 4.11 -6.49 5.99
C ASP A 15 5.16 -7.27 6.85
N LYS A 16 6.44 -6.87 6.79
CA LYS A 16 7.58 -7.72 7.25
C LYS A 16 7.65 -7.69 8.82
N ASN A 17 6.92 -6.76 9.46
CA ASN A 17 6.77 -6.72 10.95
C ASN A 17 5.42 -7.30 11.48
N ALA A 18 4.32 -7.13 10.73
CA ALA A 18 2.98 -7.73 11.05
C ALA A 18 2.26 -7.11 12.30
N ASP A 19 2.16 -5.77 12.36
CA ASP A 19 1.21 -5.04 13.25
C ASP A 19 -0.18 -4.76 12.56
N GLY A 20 -0.43 -5.39 11.40
CA GLY A 20 -1.72 -5.23 10.65
C GLY A 20 -1.78 -3.99 9.69
N TYR A 21 -0.65 -3.28 9.52
CA TYR A 21 -0.56 -2.01 8.74
C TYR A 21 0.36 -2.16 7.47
N ILE A 22 0.17 -1.31 6.45
CA ILE A 22 1.17 -1.07 5.36
C ILE A 22 1.91 0.29 5.60
N ASP A 23 3.18 0.39 5.14
CA ASP A 23 4.04 1.60 5.35
C ASP A 23 4.50 2.25 4.00
N ILE A 24 4.97 3.51 4.06
CA ILE A 24 5.47 4.27 2.87
C ILE A 24 6.81 3.63 2.35
N GLU A 25 7.55 2.90 3.21
CA GLU A 25 8.76 2.12 2.81
C GLU A 25 8.42 0.78 2.06
N GLU A 26 7.33 0.11 2.45
CA GLU A 26 6.88 -1.18 1.84
C GLU A 26 6.39 -1.03 0.35
N LEU A 27 5.44 -0.09 0.12
CA LEU A 27 4.94 0.28 -1.24
C LEU A 27 6.12 0.33 -2.29
N GLY A 28 6.91 1.42 -2.28
CA GLY A 28 7.93 1.69 -3.34
C GLY A 28 8.92 0.51 -3.65
N GLU A 29 9.33 -0.24 -2.61
CA GLU A 29 10.10 -1.51 -2.76
C GLU A 29 9.35 -2.59 -3.64
N ILE A 30 8.14 -2.99 -3.23
CA ILE A 30 7.27 -3.92 -4.02
C ILE A 30 7.13 -3.41 -5.50
N LEU A 31 6.61 -2.17 -5.67
CA LEU A 31 6.22 -1.63 -7.01
C LEU A 31 7.46 -1.49 -7.96
N ARG A 32 8.65 -1.22 -7.41
CA ARG A 32 9.86 -0.83 -8.20
C ARG A 32 11.09 -1.73 -7.81
N ALA A 33 10.85 -3.02 -7.51
CA ALA A 33 11.92 -4.06 -7.38
C ALA A 33 11.89 -5.16 -8.50
N THR A 34 13.06 -5.59 -8.99
CA THR A 34 13.20 -6.66 -10.02
C THR A 34 14.68 -7.18 -10.07
N GLY A 35 15.36 -7.23 -8.90
CA GLY A 35 16.79 -7.65 -8.80
C GLY A 35 17.02 -9.20 -8.81
N NH2 A 36 16.86 -9.86 -7.65
HN1 NH2 A 36 16.55 -9.36 -6.81
HN2 NH2 A 36 17.05 -10.88 -7.60
C ACE B 1 13.23 3.38 -9.23
O ACE B 1 12.56 4.13 -9.95
CH3 ACE B 1 14.02 2.16 -9.85
H1 ACE B 1 15.08 2.39 -9.84
H2 ACE B 1 13.80 1.25 -9.30
H3 ACE B 1 13.68 2.04 -10.89
N VAL B 2 13.27 3.52 -7.90
CA VAL B 2 12.28 4.33 -7.13
C VAL B 2 12.66 5.85 -7.25
N THR B 3 11.67 6.75 -7.20
CA THR B 3 11.92 8.23 -7.05
C THR B 3 10.96 8.82 -5.96
N GLU B 4 11.52 9.54 -4.97
CA GLU B 4 10.79 9.93 -3.72
C GLU B 4 9.55 10.88 -3.98
N GLU B 5 9.69 11.84 -4.90
CA GLU B 5 8.59 12.79 -5.26
C GLU B 5 7.35 12.12 -5.95
N ASP B 6 7.59 11.14 -6.85
CA ASP B 6 6.54 10.19 -7.34
C ASP B 6 5.67 9.59 -6.17
N ILE B 7 6.29 8.78 -5.29
CA ILE B 7 5.57 7.96 -4.29
C ILE B 7 4.85 8.88 -3.23
N GLU B 8 5.50 9.99 -2.83
CA GLU B 8 4.96 10.95 -1.83
C GLU B 8 3.79 11.84 -2.36
N ASP B 9 3.83 12.20 -3.66
CA ASP B 9 2.70 12.92 -4.36
C ASP B 9 1.40 12.04 -4.47
N LEU B 10 1.54 10.77 -4.90
CA LEU B 10 0.45 9.75 -4.84
C LEU B 10 -0.04 9.43 -3.38
N MET B 11 0.90 9.25 -2.43
CA MET B 11 0.59 9.16 -0.98
C MET B 11 0.37 10.58 -0.32
N LYS B 12 0.22 11.62 -1.16
CA LYS B 12 -0.46 12.90 -0.78
C LYS B 12 -1.92 12.91 -1.38
N ASP B 13 -2.08 12.43 -2.63
CA ASP B 13 -3.37 12.55 -3.38
C ASP B 13 -4.52 11.71 -2.74
N SER B 14 -4.22 10.49 -2.29
CA SER B 14 -5.20 9.58 -1.61
C SER B 14 -5.02 9.52 -0.06
N ASP B 15 -3.95 10.11 0.48
CA ASP B 15 -3.67 10.14 1.95
C ASP B 15 -4.46 11.28 2.70
N LYS B 16 -5.60 11.71 2.15
CA LYS B 16 -6.27 12.99 2.53
C LYS B 16 -6.64 12.96 4.06
N ASN B 17 -7.14 11.82 4.56
CA ASN B 17 -7.68 11.68 5.95
C ASN B 17 -6.58 11.68 7.06
N ASN B 18 -5.30 11.88 6.69
CA ASN B 18 -4.14 11.89 7.65
C ASN B 18 -3.92 10.51 8.34
N ASP B 19 -4.05 9.40 7.60
CA ASP B 19 -3.40 8.09 7.91
C ASP B 19 -2.02 7.91 7.19
N GLY B 20 -1.01 8.72 7.56
CA GLY B 20 0.39 8.57 7.04
C GLY B 20 0.95 7.10 7.01
N ARG B 21 0.33 6.20 7.79
CA ARG B 21 0.42 4.72 7.57
C ARG B 21 -0.98 4.02 7.38
N ILE B 22 -1.03 2.91 6.63
CA ILE B 22 -2.27 2.44 5.92
C ILE B 22 -2.86 1.17 6.62
N ASP B 23 -4.19 1.00 6.59
CA ASP B 23 -4.89 -0.24 7.04
C ASP B 23 -5.65 -0.99 5.88
N PHE B 24 -6.30 -2.12 6.18
CA PHE B 24 -6.76 -3.12 5.17
C PHE B 24 -7.88 -2.53 4.23
N ASP B 25 -8.73 -1.63 4.77
CA ASP B 25 -9.63 -0.76 3.95
C ASP B 25 -8.85 -0.09 2.75
N GLU B 26 -8.18 1.06 3.09
CA GLU B 26 -7.14 1.73 2.27
C GLU B 26 -6.39 0.78 1.29
N PHE B 27 -6.10 -0.47 1.70
CA PHE B 27 -5.46 -1.49 0.81
C PHE B 27 -6.34 -1.82 -0.44
N LEU B 28 -7.63 -2.13 -0.21
CA LEU B 28 -8.66 -2.37 -1.28
C LEU B 28 -8.79 -1.12 -2.22
N LYS B 29 -8.66 0.11 -1.67
CA LYS B 29 -8.61 1.36 -2.49
C LYS B 29 -7.26 1.43 -3.27
N MET B 30 -6.14 1.07 -2.61
CA MET B 30 -4.76 1.38 -3.10
C MET B 30 -4.27 0.48 -4.29
N MET B 31 -4.66 -0.80 -4.31
CA MET B 31 -4.72 -1.64 -5.54
C MET B 31 -6.01 -1.31 -6.37
N GLU B 32 -7.20 -1.70 -5.86
CA GLU B 32 -8.43 -1.86 -6.68
C GLU B 32 -9.35 -0.60 -6.73
N GLY B 33 -8.81 0.57 -6.34
CA GLY B 33 -9.46 1.90 -6.56
C GLY B 33 -9.89 2.18 -8.04
N VAL B 34 -11.13 1.80 -8.42
CA VAL B 34 -11.59 1.81 -9.84
C VAL B 34 -12.66 2.96 -10.01
N GLN B 35 -12.62 3.97 -9.13
CA GLN B 35 -13.64 5.07 -9.06
C GLN B 35 -13.48 6.09 -10.23
N NH2 B 36 -14.19 5.87 -11.36
HN1 NH2 B 36 -14.81 5.04 -11.42
HN2 NH2 B 36 -14.14 6.53 -12.15
C ACE A 1 -17.04 -9.54 4.35
O ACE A 1 -16.41 -9.84 5.38
CH3 ACE A 1 -18.59 -9.74 4.27
H1 ACE A 1 -19.07 -8.77 4.19
H2 ACE A 1 -18.85 -10.38 3.43
H3 ACE A 1 -18.91 -10.21 5.22
N LYS A 2 -16.41 -9.09 3.25
CA LYS A 2 -14.92 -9.18 3.06
C LYS A 2 -14.41 -10.58 3.55
N SER A 3 -14.60 -11.64 2.73
CA SER A 3 -13.77 -12.88 2.75
C SER A 3 -12.62 -12.84 1.69
N GLU A 4 -12.12 -11.63 1.36
CA GLU A 4 -10.89 -11.45 0.52
C GLU A 4 -9.74 -12.41 0.98
N GLU A 5 -9.64 -13.61 0.38
CA GLU A 5 -8.76 -14.72 0.88
C GLU A 5 -7.32 -14.70 0.27
N GLU A 6 -7.20 -14.99 -1.04
CA GLU A 6 -5.94 -14.79 -1.83
C GLU A 6 -5.40 -13.31 -1.79
N LEU A 7 -6.29 -12.33 -1.59
CA LEU A 7 -5.93 -10.92 -1.23
C LEU A 7 -5.35 -10.83 0.22
N ALA A 8 -5.75 -11.75 1.12
CA ALA A 8 -5.16 -11.88 2.49
C ALA A 8 -3.72 -12.49 2.55
N ASN A 9 -3.55 -13.72 2.02
CA ASN A 9 -2.23 -14.25 1.56
C ASN A 9 -1.26 -13.13 1.04
N ALA A 10 -1.71 -12.33 0.06
CA ALA A 10 -0.87 -11.31 -0.64
C ALA A 10 -0.58 -10.01 0.19
N PHE A 11 -1.55 -9.57 1.01
CA PHE A 11 -1.40 -8.38 1.91
C PHE A 11 -0.40 -8.65 3.10
N ARG A 12 -0.38 -9.89 3.62
CA ARG A 12 0.58 -10.33 4.67
C ARG A 12 2.00 -10.71 4.09
N ILE A 13 2.04 -11.23 2.86
CA ILE A 13 3.31 -11.49 2.11
C ILE A 13 4.06 -10.15 1.83
N PHE A 14 3.30 -9.04 1.65
CA PHE A 14 3.87 -7.68 1.40
C PHE A 14 4.55 -7.11 2.70
N ASP A 15 3.80 -7.05 3.81
CA ASP A 15 4.34 -6.61 5.14
C ASP A 15 5.34 -7.65 5.75
N LYS A 16 6.52 -7.18 6.20
CA LYS A 16 7.59 -8.06 6.75
C LYS A 16 8.00 -7.55 8.19
N ASN A 17 7.06 -6.89 8.90
CA ASN A 17 7.12 -6.71 10.39
C ASN A 17 5.85 -7.23 11.15
N ALA A 18 4.66 -7.13 10.53
CA ALA A 18 3.48 -7.99 10.86
C ALA A 18 2.67 -7.52 12.12
N ASP A 19 2.41 -6.20 12.23
CA ASP A 19 1.33 -5.64 13.09
C ASP A 19 -0.11 -5.90 12.51
N GLY A 20 -0.20 -6.20 11.19
CA GLY A 20 -1.50 -6.21 10.45
C GLY A 20 -1.72 -4.99 9.47
N TYR A 21 -0.75 -4.06 9.40
CA TYR A 21 -0.90 -2.76 8.68
C TYR A 21 0.10 -2.65 7.47
N ILE A 22 -0.17 -1.73 6.52
CA ILE A 22 0.83 -1.28 5.49
C ILE A 22 1.28 0.20 5.80
N ASP A 23 2.59 0.48 5.69
CA ASP A 23 3.21 1.78 6.12
C ASP A 23 3.87 2.56 4.93
N ILE A 24 4.11 3.88 5.11
CA ILE A 24 4.64 4.76 4.03
C ILE A 24 6.08 4.30 3.60
N GLU A 25 6.89 3.84 4.56
CA GLU A 25 8.29 3.36 4.31
C GLU A 25 8.36 1.98 3.57
N GLU A 26 7.36 1.11 3.79
CA GLU A 26 7.18 -0.17 3.02
C GLU A 26 6.54 0.03 1.59
N LEU A 27 5.92 1.20 1.35
CA LEU A 27 5.12 1.45 0.12
C LEU A 27 6.02 1.55 -1.16
N GLY A 28 6.84 2.62 -1.26
CA GLY A 28 8.03 2.66 -2.17
C GLY A 28 8.65 1.26 -2.53
N GLU A 29 9.27 0.59 -1.54
CA GLU A 29 10.03 -0.68 -1.77
C GLU A 29 9.14 -1.88 -2.24
N ILE A 30 7.85 -1.89 -1.85
CA ILE A 30 6.81 -2.77 -2.47
C ILE A 30 6.78 -2.56 -4.03
N LEU A 31 6.47 -1.32 -4.48
CA LEU A 31 6.51 -0.94 -5.92
C LEU A 31 7.93 -1.21 -6.54
N ARG A 32 8.98 -1.31 -5.69
CA ARG A 32 10.41 -1.39 -6.15
C ARG A 32 11.15 -2.57 -5.43
N ALA A 33 10.50 -3.73 -5.32
CA ALA A 33 11.17 -5.03 -4.96
C ALA A 33 11.25 -6.07 -6.14
N THR A 34 10.11 -6.38 -6.77
CA THR A 34 9.99 -7.48 -7.78
C THR A 34 10.46 -6.96 -9.19
N GLY A 35 11.25 -7.76 -9.92
CA GLY A 35 11.38 -7.66 -11.40
C GLY A 35 12.72 -7.02 -11.92
N NH2 A 36 13.35 -7.65 -12.93
HN1 NH2 A 36 12.93 -8.48 -13.37
HN2 NH2 A 36 14.25 -7.30 -13.27
C ACE B 1 11.91 7.15 -12.95
O ACE B 1 10.74 7.51 -12.77
CH3 ACE B 1 12.55 7.15 -14.38
H1 ACE B 1 13.25 7.98 -14.45
H2 ACE B 1 13.03 6.19 -14.58
H3 ACE B 1 11.74 7.30 -15.11
N VAL B 2 12.70 6.82 -11.92
CA VAL B 2 12.19 6.51 -10.54
C VAL B 2 12.70 7.62 -9.55
N THR B 3 11.81 8.12 -8.68
CA THR B 3 12.14 9.20 -7.70
C THR B 3 11.25 9.04 -6.41
N GLU B 4 11.79 9.38 -5.23
CA GLU B 4 11.05 9.37 -3.94
C GLU B 4 10.01 10.54 -3.78
N GLU B 5 10.26 11.68 -4.44
CA GLU B 5 9.27 12.79 -4.56
C GLU B 5 7.97 12.41 -5.35
N ASP B 6 8.11 11.68 -6.48
CA ASP B 6 6.97 11.02 -7.17
C ASP B 6 6.11 10.13 -6.22
N ILE B 7 6.76 9.33 -5.34
CA ILE B 7 6.07 8.46 -4.35
C ILE B 7 5.28 9.33 -3.32
N GLU B 8 5.82 10.50 -2.95
CA GLU B 8 5.13 11.50 -2.06
C GLU B 8 3.85 12.13 -2.70
N ASP B 9 3.91 12.45 -4.01
CA ASP B 9 2.72 12.90 -4.80
C ASP B 9 1.62 11.80 -4.94
N LEU B 10 2.02 10.51 -4.85
CA LEU B 10 1.07 9.35 -4.87
C LEU B 10 0.27 9.19 -3.53
N MET B 11 0.97 9.19 -2.38
CA MET B 11 0.35 8.97 -1.04
C MET B 11 -0.06 10.33 -0.36
N LYS B 12 -0.07 11.43 -1.12
CA LYS B 12 -0.90 12.65 -0.83
C LYS B 12 -2.20 12.62 -1.71
N ASP B 13 -2.06 12.30 -3.02
CA ASP B 13 -3.22 12.28 -3.96
C ASP B 13 -4.25 11.14 -3.64
N SER B 14 -3.76 9.91 -3.42
CA SER B 14 -4.62 8.72 -3.12
C SER B 14 -4.92 8.54 -1.59
N ASP B 15 -4.09 9.15 -0.72
CA ASP B 15 -4.35 9.23 0.75
C ASP B 15 -5.48 10.27 1.10
N LYS B 16 -5.28 11.11 2.14
CA LYS B 16 -6.00 12.42 2.27
C LYS B 16 -5.16 13.38 3.19
N ASN B 17 -5.72 13.83 4.34
CA ASN B 17 -5.11 14.92 5.17
C ASN B 17 -3.83 14.45 5.96
N ASN B 18 -3.29 13.27 5.64
CA ASN B 18 -1.86 12.89 5.93
C ASN B 18 -1.62 12.51 7.44
N ASP B 19 -2.63 11.92 8.09
CA ASP B 19 -2.47 11.02 9.28
C ASP B 19 -3.10 9.60 9.05
N GLY B 20 -2.71 8.93 7.96
CA GLY B 20 -3.48 7.78 7.40
C GLY B 20 -2.63 6.55 6.92
N ARG B 21 -1.71 6.07 7.78
CA ARG B 21 -1.22 4.66 7.76
C ARG B 21 -2.34 3.60 7.46
N ILE B 22 -2.07 2.63 6.57
CA ILE B 22 -3.09 1.91 5.76
C ILE B 22 -3.59 0.62 6.52
N ASP B 23 -4.88 0.27 6.39
CA ASP B 23 -5.44 -1.06 6.78
C ASP B 23 -6.14 -1.78 5.58
N PHE B 24 -6.56 -3.05 5.78
CA PHE B 24 -6.86 -4.01 4.67
C PHE B 24 -7.97 -3.47 3.69
N ASP B 25 -8.94 -2.69 4.23
CA ASP B 25 -9.82 -1.82 3.41
C ASP B 25 -9.07 -1.02 2.30
N GLU B 26 -8.38 0.08 2.72
CA GLU B 26 -7.48 0.88 1.84
C GLU B 26 -6.65 0.02 0.82
N PHE B 27 -6.25 -1.21 1.13
CA PHE B 27 -5.59 -2.14 0.16
C PHE B 27 -6.52 -2.41 -1.09
N LEU B 28 -7.79 -2.77 -0.84
CA LEU B 28 -8.80 -3.02 -1.92
C LEU B 28 -9.06 -1.73 -2.78
N LYS B 29 -8.87 -0.53 -2.19
CA LYS B 29 -8.98 0.76 -2.91
C LYS B 29 -7.63 1.03 -3.69
N MET B 30 -6.49 0.68 -3.09
CA MET B 30 -5.13 0.89 -3.70
C MET B 30 -4.91 0.11 -5.06
N MET B 31 -5.13 -1.21 -5.05
CA MET B 31 -5.22 -2.04 -6.29
C MET B 31 -6.44 -1.57 -7.17
N GLU B 32 -7.68 -1.87 -6.72
CA GLU B 32 -8.90 -1.92 -7.59
C GLU B 32 -9.87 -0.70 -7.41
N GLY B 33 -9.48 0.30 -6.60
CA GLY B 33 -10.18 1.63 -6.56
C GLY B 33 -9.69 2.67 -7.63
N VAL B 34 -8.41 2.59 -8.04
CA VAL B 34 -7.77 3.59 -8.95
C VAL B 34 -7.66 2.97 -10.39
N GLN B 35 -8.66 3.24 -11.25
CA GLN B 35 -8.83 2.54 -12.57
C GLN B 35 -9.40 3.50 -13.67
N NH2 B 36 -10.73 3.66 -13.72
HN1 NH2 B 36 -11.34 3.15 -13.06
HN2 NH2 B 36 -11.16 4.29 -14.43
C ACE A 1 -18.98 -11.47 0.88
O ACE A 1 -18.99 -12.20 -0.11
CH3 ACE A 1 -19.86 -11.78 2.14
H1 ACE A 1 -19.21 -12.02 2.98
H2 ACE A 1 -20.52 -10.95 2.36
H3 ACE A 1 -20.46 -12.67 1.90
N LYS A 2 -18.15 -10.41 0.96
CA LYS A 2 -17.13 -10.08 -0.09
C LYS A 2 -15.80 -10.88 0.20
N SER A 3 -15.38 -11.74 -0.75
CA SER A 3 -14.25 -12.70 -0.54
C SER A 3 -12.93 -11.98 -0.12
N GLU A 4 -12.30 -12.41 0.99
CA GLU A 4 -11.13 -11.71 1.60
C GLU A 4 -9.79 -12.48 1.38
N GLU A 5 -9.85 -13.79 1.11
CA GLU A 5 -8.67 -14.71 1.20
C GLU A 5 -7.45 -14.26 0.31
N GLU A 6 -7.61 -14.30 -1.03
CA GLU A 6 -6.49 -14.07 -1.99
C GLU A 6 -5.89 -12.61 -1.94
N LEU A 7 -6.70 -11.63 -1.52
CA LEU A 7 -6.24 -10.24 -1.23
C LEU A 7 -5.52 -10.16 0.17
N ALA A 8 -5.80 -11.11 1.08
CA ALA A 8 -5.02 -11.31 2.34
C ALA A 8 -3.59 -11.90 2.14
N ASN A 9 -3.49 -13.10 1.53
CA ASN A 9 -2.24 -13.61 0.88
C ASN A 9 -1.43 -12.48 0.13
N ALA A 10 -2.09 -11.71 -0.73
CA ALA A 10 -1.44 -10.68 -1.60
C ALA A 10 -0.95 -9.39 -0.86
N PHE A 11 -1.74 -8.93 0.14
CA PHE A 11 -1.38 -7.76 1.01
C PHE A 11 -0.17 -8.08 1.97
N ARG A 12 -0.12 -9.32 2.50
CA ARG A 12 1.02 -9.80 3.34
C ARG A 12 2.24 -10.32 2.49
N ILE A 13 2.09 -10.37 1.15
CA ILE A 13 3.21 -10.60 0.17
C ILE A 13 3.97 -9.25 -0.09
N PHE A 14 3.23 -8.16 -0.32
CA PHE A 14 3.82 -6.80 -0.55
C PHE A 14 4.51 -6.27 0.76
N ASP A 15 4.01 -6.67 1.94
CA ASP A 15 4.48 -6.15 3.27
C ASP A 15 5.77 -6.87 3.78
N LYS A 16 6.80 -6.09 4.17
CA LYS A 16 8.17 -6.62 4.49
C LYS A 16 8.23 -7.08 5.98
N ASN A 17 7.78 -6.22 6.92
CA ASN A 17 8.07 -6.38 8.38
C ASN A 17 6.89 -7.03 9.20
N ALA A 18 5.64 -6.86 8.74
CA ALA A 18 4.49 -7.73 9.11
C ALA A 18 3.84 -7.40 10.50
N ASP A 19 3.58 -6.12 10.78
CA ASP A 19 2.57 -5.67 11.79
C ASP A 19 1.13 -5.50 11.18
N GLY A 20 0.96 -5.70 9.87
CA GLY A 20 -0.39 -5.77 9.21
C GLY A 20 -0.80 -4.50 8.38
N TYR A 21 0.14 -3.55 8.18
CA TYR A 21 -0.11 -2.28 7.44
C TYR A 21 0.76 -2.18 6.13
N ILE A 22 0.36 -1.33 5.17
CA ILE A 22 1.23 -0.83 4.07
C ILE A 22 1.73 0.62 4.37
N ASP A 23 3.05 0.87 4.23
CA ASP A 23 3.68 2.19 4.56
C ASP A 23 4.26 2.91 3.28
N ILE A 24 4.73 4.16 3.44
CA ILE A 24 5.43 4.92 2.36
C ILE A 24 6.86 4.32 2.10
N GLU A 25 7.46 3.67 3.11
CA GLU A 25 8.80 3.03 3.00
C GLU A 25 8.79 1.69 2.18
N GLU A 26 7.70 0.91 2.27
CA GLU A 26 7.53 -0.38 1.55
C GLU A 26 7.34 -0.22 0.00
N LEU A 27 6.40 0.66 -0.41
CA LEU A 27 6.04 0.94 -1.83
C LEU A 27 7.31 0.97 -2.76
N GLY A 28 8.28 1.85 -2.46
CA GLY A 28 9.53 2.02 -3.29
C GLY A 28 10.38 0.71 -3.47
N GLU A 29 10.31 -0.22 -2.50
CA GLU A 29 10.94 -1.57 -2.60
C GLU A 29 10.13 -2.60 -3.47
N ILE A 30 8.79 -2.45 -3.51
CA ILE A 30 7.92 -3.08 -4.55
C ILE A 30 8.34 -2.59 -5.98
N LEU A 31 8.08 -1.31 -6.29
CA LEU A 31 8.33 -0.72 -7.65
C LEU A 31 9.86 -0.76 -8.01
N ARG A 32 10.70 -1.34 -7.14
CA ARG A 32 12.10 -1.76 -7.48
C ARG A 32 12.14 -3.30 -7.83
N ALA A 33 11.57 -4.14 -6.96
CA ALA A 33 11.88 -5.61 -6.91
C ALA A 33 11.87 -6.33 -8.30
N THR A 34 10.67 -6.67 -8.81
CA THR A 34 10.47 -7.04 -10.25
C THR A 34 9.18 -6.32 -10.81
N GLY A 35 9.16 -6.01 -12.11
CA GLY A 35 7.93 -5.56 -12.83
C GLY A 35 6.60 -6.28 -12.40
N NH2 A 36 6.33 -7.46 -12.98
HN1 NH2 A 36 7.00 -7.88 -13.64
HN2 NH2 A 36 5.44 -7.94 -12.76
C ACE B 1 13.87 10.00 -12.44
O ACE B 1 15.08 9.80 -12.25
CH3 ACE B 1 13.35 11.41 -12.88
H1 ACE B 1 13.05 11.36 -13.92
H2 ACE B 1 12.53 11.73 -12.24
H3 ACE B 1 14.18 12.12 -12.77
N VAL B 2 12.96 9.01 -12.34
CA VAL B 2 13.17 7.79 -11.50
C VAL B 2 13.81 8.22 -10.13
N THR B 3 13.03 8.91 -9.28
CA THR B 3 13.56 9.63 -8.08
C THR B 3 12.65 9.34 -6.84
N GLU B 4 12.86 10.08 -5.72
CA GLU B 4 11.93 10.09 -4.55
C GLU B 4 10.62 10.93 -4.78
N GLU B 5 10.74 12.10 -5.45
CA GLU B 5 9.58 13.03 -5.67
C GLU B 5 8.50 12.46 -6.67
N ASP B 6 8.87 11.46 -7.48
CA ASP B 6 7.89 10.58 -8.20
C ASP B 6 6.97 9.77 -7.21
N ILE B 7 7.58 9.11 -6.20
CA ILE B 7 6.84 8.32 -5.18
C ILE B 7 5.93 9.26 -4.30
N GLU B 8 6.40 10.49 -4.05
CA GLU B 8 5.62 11.53 -3.29
C GLU B 8 4.37 12.07 -4.06
N ASP B 9 4.47 12.20 -5.40
CA ASP B 9 3.29 12.42 -6.30
C ASP B 9 2.28 11.22 -6.24
N LEU B 10 2.77 9.99 -6.03
CA LEU B 10 1.94 8.74 -6.14
C LEU B 10 1.04 8.46 -4.88
N MET B 11 1.61 8.62 -3.67
CA MET B 11 0.85 8.51 -2.39
C MET B 11 0.21 9.88 -1.95
N LYS B 12 0.41 10.94 -2.75
CA LYS B 12 -0.49 12.14 -2.77
C LYS B 12 -1.74 11.86 -3.68
N ASP B 13 -1.51 11.29 -4.88
CA ASP B 13 -2.61 10.94 -5.83
C ASP B 13 -3.52 9.78 -5.29
N SER B 14 -2.97 8.88 -4.46
CA SER B 14 -3.71 7.72 -3.89
C SER B 14 -4.33 8.01 -2.47
N ASP B 15 -4.05 9.19 -1.89
CA ASP B 15 -4.48 9.56 -0.51
C ASP B 15 -6.05 9.72 -0.38
N LYS B 16 -6.72 8.79 0.31
CA LYS B 16 -8.03 9.05 0.97
C LYS B 16 -7.84 10.02 2.19
N ASN B 17 -8.23 9.61 3.41
CA ASN B 17 -8.03 10.42 4.65
C ASN B 17 -6.54 10.48 5.11
N ASN B 18 -5.93 9.31 5.39
CA ASN B 18 -4.46 9.21 5.71
C ASN B 18 -4.04 10.04 6.98
N ASP B 19 -3.96 9.40 8.14
CA ASP B 19 -3.13 9.87 9.29
C ASP B 19 -1.59 9.84 8.99
N GLY B 20 -1.14 8.83 8.20
CA GLY B 20 0.32 8.56 7.98
C GLY B 20 0.62 7.26 7.15
N ARG B 21 -0.25 6.25 7.24
CA ARG B 21 -0.06 4.91 6.59
C ARG B 21 -1.40 4.17 6.26
N ILE B 22 -1.32 3.01 5.57
CA ILE B 22 -2.50 2.29 4.99
C ILE B 22 -2.77 0.97 5.79
N ASP B 23 -4.02 0.49 5.79
CA ASP B 23 -4.37 -0.94 6.09
C ASP B 23 -5.14 -1.63 4.91
N PHE B 24 -5.85 -2.74 5.19
CA PHE B 24 -6.49 -3.60 4.14
C PHE B 24 -7.76 -2.91 3.52
N ASP B 25 -8.52 -2.13 4.30
CA ASP B 25 -9.57 -1.21 3.78
C ASP B 25 -9.04 -0.36 2.55
N GLU B 26 -8.34 0.76 2.94
CA GLU B 26 -7.45 1.55 2.04
C GLU B 26 -6.91 0.73 0.81
N PHE B 27 -6.41 -0.49 1.08
CA PHE B 27 -5.79 -1.36 0.02
C PHE B 27 -6.80 -1.68 -1.15
N LEU B 28 -8.01 -2.16 -0.79
CA LEU B 28 -9.16 -2.40 -1.71
C LEU B 28 -9.54 -1.13 -2.55
N LYS B 29 -9.41 0.07 -1.95
CA LYS B 29 -9.86 1.36 -2.58
C LYS B 29 -8.73 1.91 -3.52
N MET B 30 -7.46 1.70 -3.15
CA MET B 30 -6.27 2.09 -3.98
C MET B 30 -6.05 1.21 -5.26
N MET B 31 -6.45 -0.08 -5.20
CA MET B 31 -6.20 -1.08 -6.29
C MET B 31 -7.46 -1.21 -7.22
N GLU B 32 -8.67 -0.99 -6.67
CA GLU B 32 -9.93 -0.89 -7.47
C GLU B 32 -10.16 0.53 -8.11
N GLY B 33 -10.09 1.60 -7.30
CA GLY B 33 -10.65 2.94 -7.65
C GLY B 33 -10.34 3.44 -9.11
N VAL B 34 -9.05 3.60 -9.45
CA VAL B 34 -8.58 3.72 -10.86
C VAL B 34 -9.04 2.43 -11.65
N GLN B 35 -9.88 2.60 -12.68
CA GLN B 35 -10.12 1.58 -13.74
C GLN B 35 -9.01 1.63 -14.85
N NH2 B 36 -8.73 0.49 -15.51
HN1 NH2 B 36 -9.26 -0.37 -15.30
HN2 NH2 B 36 -7.98 0.46 -16.20
C ACE A 1 -18.05 -13.62 -5.27
O ACE A 1 -18.64 -12.53 -5.27
CH3 ACE A 1 -17.77 -14.38 -6.63
H1 ACE A 1 -16.71 -14.42 -6.79
H2 ACE A 1 -18.22 -15.37 -6.60
H3 ACE A 1 -18.23 -13.79 -7.43
N LYS A 2 -17.69 -14.23 -4.13
CA LYS A 2 -17.58 -13.52 -2.81
C LYS A 2 -16.37 -14.10 -2.00
N SER A 3 -15.13 -13.70 -2.36
CA SER A 3 -13.88 -14.25 -1.74
C SER A 3 -12.80 -13.12 -1.52
N GLU A 4 -12.69 -12.63 -0.26
CA GLU A 4 -11.50 -11.83 0.19
C GLU A 4 -10.18 -12.69 0.18
N GLU A 5 -10.28 -14.03 0.17
CA GLU A 5 -9.21 -14.93 0.69
C GLU A 5 -7.92 -14.97 -0.19
N GLU A 6 -8.08 -14.86 -1.53
CA GLU A 6 -6.97 -14.59 -2.48
C GLU A 6 -6.20 -13.24 -2.20
N LEU A 7 -6.95 -12.14 -2.01
CA LEU A 7 -6.39 -10.76 -1.83
C LEU A 7 -5.83 -10.54 -0.39
N ALA A 8 -6.22 -11.40 0.57
CA ALA A 8 -5.53 -11.53 1.89
C ALA A 8 -4.16 -12.28 1.85
N ASN A 9 -4.13 -13.50 1.26
CA ASN A 9 -2.86 -14.18 0.84
C ASN A 9 -1.85 -13.22 0.11
N ALA A 10 -2.33 -12.47 -0.90
CA ALA A 10 -1.50 -11.51 -1.69
C ALA A 10 -1.07 -10.21 -0.92
N PHE A 11 -1.96 -9.67 -0.06
CA PHE A 11 -1.71 -8.43 0.72
C PHE A 11 -0.64 -8.64 1.85
N ARG A 12 -0.58 -9.85 2.44
CA ARG A 12 0.52 -10.26 3.36
C ARG A 12 1.83 -10.69 2.61
N ILE A 13 1.70 -11.41 1.50
CA ILE A 13 2.86 -11.93 0.69
C ILE A 13 3.74 -10.73 0.20
N PHE A 14 3.12 -9.60 -0.13
CA PHE A 14 3.83 -8.31 -0.45
C PHE A 14 4.56 -7.77 0.82
N ASP A 15 3.87 -7.74 1.97
CA ASP A 15 4.21 -6.83 3.11
C ASP A 15 5.59 -7.17 3.77
N LYS A 16 6.56 -6.23 3.72
CA LYS A 16 7.99 -6.51 4.07
C LYS A 16 8.05 -7.05 5.54
N ASN A 17 7.23 -6.49 6.45
CA ASN A 17 7.49 -6.52 7.93
C ASN A 17 6.27 -7.02 8.80
N ALA A 18 5.06 -7.06 8.21
CA ALA A 18 3.86 -7.67 8.85
C ALA A 18 3.26 -6.87 10.06
N ASP A 19 3.11 -5.54 9.89
CA ASP A 19 2.20 -4.70 10.74
C ASP A 19 0.68 -4.99 10.47
N GLY A 20 0.38 -5.70 9.38
CA GLY A 20 -0.99 -5.71 8.75
C GLY A 20 -1.35 -4.43 7.92
N TYR A 21 -0.39 -3.50 7.75
CA TYR A 21 -0.53 -2.31 6.87
C TYR A 21 0.47 -2.36 5.65
N ILE A 22 0.30 -1.46 4.65
CA ILE A 22 1.31 -1.18 3.60
C ILE A 22 1.83 0.31 3.74
N ASP A 23 3.15 0.51 3.70
CA ASP A 23 3.79 1.87 3.79
C ASP A 23 4.36 2.36 2.41
N ILE A 24 4.89 3.60 2.36
CA ILE A 24 5.65 4.12 1.19
C ILE A 24 7.00 3.32 1.03
N GLU A 25 7.60 2.87 2.15
CA GLU A 25 8.95 2.24 2.17
C GLU A 25 8.96 0.74 1.73
N GLU A 26 7.79 0.08 1.76
CA GLU A 26 7.53 -1.19 0.99
C GLU A 26 7.50 -0.99 -0.56
N LEU A 27 6.78 0.04 -1.04
CA LEU A 27 6.27 0.12 -2.44
C LEU A 27 7.43 0.26 -3.49
N GLY A 28 8.35 1.21 -3.27
CA GLY A 28 9.66 1.28 -4.00
C GLY A 28 10.32 -0.12 -4.32
N GLU A 29 10.56 -0.94 -3.28
CA GLU A 29 11.11 -2.33 -3.44
C GLU A 29 10.22 -3.27 -4.33
N ILE A 30 8.89 -3.21 -4.16
CA ILE A 30 7.92 -3.99 -4.98
C ILE A 30 8.15 -3.72 -6.51
N LEU A 31 8.12 -2.44 -6.93
CA LEU A 31 8.58 -2.01 -8.29
C LEU A 31 10.06 -2.47 -8.56
N ARG A 32 10.95 -2.30 -7.57
CA ARG A 32 12.43 -2.49 -7.75
C ARG A 32 12.81 -4.01 -7.62
N ALA A 33 12.87 -4.54 -6.38
CA ALA A 33 13.40 -5.90 -6.10
C ALA A 33 12.93 -7.02 -7.10
N THR A 34 13.84 -7.92 -7.49
CA THR A 34 13.51 -9.14 -8.31
C THR A 34 12.84 -10.23 -7.40
N GLY A 35 12.94 -10.07 -6.07
CA GLY A 35 12.04 -10.75 -5.09
C GLY A 35 11.80 -12.29 -5.34
N NH2 A 36 10.62 -12.64 -5.90
HN1 NH2 A 36 9.92 -11.93 -6.11
HN2 NH2 A 36 10.44 -13.63 -6.11
C ACE B 1 14.37 12.33 -12.98
O ACE B 1 14.33 11.26 -13.61
CH3 ACE B 1 15.67 13.22 -12.95
H1 ACE B 1 15.50 14.10 -13.57
H2 ACE B 1 15.91 13.48 -11.93
H3 ACE B 1 16.49 12.62 -13.38
N VAL B 2 13.27 12.81 -12.36
CA VAL B 2 11.89 12.36 -12.67
C VAL B 2 11.75 10.84 -12.23
N THR B 3 11.81 10.57 -10.92
CA THR B 3 12.05 9.20 -10.38
C THR B 3 11.35 9.04 -8.98
N GLU B 4 12.06 9.35 -7.88
CA GLU B 4 11.54 9.21 -6.49
C GLU B 4 10.36 10.20 -6.15
N GLU B 5 10.57 11.51 -6.36
CA GLU B 5 9.55 12.56 -6.05
C GLU B 5 8.26 12.46 -6.94
N ASP B 6 8.32 11.71 -8.07
CA ASP B 6 7.13 11.37 -8.90
C ASP B 6 6.24 10.24 -8.26
N ILE B 7 6.88 9.23 -7.64
CA ILE B 7 6.18 8.19 -6.83
C ILE B 7 5.47 8.85 -5.59
N GLU B 8 6.17 9.77 -4.89
CA GLU B 8 5.60 10.53 -3.74
C GLU B 8 4.41 11.47 -4.13
N ASP B 9 4.44 12.03 -5.35
CA ASP B 9 3.35 12.90 -5.90
C ASP B 9 2.15 12.07 -6.49
N LEU B 10 2.44 10.93 -7.14
CA LEU B 10 1.41 9.89 -7.48
C LEU B 10 0.59 9.38 -6.24
N MET B 11 1.29 9.05 -5.13
CA MET B 11 0.64 8.52 -3.89
C MET B 11 -0.10 9.65 -3.10
N LYS B 12 0.35 10.91 -3.23
CA LYS B 12 -0.28 12.10 -2.56
C LYS B 12 -1.61 12.48 -3.31
N ASP B 13 -1.72 12.14 -4.61
CA ASP B 13 -3.06 12.05 -5.30
C ASP B 13 -3.94 10.87 -4.76
N SER B 14 -3.38 9.64 -4.71
CA SER B 14 -4.18 8.39 -4.57
C SER B 14 -4.82 8.22 -3.15
N ASP B 15 -4.21 8.83 -2.12
CA ASP B 15 -4.47 8.47 -0.69
C ASP B 15 -5.78 9.12 -0.12
N LYS B 16 -5.66 10.00 0.88
CA LYS B 16 -6.83 10.50 1.68
C LYS B 16 -6.50 11.94 2.24
N ASN B 17 -7.07 12.31 3.40
CA ASN B 17 -6.65 13.52 4.16
C ASN B 17 -5.12 13.53 4.53
N ASN B 18 -4.43 12.42 4.29
CA ASN B 18 -2.95 12.39 4.05
C ASN B 18 -2.11 12.53 5.38
N ASP B 19 -1.45 11.45 5.81
CA ASP B 19 -0.55 11.44 7.02
C ASP B 19 0.74 10.57 6.80
N GLY B 20 0.59 9.38 6.21
CA GLY B 20 1.75 8.51 5.80
C GLY B 20 1.36 7.17 5.07
N ARG B 21 0.49 6.36 5.70
CA ARG B 21 0.44 4.88 5.46
C ARG B 21 -0.89 4.40 4.77
N ILE B 22 -0.88 3.18 4.20
CA ILE B 22 -2.09 2.55 3.57
C ILE B 22 -2.63 1.38 4.46
N ASP B 23 -3.95 1.13 4.43
CA ASP B 23 -4.59 -0.10 4.99
C ASP B 23 -5.27 -0.98 3.88
N PHE B 24 -5.89 -2.12 4.26
CA PHE B 24 -6.35 -3.16 3.30
C PHE B 24 -7.46 -2.63 2.33
N ASP B 25 -8.37 -1.77 2.83
CA ASP B 25 -9.25 -0.92 1.99
C ASP B 25 -8.50 -0.27 0.76
N GLU B 26 -7.72 0.80 1.04
CA GLU B 26 -6.79 1.42 0.05
C GLU B 26 -6.15 0.41 -0.96
N PHE B 27 -5.69 -0.77 -0.50
CA PHE B 27 -5.12 -1.83 -1.40
C PHE B 27 -6.11 -2.23 -2.55
N LEU B 28 -7.39 -2.44 -2.21
CA LEU B 28 -8.44 -2.85 -3.19
C LEU B 28 -8.69 -1.75 -4.29
N LYS B 29 -8.76 -0.48 -3.88
CA LYS B 29 -9.16 0.65 -4.79
C LYS B 29 -7.90 1.22 -5.51
N MET B 30 -6.69 0.97 -4.94
CA MET B 30 -5.39 1.13 -5.68
C MET B 30 -5.15 0.09 -6.82
N MET B 31 -5.39 -1.21 -6.55
CA MET B 31 -5.26 -2.30 -7.55
C MET B 31 -6.24 -2.06 -8.75
N GLU B 32 -7.52 -1.73 -8.46
CA GLU B 32 -8.54 -1.37 -9.50
C GLU B 32 -8.29 0.03 -10.16
N GLY B 33 -8.53 1.12 -9.41
CA GLY B 33 -8.45 2.52 -9.93
C GLY B 33 -9.49 2.87 -11.06
N VAL B 34 -10.64 2.17 -11.08
CA VAL B 34 -11.68 2.33 -12.15
C VAL B 34 -12.96 2.97 -11.51
N GLN B 35 -13.33 4.19 -11.94
CA GLN B 35 -14.42 4.99 -11.29
C GLN B 35 -15.80 4.23 -11.34
N NH2 B 36 -16.15 3.65 -12.49
HN1 NH2 B 36 -15.51 3.68 -13.30
HN2 NH2 B 36 -17.06 3.19 -12.58
C ACE A 1 -17.27 -9.66 -5.67
O ACE A 1 -17.53 -8.55 -5.19
CH3 ACE A 1 -17.82 -10.10 -7.08
H1 ACE A 1 -16.99 -10.20 -7.77
H2 ACE A 1 -18.41 -11.00 -6.99
H3 ACE A 1 -18.46 -9.27 -7.43
N LYS A 2 -16.43 -10.52 -5.05
CA LYS A 2 -16.20 -10.51 -3.56
C LYS A 2 -14.92 -11.37 -3.22
N SER A 3 -13.75 -10.70 -3.12
CA SER A 3 -12.41 -11.35 -3.22
C SER A 3 -11.37 -10.74 -2.21
N GLU A 4 -11.24 -11.35 -1.02
CA GLU A 4 -10.37 -10.82 0.09
C GLU A 4 -9.09 -11.70 0.30
N GLU A 5 -9.18 -13.02 0.04
CA GLU A 5 -8.18 -14.02 0.53
C GLU A 5 -6.72 -13.72 0.08
N GLU A 6 -6.47 -13.63 -1.24
CA GLU A 6 -5.11 -13.43 -1.82
C GLU A 6 -4.51 -12.00 -1.57
N LEU A 7 -5.36 -11.00 -1.31
CA LEU A 7 -4.94 -9.62 -0.92
C LEU A 7 -4.74 -9.48 0.63
N ALA A 8 -5.36 -10.37 1.43
CA ALA A 8 -5.02 -10.56 2.87
C ALA A 8 -3.65 -11.27 3.13
N ASN A 9 -3.42 -12.44 2.50
CA ASN A 9 -2.06 -13.07 2.38
C ASN A 9 -0.98 -12.07 1.82
N ALA A 10 -1.34 -11.28 0.80
CA ALA A 10 -0.43 -10.25 0.18
C ALA A 10 -0.13 -9.01 1.11
N PHE A 11 -1.13 -8.54 1.86
CA PHE A 11 -1.00 -7.37 2.79
C PHE A 11 -0.22 -7.74 4.10
N ARG A 12 -0.37 -8.99 4.58
CA ARG A 12 0.60 -9.65 5.51
C ARG A 12 2.06 -9.70 4.94
N ILE A 13 2.25 -10.41 3.81
CA ILE A 13 3.60 -10.81 3.31
C ILE A 13 4.50 -9.55 3.05
N PHE A 14 3.86 -8.40 2.70
CA PHE A 14 4.53 -7.07 2.61
C PHE A 14 5.19 -6.69 3.99
N ASP A 15 4.38 -6.63 5.05
CA ASP A 15 4.82 -6.06 6.37
C ASP A 15 5.85 -6.96 7.14
N LYS A 16 6.91 -6.36 7.68
CA LYS A 16 8.11 -7.11 8.20
C LYS A 16 7.80 -7.62 9.65
N ASN A 17 7.10 -6.81 10.46
CA ASN A 17 6.98 -7.03 11.94
C ASN A 17 5.56 -7.51 12.42
N ALA A 18 4.52 -7.27 11.61
CA ALA A 18 3.20 -7.98 11.71
C ALA A 18 2.27 -7.48 12.88
N ASP A 19 2.17 -6.16 13.07
CA ASP A 19 1.02 -5.50 13.76
C ASP A 19 -0.28 -5.47 12.87
N GLY A 20 -0.15 -5.71 11.56
CA GLY A 20 -1.30 -5.60 10.59
C GLY A 20 -1.50 -4.19 9.96
N TYR A 21 -0.46 -3.33 9.99
CA TYR A 21 -0.43 -2.03 9.25
C TYR A 21 0.74 -1.99 8.19
N ILE A 22 0.66 -1.07 7.22
CA ILE A 22 1.80 -0.68 6.34
C ILE A 22 2.33 0.75 6.72
N ASP A 23 3.56 1.09 6.31
CA ASP A 23 4.11 2.48 6.40
C ASP A 23 4.53 3.07 5.01
N ILE A 24 4.72 4.40 4.92
CA ILE A 24 5.22 5.06 3.67
C ILE A 24 6.61 4.46 3.26
N GLU A 25 7.46 4.11 4.25
CA GLU A 25 8.85 3.60 4.00
C GLU A 25 8.89 2.15 3.41
N GLU A 26 7.92 1.30 3.80
CA GLU A 26 7.74 -0.07 3.24
C GLU A 26 7.04 -0.10 1.83
N LEU A 27 6.06 0.80 1.61
CA LEU A 27 5.29 0.89 0.32
C LEU A 27 6.24 0.79 -0.93
N GLY A 28 6.87 1.91 -1.33
CA GLY A 28 7.68 2.00 -2.57
C GLY A 28 8.66 0.80 -2.83
N GLU A 29 9.33 0.30 -1.77
CA GLU A 29 10.31 -0.82 -1.85
C GLU A 29 9.66 -2.24 -2.01
N ILE A 30 8.45 -2.42 -1.46
CA ILE A 30 7.54 -3.55 -1.86
C ILE A 30 7.33 -3.56 -3.42
N LEU A 31 6.72 -2.49 -3.96
CA LEU A 31 6.37 -2.41 -5.41
C LEU A 31 7.62 -2.74 -6.32
N ARG A 32 8.77 -2.11 -6.03
CA ARG A 32 9.94 -2.04 -6.97
C ARG A 32 10.93 -3.24 -6.72
N ALA A 33 11.05 -3.69 -5.47
CA ALA A 33 11.90 -4.87 -5.10
C ALA A 33 11.17 -6.26 -5.18
N THR A 34 11.93 -7.34 -5.49
CA THR A 34 11.36 -8.65 -5.90
C THR A 34 12.11 -9.81 -5.15
N GLY A 35 11.55 -10.28 -4.02
CA GLY A 35 12.26 -11.21 -3.08
C GLY A 35 12.90 -10.52 -1.81
N NH2 A 36 13.64 -11.29 -0.99
HN1 NH2 A 36 13.75 -12.29 -1.19
HN2 NH2 A 36 14.11 -10.87 -0.18
C ACE B 1 5.92 4.51 -13.40
O ACE B 1 4.93 5.25 -13.24
CH3 ACE B 1 6.13 3.75 -14.76
H1 ACE B 1 6.95 4.21 -15.29
H2 ACE B 1 6.32 2.69 -14.56
H3 ACE B 1 5.22 3.85 -15.35
N VAL B 2 6.79 4.27 -12.41
CA VAL B 2 6.52 4.60 -10.97
C VAL B 2 7.89 4.95 -10.28
N THR B 3 8.26 6.24 -10.25
CA THR B 3 9.53 6.72 -9.61
C THR B 3 9.31 6.85 -8.06
N GLU B 4 10.27 7.47 -7.35
CA GLU B 4 10.12 7.87 -5.91
C GLU B 4 9.12 9.07 -5.69
N GLU B 5 9.25 10.15 -6.48
CA GLU B 5 8.35 11.34 -6.41
C GLU B 5 6.84 11.01 -6.71
N ASP B 6 6.59 10.04 -7.61
CA ASP B 6 5.20 9.56 -7.93
C ASP B 6 4.60 8.64 -6.82
N ILE B 7 5.41 7.73 -6.25
CA ILE B 7 5.04 6.93 -5.05
C ILE B 7 4.54 7.88 -3.90
N GLU B 8 5.33 8.90 -3.56
CA GLU B 8 5.00 9.90 -2.48
C GLU B 8 3.78 10.83 -2.83
N ASP B 9 3.65 11.20 -4.12
CA ASP B 9 2.48 11.98 -4.64
C ASP B 9 1.15 11.14 -4.66
N LEU B 10 1.27 9.81 -4.88
CA LEU B 10 0.17 8.83 -4.58
C LEU B 10 -0.24 8.77 -3.07
N MET B 11 0.76 8.71 -2.17
CA MET B 11 0.52 8.56 -0.70
C MET B 11 0.21 9.94 -0.01
N LYS B 12 0.28 11.05 -0.76
CA LYS B 12 -0.35 12.35 -0.37
C LYS B 12 -1.79 12.46 -1.00
N ASP B 13 -1.93 12.11 -2.29
CA ASP B 13 -3.24 12.21 -3.01
C ASP B 13 -4.31 11.19 -2.46
N SER B 14 -3.88 9.96 -2.15
CA SER B 14 -4.78 8.88 -1.61
C SER B 14 -5.06 9.04 -0.07
N ASP B 15 -4.26 9.85 0.64
CA ASP B 15 -4.42 10.10 2.10
C ASP B 15 -5.67 11.00 2.43
N LYS B 16 -5.85 11.35 3.71
CA LYS B 16 -7.16 11.86 4.24
C LYS B 16 -6.90 12.98 5.32
N ASN B 17 -7.44 12.81 6.54
CA ASN B 17 -7.15 13.70 7.71
C ASN B 17 -5.76 13.42 8.39
N ASN B 18 -4.85 12.75 7.66
CA ASN B 18 -3.37 12.81 7.90
C ASN B 18 -2.89 11.91 9.09
N ASP B 19 -3.50 10.72 9.25
CA ASP B 19 -2.88 9.53 9.91
C ASP B 19 -2.04 8.66 8.90
N GLY B 20 -0.97 9.23 8.34
CA GLY B 20 -0.31 8.73 7.08
C GLY B 20 -0.18 7.17 6.96
N ARG B 21 0.10 6.48 8.08
CA ARG B 21 0.26 4.99 8.11
C ARG B 21 -1.06 4.20 7.80
N ILE B 22 -0.98 3.15 6.96
CA ILE B 22 -2.13 2.62 6.16
C ILE B 22 -2.70 1.32 6.82
N ASP B 23 -4.00 1.04 6.62
CA ASP B 23 -4.63 -0.28 6.97
C ASP B 23 -5.23 -1.02 5.72
N PHE B 24 -5.92 -2.15 5.93
CA PHE B 24 -6.25 -3.14 4.86
C PHE B 24 -7.17 -2.53 3.75
N ASP B 25 -8.25 -1.83 4.14
CA ASP B 25 -9.04 -0.95 3.26
C ASP B 25 -8.18 -0.08 2.27
N GLU B 26 -7.58 1.01 2.81
CA GLU B 26 -6.58 1.87 2.11
C GLU B 26 -5.78 1.12 0.99
N PHE B 27 -5.26 -0.09 1.31
CA PHE B 27 -4.55 -0.95 0.32
C PHE B 27 -5.40 -1.24 -0.97
N LEU B 28 -6.63 -1.78 -0.79
CA LEU B 28 -7.49 -2.23 -1.91
C LEU B 28 -7.79 -1.07 -2.93
N LYS B 29 -7.89 0.18 -2.43
CA LYS B 29 -8.11 1.38 -3.28
C LYS B 29 -6.71 1.93 -3.78
N MET B 30 -5.70 1.92 -2.91
CA MET B 30 -4.28 2.22 -3.28
C MET B 30 -3.69 1.31 -4.42
N MET B 31 -4.29 0.12 -4.64
CA MET B 31 -3.93 -0.79 -5.76
C MET B 31 -4.91 -0.59 -6.97
N GLU B 32 -6.22 -0.52 -6.71
CA GLU B 32 -7.28 -0.43 -7.76
C GLU B 32 -7.42 0.99 -8.40
N GLY B 33 -7.21 2.05 -7.61
CA GLY B 33 -7.51 3.47 -8.01
C GLY B 33 -9.00 3.73 -8.43
N VAL B 34 -9.28 4.92 -9.00
CA VAL B 34 -10.64 5.28 -9.50
C VAL B 34 -10.86 4.58 -10.88
N GLN B 35 -12.11 4.20 -11.19
CA GLN B 35 -12.55 3.84 -12.59
C GLN B 35 -12.56 5.10 -13.54
N NH2 B 36 -12.08 4.93 -14.78
HN1 NH2 B 36 -11.69 4.01 -15.06
HN2 NH2 B 36 -12.10 5.71 -15.45
C ACE A 1 -15.99 -14.92 4.64
O ACE A 1 -17.21 -15.09 4.58
CH3 ACE A 1 -15.19 -15.14 5.97
H1 ACE A 1 -14.52 -15.99 5.85
H2 ACE A 1 -14.67 -14.24 6.26
H3 ACE A 1 -15.94 -15.40 6.75
N LYS A 2 -15.30 -14.47 3.58
CA LYS A 2 -15.94 -14.11 2.27
C LYS A 2 -14.98 -14.47 1.08
N SER A 3 -15.46 -14.34 -0.16
CA SER A 3 -14.60 -14.44 -1.39
C SER A 3 -13.39 -13.45 -1.35
N GLU A 4 -12.18 -13.96 -1.01
CA GLU A 4 -11.00 -13.11 -0.64
C GLU A 4 -9.64 -13.85 -0.91
N GLU A 5 -9.59 -15.18 -0.72
CA GLU A 5 -8.36 -16.02 -0.57
C GLU A 5 -7.06 -15.39 -1.18
N GLU A 6 -7.04 -15.17 -2.51
CA GLU A 6 -5.79 -14.89 -3.29
C GLU A 6 -5.44 -13.36 -3.41
N LEU A 7 -6.39 -12.48 -3.06
CA LEU A 7 -6.10 -11.04 -2.82
C LEU A 7 -5.65 -10.77 -1.34
N ALA A 8 -6.06 -11.66 -0.40
CA ALA A 8 -5.44 -11.75 0.97
C ALA A 8 -3.97 -12.30 0.99
N ASN A 9 -3.71 -13.38 0.23
CA ASN A 9 -2.32 -13.84 -0.09
C ASN A 9 -1.49 -12.79 -0.90
N ALA A 10 -2.11 -12.09 -1.86
CA ALA A 10 -1.52 -10.92 -2.58
C ALA A 10 -1.14 -9.71 -1.66
N PHE A 11 -2.00 -9.36 -0.69
CA PHE A 11 -1.82 -8.18 0.21
C PHE A 11 -0.70 -8.42 1.28
N ARG A 12 -0.61 -9.65 1.81
CA ARG A 12 0.52 -10.10 2.68
C ARG A 12 1.86 -10.30 1.89
N ILE A 13 1.79 -10.86 0.67
CA ILE A 13 2.98 -11.21 -0.17
C ILE A 13 3.76 -9.91 -0.57
N PHE A 14 3.04 -8.77 -0.72
CA PHE A 14 3.64 -7.43 -0.99
C PHE A 14 4.43 -6.93 0.27
N ASP A 15 3.87 -7.10 1.48
CA ASP A 15 4.35 -6.43 2.72
C ASP A 15 5.72 -6.99 3.23
N LYS A 16 6.81 -6.22 3.07
CA LYS A 16 8.20 -6.68 3.35
C LYS A 16 8.61 -6.32 4.82
N ASN A 17 7.63 -6.08 5.72
CA ASN A 17 7.90 -5.78 7.17
C ASN A 17 6.82 -6.34 8.15
N ALA A 18 5.61 -6.66 7.64
CA ALA A 18 4.63 -7.58 8.32
C ALA A 18 4.06 -7.05 9.68
N ASP A 19 3.67 -5.77 9.74
CA ASP A 19 2.63 -5.26 10.70
C ASP A 19 1.17 -5.56 10.23
N GLY A 20 0.97 -5.79 8.92
CA GLY A 20 -0.40 -5.90 8.30
C GLY A 20 -0.62 -5.05 7.01
N TYR A 21 0.22 -4.01 6.79
CA TYR A 21 -0.11 -2.84 5.92
C TYR A 21 0.66 -2.90 4.54
N ILE A 22 0.27 -2.06 3.58
CA ILE A 22 1.14 -1.67 2.42
C ILE A 22 1.76 -0.24 2.67
N ASP A 23 3.09 -0.11 2.53
CA ASP A 23 3.86 1.10 2.96
C ASP A 23 4.42 1.94 1.75
N ILE A 24 5.08 3.06 2.04
CA ILE A 24 5.70 3.95 0.99
C ILE A 24 6.97 3.27 0.38
N GLU A 25 7.69 2.46 1.18
CA GLU A 25 8.93 1.74 0.74
C GLU A 25 8.65 0.48 -0.15
N GLU A 26 7.50 -0.18 0.06
CA GLU A 26 7.03 -1.32 -0.78
C GLU A 26 6.62 -0.89 -2.24
N LEU A 27 5.75 0.13 -2.36
CA LEU A 27 5.20 0.66 -3.65
C LEU A 27 6.28 0.67 -4.78
N GLY A 28 7.44 1.33 -4.54
CA GLY A 28 8.43 1.65 -5.61
C GLY A 28 9.44 0.51 -5.96
N GLU A 29 9.87 -0.26 -4.94
CA GLU A 29 10.66 -1.53 -5.12
C GLU A 29 9.85 -2.67 -5.84
N ILE A 30 8.59 -2.88 -5.45
CA ILE A 30 7.67 -3.87 -6.13
C ILE A 30 7.42 -3.44 -7.61
N LEU A 31 6.75 -2.29 -7.83
CA LEU A 31 6.45 -1.76 -9.19
C LEU A 31 7.74 -1.74 -10.09
N ARG A 32 8.93 -1.71 -9.48
CA ARG A 32 10.22 -1.99 -10.17
C ARG A 32 10.51 -3.54 -10.26
N ALA A 33 11.03 -4.13 -9.17
CA ALA A 33 11.73 -5.46 -9.22
C ALA A 33 10.78 -6.71 -9.26
N THR A 34 11.29 -7.89 -8.88
CA THR A 34 10.49 -9.14 -8.72
C THR A 34 11.13 -10.05 -7.61
N GLY A 35 10.32 -10.88 -6.93
CA GLY A 35 10.81 -12.02 -6.10
C GLY A 35 9.69 -12.97 -5.54
N NH2 A 36 8.95 -12.52 -4.51
HN1 NH2 A 36 9.15 -11.60 -4.09
HN2 NH2 A 36 8.19 -13.11 -4.14
C ACE B 1 16.50 7.81 -10.51
O ACE B 1 16.80 7.42 -9.39
CH3 ACE B 1 17.58 8.40 -11.50
H1 ACE B 1 17.76 7.67 -12.28
H2 ACE B 1 17.25 9.35 -11.90
H3 ACE B 1 18.50 8.54 -10.92
N VAL B 2 15.21 7.84 -10.93
CA VAL B 2 14.06 7.49 -10.04
C VAL B 2 14.05 8.51 -8.84
N THR B 3 13.48 9.71 -9.06
CA THR B 3 13.52 10.83 -8.05
C THR B 3 12.40 10.62 -6.97
N GLU B 4 12.59 11.19 -5.77
CA GLU B 4 11.70 10.97 -4.60
C GLU B 4 10.34 11.76 -4.66
N GLU B 5 10.38 13.03 -5.13
CA GLU B 5 9.17 13.87 -5.29
C GLU B 5 8.20 13.41 -6.44
N ASP B 6 8.75 12.71 -7.46
CA ASP B 6 7.94 11.88 -8.40
C ASP B 6 6.96 10.89 -7.67
N ILE B 7 7.50 9.97 -6.86
CA ILE B 7 6.71 8.90 -6.17
C ILE B 7 5.76 9.53 -5.09
N GLU B 8 6.25 10.54 -4.33
CA GLU B 8 5.55 11.10 -3.15
C GLU B 8 4.35 12.05 -3.52
N ASP B 9 4.49 12.83 -4.62
CA ASP B 9 3.37 13.55 -5.28
C ASP B 9 2.35 12.59 -5.99
N LEU B 10 2.82 11.39 -6.41
CA LEU B 10 1.95 10.30 -6.94
C LEU B 10 1.13 9.55 -5.84
N MET B 11 1.79 9.17 -4.72
CA MET B 11 1.10 8.66 -3.50
C MET B 11 0.28 9.79 -2.77
N LYS B 12 0.45 11.05 -3.18
CA LYS B 12 -0.43 12.19 -2.77
C LYS B 12 -1.61 12.35 -3.79
N ASP B 13 -1.41 11.96 -5.07
CA ASP B 13 -2.53 11.91 -6.08
C ASP B 13 -3.59 10.81 -5.74
N SER B 14 -3.17 9.54 -5.63
CA SER B 14 -4.07 8.39 -5.34
C SER B 14 -4.69 8.43 -3.90
N ASP B 15 -3.90 8.86 -2.90
CA ASP B 15 -4.32 8.87 -1.47
C ASP B 15 -5.40 9.98 -1.16
N LYS B 16 -6.29 9.72 -0.19
CA LYS B 16 -7.07 10.79 0.51
C LYS B 16 -6.18 11.48 1.61
N ASN B 17 -6.46 11.24 2.91
CA ASN B 17 -6.10 12.19 4.01
C ASN B 17 -4.56 12.24 4.32
N ASN B 18 -3.82 11.19 3.91
CA ASN B 18 -2.34 11.09 4.16
C ASN B 18 -1.96 11.01 5.68
N ASP B 19 -2.24 9.86 6.33
CA ASP B 19 -1.55 9.43 7.58
C ASP B 19 -0.28 8.53 7.31
N GLY B 20 0.14 8.38 6.04
CA GLY B 20 1.50 7.87 5.69
C GLY B 20 1.56 6.36 5.25
N ARG B 21 0.45 5.64 5.36
CA ARG B 21 0.43 4.14 5.31
C ARG B 21 -0.97 3.53 4.89
N ILE B 22 -0.96 2.46 4.08
CA ILE B 22 -2.17 1.99 3.33
C ILE B 22 -2.72 0.65 3.95
N ASP B 23 -4.01 0.61 4.31
CA ASP B 23 -4.70 -0.62 4.80
C ASP B 23 -5.52 -1.35 3.68
N PHE B 24 -6.14 -2.50 4.01
CA PHE B 24 -6.61 -3.50 3.00
C PHE B 24 -7.75 -2.92 2.09
N ASP B 25 -8.62 -2.06 2.66
CA ASP B 25 -9.46 -1.10 1.88
C ASP B 25 -8.70 -0.42 0.70
N GLU B 26 -7.88 0.61 1.04
CA GLU B 26 -6.97 1.30 0.08
C GLU B 26 -6.15 0.37 -0.88
N PHE B 27 -5.96 -0.93 -0.58
CA PHE B 27 -5.52 -1.94 -1.60
C PHE B 27 -6.57 -2.13 -2.75
N LEU B 28 -7.81 -2.50 -2.38
CA LEU B 28 -8.90 -2.82 -3.37
C LEU B 28 -9.20 -1.61 -4.33
N LYS B 29 -8.86 -0.38 -3.89
CA LYS B 29 -8.93 0.84 -4.76
C LYS B 29 -7.55 1.06 -5.46
N MET B 30 -6.43 0.75 -4.78
CA MET B 30 -5.07 0.69 -5.40
C MET B 30 -4.94 -0.33 -6.59
N MET B 31 -5.93 -1.23 -6.75
CA MET B 31 -6.27 -1.89 -8.04
C MET B 31 -7.28 -1.00 -8.86
N GLU B 32 -8.43 -0.65 -8.26
CA GLU B 32 -9.67 -0.28 -9.00
C GLU B 32 -9.71 1.22 -9.46
N GLY B 33 -8.81 2.06 -8.92
CA GLY B 33 -8.90 3.55 -9.05
C GLY B 33 -8.79 4.09 -10.52
N VAL B 34 -7.58 4.50 -10.94
CA VAL B 34 -7.36 5.44 -12.09
C VAL B 34 -7.71 4.69 -13.43
N GLN B 35 -8.89 4.97 -14.00
CA GLN B 35 -9.53 4.11 -15.05
C GLN B 35 -10.42 4.95 -16.04
N NH2 B 36 -11.72 5.10 -15.74
HN1 NH2 B 36 -12.11 4.64 -14.91
HN2 NH2 B 36 -12.32 5.68 -16.33
C ACE A 1 -19.13 -12.67 3.22
O ACE A 1 -18.93 -11.49 2.94
CH3 ACE A 1 -20.27 -13.09 4.21
H1 ACE A 1 -21.03 -13.65 3.67
H2 ACE A 1 -19.86 -13.66 5.04
H3 ACE A 1 -20.72 -12.16 4.59
N LYS A 2 -18.44 -13.66 2.62
CA LYS A 2 -17.50 -13.43 1.47
C LYS A 2 -16.16 -12.80 1.98
N SER A 3 -15.06 -13.58 1.97
CA SER A 3 -13.89 -13.36 2.87
C SER A 3 -12.62 -12.84 2.08
N GLU A 4 -11.41 -13.10 2.61
CA GLU A 4 -10.17 -12.37 2.22
C GLU A 4 -8.95 -13.33 2.04
N GLU A 5 -9.21 -14.62 1.74
CA GLU A 5 -8.23 -15.73 1.95
C GLU A 5 -6.82 -15.46 1.30
N GLU A 6 -6.77 -15.32 -0.04
CA GLU A 6 -5.49 -15.26 -0.80
C GLU A 6 -4.98 -13.79 -1.08
N LEU A 7 -5.89 -12.80 -1.02
CA LEU A 7 -5.54 -11.34 -0.91
C LEU A 7 -4.97 -10.99 0.52
N ALA A 8 -5.34 -11.77 1.55
CA ALA A 8 -4.67 -11.73 2.88
C ALA A 8 -3.24 -12.40 2.92
N ASN A 9 -3.13 -13.64 2.42
CA ASN A 9 -1.82 -14.25 2.01
C ASN A 9 -0.94 -13.29 1.14
N ALA A 10 -1.53 -12.65 0.13
CA ALA A 10 -0.82 -11.68 -0.77
C ALA A 10 -0.50 -10.29 -0.13
N PHE A 11 -1.46 -9.73 0.64
CA PHE A 11 -1.28 -8.43 1.37
C PHE A 11 -0.26 -8.55 2.56
N ARG A 12 -0.20 -9.72 3.19
CA ARG A 12 0.87 -10.09 4.17
C ARG A 12 2.23 -10.44 3.49
N ILE A 13 2.20 -11.13 2.34
CA ILE A 13 3.43 -11.42 1.53
C ILE A 13 4.15 -10.07 1.13
N PHE A 14 3.36 -9.03 0.83
CA PHE A 14 3.90 -7.65 0.58
C PHE A 14 4.60 -7.09 1.87
N ASP A 15 3.82 -6.60 2.84
CA ASP A 15 4.35 -6.08 4.15
C ASP A 15 5.37 -7.05 4.84
N LYS A 16 6.68 -6.75 4.73
CA LYS A 16 7.78 -7.72 4.99
C LYS A 16 8.05 -7.81 6.54
N ASN A 17 7.07 -7.44 7.38
CA ASN A 17 7.07 -7.76 8.85
C ASN A 17 5.64 -8.00 9.46
N ALA A 18 4.62 -7.28 8.96
CA ALA A 18 3.19 -7.73 9.01
C ALA A 18 2.46 -7.45 10.36
N ASP A 19 2.45 -6.18 10.81
CA ASP A 19 1.39 -5.63 11.72
C ASP A 19 0.02 -5.40 11.01
N GLY A 20 -0.06 -5.58 9.67
CA GLY A 20 -1.34 -5.58 8.90
C GLY A 20 -1.67 -4.24 8.15
N TYR A 21 -0.70 -3.31 8.06
CA TYR A 21 -0.83 -2.04 7.29
C TYR A 21 0.16 -2.00 6.07
N ILE A 22 -0.06 -1.06 5.13
CA ILE A 22 0.97 -0.62 4.14
C ILE A 22 1.54 0.79 4.53
N ASP A 23 2.71 1.17 4.00
CA ASP A 23 3.35 2.50 4.24
C ASP A 23 3.91 3.16 2.92
N ILE A 24 4.24 4.46 2.97
CA ILE A 24 4.65 5.25 1.77
C ILE A 24 6.14 4.94 1.39
N GLU A 25 6.97 4.52 2.36
CA GLU A 25 8.34 3.97 2.10
C GLU A 25 8.34 2.57 1.39
N GLU A 26 7.35 1.72 1.73
CA GLU A 26 7.14 0.38 1.07
C GLU A 26 6.58 0.47 -0.39
N LEU A 27 5.91 1.59 -0.73
CA LEU A 27 5.13 1.74 -2.01
C LEU A 27 6.05 1.57 -3.26
N GLY A 28 7.31 2.02 -3.17
CA GLY A 28 8.28 2.00 -4.32
C GLY A 28 9.04 0.64 -4.52
N GLU A 29 9.23 -0.13 -3.44
CA GLU A 29 9.75 -1.54 -3.49
C GLU A 29 8.68 -2.61 -3.88
N ILE A 30 7.44 -2.47 -3.36
CA ILE A 30 6.22 -3.10 -3.97
C ILE A 30 6.27 -2.97 -5.52
N LEU A 31 6.22 -1.73 -6.05
CA LEU A 31 5.93 -1.44 -7.48
C LEU A 31 7.21 -1.62 -8.38
N ARG A 32 8.40 -1.74 -7.75
CA ARG A 32 9.67 -2.07 -8.46
C ARG A 32 10.31 -3.39 -7.88
N ALA A 33 9.46 -4.33 -7.42
CA ALA A 33 9.89 -5.74 -7.13
C ALA A 33 9.75 -6.73 -8.35
N THR A 34 10.41 -7.90 -8.27
CA THR A 34 10.13 -9.06 -9.17
C THR A 34 10.09 -10.38 -8.33
N GLY A 35 8.87 -10.79 -7.90
CA GLY A 35 8.62 -12.16 -7.36
C GLY A 35 7.13 -12.65 -7.43
N NH2 A 36 6.87 -13.72 -8.21
HN1 NH2 A 36 7.64 -14.21 -8.69
HN2 NH2 A 36 5.90 -14.06 -8.32
C ACE B 1 13.99 10.80 -11.70
O ACE B 1 13.08 10.14 -12.21
CH3 ACE B 1 14.61 12.04 -12.44
H1 ACE B 1 14.28 12.95 -11.93
H2 ACE B 1 15.70 11.97 -12.45
H3 ACE B 1 14.24 12.05 -13.47
N VAL B 2 14.55 10.44 -10.53
CA VAL B 2 13.94 9.43 -9.60
C VAL B 2 14.56 9.62 -8.18
N THR B 3 13.71 9.85 -7.15
CA THR B 3 14.09 9.66 -5.71
C THR B 3 12.86 9.09 -4.92
N GLU B 4 12.90 9.18 -3.58
CA GLU B 4 11.66 9.18 -2.73
C GLU B 4 10.67 10.36 -3.05
N GLU B 5 11.15 11.39 -3.78
CA GLU B 5 10.32 12.57 -4.17
C GLU B 5 9.10 12.23 -5.10
N ASP B 6 9.28 11.24 -6.01
CA ASP B 6 8.24 10.83 -6.99
C ASP B 6 7.14 9.89 -6.36
N ILE B 7 7.56 8.98 -5.46
CA ILE B 7 6.61 8.20 -4.60
C ILE B 7 5.72 9.17 -3.74
N GLU B 8 6.35 10.18 -3.11
CA GLU B 8 5.65 11.13 -2.18
C GLU B 8 4.60 12.05 -2.89
N ASP B 9 4.91 12.50 -4.12
CA ASP B 9 3.97 13.29 -4.98
C ASP B 9 2.77 12.42 -5.53
N LEU B 10 3.02 11.14 -5.83
CA LEU B 10 1.96 10.14 -6.12
C LEU B 10 0.91 9.98 -4.96
N MET B 11 1.39 9.83 -3.70
CA MET B 11 0.52 9.49 -2.53
C MET B 11 0.16 10.77 -1.69
N LYS B 12 0.36 11.98 -2.25
CA LYS B 12 -0.37 13.22 -1.85
C LYS B 12 -1.49 13.54 -2.90
N ASP B 13 -1.24 13.23 -4.20
CA ASP B 13 -2.23 13.48 -5.29
C ASP B 13 -3.50 12.58 -5.17
N SER B 14 -3.32 11.30 -4.81
CA SER B 14 -4.45 10.33 -4.59
C SER B 14 -5.03 10.38 -3.13
N ASP B 15 -4.16 10.66 -2.14
CA ASP B 15 -4.41 10.28 -0.70
C ASP B 15 -5.33 11.29 0.05
N LYS B 16 -6.59 10.92 0.31
CA LYS B 16 -7.42 11.48 1.42
C LYS B 16 -7.88 10.33 2.39
N ASN B 17 -7.09 9.23 2.45
CA ASN B 17 -7.14 8.23 3.56
C ASN B 17 -6.34 8.67 4.86
N ASN B 18 -6.04 9.97 4.98
CA ASN B 18 -5.07 10.53 5.97
C ASN B 18 -3.60 10.01 5.74
N ASP B 19 -2.72 10.88 5.20
CA ASP B 19 -1.51 10.48 4.43
C ASP B 19 -0.53 9.58 5.25
N GLY B 20 -0.66 9.57 6.59
CA GLY B 20 0.20 8.72 7.49
C GLY B 20 0.47 7.27 6.98
N ARG B 21 -0.60 6.48 6.73
CA ARG B 21 -0.52 5.02 6.49
C ARG B 21 -1.80 4.39 5.80
N ILE B 22 -1.63 3.27 5.09
CA ILE B 22 -2.72 2.56 4.35
C ILE B 22 -3.13 1.25 5.10
N ASP B 23 -4.33 0.71 4.81
CA ASP B 23 -4.79 -0.62 5.32
C ASP B 23 -5.51 -1.49 4.22
N PHE B 24 -6.05 -2.66 4.59
CA PHE B 24 -6.43 -3.74 3.64
C PHE B 24 -7.58 -3.30 2.66
N ASP B 25 -8.47 -2.40 3.12
CA ASP B 25 -9.45 -1.68 2.24
C ASP B 25 -8.73 -1.08 0.97
N GLU B 26 -8.15 0.14 1.19
CA GLU B 26 -7.21 0.83 0.26
C GLU B 26 -6.40 -0.15 -0.66
N PHE B 27 -6.01 -1.34 -0.17
CA PHE B 27 -5.35 -2.39 -1.01
C PHE B 27 -6.27 -2.82 -2.23
N LEU B 28 -7.50 -3.26 -1.92
CA LEU B 28 -8.57 -3.58 -2.93
C LEU B 28 -8.77 -2.39 -3.94
N LYS B 29 -8.73 -1.14 -3.46
CA LYS B 29 -9.11 0.07 -4.27
C LYS B 29 -7.88 0.53 -5.13
N MET B 30 -6.67 0.36 -4.60
CA MET B 30 -5.40 0.77 -5.31
C MET B 30 -4.89 -0.28 -6.37
N MET B 31 -5.28 -1.56 -6.21
CA MET B 31 -4.91 -2.65 -7.18
C MET B 31 -5.99 -2.75 -8.31
N GLU B 32 -7.25 -2.39 -8.01
CA GLU B 32 -8.37 -2.44 -8.99
C GLU B 32 -8.56 -1.12 -9.81
N GLY B 33 -8.24 0.04 -9.21
CA GLY B 33 -7.96 1.31 -9.95
C GLY B 33 -9.20 2.23 -10.20
N VAL B 34 -9.45 3.21 -9.31
CA VAL B 34 -10.49 4.26 -9.50
C VAL B 34 -9.80 5.54 -10.10
N GLN B 35 -10.54 6.65 -10.21
CA GLN B 35 -9.97 8.04 -10.30
C GLN B 35 -8.60 8.16 -9.55
N NH2 B 36 -8.63 8.45 -8.24
HN1 NH2 B 36 -9.53 8.56 -7.76
HN2 NH2 B 36 -7.75 8.56 -7.71
C ACE A 1 -18.06 -10.74 -3.02
O ACE A 1 -17.33 -11.01 -3.98
CH3 ACE A 1 -19.41 -11.50 -2.78
H1 ACE A 1 -19.33 -12.07 -1.87
H2 ACE A 1 -20.24 -10.81 -2.76
H3 ACE A 1 -19.53 -12.20 -3.62
N LYS A 2 -17.69 -9.82 -2.10
CA LYS A 2 -16.31 -9.25 -2.03
C LYS A 2 -15.34 -10.26 -1.32
N SER A 3 -14.46 -10.92 -2.10
CA SER A 3 -13.60 -12.04 -1.61
C SER A 3 -12.38 -11.53 -0.75
N GLU A 4 -12.37 -11.84 0.56
CA GLU A 4 -11.39 -11.26 1.53
C GLU A 4 -9.99 -11.99 1.47
N GLU A 5 -9.97 -13.25 1.01
CA GLU A 5 -8.88 -14.22 1.35
C GLU A 5 -7.50 -13.90 0.66
N GLU A 6 -7.48 -13.81 -0.67
CA GLU A 6 -6.27 -13.38 -1.45
C GLU A 6 -5.70 -11.99 -1.03
N LEU A 7 -6.57 -10.95 -0.96
CA LEU A 7 -6.21 -9.60 -0.42
C LEU A 7 -5.53 -9.70 1.00
N ALA A 8 -6.00 -10.65 1.84
CA ALA A 8 -5.41 -10.91 3.19
C ALA A 8 -3.99 -11.61 3.15
N ASN A 9 -3.91 -12.81 2.56
CA ASN A 9 -2.61 -13.49 2.25
C ASN A 9 -1.53 -12.52 1.67
N ALA A 10 -1.89 -11.71 0.66
CA ALA A 10 -0.98 -10.70 0.03
C ALA A 10 -0.57 -9.51 0.97
N PHE A 11 -1.51 -9.03 1.81
CA PHE A 11 -1.30 -7.84 2.70
C PHE A 11 -0.32 -8.16 3.88
N ARG A 12 -0.31 -9.42 4.36
CA ARG A 12 0.69 -9.93 5.34
C ARG A 12 2.09 -10.25 4.68
N ILE A 13 2.08 -10.79 3.45
CA ILE A 13 3.33 -11.14 2.70
C ILE A 13 4.17 -9.85 2.39
N PHE A 14 3.50 -8.69 2.30
CA PHE A 14 4.16 -7.35 2.14
C PHE A 14 4.75 -6.87 3.51
N ASP A 15 3.95 -6.96 4.60
CA ASP A 15 4.26 -6.27 5.89
C ASP A 15 5.43 -6.95 6.68
N LYS A 16 6.66 -6.44 6.55
CA LYS A 16 7.90 -7.12 7.02
C LYS A 16 8.29 -6.57 8.44
N ASN A 17 7.30 -6.07 9.21
CA ASN A 17 7.42 -5.89 10.69
C ASN A 17 6.23 -6.50 11.53
N ALA A 18 5.01 -6.40 11.01
CA ALA A 18 3.89 -7.35 11.33
C ALA A 18 3.17 -7.09 12.71
N ASP A 19 2.93 -5.81 13.04
CA ASP A 19 1.85 -5.39 13.99
C ASP A 19 0.41 -5.71 13.43
N GLY A 20 0.28 -5.82 12.11
CA GLY A 20 -1.06 -5.83 11.41
C GLY A 20 -1.14 -4.93 10.13
N TYR A 21 -0.53 -3.73 10.16
CA TYR A 21 -0.85 -2.61 9.21
C TYR A 21 0.45 -1.95 8.64
N ILE A 22 0.32 -1.19 7.53
CA ILE A 22 1.44 -0.75 6.65
C ILE A 22 1.76 0.77 6.91
N ASP A 23 3.04 1.18 6.75
CA ASP A 23 3.49 2.57 7.02
C ASP A 23 4.27 3.20 5.80
N ILE A 24 4.45 4.53 5.80
CA ILE A 24 5.08 5.29 4.68
C ILE A 24 6.59 4.89 4.54
N GLU A 25 7.21 4.38 5.62
CA GLU A 25 8.59 3.80 5.59
C GLU A 25 8.66 2.35 4.99
N GLU A 26 7.63 1.52 5.26
CA GLU A 26 7.50 0.14 4.68
C GLU A 26 7.23 0.12 3.14
N LEU A 27 6.63 1.21 2.59
CA LEU A 27 6.12 1.26 1.19
C LEU A 27 7.28 1.13 0.14
N GLY A 28 8.25 2.06 0.18
CA GLY A 28 9.46 2.02 -0.71
C GLY A 28 10.23 0.65 -0.75
N GLU A 29 10.31 -0.04 0.41
CA GLU A 29 11.06 -1.33 0.53
C GLU A 29 10.28 -2.58 0.00
N ILE A 30 8.94 -2.49 -0.07
CA ILE A 30 8.10 -3.30 -1.01
C ILE A 30 8.56 -3.08 -2.50
N LEU A 31 8.36 -1.86 -3.02
CA LEU A 31 8.49 -1.55 -4.48
C LEU A 31 9.98 -1.62 -4.97
N ARG A 32 10.94 -1.52 -4.03
CA ARG A 32 12.40 -1.61 -4.35
C ARG A 32 13.12 -2.63 -3.39
N ALA A 33 12.38 -3.64 -2.90
CA ALA A 33 12.97 -4.86 -2.26
C ALA A 33 14.08 -5.58 -3.12
N THR A 34 13.66 -6.49 -4.03
CA THR A 34 14.60 -7.35 -4.81
C THR A 34 15.02 -6.62 -6.13
N GLY A 35 16.29 -6.79 -6.55
CA GLY A 35 16.75 -6.39 -7.92
C GLY A 35 17.04 -7.60 -8.90
N NH2 A 36 18.14 -7.53 -9.66
HN1 NH2 A 36 18.75 -6.70 -9.61
HN2 NH2 A 36 18.38 -8.30 -10.29
C ACE B 1 12.17 6.43 -13.00
O ACE B 1 12.71 5.57 -12.30
CH3 ACE B 1 13.00 7.28 -14.04
H1 ACE B 1 12.75 6.93 -15.05
H2 ACE B 1 12.80 8.33 -13.91
H3 ACE B 1 14.07 7.07 -13.85
N VAL B 2 10.85 6.66 -12.95
CA VAL B 2 9.96 6.13 -11.87
C VAL B 2 10.70 6.28 -10.49
N THR B 3 10.60 7.46 -9.86
CA THR B 3 11.45 7.85 -8.69
C THR B 3 10.54 8.02 -7.41
N GLU B 4 11.10 8.62 -6.34
CA GLU B 4 10.44 8.66 -5.00
C GLU B 4 9.29 9.73 -4.88
N GLU B 5 9.33 10.77 -5.73
CA GLU B 5 8.22 11.77 -5.86
C GLU B 5 6.90 11.18 -6.48
N ASP B 6 7.01 10.04 -7.19
CA ASP B 6 5.83 9.21 -7.59
C ASP B 6 5.18 8.46 -6.38
N ILE B 7 6.01 7.85 -5.50
CA ILE B 7 5.55 7.30 -4.19
C ILE B 7 4.76 8.39 -3.39
N GLU B 8 5.39 9.56 -3.15
CA GLU B 8 4.84 10.64 -2.27
C GLU B 8 3.51 11.27 -2.82
N ASP B 9 3.40 11.42 -4.16
CA ASP B 9 2.11 11.75 -4.85
C ASP B 9 1.02 10.63 -4.67
N LEU B 10 1.45 9.36 -4.68
CA LEU B 10 0.53 8.18 -4.52
C LEU B 10 -0.11 8.08 -3.10
N MET B 11 0.70 8.24 -2.04
CA MET B 11 0.26 8.04 -0.62
C MET B 11 -0.44 9.32 -0.04
N LYS B 12 -0.21 10.49 -0.65
CA LYS B 12 -0.90 11.77 -0.30
C LYS B 12 -2.29 11.84 -1.05
N ASP B 13 -2.33 11.40 -2.31
CA ASP B 13 -3.59 11.35 -3.12
C ASP B 13 -4.62 10.31 -2.55
N SER B 14 -4.14 9.10 -2.20
CA SER B 14 -4.97 8.06 -1.52
C SER B 14 -5.42 8.49 -0.07
N ASP B 15 -4.46 8.80 0.82
CA ASP B 15 -4.73 9.20 2.23
C ASP B 15 -5.64 10.49 2.32
N LYS B 16 -6.38 10.65 3.43
CA LYS B 16 -7.32 11.79 3.64
C LYS B 16 -6.60 12.93 4.46
N ASN B 17 -7.17 13.34 5.61
CA ASN B 17 -6.56 14.38 6.50
C ASN B 17 -5.25 13.91 7.22
N ASN B 18 -4.74 12.71 6.90
CA ASN B 18 -3.36 12.26 7.26
C ASN B 18 -3.16 12.05 8.81
N ASP B 19 -3.59 10.89 9.34
CA ASP B 19 -3.31 10.48 10.75
C ASP B 19 -1.89 9.84 10.93
N GLY B 20 -1.45 9.03 9.96
CA GLY B 20 0.00 8.70 9.74
C GLY B 20 0.30 7.21 9.31
N ARG B 21 -0.75 6.43 9.03
CA ARG B 21 -0.62 5.00 8.64
C ARG B 21 -1.65 4.54 7.52
N ILE B 22 -1.42 3.35 6.93
CA ILE B 22 -2.47 2.58 6.19
C ILE B 22 -2.77 1.23 6.93
N ASP B 23 -4.06 0.90 7.19
CA ASP B 23 -4.48 -0.45 7.68
C ASP B 23 -5.50 -1.15 6.73
N PHE B 24 -5.90 -2.40 7.03
CA PHE B 24 -6.40 -3.38 6.01
C PHE B 24 -7.66 -2.84 5.25
N ASP B 25 -8.51 -2.06 5.93
CA ASP B 25 -9.50 -1.15 5.30
C ASP B 25 -8.92 -0.31 4.11
N GLU B 26 -8.17 0.77 4.46
CA GLU B 26 -7.36 1.58 3.49
C GLU B 26 -6.70 0.73 2.34
N PHE B 27 -6.35 -0.55 2.57
CA PHE B 27 -5.86 -1.46 1.48
C PHE B 27 -6.96 -1.69 0.38
N LEU B 28 -8.19 -2.06 0.81
CA LEU B 28 -9.33 -2.37 -0.12
C LEU B 28 -9.74 -1.13 -0.99
N LYS B 29 -9.42 0.09 -0.51
CA LYS B 29 -9.60 1.34 -1.31
C LYS B 29 -8.30 1.61 -2.15
N MET B 30 -7.12 1.62 -1.49
CA MET B 30 -5.80 1.81 -2.18
C MET B 30 -5.66 1.03 -3.53
N MET B 31 -6.14 -0.23 -3.57
CA MET B 31 -6.11 -1.08 -4.81
C MET B 31 -7.49 -1.02 -5.55
N GLU B 32 -8.60 -1.29 -4.84
CA GLU B 32 -9.95 -1.58 -5.43
C GLU B 32 -11.09 -0.68 -4.85
N GLY B 33 -10.79 0.59 -4.53
CA GLY B 33 -11.82 1.66 -4.32
C GLY B 33 -12.59 2.11 -5.61
N VAL B 34 -13.66 2.90 -5.45
CA VAL B 34 -14.70 3.11 -6.50
C VAL B 34 -14.22 4.28 -7.44
N GLN B 35 -14.79 4.36 -8.66
CA GLN B 35 -14.49 5.45 -9.64
C GLN B 35 -15.73 5.83 -10.52
N NH2 B 36 -15.88 5.20 -11.69
HN1 NH2 B 36 -15.17 4.52 -12.00
HN2 NH2 B 36 -16.70 5.39 -12.29
C ACE A 1 -18.54 -13.75 -1.03
O ACE A 1 -17.48 -13.57 -1.65
CH3 ACE A 1 -19.59 -14.81 -1.51
H1 ACE A 1 -19.65 -15.61 -0.77
H2 ACE A 1 -20.56 -14.35 -1.69
H3 ACE A 1 -19.21 -15.24 -2.45
N LYS A 2 -18.86 -13.00 0.04
CA LYS A 2 -17.97 -11.93 0.59
C LYS A 2 -16.96 -12.54 1.62
N SER A 3 -15.76 -12.94 1.16
CA SER A 3 -14.68 -13.49 2.03
C SER A 3 -13.36 -12.63 1.98
N GLU A 4 -12.51 -12.74 3.02
CA GLU A 4 -11.22 -11.99 3.12
C GLU A 4 -10.02 -12.92 3.50
N GLU A 5 -10.10 -14.22 3.16
CA GLU A 5 -9.03 -15.22 3.48
C GLU A 5 -7.63 -14.86 2.87
N GLU A 6 -7.56 -14.66 1.54
CA GLU A 6 -6.27 -14.58 0.78
C GLU A 6 -5.71 -13.13 0.65
N LEU A 7 -6.57 -12.10 0.79
CA LEU A 7 -6.16 -10.68 0.93
C LEU A 7 -5.74 -10.32 2.40
N ALA A 8 -6.20 -11.12 3.38
CA ALA A 8 -5.68 -11.08 4.78
C ALA A 8 -4.30 -11.82 4.99
N ASN A 9 -4.14 -13.01 4.40
CA ASN A 9 -2.80 -13.62 4.10
C ASN A 9 -1.88 -12.67 3.24
N ALA A 10 -2.46 -11.95 2.27
CA ALA A 10 -1.71 -11.03 1.36
C ALA A 10 -1.27 -9.67 2.03
N PHE A 11 -2.20 -8.99 2.73
CA PHE A 11 -1.91 -7.74 3.51
C PHE A 11 -0.94 -8.00 4.71
N ARG A 12 -1.05 -9.18 5.36
CA ARG A 12 -0.08 -9.68 6.38
C ARG A 12 1.33 -10.00 5.78
N ILE A 13 1.38 -10.74 4.67
CA ILE A 13 2.65 -11.31 4.10
C ILE A 13 3.58 -10.17 3.57
N PHE A 14 2.97 -9.07 3.06
CA PHE A 14 3.67 -7.77 2.81
C PHE A 14 4.33 -7.24 4.14
N ASP A 15 3.52 -6.93 5.15
CA ASP A 15 3.96 -6.20 6.39
C ASP A 15 5.27 -6.80 7.00
N LYS A 16 6.15 -5.94 7.56
CA LYS A 16 7.50 -6.35 8.06
C LYS A 16 7.59 -6.05 9.60
N ASN A 17 6.49 -6.29 10.34
CA ASN A 17 6.49 -6.27 11.83
C ASN A 17 5.23 -6.90 12.51
N ALA A 18 4.09 -6.90 11.78
CA ALA A 18 2.92 -7.80 12.06
C ALA A 18 2.03 -7.39 13.30
N ASP A 19 1.78 -6.07 13.46
CA ASP A 19 0.61 -5.55 14.22
C ASP A 19 -0.63 -5.26 13.29
N GLY A 20 -0.58 -5.68 12.01
CA GLY A 20 -1.74 -5.59 11.08
C GLY A 20 -1.95 -4.17 10.43
N TYR A 21 -0.90 -3.35 10.35
CA TYR A 21 -0.89 -2.07 9.57
C TYR A 21 0.12 -2.13 8.37
N ILE A 22 0.06 -1.15 7.46
CA ILE A 22 1.02 -0.99 6.31
C ILE A 22 1.53 0.49 6.23
N ASP A 23 2.85 0.71 6.43
CA ASP A 23 3.43 2.07 6.63
C ASP A 23 3.95 2.72 5.29
N ILE A 24 4.15 4.05 5.27
CA ILE A 24 4.87 4.75 4.15
C ILE A 24 6.25 4.05 3.89
N GLU A 25 6.88 3.52 4.95
CA GLU A 25 8.26 2.94 4.88
C GLU A 25 8.33 1.52 4.24
N GLU A 26 7.19 0.81 4.19
CA GLU A 26 7.01 -0.40 3.31
C GLU A 26 6.99 -0.07 1.78
N LEU A 27 6.18 0.93 1.38
CA LEU A 27 5.86 1.27 -0.04
C LEU A 27 7.12 1.19 -0.98
N GLY A 28 7.90 2.29 -1.06
CA GLY A 28 8.91 2.50 -2.15
C GLY A 28 9.81 1.26 -2.49
N GLU A 29 10.24 0.51 -1.47
CA GLU A 29 11.11 -0.70 -1.63
C GLU A 29 10.34 -1.99 -2.08
N ILE A 30 9.09 -2.16 -1.61
CA ILE A 30 8.09 -3.07 -2.26
C ILE A 30 7.99 -2.74 -3.79
N LEU A 31 7.38 -1.60 -4.16
CA LEU A 31 6.97 -1.30 -5.57
C LEU A 31 8.19 -1.41 -6.56
N ARG A 32 9.42 -1.18 -6.05
CA ARG A 32 10.67 -1.27 -6.87
C ARG A 32 11.21 -2.75 -6.90
N ALA A 33 11.79 -3.21 -5.78
CA ALA A 33 12.80 -4.33 -5.79
C ALA A 33 12.22 -5.73 -6.18
N THR A 34 10.87 -5.87 -6.22
CA THR A 34 10.19 -7.18 -6.43
C THR A 34 10.59 -7.77 -7.82
N GLY A 35 11.29 -8.92 -7.84
CA GLY A 35 12.04 -9.41 -9.04
C GLY A 35 13.18 -10.45 -8.73
N NH2 A 36 13.17 -11.59 -9.43
HN1 NH2 A 36 12.48 -11.75 -10.17
HN2 NH2 A 36 13.88 -12.33 -9.22
C ACE B 1 10.75 9.94 -12.23
O ACE B 1 10.12 10.95 -11.90
CH3 ACE B 1 11.85 10.01 -13.36
H1 ACE B 1 12.83 9.93 -12.89
H2 ACE B 1 11.69 9.21 -14.07
H3 ACE B 1 11.76 10.98 -13.85
N VAL B 2 10.58 8.76 -11.59
CA VAL B 2 9.91 8.64 -10.27
C VAL B 2 10.97 8.94 -9.14
N THR B 3 10.83 10.08 -8.45
CA THR B 3 11.77 10.49 -7.35
C THR B 3 11.07 10.31 -5.96
N GLU B 4 11.74 10.74 -4.87
CA GLU B 4 11.11 10.85 -3.51
C GLU B 4 9.86 11.79 -3.46
N GLU B 5 9.90 12.92 -4.20
CA GLU B 5 8.84 13.98 -4.15
C GLU B 5 7.47 13.52 -4.76
N ASP B 6 7.50 12.87 -5.93
CA ASP B 6 6.31 12.17 -6.52
C ASP B 6 5.72 11.08 -5.55
N ILE B 7 6.59 10.32 -4.86
CA ILE B 7 6.17 9.31 -3.84
C ILE B 7 5.36 10.01 -2.68
N GLU B 8 6.01 10.95 -1.96
CA GLU B 8 5.42 11.57 -0.74
C GLU B 8 4.15 12.44 -1.01
N ASP B 9 4.04 13.03 -2.22
CA ASP B 9 2.82 13.75 -2.71
C ASP B 9 1.65 12.76 -3.08
N LEU B 10 1.98 11.54 -3.52
CA LEU B 10 0.98 10.46 -3.77
C LEU B 10 0.37 9.83 -2.47
N MET B 11 1.24 9.47 -1.49
CA MET B 11 0.80 8.95 -0.15
C MET B 11 -0.01 10.03 0.66
N LYS B 12 0.43 11.30 0.62
CA LYS B 12 -0.14 12.40 1.46
C LYS B 12 -1.44 12.97 0.78
N ASP B 13 -1.61 12.80 -0.55
CA ASP B 13 -2.94 12.95 -1.22
C ASP B 13 -3.95 11.81 -0.79
N SER B 14 -3.51 10.54 -0.81
CA SER B 14 -4.42 9.37 -0.71
C SER B 14 -5.08 9.21 0.70
N ASP B 15 -4.34 9.56 1.78
CA ASP B 15 -4.74 9.27 3.18
C ASP B 15 -5.91 10.22 3.69
N LYS B 16 -6.61 9.81 4.76
CA LYS B 16 -7.47 10.73 5.56
C LYS B 16 -6.58 11.82 6.25
N ASN B 17 -6.80 12.12 7.55
CA ASN B 17 -6.24 13.34 8.21
C ASN B 17 -4.69 13.28 8.44
N ASN B 18 -4.02 12.24 7.90
CA ASN B 18 -2.53 12.20 7.78
C ASN B 18 -1.78 12.04 9.15
N ASP B 19 -2.08 10.97 9.90
CA ASP B 19 -1.18 10.44 10.97
C ASP B 19 0.14 9.80 10.39
N GLY B 20 0.01 8.82 9.47
CA GLY B 20 1.15 8.28 8.68
C GLY B 20 0.90 6.87 8.02
N ARG B 21 -0.03 6.07 8.60
CA ARG B 21 -0.14 4.60 8.36
C ARG B 21 -1.45 4.18 7.60
N ILE B 22 -1.44 3.01 6.94
CA ILE B 22 -2.62 2.45 6.22
C ILE B 22 -3.20 1.22 7.00
N ASP B 23 -4.52 1.01 6.96
CA ASP B 23 -5.20 -0.18 7.56
C ASP B 23 -5.76 -1.17 6.48
N PHE B 24 -6.51 -2.21 6.89
CA PHE B 24 -6.93 -3.33 5.99
C PHE B 24 -8.01 -2.88 4.95
N ASP B 25 -8.99 -2.06 5.39
CA ASP B 25 -9.85 -1.27 4.48
C ASP B 25 -9.07 -0.59 3.30
N GLU B 26 -8.40 0.56 3.62
CA GLU B 26 -7.51 1.28 2.68
C GLU B 26 -6.65 0.36 1.74
N PHE B 27 -6.26 -0.86 2.16
CA PHE B 27 -5.62 -1.87 1.25
C PHE B 27 -6.54 -2.23 0.02
N LEU B 28 -7.78 -2.66 0.29
CA LEU B 28 -8.81 -2.96 -0.75
C LEU B 28 -9.01 -1.75 -1.73
N LYS B 29 -8.91 -0.51 -1.21
CA LYS B 29 -9.05 0.74 -2.03
C LYS B 29 -7.70 1.01 -2.80
N MET B 30 -6.57 1.05 -2.08
CA MET B 30 -5.21 1.13 -2.68
C MET B 30 -4.96 0.15 -3.87
N MET B 31 -5.77 -0.93 -3.98
CA MET B 31 -5.70 -1.90 -5.11
C MET B 31 -6.71 -1.50 -6.24
N GLU B 32 -8.02 -1.67 -5.99
CA GLU B 32 -9.08 -1.60 -7.05
C GLU B 32 -9.46 -0.13 -7.46
N GLY B 33 -9.19 0.85 -6.58
CA GLY B 33 -9.70 2.25 -6.74
C GLY B 33 -9.42 2.92 -8.13
N VAL B 34 -8.30 3.65 -8.25
CA VAL B 34 -7.96 4.47 -9.46
C VAL B 34 -6.70 3.84 -10.15
N GLN B 35 -6.86 3.37 -11.41
CA GLN B 35 -5.71 2.96 -12.27
C GLN B 35 -5.23 4.12 -13.21
N NH2 B 36 -4.14 4.83 -12.82
HN1 NH2 B 36 -3.70 4.62 -11.93
HN2 NH2 B 36 -3.77 5.57 -13.43
C ACE A 1 -17.93 -15.89 -0.24
O ACE A 1 -18.50 -14.90 -0.74
CH3 ACE A 1 -18.49 -17.34 -0.47
H1 ACE A 1 -17.77 -17.90 -1.05
H2 ACE A 1 -18.70 -17.81 0.48
H3 ACE A 1 -19.42 -17.25 -1.05
N LYS A 2 -16.79 -15.76 0.44
CA LYS A 2 -16.33 -14.46 1.04
C LYS A 2 -15.28 -13.77 0.10
N SER A 3 -15.32 -12.43 0.00
CA SER A 3 -14.37 -11.64 -0.84
C SER A 3 -13.28 -10.91 0.01
N GLU A 4 -12.72 -11.59 1.02
CA GLU A 4 -11.91 -10.95 2.11
C GLU A 4 -10.71 -11.86 2.57
N GLU A 5 -10.91 -13.19 2.56
CA GLU A 5 -9.86 -14.17 2.98
C GLU A 5 -8.57 -14.13 2.09
N GLU A 6 -8.67 -13.57 0.87
CA GLU A 6 -7.55 -13.54 -0.12
C GLU A 6 -6.64 -12.26 -0.02
N LEU A 7 -7.26 -11.08 0.12
CA LEU A 7 -6.57 -9.83 0.59
C LEU A 7 -6.18 -9.92 2.12
N ALA A 8 -6.80 -10.85 2.86
CA ALA A 8 -6.37 -11.23 4.24
C ALA A 8 -4.95 -11.91 4.31
N ASN A 9 -4.81 -13.12 3.75
CA ASN A 9 -3.49 -13.72 3.36
C ASN A 9 -2.50 -12.67 2.75
N ALA A 10 -2.92 -11.94 1.70
CA ALA A 10 -2.09 -10.92 1.00
C ALA A 10 -1.64 -9.71 1.89
N PHE A 11 -2.55 -9.17 2.73
CA PHE A 11 -2.25 -8.06 3.68
C PHE A 11 -1.33 -8.51 4.86
N ARG A 12 -1.46 -9.78 5.30
CA ARG A 12 -0.53 -10.41 6.29
C ARG A 12 0.90 -10.70 5.69
N ILE A 13 0.96 -11.13 4.42
CA ILE A 13 2.20 -11.71 3.81
C ILE A 13 3.17 -10.57 3.33
N PHE A 14 2.60 -9.42 2.91
CA PHE A 14 3.36 -8.16 2.67
C PHE A 14 4.12 -7.71 3.96
N ASP A 15 3.51 -7.92 5.15
CA ASP A 15 4.05 -7.39 6.45
C ASP A 15 5.39 -8.08 6.88
N LYS A 16 6.19 -7.41 7.71
CA LYS A 16 7.29 -8.05 8.50
C LYS A 16 6.84 -8.20 10.00
N ASN A 17 6.66 -7.07 10.71
CA ASN A 17 6.67 -7.03 12.20
C ASN A 17 5.31 -7.49 12.88
N ALA A 18 4.17 -7.09 12.30
CA ALA A 18 2.87 -7.81 12.43
C ALA A 18 2.08 -7.49 13.76
N ASP A 19 1.78 -6.20 14.00
CA ASP A 19 0.64 -5.77 14.87
C ASP A 19 -0.63 -5.36 14.04
N GLY A 20 -0.74 -5.86 12.79
CA GLY A 20 -2.00 -5.76 11.97
C GLY A 20 -2.11 -4.46 11.09
N TYR A 21 -1.03 -3.67 11.01
CA TYR A 21 -0.99 -2.39 10.24
C TYR A 21 0.06 -2.44 9.06
N ILE A 22 -0.12 -1.60 8.03
CA ILE A 22 0.96 -1.24 7.05
C ILE A 22 1.47 0.22 7.33
N ASP A 23 2.80 0.43 7.22
CA ASP A 23 3.47 1.70 7.64
C ASP A 23 4.19 2.42 6.44
N ILE A 24 4.67 3.67 6.65
CA ILE A 24 5.27 4.52 5.59
C ILE A 24 6.68 3.97 5.18
N GLU A 25 7.40 3.35 6.13
CA GLU A 25 8.69 2.64 5.87
C GLU A 25 8.52 1.31 5.06
N GLU A 26 7.38 0.61 5.26
CA GLU A 26 6.97 -0.57 4.44
C GLU A 26 6.41 -0.20 3.02
N LEU A 27 5.96 1.05 2.84
CA LEU A 27 5.13 1.48 1.67
C LEU A 27 5.95 1.48 0.33
N GLY A 28 6.87 2.45 0.17
CA GLY A 28 7.93 2.40 -0.89
C GLY A 28 8.60 0.99 -1.09
N GLU A 29 8.61 0.15 -0.04
CA GLU A 29 9.35 -1.15 -0.03
C GLU A 29 8.62 -2.31 -0.80
N ILE A 30 7.30 -2.47 -0.56
CA ILE A 30 6.39 -3.24 -1.47
C ILE A 30 6.48 -2.68 -2.93
N LEU A 31 6.20 -1.37 -3.11
CA LEU A 31 6.05 -0.72 -4.45
C LEU A 31 7.45 -0.35 -5.07
N ARG A 32 8.55 -0.75 -4.41
CA ARG A 32 9.93 -0.71 -5.01
C ARG A 32 10.86 -1.77 -4.34
N ALA A 33 10.35 -2.99 -4.08
CA ALA A 33 11.16 -4.13 -3.57
C ALA A 33 12.61 -4.23 -4.16
N THR A 34 12.75 -4.74 -5.40
CA THR A 34 14.07 -5.17 -5.98
C THR A 34 14.65 -4.04 -6.89
N GLY A 35 15.93 -4.15 -7.28
CA GLY A 35 16.50 -3.44 -8.47
C GLY A 35 18.06 -3.54 -8.62
N NH2 A 36 18.80 -2.58 -8.03
HN1 NH2 A 36 18.34 -1.84 -7.48
HN2 NH2 A 36 19.83 -2.58 -8.13
C ACE B 1 9.89 8.43 -13.71
O ACE B 1 9.02 7.58 -13.48
CH3 ACE B 1 9.88 9.27 -15.03
H1 ACE B 1 9.58 10.29 -14.78
H2 ACE B 1 10.86 9.25 -15.50
H3 ACE B 1 9.14 8.83 -15.71
N VAL B 2 10.92 8.62 -12.86
CA VAL B 2 11.31 7.63 -11.80
C VAL B 2 11.95 8.41 -10.60
N THR B 3 11.14 8.76 -9.59
CA THR B 3 11.52 9.75 -8.53
C THR B 3 10.90 9.32 -7.15
N GLU B 4 11.49 9.78 -6.03
CA GLU B 4 10.89 9.64 -4.67
C GLU B 4 9.54 10.43 -4.50
N GLU B 5 9.44 11.63 -5.10
CA GLU B 5 8.23 12.51 -4.98
C GLU B 5 6.92 11.88 -5.55
N ASP B 6 7.04 10.77 -6.31
CA ASP B 6 5.87 10.00 -6.84
C ASP B 6 5.21 9.07 -5.77
N ILE B 7 6.05 8.34 -5.00
CA ILE B 7 5.59 7.62 -3.76
C ILE B 7 4.98 8.64 -2.73
N GLU B 8 5.62 9.81 -2.56
CA GLU B 8 5.19 10.86 -1.59
C GLU B 8 3.93 11.67 -2.04
N ASP B 9 3.74 11.84 -3.37
CA ASP B 9 2.47 12.31 -3.98
C ASP B 9 1.32 11.25 -3.91
N LEU B 10 1.67 9.95 -3.91
CA LEU B 10 0.70 8.83 -3.70
C LEU B 10 0.16 8.71 -2.23
N MET B 11 1.05 8.85 -1.24
CA MET B 11 0.67 8.94 0.21
C MET B 11 0.48 10.42 0.68
N LYS B 12 0.43 11.37 -0.28
CA LYS B 12 -0.17 12.73 -0.06
C LYS B 12 -1.69 12.71 -0.46
N ASP B 13 -2.03 12.07 -1.60
CA ASP B 13 -3.44 11.91 -2.05
C ASP B 13 -4.27 10.97 -1.10
N SER B 14 -3.70 9.81 -0.72
CA SER B 14 -4.39 8.79 0.13
C SER B 14 -4.54 9.24 1.63
N ASP B 15 -3.66 10.15 2.09
CA ASP B 15 -3.65 10.64 3.50
C ASP B 15 -4.95 11.46 3.86
N LYS B 16 -5.24 11.62 5.17
CA LYS B 16 -6.45 12.34 5.66
C LYS B 16 -6.03 13.60 6.49
N ASN B 17 -6.41 13.64 7.79
CA ASN B 17 -5.78 14.55 8.80
C ASN B 17 -4.40 14.01 9.36
N ASN B 18 -3.75 13.11 8.60
CA ASN B 18 -2.32 12.75 8.76
C ASN B 18 -2.04 11.81 9.99
N ASP B 19 -2.91 10.81 10.21
CA ASP B 19 -2.59 9.54 10.92
C ASP B 19 -1.90 8.48 9.98
N GLY B 20 -0.74 8.84 9.39
CA GLY B 20 -0.18 8.16 8.18
C GLY B 20 -0.21 6.59 8.23
N ARG B 21 -0.14 6.01 9.43
CA ARG B 21 -0.15 4.53 9.64
C ARG B 21 -1.49 3.83 9.20
N ILE B 22 -1.40 2.80 8.33
CA ILE B 22 -2.55 2.31 7.52
C ILE B 22 -3.08 0.95 8.10
N ASP B 23 -4.40 0.69 7.96
CA ASP B 23 -5.03 -0.63 8.30
C ASP B 23 -5.67 -1.32 7.04
N PHE B 24 -6.39 -2.45 7.24
CA PHE B 24 -6.92 -3.30 6.14
C PHE B 24 -7.85 -2.52 5.17
N ASP B 25 -8.65 -1.57 5.69
CA ASP B 25 -9.49 -0.65 4.87
C ASP B 25 -8.63 0.05 3.74
N GLU B 26 -7.96 1.18 4.16
CA GLU B 26 -6.88 1.87 3.42
C GLU B 26 -6.13 0.95 2.39
N PHE B 27 -5.88 -0.33 2.74
CA PHE B 27 -5.26 -1.32 1.80
C PHE B 27 -6.14 -1.57 0.53
N LEU B 28 -7.41 -1.92 0.73
CA LEU B 28 -8.40 -2.20 -0.37
C LEU B 28 -8.53 -0.97 -1.34
N LYS B 29 -8.37 0.25 -0.83
CA LYS B 29 -8.43 1.50 -1.66
C LYS B 29 -7.03 1.78 -2.31
N MET B 30 -5.95 1.68 -1.51
CA MET B 30 -4.55 1.91 -1.98
C MET B 30 -4.12 0.99 -3.19
N MET B 31 -4.68 -0.23 -3.28
CA MET B 31 -4.61 -1.09 -4.50
C MET B 31 -5.79 -0.73 -5.48
N GLU B 32 -7.03 -1.11 -5.13
CA GLU B 32 -8.18 -1.19 -6.08
C GLU B 32 -8.73 0.20 -6.54
N GLY B 33 -8.56 1.24 -5.70
CA GLY B 33 -8.79 2.66 -6.11
C GLY B 33 -8.32 3.03 -7.56
N VAL B 34 -9.27 3.26 -8.47
CA VAL B 34 -9.01 3.26 -9.95
C VAL B 34 -8.75 4.74 -10.42
N GLN B 35 -8.05 4.92 -11.55
CA GLN B 35 -7.97 6.23 -12.26
C GLN B 35 -9.36 6.71 -12.80
N NH2 B 36 -9.59 8.03 -12.87
HN1 NH2 B 36 -8.87 8.69 -12.55
HN2 NH2 B 36 -10.48 8.39 -13.25
C ACE A 1 -15.21 -18.06 0.21
O ACE A 1 -14.14 -18.53 0.60
CH3 ACE A 1 -16.57 -18.80 0.48
H1 ACE A 1 -17.18 -18.18 1.14
H2 ACE A 1 -17.07 -19.03 -0.45
H3 ACE A 1 -16.33 -19.74 1.01
N LYS A 2 -15.26 -16.88 -0.43
CA LYS A 2 -14.05 -16.13 -0.91
C LYS A 2 -14.41 -14.62 -1.14
N SER A 3 -13.98 -13.74 -0.23
CA SER A 3 -14.13 -12.25 -0.37
C SER A 3 -13.19 -11.45 0.60
N GLU A 4 -12.29 -12.15 1.30
CA GLU A 4 -11.52 -11.58 2.45
C GLU A 4 -10.19 -12.37 2.71
N GLU A 5 -10.25 -13.71 2.71
CA GLU A 5 -9.13 -14.60 3.15
C GLU A 5 -7.73 -14.18 2.58
N GLU A 6 -7.56 -14.22 1.25
CA GLU A 6 -6.21 -14.19 0.58
C GLU A 6 -5.67 -12.74 0.33
N LEU A 7 -6.54 -11.72 0.44
CA LEU A 7 -6.14 -10.29 0.59
C LEU A 7 -5.67 -9.97 2.07
N ALA A 8 -6.20 -10.71 3.05
CA ALA A 8 -5.69 -10.71 4.46
C ALA A 8 -4.24 -11.33 4.62
N ASN A 9 -4.09 -12.62 4.28
CA ASN A 9 -2.75 -13.27 4.08
C ASN A 9 -1.75 -12.37 3.25
N ALA A 10 -2.22 -11.79 2.13
CA ALA A 10 -1.46 -10.75 1.36
C ALA A 10 -1.12 -9.45 2.16
N PHE A 11 -2.03 -9.00 3.04
CA PHE A 11 -1.87 -7.73 3.82
C PHE A 11 -0.76 -7.85 4.92
N ARG A 12 -0.60 -9.05 5.51
CA ARG A 12 0.56 -9.38 6.42
C ARG A 12 1.87 -9.72 5.62
N ILE A 13 1.74 -10.35 4.44
CA ILE A 13 2.88 -10.84 3.62
C ILE A 13 3.69 -9.63 3.03
N PHE A 14 3.00 -8.52 2.72
CA PHE A 14 3.63 -7.17 2.58
C PHE A 14 4.37 -6.78 3.91
N ASP A 15 3.67 -6.84 5.06
CA ASP A 15 4.09 -6.14 6.31
C ASP A 15 5.36 -6.79 6.98
N LYS A 16 6.25 -5.96 7.54
CA LYS A 16 7.57 -6.42 8.09
C LYS A 16 7.31 -7.39 9.30
N ASN A 17 6.58 -6.92 10.33
CA ASN A 17 6.55 -7.56 11.68
C ASN A 17 5.10 -7.78 12.27
N ALA A 18 4.05 -7.51 11.49
CA ALA A 18 2.69 -8.10 11.69
C ALA A 18 2.00 -7.70 13.04
N ASP A 19 1.90 -6.39 13.32
CA ASP A 19 1.00 -5.83 14.37
C ASP A 19 -0.45 -5.54 13.84
N GLY A 20 -0.65 -5.65 12.51
CA GLY A 20 -1.98 -5.40 11.86
C GLY A 20 -1.98 -4.31 10.72
N TYR A 21 -0.95 -3.44 10.71
CA TYR A 21 -0.96 -2.15 9.94
C TYR A 21 0.07 -2.17 8.76
N ILE A 22 -0.09 -1.27 7.77
CA ILE A 22 0.96 -0.96 6.75
C ILE A 22 1.36 0.56 6.82
N ASP A 23 2.66 0.86 6.86
CA ASP A 23 3.20 2.22 7.22
C ASP A 23 3.83 2.97 5.99
N ILE A 24 4.27 4.23 6.19
CA ILE A 24 5.04 5.00 5.19
C ILE A 24 6.49 4.40 5.02
N GLU A 25 7.03 3.76 6.07
CA GLU A 25 8.36 3.09 6.03
C GLU A 25 8.40 1.79 5.14
N GLU A 26 7.30 1.01 5.16
CA GLU A 26 7.20 -0.30 4.43
C GLU A 26 7.03 -0.14 2.88
N LEU A 27 6.07 0.71 2.46
CA LEU A 27 5.60 0.86 1.05
C LEU A 27 6.80 0.97 0.04
N GLY A 28 7.68 1.97 0.22
CA GLY A 28 8.84 2.22 -0.69
C GLY A 28 9.73 0.98 -1.00
N GLU A 29 9.92 0.08 -0.01
CA GLU A 29 10.71 -1.18 -0.16
C GLU A 29 9.90 -2.34 -0.84
N ILE A 30 8.56 -2.35 -0.68
CA ILE A 30 7.64 -3.19 -1.51
C ILE A 30 7.87 -2.89 -3.04
N LEU A 31 7.60 -1.65 -3.47
CA LEU A 31 7.77 -1.21 -4.90
C LEU A 31 9.21 -1.52 -5.42
N ARG A 32 10.24 -1.24 -4.60
CA ARG A 32 11.68 -1.29 -5.02
C ARG A 32 12.25 -2.74 -4.88
N ALA A 33 12.19 -3.33 -3.67
CA ALA A 33 13.06 -4.48 -3.27
C ALA A 33 12.34 -5.88 -3.32
N THR A 34 11.04 -5.90 -3.67
CA THR A 34 10.23 -7.15 -3.76
C THR A 34 9.42 -7.18 -5.11
N GLY A 35 9.02 -8.38 -5.57
CA GLY A 35 8.01 -8.54 -6.66
C GLY A 35 8.59 -8.68 -8.11
N NH2 A 36 9.74 -9.36 -8.24
HN1 NH2 A 36 10.21 -9.76 -7.42
HN2 NH2 A 36 10.16 -9.50 -9.18
C ACE B 1 9.31 6.20 -13.22
O ACE B 1 8.08 6.11 -13.11
CH3 ACE B 1 10.00 6.27 -14.63
H1 ACE B 1 10.36 7.29 -14.79
H2 ACE B 1 10.81 5.55 -14.69
H3 ACE B 1 9.24 6.04 -15.38
N VAL B 2 10.10 6.30 -12.14
CA VAL B 2 9.69 5.86 -10.76
C VAL B 2 10.56 6.64 -9.71
N THR B 3 9.98 7.68 -9.08
CA THR B 3 10.73 8.64 -8.21
C THR B 3 10.20 8.55 -6.74
N GLU B 4 10.90 9.20 -5.79
CA GLU B 4 10.35 9.51 -4.44
C GLU B 4 9.13 10.50 -4.45
N GLU B 5 9.02 11.33 -5.51
CA GLU B 5 7.88 12.28 -5.70
C GLU B 5 6.51 11.56 -5.95
N ASP B 6 6.51 10.45 -6.71
CA ASP B 6 5.27 9.69 -7.08
C ASP B 6 4.63 8.96 -5.84
N ILE B 7 5.46 8.32 -5.00
CA ILE B 7 5.01 7.72 -3.70
C ILE B 7 4.47 8.84 -2.74
N GLU B 8 5.27 9.90 -2.52
CA GLU B 8 4.93 11.00 -1.57
C GLU B 8 3.65 11.83 -2.00
N ASP B 9 3.52 12.11 -3.30
CA ASP B 9 2.32 12.79 -3.89
C ASP B 9 1.01 11.93 -3.74
N LEU B 10 1.10 10.60 -4.01
CA LEU B 10 -0.08 9.69 -3.99
C LEU B 10 -0.60 9.38 -2.53
N MET B 11 0.32 9.00 -1.62
CA MET B 11 -0.03 8.68 -0.19
C MET B 11 -0.56 9.94 0.58
N LYS B 12 0.09 11.10 0.40
CA LYS B 12 -0.16 12.32 1.24
C LYS B 12 -1.33 13.17 0.64
N ASP B 13 -1.68 12.97 -0.65
CA ASP B 13 -3.02 13.35 -1.20
C ASP B 13 -4.18 12.49 -0.58
N SER B 14 -4.07 11.14 -0.66
CA SER B 14 -5.11 10.20 -0.16
C SER B 14 -5.30 10.26 1.40
N ASP B 15 -4.34 10.86 2.12
CA ASP B 15 -4.33 10.89 3.62
C ASP B 15 -5.40 11.89 4.21
N LYS B 16 -5.93 11.58 5.40
CA LYS B 16 -6.54 12.59 6.32
C LYS B 16 -5.42 13.53 6.91
N ASN B 17 -5.54 13.93 8.19
CA ASN B 17 -4.78 15.08 8.77
C ASN B 17 -3.26 14.76 9.03
N ASN B 18 -2.75 13.65 8.49
CA ASN B 18 -1.28 13.42 8.28
C ASN B 18 -0.51 13.08 9.60
N ASP B 19 -1.16 12.34 10.51
CA ASP B 19 -0.49 11.47 11.53
C ASP B 19 -1.17 10.06 11.68
N GLY B 20 -1.33 9.33 10.56
CA GLY B 20 -2.28 8.17 10.47
C GLY B 20 -1.83 7.01 9.51
N ARG B 21 -0.84 6.21 9.93
CA ARG B 21 -0.51 4.88 9.30
C ARG B 21 -1.78 4.04 8.91
N ILE B 22 -1.64 3.14 7.92
CA ILE B 22 -2.78 2.55 7.15
C ILE B 22 -3.20 1.17 7.78
N ASP B 23 -4.50 0.85 7.75
CA ASP B 23 -5.05 -0.47 8.18
C ASP B 23 -5.74 -1.25 7.01
N PHE B 24 -6.37 -2.41 7.29
CA PHE B 24 -6.89 -3.36 6.26
C PHE B 24 -8.00 -2.70 5.36
N ASP B 25 -8.84 -1.84 5.96
CA ASP B 25 -9.79 -0.96 5.21
C ASP B 25 -9.06 -0.20 4.03
N GLU B 26 -8.42 0.94 4.43
CA GLU B 26 -7.44 1.72 3.61
C GLU B 26 -6.68 0.84 2.54
N PHE B 27 -6.37 -0.43 2.85
CA PHE B 27 -5.78 -1.37 1.85
C PHE B 27 -6.74 -1.65 0.65
N LEU B 28 -7.98 -2.09 0.94
CA LEU B 28 -9.03 -2.40 -0.08
C LEU B 28 -9.33 -1.16 -0.99
N LYS B 29 -9.34 0.06 -0.41
CA LYS B 29 -9.68 1.32 -1.15
C LYS B 29 -8.41 1.82 -1.92
N MET B 30 -7.20 1.44 -1.46
CA MET B 30 -5.92 1.82 -2.13
C MET B 30 -5.65 1.08 -3.49
N MET B 31 -5.91 -0.23 -3.56
CA MET B 31 -5.64 -1.07 -4.77
C MET B 31 -6.98 -1.58 -5.40
N GLU B 32 -8.11 -0.98 -5.01
CA GLU B 32 -9.39 -0.97 -5.80
C GLU B 32 -9.89 0.47 -6.18
N GLY B 33 -9.83 1.43 -5.24
CA GLY B 33 -10.47 2.77 -5.38
C GLY B 33 -9.59 3.86 -6.10
N VAL B 34 -9.68 3.95 -7.43
CA VAL B 34 -8.78 4.80 -8.27
C VAL B 34 -9.65 5.90 -8.99
N GLN B 35 -9.04 6.71 -9.86
CA GLN B 35 -9.76 7.74 -10.67
C GLN B 35 -10.98 7.12 -11.45
N NH2 B 36 -12.22 7.43 -11.04
HN1 NH2 B 36 -12.34 8.01 -10.20
HN2 NH2 B 36 -13.03 7.08 -11.56
C ACE A 1 -18.88 -15.08 0.91
O ACE A 1 -18.06 -15.54 0.11
CH3 ACE A 1 -19.91 -16.01 1.64
H1 ACE A 1 -19.69 -16.01 2.70
H2 ACE A 1 -20.93 -15.70 1.43
H3 ACE A 1 -19.75 -17.03 1.25
N LYS A 2 -18.88 -13.77 1.23
CA LYS A 2 -17.73 -12.86 0.99
C LYS A 2 -16.43 -13.44 1.67
N SER A 3 -15.48 -13.94 0.87
CA SER A 3 -14.26 -14.65 1.37
C SER A 3 -12.97 -13.75 1.28
N GLU A 4 -12.41 -13.36 2.44
CA GLU A 4 -11.16 -12.53 2.52
C GLU A 4 -9.87 -13.43 2.51
N GLU A 5 -9.95 -14.64 1.94
CA GLU A 5 -8.80 -15.61 1.91
C GLU A 5 -7.55 -15.08 1.12
N GLU A 6 -7.69 -14.89 -0.21
CA GLU A 6 -6.59 -14.39 -1.10
C GLU A 6 -6.01 -13.01 -0.65
N LEU A 7 -6.87 -12.01 -0.44
CA LEU A 7 -6.46 -10.61 -0.06
C LEU A 7 -5.66 -10.58 1.29
N ALA A 8 -6.24 -11.14 2.36
CA ALA A 8 -5.64 -11.11 3.74
C ALA A 8 -4.37 -12.02 3.92
N ASN A 9 -4.38 -13.22 3.32
CA ASN A 9 -3.15 -13.99 2.97
C ASN A 9 -2.01 -13.10 2.36
N ALA A 10 -2.35 -12.29 1.34
CA ALA A 10 -1.37 -11.41 0.63
C ALA A 10 -0.94 -10.13 1.44
N PHE A 11 -1.82 -9.62 2.32
CA PHE A 11 -1.57 -8.39 3.13
C PHE A 11 -0.60 -8.67 4.34
N ARG A 12 -0.67 -9.88 4.92
CA ARG A 12 0.37 -10.41 5.87
C ARG A 12 1.72 -10.78 5.14
N ILE A 13 1.64 -11.34 3.92
CA ILE A 13 2.80 -11.85 3.15
C ILE A 13 3.67 -10.65 2.61
N PHE A 14 3.02 -9.50 2.32
CA PHE A 14 3.71 -8.19 2.15
C PHE A 14 4.34 -7.72 3.51
N ASP A 15 3.54 -7.74 4.59
CA ASP A 15 3.85 -6.98 5.86
C ASP A 15 5.14 -7.49 6.57
N LYS A 16 5.99 -6.58 7.06
CA LYS A 16 7.42 -6.89 7.43
C LYS A 16 7.61 -6.67 8.98
N ASN A 17 6.93 -5.65 9.54
CA ASN A 17 7.09 -5.27 10.99
C ASN A 17 6.02 -5.89 11.95
N ALA A 18 4.80 -6.16 11.43
CA ALA A 18 3.76 -6.97 12.14
C ALA A 18 3.09 -6.26 13.36
N ASP A 19 2.57 -5.03 13.17
CA ASP A 19 1.51 -4.44 14.03
C ASP A 19 0.07 -4.59 13.40
N GLY A 20 -0.02 -5.17 12.19
CA GLY A 20 -1.29 -5.23 11.40
C GLY A 20 -1.38 -4.23 10.19
N TYR A 21 -0.55 -3.17 10.19
CA TYR A 21 -0.71 -1.97 9.30
C TYR A 21 0.46 -1.87 8.25
N ILE A 22 0.22 -1.18 7.12
CA ILE A 22 1.29 -0.80 6.15
C ILE A 22 1.67 0.72 6.30
N ASP A 23 2.97 1.03 6.34
CA ASP A 23 3.49 2.40 6.63
C ASP A 23 4.12 3.08 5.37
N ILE A 24 4.42 4.40 5.45
CA ILE A 24 5.07 5.16 4.34
C ILE A 24 6.47 4.53 3.99
N GLU A 25 7.13 3.90 4.97
CA GLU A 25 8.46 3.24 4.79
C GLU A 25 8.41 1.90 4.01
N GLU A 26 7.34 1.10 4.22
CA GLU A 26 7.07 -0.15 3.45
C GLU A 26 6.61 0.10 1.96
N LEU A 27 5.95 1.25 1.71
CA LEU A 27 5.21 1.51 0.43
C LEU A 27 6.19 1.67 -0.80
N GLY A 28 7.04 2.70 -0.77
CA GLY A 28 8.28 2.78 -1.61
C GLY A 28 8.89 1.39 -2.03
N GLU A 29 9.71 0.78 -1.15
CA GLU A 29 10.56 -0.40 -1.51
C GLU A 29 9.75 -1.65 -2.01
N ILE A 30 8.44 -1.72 -1.67
CA ILE A 30 7.47 -2.64 -2.35
C ILE A 30 7.41 -2.32 -3.88
N LEU A 31 6.99 -1.09 -4.25
CA LEU A 31 7.08 -0.59 -5.67
C LEU A 31 8.56 -0.69 -6.20
N ARG A 32 9.49 0.08 -5.63
CA ARG A 32 10.86 0.29 -6.22
C ARG A 32 11.57 -1.07 -6.51
N ALA A 33 11.61 -1.97 -5.50
CA ALA A 33 12.61 -3.09 -5.44
C ALA A 33 12.54 -4.10 -6.64
N THR A 34 11.47 -4.03 -7.45
CA THR A 34 11.42 -4.63 -8.82
C THR A 34 10.92 -3.56 -9.86
N GLY A 35 11.81 -3.08 -10.74
CA GLY A 35 11.51 -1.97 -11.69
C GLY A 35 12.51 -1.83 -12.90
N NH2 A 36 13.68 -1.22 -12.67
HN1 NH2 A 36 13.91 -0.88 -11.73
HN2 NH2 A 36 14.34 -1.08 -13.44
C ACE B 1 12.36 4.69 -12.30
O ACE B 1 11.59 5.43 -12.93
CH3 ACE B 1 13.21 3.58 -13.03
H1 ACE B 1 14.25 3.91 -13.06
H2 ACE B 1 13.10 2.64 -12.52
H3 ACE B 1 12.83 3.50 -14.06
N VAL B 2 12.56 4.86 -10.98
CA VAL B 2 11.59 5.55 -10.07
C VAL B 2 12.40 6.14 -8.86
N THR B 3 11.97 7.30 -8.33
CA THR B 3 12.74 8.09 -7.33
C THR B 3 11.79 8.61 -6.19
N GLU B 4 12.34 8.86 -4.99
CA GLU B 4 11.56 8.89 -3.72
C GLU B 4 10.43 9.98 -3.69
N GLU B 5 10.61 11.08 -4.45
CA GLU B 5 9.61 12.19 -4.54
C GLU B 5 8.28 11.79 -5.27
N ASP B 6 8.37 11.01 -6.36
CA ASP B 6 7.19 10.52 -7.13
C ASP B 6 6.36 9.43 -6.36
N ILE B 7 7.05 8.59 -5.55
CA ILE B 7 6.39 7.73 -4.52
C ILE B 7 5.64 8.62 -3.47
N GLU B 8 6.31 9.65 -2.94
CA GLU B 8 5.73 10.58 -1.90
C GLU B 8 4.56 11.48 -2.45
N ASP B 9 4.66 11.92 -3.71
CA ASP B 9 3.56 12.63 -4.43
C ASP B 9 2.30 11.72 -4.66
N LEU B 10 2.52 10.44 -5.02
CA LEU B 10 1.44 9.40 -5.08
C LEU B 10 0.66 9.23 -3.72
N MET B 11 1.39 8.95 -2.63
CA MET B 11 0.78 8.50 -1.34
C MET B 11 0.25 9.70 -0.48
N LYS B 12 0.52 10.94 -0.92
CA LYS B 12 -0.18 12.17 -0.40
C LYS B 12 -1.49 12.42 -1.24
N ASP B 13 -1.40 12.28 -2.58
CA ASP B 13 -2.55 12.53 -3.49
C ASP B 13 -3.72 11.49 -3.30
N SER B 14 -3.38 10.27 -2.84
CA SER B 14 -4.38 9.22 -2.47
C SER B 14 -4.89 9.35 -1.00
N ASP B 15 -3.98 9.66 -0.05
CA ASP B 15 -4.26 9.60 1.41
C ASP B 15 -5.10 10.82 1.92
N LYS B 16 -6.38 10.91 1.51
CA LYS B 16 -7.21 12.14 1.64
C LYS B 16 -7.55 12.40 3.16
N ASN B 17 -7.75 11.31 3.95
CA ASN B 17 -8.15 11.41 5.38
C ASN B 17 -7.06 12.07 6.29
N ASN B 18 -5.79 12.06 5.85
CA ASN B 18 -4.63 12.59 6.64
C ASN B 18 -4.52 11.94 8.07
N ASP B 19 -3.93 10.74 8.15
CA ASP B 19 -3.45 10.11 9.42
C ASP B 19 -2.01 9.51 9.31
N GLY B 20 -1.53 9.23 8.07
CA GLY B 20 -0.11 8.89 7.80
C GLY B 20 0.25 7.36 7.94
N ARG B 21 -0.78 6.48 7.92
CA ARG B 21 -0.58 5.00 7.85
C ARG B 21 -1.86 4.21 7.42
N ILE B 22 -1.68 3.05 6.77
CA ILE B 22 -2.75 2.35 5.96
C ILE B 22 -3.22 1.05 6.69
N ASP B 23 -4.54 0.82 6.75
CA ASP B 23 -5.15 -0.47 7.19
C ASP B 23 -6.05 -1.15 6.09
N PHE B 24 -6.53 -2.37 6.32
CA PHE B 24 -6.95 -3.33 5.24
C PHE B 24 -8.02 -2.70 4.29
N ASP B 25 -8.93 -1.86 4.83
CA ASP B 25 -9.74 -0.91 4.03
C ASP B 25 -8.92 -0.19 2.90
N GLU B 26 -8.12 0.83 3.32
CA GLU B 26 -7.14 1.53 2.42
C GLU B 26 -6.33 0.59 1.46
N PHE B 27 -6.04 -0.67 1.81
CA PHE B 27 -5.45 -1.68 0.86
C PHE B 27 -6.37 -1.91 -0.39
N LEU B 28 -7.66 -2.24 -0.15
CA LEU B 28 -8.66 -2.55 -1.22
C LEU B 28 -8.77 -1.40 -2.27
N LYS B 29 -8.44 -0.16 -1.87
CA LYS B 29 -8.39 1.03 -2.79
C LYS B 29 -6.93 1.17 -3.36
N MET B 30 -5.90 1.00 -2.51
CA MET B 30 -4.47 0.94 -2.97
C MET B 30 -4.24 0.03 -4.23
N MET B 31 -4.63 -1.24 -4.16
CA MET B 31 -4.75 -2.16 -5.35
C MET B 31 -5.85 -1.63 -6.33
N GLU B 32 -7.13 -2.00 -6.08
CA GLU B 32 -8.23 -1.89 -7.08
C GLU B 32 -8.80 -0.44 -7.27
N GLY B 33 -8.16 0.57 -6.66
CA GLY B 33 -8.20 2.01 -7.09
C GLY B 33 -9.24 2.39 -8.21
N VAL B 34 -10.28 3.16 -7.85
CA VAL B 34 -11.37 3.58 -8.78
C VAL B 34 -11.44 5.14 -8.81
N GLN B 35 -10.30 5.82 -8.59
CA GLN B 35 -10.23 7.31 -8.46
C GLN B 35 -10.59 8.03 -9.81
N NH2 B 36 -9.62 8.12 -10.75
HN1 NH2 B 36 -8.67 7.77 -10.54
HN2 NH2 B 36 -9.82 8.54 -11.66
C ACE A 1 -19.21 -12.13 -2.43
O ACE A 1 -19.52 -11.19 -3.16
CH3 ACE A 1 -20.18 -13.35 -2.22
H1 ACE A 1 -19.73 -14.23 -2.64
H2 ACE A 1 -20.41 -13.46 -1.17
H3 ACE A 1 -21.11 -13.12 -2.77
N LYS A 2 -18.06 -12.13 -1.74
CA LYS A 2 -16.90 -11.23 -2.06
C LYS A 2 -15.65 -11.65 -1.22
N SER A 3 -14.55 -12.05 -1.89
CA SER A 3 -13.41 -12.78 -1.27
C SER A 3 -12.41 -11.81 -0.53
N GLU A 4 -12.07 -12.13 0.74
CA GLU A 4 -11.32 -11.19 1.64
C GLU A 4 -10.08 -11.90 2.31
N GLU A 5 -10.23 -13.19 2.65
CA GLU A 5 -9.16 -14.02 3.29
C GLU A 5 -7.89 -14.25 2.40
N GLU A 6 -8.03 -14.16 1.07
CA GLU A 6 -6.89 -14.17 0.10
C GLU A 6 -5.99 -12.88 0.17
N LEU A 7 -6.57 -11.71 -0.14
CA LEU A 7 -5.94 -10.38 0.13
C LEU A 7 -5.56 -10.23 1.65
N ALA A 8 -6.20 -11.00 2.53
CA ALA A 8 -5.75 -11.20 3.94
C ALA A 8 -4.30 -11.80 4.08
N ASN A 9 -4.11 -13.08 3.70
CA ASN A 9 -2.76 -13.70 3.56
C ASN A 9 -1.76 -12.85 2.70
N ALA A 10 -2.23 -12.32 1.56
CA ALA A 10 -1.43 -11.42 0.67
C ALA A 10 -0.95 -10.07 1.35
N PHE A 11 -1.85 -9.42 2.12
CA PHE A 11 -1.54 -8.16 2.86
C PHE A 11 -0.54 -8.42 4.05
N ARG A 12 -0.55 -9.64 4.60
CA ARG A 12 0.54 -10.17 5.47
C ARG A 12 1.88 -10.43 4.70
N ILE A 13 1.80 -10.89 3.44
CA ILE A 13 2.99 -11.25 2.60
C ILE A 13 3.78 -9.96 2.18
N PHE A 14 3.05 -8.88 1.85
CA PHE A 14 3.65 -7.55 1.54
C PHE A 14 4.53 -7.04 2.74
N ASP A 15 3.94 -7.01 3.95
CA ASP A 15 4.57 -6.37 5.15
C ASP A 15 5.69 -7.26 5.81
N LYS A 16 6.74 -6.63 6.36
CA LYS A 16 7.97 -7.33 6.84
C LYS A 16 7.58 -8.28 8.04
N ASN A 17 6.65 -7.84 8.90
CA ASN A 17 6.51 -8.38 10.30
C ASN A 17 5.02 -8.55 10.78
N ALA A 18 4.11 -7.66 10.33
CA ALA A 18 2.64 -7.93 10.24
C ALA A 18 1.86 -7.72 11.58
N ASP A 19 2.08 -6.57 12.25
CA ASP A 19 1.11 -5.98 13.22
C ASP A 19 -0.20 -5.44 12.52
N GLY A 20 -0.12 -5.13 11.21
CA GLY A 20 -1.31 -5.12 10.29
C GLY A 20 -1.47 -3.82 9.43
N TYR A 21 -0.37 -3.05 9.25
CA TYR A 21 -0.36 -1.83 8.39
C TYR A 21 0.76 -1.91 7.29
N ILE A 22 0.75 -0.98 6.31
CA ILE A 22 1.89 -0.74 5.38
C ILE A 22 2.53 0.68 5.69
N ASP A 23 3.76 0.91 5.21
CA ASP A 23 4.37 2.27 5.11
C ASP A 23 4.76 2.67 3.64
N ILE A 24 4.89 3.99 3.36
CA ILE A 24 5.38 4.49 2.04
C ILE A 24 6.82 3.94 1.76
N GLU A 25 7.63 3.73 2.81
CA GLU A 25 9.00 3.15 2.68
C GLU A 25 9.03 1.66 2.19
N GLU A 26 7.96 0.90 2.47
CA GLU A 26 7.66 -0.42 1.84
C GLU A 26 7.11 -0.31 0.37
N LEU A 27 6.49 0.83 0.03
CA LEU A 27 5.53 0.93 -1.12
C LEU A 27 6.26 0.80 -2.50
N GLY A 28 7.32 1.60 -2.73
CA GLY A 28 8.15 1.52 -3.97
C GLY A 28 8.93 0.16 -4.15
N GLU A 29 9.32 -0.49 -3.04
CA GLU A 29 10.01 -1.82 -3.06
C GLU A 29 9.05 -3.03 -3.38
N ILE A 30 7.80 -2.96 -2.91
CA ILE A 30 6.68 -3.84 -3.41
C ILE A 30 6.52 -3.67 -4.96
N LEU A 31 6.11 -2.48 -5.42
CA LEU A 31 5.61 -2.25 -6.80
C LEU A 31 6.72 -2.49 -7.88
N ARG A 32 8.01 -2.35 -7.49
CA ARG A 32 9.15 -2.30 -8.45
C ARG A 32 10.05 -3.58 -8.30
N ALA A 33 9.91 -4.32 -7.19
CA ALA A 33 10.60 -5.63 -6.98
C ALA A 33 10.61 -6.58 -8.23
N THR A 34 11.80 -7.03 -8.67
CA THR A 34 11.98 -7.74 -9.97
C THR A 34 11.85 -9.29 -9.75
N GLY A 35 12.40 -10.10 -10.68
CA GLY A 35 12.82 -11.51 -10.39
C GLY A 35 13.85 -12.12 -11.41
N NH2 A 36 13.84 -11.63 -12.68
HN1 NH2 A 36 13.18 -10.88 -12.93
HN2 NH2 A 36 14.49 -12.01 -13.38
C ACE B 1 10.67 10.36 -13.79
O ACE B 1 9.56 10.82 -14.08
CH3 ACE B 1 11.94 10.76 -14.63
H1 ACE B 1 12.55 11.43 -14.04
H2 ACE B 1 12.48 9.86 -14.92
H3 ACE B 1 11.60 11.28 -15.54
N VAL B 2 10.83 9.47 -12.80
CA VAL B 2 9.83 9.28 -11.70
C VAL B 2 10.60 9.33 -10.33
N THR B 3 10.62 10.50 -9.67
CA THR B 3 11.44 10.74 -8.45
C THR B 3 10.63 10.29 -7.18
N GLU B 4 11.20 10.47 -5.97
CA GLU B 4 10.54 10.17 -4.67
C GLU B 4 9.43 11.20 -4.25
N GLU B 5 9.65 12.49 -4.56
CA GLU B 5 8.62 13.57 -4.35
C GLU B 5 7.32 13.38 -5.20
N ASP B 6 7.46 12.97 -6.47
CA ASP B 6 6.30 12.64 -7.36
C ASP B 6 5.51 11.37 -6.90
N ILE B 7 6.22 10.37 -6.35
CA ILE B 7 5.59 9.19 -5.67
C ILE B 7 4.96 9.64 -4.30
N GLU B 8 5.59 10.60 -3.60
CA GLU B 8 5.08 11.18 -2.33
C GLU B 8 3.82 12.08 -2.50
N ASP B 9 3.73 12.81 -3.62
CA ASP B 9 2.47 13.49 -4.07
C ASP B 9 1.33 12.48 -4.44
N LEU B 10 1.66 11.39 -5.15
CA LEU B 10 0.75 10.22 -5.36
C LEU B 10 0.13 9.66 -4.02
N MET B 11 0.98 9.47 -2.99
CA MET B 11 0.54 8.87 -1.69
C MET B 11 -0.39 9.83 -0.86
N LYS B 12 -0.02 11.13 -0.81
CA LYS B 12 -0.71 12.14 0.06
C LYS B 12 -1.96 12.74 -0.68
N ASP B 13 -2.05 12.60 -2.02
CA ASP B 13 -3.37 12.66 -2.74
C ASP B 13 -4.29 11.44 -2.39
N SER B 14 -3.82 10.20 -2.65
CA SER B 14 -4.64 8.96 -2.48
C SER B 14 -5.25 8.83 -1.04
N ASP B 15 -4.54 9.31 -0.01
CA ASP B 15 -4.86 9.04 1.42
C ASP B 15 -6.07 9.89 1.95
N LYS B 16 -7.25 9.25 2.11
CA LYS B 16 -8.51 9.95 2.54
C LYS B 16 -8.26 10.69 3.90
N ASN B 17 -8.42 9.99 5.03
CA ASN B 17 -8.47 10.62 6.38
C ASN B 17 -7.13 11.31 6.82
N ASN B 18 -6.08 11.21 5.98
CA ASN B 18 -4.81 11.99 6.14
C ASN B 18 -4.10 11.70 7.51
N ASP B 19 -3.29 10.63 7.58
CA ASP B 19 -2.41 10.31 8.76
C ASP B 19 -1.00 9.78 8.33
N GLY B 20 -0.85 9.33 7.07
CA GLY B 20 0.50 9.09 6.45
C GLY B 20 1.00 7.60 6.50
N ARG B 21 0.15 6.66 6.93
CA ARG B 21 0.38 5.19 6.80
C ARG B 21 -0.93 4.35 6.60
N ILE B 22 -0.84 3.20 5.92
CA ILE B 22 -1.99 2.55 5.21
C ILE B 22 -2.49 1.30 6.02
N ASP B 23 -3.79 0.95 5.90
CA ASP B 23 -4.39 -0.29 6.48
C ASP B 23 -4.96 -1.26 5.39
N PHE B 24 -5.75 -2.27 5.81
CA PHE B 24 -6.30 -3.32 4.89
C PHE B 24 -7.30 -2.72 3.84
N ASP B 25 -8.13 -1.75 4.26
CA ASP B 25 -9.01 -0.97 3.34
C ASP B 25 -8.19 -0.40 2.10
N GLU B 26 -7.56 0.78 2.36
CA GLU B 26 -6.53 1.41 1.48
C GLU B 26 -5.72 0.38 0.63
N PHE B 27 -5.43 -0.83 1.14
CA PHE B 27 -4.76 -1.91 0.34
C PHE B 27 -5.64 -2.34 -0.89
N LEU B 28 -6.90 -2.74 -0.65
CA LEU B 28 -7.89 -3.11 -1.70
C LEU B 28 -8.02 -1.99 -2.80
N LYS B 29 -8.04 -0.71 -2.39
CA LYS B 29 -8.49 0.42 -3.26
C LYS B 29 -7.23 1.14 -3.88
N MET B 30 -6.02 0.80 -3.41
CA MET B 30 -4.74 1.18 -4.11
C MET B 30 -4.23 0.13 -5.16
N MET B 31 -4.35 -1.17 -4.84
CA MET B 31 -4.27 -2.27 -5.84
C MET B 31 -5.19 -1.97 -7.08
N GLU B 32 -6.48 -1.68 -6.84
CA GLU B 32 -7.37 -1.00 -7.82
C GLU B 32 -6.77 0.32 -8.42
N GLY B 33 -6.22 1.19 -7.56
CA GLY B 33 -5.34 2.33 -8.00
C GLY B 33 -5.86 3.14 -9.23
N VAL B 34 -5.17 3.03 -10.38
CA VAL B 34 -5.29 3.99 -11.52
C VAL B 34 -6.27 3.36 -12.59
N GLN B 35 -6.99 4.22 -13.35
CA GLN B 35 -8.25 3.83 -14.05
C GLN B 35 -7.96 3.16 -15.44
N NH2 B 36 -6.91 3.60 -16.14
HN1 NH2 B 36 -6.31 4.34 -15.76
HN2 NH2 B 36 -6.70 3.20 -17.07
C ACE A 1 -16.63 -11.17 -5.80
O ACE A 1 -16.83 -11.16 -4.59
CH3 ACE A 1 -17.77 -11.61 -6.80
H1 ACE A 1 -18.06 -10.75 -7.40
H2 ACE A 1 -17.45 -12.44 -7.41
H3 ACE A 1 -18.63 -11.91 -6.19
N LYS A 2 -15.43 -10.87 -6.33
CA LYS A 2 -14.41 -10.04 -5.62
C LYS A 2 -13.93 -10.77 -4.31
N SER A 3 -12.91 -11.64 -4.42
CA SER A 3 -12.51 -12.57 -3.32
C SER A 3 -11.56 -11.90 -2.28
N GLU A 4 -11.66 -12.27 -0.99
CA GLU A 4 -11.03 -11.53 0.14
C GLU A 4 -9.77 -12.31 0.71
N GLU A 5 -9.70 -13.62 0.46
CA GLU A 5 -8.58 -14.48 0.98
C GLU A 5 -7.20 -14.22 0.30
N GLU A 6 -7.21 -13.67 -0.93
CA GLU A 6 -5.97 -13.53 -1.77
C GLU A 6 -5.39 -12.07 -1.81
N LEU A 7 -6.26 -11.06 -1.63
CA LEU A 7 -5.86 -9.67 -1.23
C LEU A 7 -5.46 -9.59 0.28
N ALA A 8 -6.00 -10.50 1.12
CA ALA A 8 -5.51 -10.73 2.51
C ALA A 8 -4.08 -11.37 2.62
N ASN A 9 -3.87 -12.52 1.97
CA ASN A 9 -2.52 -13.14 1.79
C ASN A 9 -1.51 -12.22 1.03
N ALA A 10 -2.02 -11.40 0.09
CA ALA A 10 -1.24 -10.27 -0.52
C ALA A 10 -0.85 -9.12 0.47
N PHE A 11 -1.75 -8.80 1.43
CA PHE A 11 -1.53 -7.71 2.43
C PHE A 11 -0.57 -8.15 3.60
N ARG A 12 -0.56 -9.45 3.93
CA ARG A 12 0.50 -10.12 4.74
C ARG A 12 1.90 -10.10 4.04
N ILE A 13 2.00 -10.64 2.82
CA ILE A 13 3.30 -10.89 2.11
C ILE A 13 4.01 -9.52 1.80
N PHE A 14 3.24 -8.44 1.63
CA PHE A 14 3.76 -7.05 1.46
C PHE A 14 4.32 -6.50 2.82
N ASP A 15 3.65 -6.83 3.94
CA ASP A 15 4.07 -6.38 5.30
C ASP A 15 5.36 -7.11 5.81
N LYS A 16 6.42 -6.36 6.16
CA LYS A 16 7.81 -6.89 6.30
C LYS A 16 8.06 -7.35 7.78
N ASN A 17 7.01 -7.47 8.62
CA ASN A 17 7.14 -7.34 10.10
C ASN A 17 5.85 -7.76 10.90
N ALA A 18 4.67 -7.67 10.27
CA ALA A 18 3.42 -8.37 10.73
C ALA A 18 2.92 -7.97 12.15
N ASP A 19 2.69 -6.67 12.39
CA ASP A 19 1.74 -6.17 13.43
C ASP A 19 0.29 -5.93 12.86
N GLY A 20 0.15 -5.79 11.53
CA GLY A 20 -1.17 -5.75 10.83
C GLY A 20 -1.39 -4.51 9.90
N TYR A 21 -0.38 -3.63 9.79
CA TYR A 21 -0.47 -2.35 9.02
C TYR A 21 0.58 -2.28 7.86
N ILE A 22 0.47 -1.27 6.98
CA ILE A 22 1.44 -1.01 5.87
C ILE A 22 1.94 0.48 5.93
N ASP A 23 3.26 0.71 6.06
CA ASP A 23 3.84 2.06 6.25
C ASP A 23 4.41 2.67 4.92
N ILE A 24 4.62 4.01 4.90
CA ILE A 24 5.23 4.73 3.73
C ILE A 24 6.73 4.27 3.54
N GLU A 25 7.30 3.50 4.48
CA GLU A 25 8.64 2.86 4.31
C GLU A 25 8.59 1.53 3.47
N GLU A 26 7.55 0.69 3.70
CA GLU A 26 7.34 -0.56 2.90
C GLU A 26 7.04 -0.30 1.38
N LEU A 27 6.07 0.57 1.10
CA LEU A 27 5.50 0.82 -0.26
C LEU A 27 6.62 0.92 -1.36
N GLY A 28 7.37 2.03 -1.38
CA GLY A 28 8.44 2.29 -2.40
C GLY A 28 9.44 1.10 -2.64
N GLU A 29 9.89 0.45 -1.55
CA GLU A 29 10.82 -0.73 -1.62
C GLU A 29 10.17 -2.02 -2.22
N ILE A 30 8.88 -2.26 -1.94
CA ILE A 30 8.03 -3.23 -2.72
C ILE A 30 7.98 -2.81 -4.23
N LEU A 31 7.45 -1.60 -4.52
CA LEU A 31 7.30 -1.08 -5.91
C LEU A 31 8.65 -0.49 -6.46
N ARG A 32 9.79 -0.98 -5.92
CA ARG A 32 11.13 -0.79 -6.57
C ARG A 32 12.13 -1.91 -6.10
N ALA A 33 12.45 -1.95 -4.80
CA ALA A 33 13.68 -2.64 -4.27
C ALA A 33 13.57 -4.21 -4.22
N THR A 34 14.47 -4.92 -4.91
CA THR A 34 14.51 -6.42 -4.93
C THR A 34 15.39 -6.96 -3.75
N GLY A 35 14.91 -7.98 -3.02
CA GLY A 35 15.62 -8.54 -1.83
C GLY A 35 15.03 -9.91 -1.29
N NH2 A 36 14.18 -10.56 -2.09
HN1 NH2 A 36 13.90 -10.16 -3.00
HN2 NH2 A 36 13.79 -11.48 -1.80
C ACE B 1 6.52 1.60 -13.25
O ACE B 1 6.40 2.60 -13.97
CH3 ACE B 1 6.49 0.14 -13.84
H1 ACE B 1 7.50 -0.26 -13.81
H2 ACE B 1 5.78 -0.47 -13.30
H3 ACE B 1 6.17 0.23 -14.89
N VAL B 2 6.60 1.71 -11.90
CA VAL B 2 6.36 2.99 -11.16
C VAL B 2 7.73 3.76 -11.05
N THR B 3 7.69 5.10 -11.08
CA THR B 3 8.77 5.97 -10.51
C THR B 3 8.27 6.62 -9.16
N GLU B 4 9.19 7.19 -8.38
CA GLU B 4 8.89 7.73 -7.01
C GLU B 4 7.85 8.91 -7.01
N GLU B 5 7.94 9.81 -8.00
CA GLU B 5 7.03 11.00 -8.12
C GLU B 5 5.51 10.63 -8.23
N ASP B 6 5.18 9.51 -8.88
CA ASP B 6 3.82 8.91 -8.85
C ASP B 6 3.35 8.53 -7.39
N ILE B 7 4.23 7.86 -6.62
CA ILE B 7 3.88 7.34 -5.25
C ILE B 7 3.54 8.52 -4.29
N GLU B 8 4.44 9.53 -4.19
CA GLU B 8 4.25 10.73 -3.32
C GLU B 8 3.03 11.64 -3.75
N ASP B 9 2.77 11.74 -5.06
CA ASP B 9 1.49 12.30 -5.61
C ASP B 9 0.24 11.48 -5.14
N LEU B 10 0.30 10.14 -5.23
CA LEU B 10 -0.86 9.24 -4.91
C LEU B 10 -1.18 9.13 -3.38
N MET B 11 -0.13 8.96 -2.55
CA MET B 11 -0.28 8.92 -1.06
C MET B 11 -0.20 10.35 -0.41
N LYS B 12 -0.26 11.40 -1.24
CA LYS B 12 -0.70 12.77 -0.82
C LYS B 12 -2.22 12.98 -1.18
N ASP B 13 -2.68 12.39 -2.30
CA ASP B 13 -4.12 12.42 -2.70
C ASP B 13 -5.04 11.60 -1.72
N SER B 14 -4.76 10.28 -1.58
CA SER B 14 -5.57 9.35 -0.76
C SER B 14 -5.29 9.48 0.79
N ASP B 15 -4.16 10.13 1.15
CA ASP B 15 -3.92 10.59 2.55
C ASP B 15 -4.92 11.71 3.01
N LYS B 16 -5.47 11.59 4.23
CA LYS B 16 -6.50 12.54 4.77
C LYS B 16 -5.84 13.56 5.75
N ASN B 17 -5.93 13.32 7.07
CA ASN B 17 -5.53 14.31 8.13
C ASN B 17 -3.97 14.35 8.40
N ASN B 18 -3.17 13.72 7.52
CA ASN B 18 -1.74 13.36 7.80
C ASN B 18 -1.57 12.42 9.05
N ASP B 19 -2.36 11.34 9.13
CA ASP B 19 -2.01 10.08 9.86
C ASP B 19 -1.64 8.91 8.88
N GLY B 20 -0.66 9.13 7.99
CA GLY B 20 -0.48 8.33 6.73
C GLY B 20 0.12 6.89 6.92
N ARG B 21 -0.10 6.28 8.10
CA ARG B 21 0.04 4.79 8.29
C ARG B 21 -1.26 3.99 7.96
N ILE B 22 -1.19 3.02 7.04
CA ILE B 22 -2.36 2.50 6.27
C ILE B 22 -2.84 1.13 6.86
N ASP B 23 -4.15 0.84 6.77
CA ASP B 23 -4.74 -0.50 7.11
C ASP B 23 -5.46 -1.17 5.88
N PHE B 24 -6.13 -2.33 6.10
CA PHE B 24 -6.59 -3.23 5.01
C PHE B 24 -7.64 -2.53 4.08
N ASP B 25 -8.45 -1.61 4.63
CA ASP B 25 -9.39 -0.75 3.84
C ASP B 25 -8.66 -0.05 2.63
N GLU B 26 -8.01 1.11 2.98
CA GLU B 26 -7.02 1.82 2.12
C GLU B 26 -6.30 0.88 1.08
N PHE B 27 -5.92 -0.34 1.51
CA PHE B 27 -5.24 -1.33 0.60
C PHE B 27 -6.15 -1.71 -0.63
N LEU B 28 -7.43 -2.06 -0.36
CA LEU B 28 -8.48 -2.31 -1.38
C LEU B 28 -8.73 -1.05 -2.30
N LYS B 29 -8.54 0.16 -1.75
CA LYS B 29 -9.07 1.43 -2.35
C LYS B 29 -8.02 2.01 -3.38
N MET B 30 -6.73 2.05 -2.99
CA MET B 30 -5.60 2.31 -3.92
C MET B 30 -5.08 1.07 -4.73
N MET B 31 -5.72 -0.10 -4.56
CA MET B 31 -5.71 -1.20 -5.58
C MET B 31 -6.64 -0.84 -6.79
N GLU B 32 -7.97 -0.90 -6.58
CA GLU B 32 -8.99 -0.85 -7.68
C GLU B 32 -10.25 0.04 -7.34
N GLY B 33 -10.04 1.13 -6.60
CA GLY B 33 -10.95 2.33 -6.63
C GLY B 33 -10.87 3.20 -7.92
N VAL B 34 -9.65 3.61 -8.31
CA VAL B 34 -9.42 4.53 -9.48
C VAL B 34 -8.15 4.03 -10.26
N GLN B 35 -8.14 4.24 -11.60
CA GLN B 35 -6.91 4.07 -12.44
C GLN B 35 -6.36 5.44 -12.97
N NH2 B 36 -5.03 5.62 -13.00
HN1 NH2 B 36 -4.41 4.87 -12.65
HN2 NH2 B 36 -4.63 6.49 -13.38
C ACE A 1 -17.80 -11.26 -3.25
O ACE A 1 -17.08 -11.39 -4.24
CH3 ACE A 1 -18.98 -12.28 -2.97
H1 ACE A 1 -18.77 -12.82 -2.06
H2 ACE A 1 -19.92 -11.74 -2.92
H3 ACE A 1 -19.00 -12.98 -3.82
N LYS A 2 -17.59 -10.30 -2.33
CA LYS A 2 -16.27 -9.61 -2.18
C LYS A 2 -15.17 -10.63 -1.71
N SER A 3 -13.94 -10.48 -2.22
CA SER A 3 -12.77 -11.34 -1.83
C SER A 3 -11.94 -10.72 -0.65
N GLU A 4 -12.10 -11.24 0.57
CA GLU A 4 -11.28 -10.84 1.76
C GLU A 4 -10.06 -11.82 1.98
N GLU A 5 -10.35 -13.10 2.29
CA GLU A 5 -9.34 -14.05 2.86
C GLU A 5 -7.99 -14.09 2.05
N GLU A 6 -8.04 -13.79 0.74
CA GLU A 6 -6.84 -13.81 -0.16
C GLU A 6 -5.92 -12.55 -0.04
N LEU A 7 -6.49 -11.34 -0.21
CA LEU A 7 -5.85 -10.05 0.19
C LEU A 7 -5.51 -10.02 1.72
N ALA A 8 -6.10 -10.95 2.50
CA ALA A 8 -5.66 -11.22 3.91
C ALA A 8 -4.27 -11.95 4.03
N ASN A 9 -4.18 -13.21 3.55
CA ASN A 9 -2.89 -13.89 3.26
C ASN A 9 -1.82 -12.95 2.59
N ALA A 10 -2.20 -12.27 1.50
CA ALA A 10 -1.27 -11.39 0.72
C ALA A 10 -0.76 -10.12 1.48
N PHE A 11 -1.66 -9.41 2.18
CA PHE A 11 -1.30 -8.19 2.97
C PHE A 11 -0.42 -8.53 4.23
N ARG A 12 -0.76 -9.61 4.94
CA ARG A 12 0.12 -10.23 5.99
C ARG A 12 1.56 -10.57 5.45
N ILE A 13 1.66 -11.08 4.21
CA ILE A 13 2.92 -11.62 3.61
C ILE A 13 3.85 -10.44 3.18
N PHE A 14 3.26 -9.31 2.74
CA PHE A 14 4.00 -8.03 2.48
C PHE A 14 4.75 -7.57 3.77
N ASP A 15 4.12 -7.69 4.95
CA ASP A 15 4.49 -6.92 6.18
C ASP A 15 5.82 -7.42 6.84
N LYS A 16 6.36 -6.65 7.80
CA LYS A 16 7.37 -7.15 8.79
C LYS A 16 6.66 -7.44 10.16
N ASN A 17 6.39 -6.38 10.96
CA ASN A 17 6.07 -6.52 12.41
C ASN A 17 4.56 -6.76 12.73
N ALA A 18 3.66 -6.14 11.95
CA ALA A 18 2.25 -6.62 11.75
C ALA A 18 1.25 -6.24 12.90
N ASP A 19 1.09 -4.93 13.17
CA ASP A 19 -0.10 -4.36 13.88
C ASP A 19 -1.29 -4.03 12.92
N GLY A 20 -1.29 -4.59 11.70
CA GLY A 20 -2.42 -4.46 10.73
C GLY A 20 -2.23 -3.41 9.59
N TYR A 21 -1.10 -2.68 9.59
CA TYR A 21 -0.87 -1.47 8.74
C TYR A 21 0.26 -1.72 7.68
N ILE A 22 0.35 -0.86 6.65
CA ILE A 22 1.54 -0.73 5.75
C ILE A 22 2.08 0.74 5.77
N ASP A 23 3.42 0.92 5.80
CA ASP A 23 4.08 2.24 6.10
C ASP A 23 4.94 2.77 4.90
N ILE A 24 5.38 4.04 4.98
CA ILE A 24 6.09 4.73 3.85
C ILE A 24 7.41 3.96 3.50
N GLU A 25 8.12 3.43 4.52
CA GLU A 25 9.39 2.67 4.35
C GLU A 25 9.20 1.21 3.81
N GLU A 26 7.98 0.66 3.99
CA GLU A 26 7.51 -0.57 3.26
C GLU A 26 7.08 -0.30 1.77
N LEU A 27 6.73 0.96 1.44
CA LEU A 27 5.92 1.29 0.22
C LEU A 27 6.79 1.20 -1.08
N GLY A 28 7.70 2.17 -1.30
CA GLY A 28 8.62 2.19 -2.48
C GLY A 28 9.52 0.91 -2.65
N GLU A 29 9.87 0.25 -1.54
CA GLU A 29 10.40 -1.16 -1.55
C GLU A 29 9.50 -2.17 -2.35
N ILE A 30 8.23 -2.32 -1.92
CA ILE A 30 7.21 -3.12 -2.69
C ILE A 30 7.22 -2.68 -4.20
N LEU A 31 6.73 -1.46 -4.49
CA LEU A 31 6.42 -0.99 -5.89
C LEU A 31 7.73 -0.72 -6.71
N ARG A 32 8.90 -1.17 -6.20
CA ARG A 32 10.13 -1.34 -7.02
C ARG A 32 10.46 -2.87 -7.24
N ALA A 33 10.33 -3.69 -6.19
CA ALA A 33 10.76 -5.13 -6.21
C ALA A 33 9.59 -6.16 -6.45
N THR A 34 9.93 -7.39 -6.84
CA THR A 34 8.99 -8.34 -7.51
C THR A 34 8.06 -9.01 -6.43
N GLY A 35 6.92 -9.57 -6.87
CA GLY A 35 5.78 -9.92 -5.95
C GLY A 35 4.97 -11.22 -6.36
N NH2 A 36 4.20 -11.78 -5.42
HN1 NH2 A 36 4.14 -11.37 -4.48
HN2 NH2 A 36 3.66 -12.63 -5.64
C ACE B 1 9.60 10.51 -14.21
O ACE B 1 8.39 10.26 -14.30
CH3 ACE B 1 10.28 11.58 -15.14
H1 ACE B 1 10.50 12.46 -14.53
H2 ACE B 1 11.17 11.17 -15.59
H3 ACE B 1 9.55 11.86 -15.92
N VAL B 2 10.37 9.91 -13.28
CA VAL B 2 9.82 9.08 -12.17
C VAL B 2 10.63 9.38 -10.86
N THR B 3 10.49 10.60 -10.30
CA THR B 3 11.21 11.02 -9.07
C THR B 3 10.50 10.44 -7.80
N GLU B 4 11.09 10.62 -6.61
CA GLU B 4 10.47 10.24 -5.30
C GLU B 4 9.41 11.28 -4.78
N GLU B 5 9.44 12.52 -5.31
CA GLU B 5 8.31 13.50 -5.17
C GLU B 5 6.99 13.04 -5.88
N ASP B 6 7.09 12.10 -6.84
CA ASP B 6 5.90 11.41 -7.44
C ASP B 6 5.35 10.25 -6.52
N ILE B 7 6.26 9.50 -5.86
CA ILE B 7 5.92 8.62 -4.71
C ILE B 7 5.19 9.46 -3.59
N GLU B 8 5.64 10.71 -3.37
CA GLU B 8 4.95 11.68 -2.46
C GLU B 8 3.55 12.16 -2.99
N ASP B 9 3.42 12.30 -4.33
CA ASP B 9 2.11 12.58 -4.99
C ASP B 9 1.07 11.43 -4.78
N LEU B 10 1.51 10.16 -4.88
CA LEU B 10 0.66 8.96 -4.57
C LEU B 10 0.17 8.90 -3.08
N MET B 11 1.10 9.00 -2.11
CA MET B 11 0.83 8.67 -0.69
C MET B 11 0.03 9.80 0.05
N LYS B 12 0.19 11.06 -0.40
CA LYS B 12 -0.45 12.25 0.24
C LYS B 12 -1.76 12.65 -0.51
N ASP B 13 -1.92 12.22 -1.79
CA ASP B 13 -3.27 12.10 -2.43
C ASP B 13 -4.15 10.98 -1.78
N SER B 14 -3.60 9.76 -1.63
CA SER B 14 -4.37 8.55 -1.21
C SER B 14 -4.72 8.55 0.32
N ASP B 15 -3.85 9.12 1.16
CA ASP B 15 -3.97 9.06 2.65
C ASP B 15 -5.09 10.03 3.21
N LYS B 16 -6.29 9.48 3.48
CA LYS B 16 -7.48 10.29 3.90
C LYS B 16 -7.25 10.90 5.33
N ASN B 17 -7.37 10.06 6.39
CA ASN B 17 -7.52 10.54 7.79
C ASN B 17 -6.25 11.27 8.35
N ASN B 18 -5.11 11.18 7.63
CA ASN B 18 -3.94 12.09 7.82
C ASN B 18 -3.31 12.00 9.25
N ASP B 19 -2.70 10.85 9.59
CA ASP B 19 -1.69 10.69 10.68
C ASP B 19 -0.24 10.40 10.15
N GLY B 20 -0.11 9.39 9.27
CA GLY B 20 1.18 9.07 8.57
C GLY B 20 1.15 7.80 7.65
N ARG B 21 0.27 6.83 7.96
CA ARG B 21 0.40 5.40 7.53
C ARG B 21 -0.74 4.93 6.57
N ILE B 22 -0.60 3.72 5.98
CA ILE B 22 -1.69 2.99 5.28
C ILE B 22 -2.24 1.83 6.18
N ASP B 23 -3.53 1.46 6.00
CA ASP B 23 -4.08 0.15 6.44
C ASP B 23 -4.79 -0.64 5.27
N PHE B 24 -5.76 -1.50 5.57
CA PHE B 24 -6.25 -2.57 4.65
C PHE B 24 -7.25 -2.01 3.58
N ASP B 25 -8.15 -1.11 3.98
CA ASP B 25 -8.93 -0.22 3.07
C ASP B 25 -8.08 0.38 1.89
N GLU B 26 -7.25 1.40 2.23
CA GLU B 26 -6.15 1.89 1.35
C GLU B 26 -5.48 0.77 0.47
N PHE B 27 -5.08 -0.36 1.08
CA PHE B 27 -4.40 -1.48 0.37
C PHE B 27 -5.22 -1.95 -0.89
N LEU B 28 -6.56 -1.94 -0.78
CA LEU B 28 -7.49 -2.38 -1.87
C LEU B 28 -7.50 -1.36 -3.07
N LYS B 29 -7.33 -0.06 -2.77
CA LYS B 29 -7.31 1.02 -3.81
C LYS B 29 -5.87 1.13 -4.42
N MET B 30 -4.83 0.98 -3.58
CA MET B 30 -3.41 0.90 -4.05
C MET B 30 -3.13 -0.23 -5.10
N MET B 31 -3.39 -1.50 -4.75
CA MET B 31 -3.43 -2.65 -5.70
C MET B 31 -4.27 -2.27 -6.98
N GLU B 32 -5.57 -2.04 -6.82
CA GLU B 32 -6.57 -2.11 -7.94
C GLU B 32 -6.56 -0.86 -8.88
N GLY B 33 -6.76 0.35 -8.31
CA GLY B 33 -7.12 1.57 -9.10
C GLY B 33 -8.66 1.80 -9.32
N VAL B 34 -9.42 1.90 -8.21
CA VAL B 34 -10.92 1.85 -8.24
C VAL B 34 -11.44 3.08 -9.07
N GLN B 35 -12.76 3.12 -9.34
CA GLN B 35 -13.43 4.30 -9.98
C GLN B 35 -12.87 5.67 -9.43
N NH2 B 36 -12.66 6.66 -10.31
HN1 NH2 B 36 -12.84 6.50 -11.31
HN2 NH2 B 36 -12.31 7.57 -9.99
C ACE A 1 -17.58 -14.13 2.68
O ACE A 1 -16.86 -13.72 3.61
CH3 ACE A 1 -18.28 -15.55 2.77
H1 ACE A 1 -19.35 -15.40 2.82
H2 ACE A 1 -17.97 -16.16 1.93
H3 ACE A 1 -17.94 -16.02 3.71
N LYS A 2 -17.75 -13.42 1.55
CA LYS A 2 -17.56 -11.94 1.47
C LYS A 2 -16.07 -11.60 1.11
N SER A 3 -15.84 -10.45 0.46
CA SER A 3 -14.65 -10.23 -0.42
C SER A 3 -13.39 -9.75 0.38
N GLU A 4 -12.54 -10.70 0.83
CA GLU A 4 -11.47 -10.43 1.84
C GLU A 4 -10.33 -11.51 1.77
N GLU A 5 -10.68 -12.77 1.49
CA GLU A 5 -9.82 -13.96 1.82
C GLU A 5 -8.42 -13.95 1.11
N GLU A 6 -8.40 -13.83 -0.22
CA GLU A 6 -7.16 -13.81 -1.05
C GLU A 6 -6.22 -12.59 -0.75
N LEU A 7 -6.75 -11.35 -0.90
CA LEU A 7 -6.08 -10.10 -0.45
C LEU A 7 -5.70 -10.16 1.08
N ALA A 8 -6.41 -11.00 1.86
CA ALA A 8 -6.03 -11.32 3.27
C ALA A 8 -4.63 -12.03 3.43
N ASN A 9 -4.51 -13.27 2.92
CA ASN A 9 -3.21 -13.92 2.60
C ASN A 9 -2.13 -12.91 2.06
N ALA A 10 -2.43 -12.22 0.95
CA ALA A 10 -1.47 -11.31 0.24
C ALA A 10 -1.01 -10.07 1.08
N PHE A 11 -1.91 -9.50 1.90
CA PHE A 11 -1.63 -8.29 2.73
C PHE A 11 -0.78 -8.63 4.01
N ARG A 12 -0.95 -9.84 4.56
CA ARG A 12 0.03 -10.49 5.49
C ARG A 12 1.43 -10.75 4.83
N ILE A 13 1.45 -11.48 3.70
CA ILE A 13 2.70 -12.06 3.11
C ILE A 13 3.66 -10.91 2.62
N PHE A 14 3.09 -9.79 2.14
CA PHE A 14 3.85 -8.52 1.94
C PHE A 14 4.56 -8.08 3.27
N ASP A 15 3.78 -7.70 4.30
CA ASP A 15 4.28 -6.95 5.49
C ASP A 15 5.45 -7.69 6.22
N LYS A 16 6.56 -6.96 6.48
CA LYS A 16 7.73 -7.50 7.25
C LYS A 16 7.29 -7.76 8.74
N ASN A 17 7.00 -6.70 9.50
CA ASN A 17 6.96 -6.74 11.00
C ASN A 17 5.59 -7.21 11.60
N ALA A 18 4.47 -6.92 10.90
CA ALA A 18 3.17 -7.63 11.07
C ALA A 18 2.34 -7.20 12.33
N ASP A 19 2.18 -5.87 12.53
CA ASP A 19 1.08 -5.29 13.38
C ASP A 19 -0.31 -5.29 12.65
N GLY A 20 -0.33 -5.57 11.33
CA GLY A 20 -1.56 -5.43 10.49
C GLY A 20 -1.68 -4.09 9.69
N TYR A 21 -0.61 -3.28 9.67
CA TYR A 21 -0.55 -2.00 8.90
C TYR A 21 0.56 -2.05 7.79
N ILE A 22 0.45 -1.19 6.76
CA ILE A 22 1.51 -0.98 5.71
C ILE A 22 2.03 0.50 5.76
N ASP A 23 3.30 0.74 5.37
CA ASP A 23 4.06 1.98 5.70
C ASP A 23 4.68 2.67 4.42
N ILE A 24 5.26 3.87 4.59
CA ILE A 24 5.89 4.64 3.47
C ILE A 24 7.17 3.88 2.95
N GLU A 25 7.96 3.29 3.86
CA GLU A 25 9.23 2.59 3.52
C GLU A 25 9.03 1.18 2.84
N GLU A 26 7.88 0.54 3.09
CA GLU A 26 7.42 -0.69 2.37
C GLU A 26 6.85 -0.40 0.94
N LEU A 27 6.25 0.78 0.74
CA LEU A 27 5.51 1.13 -0.52
C LEU A 27 6.48 1.31 -1.74
N GLY A 28 7.33 2.36 -1.72
CA GLY A 28 8.33 2.63 -2.80
C GLY A 28 9.13 1.37 -3.31
N GLU A 29 9.49 0.45 -2.38
CA GLU A 29 10.29 -0.77 -2.70
C GLU A 29 9.45 -1.94 -3.32
N ILE A 30 8.19 -2.10 -2.87
CA ILE A 30 7.17 -2.96 -3.56
C ILE A 30 7.00 -2.51 -5.05
N LEU A 31 6.63 -1.24 -5.28
CA LEU A 31 6.44 -0.66 -6.64
C LEU A 31 7.80 -0.62 -7.45
N ARG A 32 8.93 -0.77 -6.75
CA ARG A 32 10.29 -0.87 -7.39
C ARG A 32 10.73 -2.37 -7.54
N ALA A 33 10.14 -3.28 -6.76
CA ALA A 33 10.57 -4.71 -6.68
C ALA A 33 10.92 -5.37 -8.06
N THR A 34 10.31 -4.89 -9.16
CA THR A 34 10.20 -5.65 -10.44
C THR A 34 11.62 -6.10 -10.92
N GLY A 35 12.65 -5.26 -10.69
CA GLY A 35 13.94 -5.31 -11.44
C GLY A 35 15.13 -4.54 -10.78
N NH2 A 36 15.25 -3.22 -11.06
HN1 NH2 A 36 14.60 -2.77 -11.72
HN2 NH2 A 36 15.99 -2.66 -10.62
C ACE B 1 10.19 9.46 -12.92
O ACE B 1 11.40 9.69 -12.90
CH3 ACE B 1 9.20 10.42 -13.68
H1 ACE B 1 8.86 9.93 -14.59
H2 ACE B 1 8.37 10.68 -13.03
H3 ACE B 1 9.76 11.34 -13.94
N VAL B 2 9.68 8.35 -12.37
CA VAL B 2 10.44 7.44 -11.46
C VAL B 2 11.28 8.32 -10.46
N THR B 3 10.66 8.78 -9.36
CA THR B 3 11.31 9.68 -8.36
C THR B 3 10.67 9.47 -6.95
N GLU B 4 11.26 10.06 -5.90
CA GLU B 4 10.73 9.99 -4.50
C GLU B 4 9.43 10.83 -4.26
N GLU B 5 9.34 12.02 -4.90
CA GLU B 5 8.11 12.86 -4.87
C GLU B 5 6.85 12.20 -5.55
N ASP B 6 7.08 11.33 -6.56
CA ASP B 6 6.02 10.43 -7.13
C ASP B 6 5.43 9.43 -6.07
N ILE B 7 6.30 8.89 -5.19
CA ILE B 7 5.87 8.04 -4.03
C ILE B 7 5.06 8.91 -3.00
N GLU B 8 5.52 10.15 -2.72
CA GLU B 8 4.87 11.06 -1.73
C GLU B 8 3.47 11.59 -2.21
N ASP B 9 3.36 11.97 -3.49
CA ASP B 9 2.10 12.50 -4.10
C ASP B 9 1.03 11.37 -4.36
N LEU B 10 1.49 10.16 -4.70
CA LEU B 10 0.68 8.90 -4.58
C LEU B 10 0.16 8.63 -3.11
N MET B 11 1.05 8.77 -2.11
CA MET B 11 0.72 8.45 -0.68
C MET B 11 -0.09 9.60 0.02
N LYS B 12 -0.51 10.62 -0.75
CA LYS B 12 -1.61 11.56 -0.34
C LYS B 12 -2.86 11.36 -1.27
N ASP B 13 -2.64 11.04 -2.56
CA ASP B 13 -3.74 10.70 -3.51
C ASP B 13 -4.44 9.34 -3.14
N SER B 14 -3.68 8.36 -2.61
CA SER B 14 -4.22 7.10 -2.03
C SER B 14 -4.61 7.25 -0.51
N ASP B 15 -3.78 7.96 0.27
CA ASP B 15 -4.03 8.20 1.73
C ASP B 15 -5.16 9.25 1.98
N LYS B 16 -6.26 8.85 2.66
CA LYS B 16 -7.42 9.74 2.96
C LYS B 16 -7.24 10.41 4.37
N ASN B 17 -7.20 9.59 5.44
CA ASN B 17 -7.06 10.08 6.84
C ASN B 17 -5.71 10.84 7.10
N ASN B 18 -4.65 10.48 6.37
CA ASN B 18 -3.39 11.28 6.30
C ASN B 18 -2.74 11.55 7.71
N ASP B 19 -2.69 10.51 8.57
CA ASP B 19 -1.74 10.46 9.73
C ASP B 19 -0.30 10.00 9.31
N GLY B 20 -0.20 9.12 8.29
CA GLY B 20 1.07 8.90 7.53
C GLY B 20 1.15 7.52 6.76
N ARG B 21 0.21 6.60 7.04
CA ARG B 21 0.38 5.13 6.82
C ARG B 21 -0.96 4.37 6.53
N ILE B 22 -0.88 3.15 5.97
CA ILE B 22 -2.00 2.48 5.25
C ILE B 22 -2.55 1.28 6.08
N ASP B 23 -3.86 0.97 5.96
CA ASP B 23 -4.48 -0.30 6.45
C ASP B 23 -5.17 -1.12 5.30
N PHE B 24 -6.01 -2.12 5.67
CA PHE B 24 -6.46 -3.19 4.72
C PHE B 24 -7.45 -2.63 3.64
N ASP B 25 -8.40 -1.76 4.06
CA ASP B 25 -9.19 -0.89 3.14
C ASP B 25 -8.32 -0.20 2.04
N GLU B 26 -7.61 0.89 2.44
CA GLU B 26 -6.59 1.58 1.57
C GLU B 26 -5.79 0.60 0.62
N PHE B 27 -5.47 -0.63 1.06
CA PHE B 27 -4.80 -1.65 0.19
C PHE B 27 -5.67 -1.99 -1.08
N LEU B 28 -6.97 -2.28 -0.88
CA LEU B 28 -7.92 -2.63 -1.98
C LEU B 28 -8.14 -1.41 -2.96
N LYS B 29 -8.01 -0.18 -2.46
CA LYS B 29 -7.93 1.04 -3.32
C LYS B 29 -6.55 1.07 -4.08
N MET B 30 -5.44 0.94 -3.34
CA MET B 30 -4.06 1.10 -3.88
C MET B 30 -3.68 0.07 -5.01
N MET B 31 -4.20 -1.17 -4.89
CA MET B 31 -4.28 -2.14 -6.04
C MET B 31 -5.23 -1.59 -7.17
N GLU B 32 -6.56 -1.60 -6.92
CA GLU B 32 -7.59 -1.49 -8.00
C GLU B 32 -7.33 -0.30 -9.00
N GLY B 33 -6.76 0.82 -8.51
CA GLY B 33 -5.98 1.78 -9.34
C GLY B 33 -6.84 2.69 -10.30
N VAL B 34 -6.28 3.81 -10.77
CA VAL B 34 -7.02 4.85 -11.54
C VAL B 34 -7.40 4.25 -12.95
N GLN B 35 -8.46 4.78 -13.58
CA GLN B 35 -9.09 4.17 -14.79
C GLN B 35 -8.07 4.06 -15.99
N NH2 B 36 -7.14 5.02 -16.11
HN1 NH2 B 36 -7.11 5.79 -15.42
HN2 NH2 B 36 -6.48 5.00 -16.89
C ACE A 1 -19.66 -11.70 -0.02
O ACE A 1 -19.92 -10.55 0.36
CH3 ACE A 1 -20.44 -12.35 -1.22
H1 ACE A 1 -19.75 -12.51 -2.03
H2 ACE A 1 -20.92 -13.27 -0.90
H3 ACE A 1 -21.20 -11.63 -1.54
N LYS A 2 -18.67 -12.41 0.53
CA LYS A 2 -17.64 -11.81 1.45
C LYS A 2 -16.24 -12.48 1.18
N SER A 3 -15.41 -11.86 0.31
CA SER A 3 -14.24 -12.52 -0.34
C SER A 3 -13.08 -11.51 -0.66
N GLU A 4 -12.49 -10.90 0.38
CA GLU A 4 -11.14 -10.24 0.29
C GLU A 4 -9.98 -11.27 0.57
N GLU A 5 -10.04 -12.45 -0.06
CA GLU A 5 -9.11 -13.59 0.23
C GLU A 5 -7.66 -13.38 -0.34
N GLU A 6 -7.53 -13.23 -1.66
CA GLU A 6 -6.23 -12.88 -2.32
C GLU A 6 -5.63 -11.50 -1.88
N LEU A 7 -6.47 -10.62 -1.28
CA LEU A 7 -6.02 -9.38 -0.58
C LEU A 7 -5.56 -9.68 0.89
N ALA A 8 -6.12 -10.73 1.52
CA ALA A 8 -5.64 -11.29 2.82
C ALA A 8 -4.19 -11.91 2.76
N ASN A 9 -4.05 -13.04 2.04
CA ASN A 9 -2.71 -13.54 1.54
C ASN A 9 -1.71 -12.39 1.20
N ALA A 10 -2.11 -11.45 0.33
CA ALA A 10 -1.22 -10.37 -0.23
C ALA A 10 -0.85 -9.25 0.80
N PHE A 11 -1.75 -8.94 1.75
CA PHE A 11 -1.52 -7.93 2.82
C PHE A 11 -0.58 -8.48 3.96
N ARG A 12 -0.62 -9.81 4.20
CA ARG A 12 0.40 -10.52 5.04
C ARG A 12 1.76 -10.74 4.29
N ILE A 13 1.74 -10.78 2.95
CA ILE A 13 2.95 -10.92 2.09
C ILE A 13 3.74 -9.56 2.05
N PHE A 14 3.01 -8.42 2.09
CA PHE A 14 3.60 -7.06 2.11
C PHE A 14 4.29 -6.78 3.50
N ASP A 15 3.72 -7.32 4.58
CA ASP A 15 3.99 -6.86 5.99
C ASP A 15 5.36 -7.38 6.55
N LYS A 16 6.37 -6.50 6.66
CA LYS A 16 7.80 -6.90 6.81
C LYS A 16 8.10 -7.21 8.31
N ASN A 17 7.75 -6.28 9.22
CA ASN A 17 8.05 -6.40 10.68
C ASN A 17 6.83 -6.87 11.57
N ALA A 18 5.61 -6.52 11.15
CA ALA A 18 4.36 -7.29 11.49
C ALA A 18 3.72 -6.92 12.87
N ASP A 19 3.62 -5.63 13.20
CA ASP A 19 2.59 -5.09 14.14
C ASP A 19 1.13 -5.27 13.59
N GLY A 20 1.00 -5.52 12.27
CA GLY A 20 -0.31 -5.74 11.60
C GLY A 20 -0.54 -4.89 10.29
N TYR A 21 -0.14 -3.60 10.31
CA TYR A 21 -0.60 -2.57 9.33
C TYR A 21 0.62 -1.80 8.69
N ILE A 22 0.37 -1.10 7.57
CA ILE A 22 1.43 -0.63 6.62
C ILE A 22 1.78 0.87 6.88
N ASP A 23 3.00 1.31 6.54
CA ASP A 23 3.46 2.72 6.72
C ASP A 23 4.12 3.32 5.42
N ILE A 24 4.44 4.63 5.44
CA ILE A 24 5.01 5.35 4.26
C ILE A 24 6.52 4.97 4.07
N GLU A 25 7.23 4.61 5.16
CA GLU A 25 8.61 4.03 5.09
C GLU A 25 8.67 2.62 4.41
N GLU A 26 7.65 1.77 4.66
CA GLU A 26 7.56 0.39 4.10
C GLU A 26 7.17 0.34 2.57
N LEU A 27 6.23 1.20 2.14
CA LEU A 27 5.67 1.21 0.76
C LEU A 27 6.80 1.08 -0.33
N GLY A 28 7.59 2.15 -0.53
CA GLY A 28 8.63 2.21 -1.61
C GLY A 28 9.49 0.91 -1.79
N GLU A 29 10.10 0.41 -0.70
CA GLU A 29 10.93 -0.84 -0.71
C GLU A 29 10.12 -2.13 -1.09
N ILE A 30 8.85 -2.21 -0.65
CA ILE A 30 7.91 -3.29 -1.07
C ILE A 30 7.85 -3.38 -2.64
N LEU A 31 7.53 -2.24 -3.30
CA LEU A 31 7.57 -2.13 -4.79
C LEU A 31 8.98 -2.53 -5.36
N ARG A 32 10.06 -1.98 -4.79
CA ARG A 32 11.38 -1.85 -5.47
C ARG A 32 12.49 -2.66 -4.71
N ALA A 33 12.12 -3.81 -4.11
CA ALA A 33 13.10 -4.83 -3.61
C ALA A 33 12.93 -6.26 -4.23
N THR A 34 13.76 -7.23 -3.79
CA THR A 34 13.67 -8.66 -4.23
C THR A 34 13.75 -9.60 -2.98
N GLY A 35 12.60 -9.89 -2.33
CA GLY A 35 12.55 -10.37 -0.91
C GLY A 35 13.55 -9.67 0.07
N NH2 A 36 14.74 -10.26 0.30
HN1 NH2 A 36 14.96 -11.15 -0.18
HN2 NH2 A 36 15.42 -9.83 0.93
C ACE B 1 12.47 7.26 -13.05
O ACE B 1 11.40 7.82 -13.30
CH3 ACE B 1 13.64 7.22 -14.09
H1 ACE B 1 14.42 7.90 -13.76
H2 ACE B 1 14.01 6.21 -14.21
H3 ACE B 1 13.24 7.57 -15.06
N VAL B 2 12.71 6.71 -11.84
CA VAL B 2 11.78 6.86 -10.68
C VAL B 2 12.59 7.43 -9.45
N THR B 3 11.92 8.18 -8.57
CA THR B 3 12.54 8.73 -7.31
C THR B 3 11.58 8.50 -6.10
N GLU B 4 11.73 9.30 -5.03
CA GLU B 4 10.79 9.30 -3.86
C GLU B 4 9.44 10.07 -4.11
N GLU B 5 9.50 11.20 -4.84
CA GLU B 5 8.32 12.09 -5.07
C GLU B 5 7.22 11.47 -6.00
N ASP B 6 7.62 10.46 -6.83
CA ASP B 6 6.66 9.51 -7.47
C ASP B 6 5.82 8.70 -6.42
N ILE B 7 6.50 7.98 -5.50
CA ILE B 7 5.85 7.20 -4.41
C ILE B 7 4.98 8.16 -3.50
N GLU B 8 5.52 9.35 -3.17
CA GLU B 8 4.83 10.38 -2.33
C GLU B 8 3.60 11.05 -3.04
N ASP B 9 3.69 11.26 -4.37
CA ASP B 9 2.55 11.74 -5.21
C ASP B 9 1.36 10.71 -5.26
N LEU B 10 1.66 9.43 -5.50
CA LEU B 10 0.62 8.36 -5.64
C LEU B 10 -0.15 8.03 -4.31
N MET B 11 0.59 7.88 -3.19
CA MET B 11 0.00 7.56 -1.85
C MET B 11 -0.73 8.80 -1.23
N LYS B 12 -0.20 10.02 -1.48
CA LYS B 12 -0.82 11.30 -1.00
C LYS B 12 -1.95 11.78 -1.99
N ASP B 13 -2.04 11.19 -3.21
CA ASP B 13 -3.31 11.22 -4.01
C ASP B 13 -4.46 10.38 -3.33
N SER B 14 -4.22 9.07 -3.11
CA SER B 14 -5.20 8.18 -2.42
C SER B 14 -5.33 8.45 -0.88
N ASP B 15 -4.61 9.46 -0.35
CA ASP B 15 -4.67 9.84 1.10
C ASP B 15 -6.03 10.51 1.49
N LYS B 16 -6.75 9.93 2.47
CA LYS B 16 -7.79 10.66 3.27
C LYS B 16 -7.12 11.80 4.12
N ASN B 17 -7.59 11.99 5.36
CA ASN B 17 -6.90 12.86 6.38
C ASN B 17 -5.59 12.21 6.96
N ASN B 18 -5.71 11.01 7.55
CA ASN B 18 -4.54 10.12 7.84
C ASN B 18 -3.46 10.79 8.78
N ASP B 19 -3.48 10.47 10.08
CA ASP B 19 -2.34 10.70 11.02
C ASP B 19 -0.95 10.46 10.34
N GLY B 20 -0.80 9.32 9.62
CA GLY B 20 0.49 8.93 8.96
C GLY B 20 0.40 7.66 8.04
N ARG B 21 -0.35 6.63 8.47
CA ARG B 21 -0.14 5.21 8.04
C ARG B 21 -1.43 4.51 7.48
N ILE B 22 -1.29 3.33 6.87
CA ILE B 22 -2.42 2.58 6.23
C ILE B 22 -2.73 1.27 7.04
N ASP B 23 -4.01 0.94 7.26
CA ASP B 23 -4.46 -0.41 7.75
C ASP B 23 -5.51 -1.08 6.80
N PHE B 24 -5.88 -2.34 7.07
CA PHE B 24 -6.38 -3.32 6.06
C PHE B 24 -7.56 -2.73 5.20
N ASP B 25 -8.47 -1.98 5.84
CA ASP B 25 -9.48 -1.13 5.14
C ASP B 25 -8.89 -0.26 3.99
N GLU B 26 -8.21 0.85 4.36
CA GLU B 26 -7.38 1.67 3.43
C GLU B 26 -6.72 0.85 2.27
N PHE B 27 -6.16 -0.35 2.56
CA PHE B 27 -5.54 -1.24 1.54
C PHE B 27 -6.52 -1.62 0.39
N LEU B 28 -7.75 -2.05 0.75
CA LEU B 28 -8.82 -2.45 -0.22
C LEU B 28 -9.25 -1.24 -1.13
N LYS B 29 -9.01 0.00 -0.67
CA LYS B 29 -9.23 1.23 -1.49
C LYS B 29 -7.94 1.54 -2.34
N MET B 30 -6.77 1.58 -1.69
CA MET B 30 -5.45 1.78 -2.37
C MET B 30 -5.20 0.83 -3.60
N MET B 31 -6.00 -0.24 -3.72
CA MET B 31 -6.26 -0.96 -5.01
C MET B 31 -7.49 -0.31 -5.76
N GLU B 32 -8.71 -0.48 -5.22
CA GLU B 32 -9.97 -0.41 -6.02
C GLU B 32 -10.62 1.02 -6.07
N GLY B 33 -10.67 1.72 -4.92
CA GLY B 33 -11.57 2.91 -4.73
C GLY B 33 -11.48 4.00 -5.87
N VAL B 34 -10.47 4.87 -5.80
CA VAL B 34 -10.29 5.99 -6.78
C VAL B 34 -9.17 5.59 -7.80
N GLN B 35 -9.40 5.82 -9.10
CA GLN B 35 -8.59 5.20 -10.20
C GLN B 35 -7.47 6.18 -10.73
N NH2 B 36 -7.51 6.53 -12.03
HN1 NH2 B 36 -8.27 6.17 -12.64
HN2 NH2 B 36 -6.79 7.15 -12.41
C ACE A 1 -18.50 -12.17 -2.68
O ACE A 1 -18.88 -11.96 -1.52
CH3 ACE A 1 -19.49 -12.77 -3.76
H1 ACE A 1 -19.66 -12.02 -4.53
H2 ACE A 1 -19.09 -13.70 -4.15
H3 ACE A 1 -20.44 -12.97 -3.24
N LYS A 2 -17.26 -11.84 -3.09
CA LYS A 2 -16.30 -11.06 -2.25
C LYS A 2 -15.65 -12.01 -1.18
N SER A 3 -14.35 -12.32 -1.34
CA SER A 3 -13.51 -12.96 -0.28
C SER A 3 -12.31 -12.06 0.16
N GLU A 4 -11.81 -12.25 1.40
CA GLU A 4 -10.57 -11.56 1.90
C GLU A 4 -9.31 -12.50 1.78
N GLU A 5 -9.39 -13.54 0.94
CA GLU A 5 -8.56 -14.78 1.10
C GLU A 5 -7.07 -14.60 0.64
N GLU A 6 -6.82 -14.58 -0.68
CA GLU A 6 -5.46 -14.38 -1.28
C GLU A 6 -4.83 -12.98 -0.97
N LEU A 7 -5.67 -11.98 -0.64
CA LEU A 7 -5.23 -10.59 -0.32
C LEU A 7 -4.95 -10.42 1.22
N ALA A 8 -5.40 -11.37 2.05
CA ALA A 8 -4.89 -11.56 3.45
C ALA A 8 -3.50 -12.29 3.54
N ASN A 9 -3.38 -13.48 2.92
CA ASN A 9 -2.07 -14.07 2.52
C ASN A 9 -1.10 -13.05 1.82
N ALA A 10 -1.62 -12.23 0.89
CA ALA A 10 -0.84 -11.17 0.20
C ALA A 10 -0.37 -9.98 1.12
N PHE A 11 -1.26 -9.51 2.02
CA PHE A 11 -0.99 -8.35 2.91
C PHE A 11 0.00 -8.70 4.07
N ARG A 12 -0.10 -9.93 4.62
CA ARG A 12 0.90 -10.52 5.56
C ARG A 12 2.31 -10.73 4.91
N ILE A 13 2.35 -11.11 3.62
CA ILE A 13 3.60 -11.46 2.88
C ILE A 13 4.40 -10.17 2.50
N PHE A 14 3.68 -9.06 2.21
CA PHE A 14 4.30 -7.71 2.05
C PHE A 14 4.79 -7.16 3.44
N ASP A 15 4.13 -7.58 4.54
CA ASP A 15 4.38 -7.03 5.91
C ASP A 15 5.80 -7.42 6.47
N LYS A 16 6.32 -6.64 7.43
CA LYS A 16 7.64 -6.91 8.07
C LYS A 16 7.54 -6.63 9.61
N ASN A 17 6.94 -5.49 10.00
CA ASN A 17 6.93 -5.02 11.43
C ASN A 17 5.76 -5.62 12.30
N ALA A 18 4.62 -5.94 11.67
CA ALA A 18 3.62 -6.91 12.21
C ALA A 18 2.73 -6.36 13.40
N ASP A 19 1.89 -5.35 13.12
CA ASP A 19 0.66 -5.03 13.91
C ASP A 19 -0.66 -5.18 13.07
N GLY A 20 -0.57 -5.83 11.89
CA GLY A 20 -1.63 -5.78 10.85
C GLY A 20 -1.85 -4.37 10.19
N TYR A 21 -0.78 -3.56 10.06
CA TYR A 21 -0.81 -2.25 9.35
C TYR A 21 0.27 -2.18 8.20
N ILE A 22 0.09 -1.27 7.22
CA ILE A 22 1.15 -0.87 6.25
C ILE A 22 1.70 0.55 6.60
N ASP A 23 2.98 0.83 6.27
CA ASP A 23 3.64 2.16 6.49
C ASP A 23 4.20 2.78 5.18
N ILE A 24 4.40 4.12 5.16
CA ILE A 24 4.90 4.85 3.94
C ILE A 24 6.30 4.29 3.52
N GLU A 25 7.08 3.76 4.48
CA GLU A 25 8.46 3.21 4.23
C GLU A 25 8.45 1.79 3.55
N GLU A 26 7.40 0.99 3.81
CA GLU A 26 7.10 -0.26 3.05
C GLU A 26 6.44 0.00 1.64
N LEU A 27 5.64 1.07 1.52
CA LEU A 27 4.89 1.42 0.26
C LEU A 27 5.78 1.27 -1.01
N GLY A 28 6.75 2.18 -1.21
CA GLY A 28 7.88 1.99 -2.17
C GLY A 28 8.51 0.55 -2.19
N GLU A 29 9.12 0.12 -1.07
CA GLU A 29 9.98 -1.10 -1.03
C GLU A 29 9.23 -2.43 -1.39
N ILE A 30 7.93 -2.52 -1.07
CA ILE A 30 6.99 -3.51 -1.69
C ILE A 30 6.92 -3.26 -3.24
N LEU A 31 6.50 -2.06 -3.67
CA LEU A 31 6.20 -1.73 -5.10
C LEU A 31 7.52 -1.41 -5.90
N ARG A 32 8.68 -1.84 -5.39
CA ARG A 32 9.97 -1.83 -6.15
C ARG A 32 10.68 -3.23 -6.07
N ALA A 33 10.40 -4.01 -5.01
CA ALA A 33 11.10 -5.30 -4.73
C ALA A 33 10.82 -6.44 -5.78
N THR A 34 11.49 -7.60 -5.63
CA THR A 34 11.62 -8.62 -6.71
C THR A 34 10.19 -9.01 -7.24
N GLY A 35 9.87 -8.61 -8.49
CA GLY A 35 8.60 -9.04 -9.18
C GLY A 35 7.28 -8.75 -8.39
N NH2 A 36 6.41 -9.77 -8.23
HN1 NH2 A 36 6.62 -10.68 -8.65
HN2 NH2 A 36 5.55 -9.63 -7.69
C ACE B 1 8.74 7.52 -14.28
O ACE B 1 9.79 6.89 -14.43
CH3 ACE B 1 8.54 8.94 -14.94
H1 ACE B 1 7.83 8.84 -15.75
H2 ACE B 1 8.19 9.65 -14.19
H3 ACE B 1 9.51 9.26 -15.33
N VAL B 2 7.75 7.07 -13.47
CA VAL B 2 7.95 5.99 -12.46
C VAL B 2 9.12 6.40 -11.50
N THR B 3 8.84 7.23 -10.50
CA THR B 3 9.80 7.52 -9.38
C THR B 3 9.01 7.59 -8.02
N GLU B 4 9.74 7.74 -6.89
CA GLU B 4 9.14 7.90 -5.53
C GLU B 4 8.41 9.26 -5.31
N GLU B 5 8.73 10.29 -6.11
CA GLU B 5 7.99 11.59 -6.13
C GLU B 5 6.48 11.47 -6.51
N ASP B 6 6.10 10.37 -7.21
CA ASP B 6 4.69 10.10 -7.60
C ASP B 6 3.93 9.20 -6.56
N ILE B 7 4.67 8.32 -5.85
CA ILE B 7 4.20 7.73 -4.55
C ILE B 7 3.89 8.89 -3.52
N GLU B 8 4.61 10.02 -3.61
CA GLU B 8 4.36 11.24 -2.80
C GLU B 8 3.12 12.08 -3.28
N ASP B 9 2.87 12.08 -4.61
CA ASP B 9 1.55 12.53 -5.19
C ASP B 9 0.36 11.62 -4.74
N LEU B 10 0.61 10.30 -4.58
CA LEU B 10 -0.45 9.31 -4.18
C LEU B 10 -0.81 9.36 -2.65
N MET B 11 0.21 9.48 -1.78
CA MET B 11 0.00 9.63 -0.30
C MET B 11 0.01 11.13 0.15
N LYS B 12 -0.18 12.07 -0.81
CA LYS B 12 -0.60 13.48 -0.51
C LYS B 12 -2.06 13.74 -1.03
N ASP B 13 -2.46 13.06 -2.12
CA ASP B 13 -3.91 12.89 -2.47
C ASP B 13 -4.68 11.99 -1.43
N SER B 14 -4.31 10.69 -1.35
CA SER B 14 -5.15 9.64 -0.68
C SER B 14 -5.05 9.71 0.89
N ASP B 15 -3.97 10.31 1.43
CA ASP B 15 -3.90 10.71 2.87
C ASP B 15 -5.08 11.66 3.30
N LYS B 16 -5.19 11.97 4.61
CA LYS B 16 -6.13 13.01 5.12
C LYS B 16 -5.44 13.85 6.27
N ASN B 17 -5.87 13.68 7.53
CA ASN B 17 -5.45 14.58 8.66
C ASN B 17 -4.05 14.21 9.27
N ASN B 18 -3.20 13.53 8.48
CA ASN B 18 -1.77 13.26 8.78
C ASN B 18 -1.56 12.17 9.90
N ASP B 19 -2.50 11.20 9.99
CA ASP B 19 -2.23 9.84 10.54
C ASP B 19 -1.83 8.81 9.42
N GLY B 20 -0.78 9.13 8.64
CA GLY B 20 -0.53 8.55 7.28
C GLY B 20 -0.21 7.02 7.25
N ARG B 21 -0.38 6.30 8.37
CA ARG B 21 -0.21 4.82 8.43
C ARG B 21 -1.54 4.01 8.17
N ILE B 22 -1.45 2.91 7.41
CA ILE B 22 -2.59 2.35 6.61
C ILE B 22 -3.07 0.99 7.22
N ASP B 23 -4.32 0.57 6.89
CA ASP B 23 -4.89 -0.75 7.29
C ASP B 23 -5.46 -1.55 6.07
N PHE B 24 -6.10 -2.70 6.32
CA PHE B 24 -6.50 -3.69 5.26
C PHE B 24 -7.57 -3.09 4.27
N ASP B 25 -8.49 -2.25 4.77
CA ASP B 25 -9.41 -1.43 3.92
C ASP B 25 -8.61 -0.68 2.78
N GLU B 26 -8.06 0.52 3.17
CA GLU B 26 -7.06 1.29 2.40
C GLU B 26 -6.13 0.40 1.49
N PHE B 27 -5.76 -0.81 1.92
CA PHE B 27 -4.94 -1.75 1.10
C PHE B 27 -5.69 -2.18 -0.22
N LEU B 28 -6.93 -2.67 -0.09
CA LEU B 28 -7.86 -3.02 -1.22
C LEU B 28 -8.00 -1.83 -2.23
N LYS B 29 -8.24 -0.60 -1.73
CA LYS B 29 -8.53 0.59 -2.58
C LYS B 29 -7.18 1.18 -3.13
N MET B 30 -6.06 0.92 -2.43
CA MET B 30 -4.70 1.33 -2.87
C MET B 30 -4.17 0.58 -4.16
N MET B 31 -4.17 -0.76 -4.12
CA MET B 31 -3.78 -1.62 -5.28
C MET B 31 -4.80 -1.43 -6.47
N GLU B 32 -6.11 -1.38 -6.16
CA GLU B 32 -7.18 -1.14 -7.18
C GLU B 32 -7.18 0.31 -7.77
N GLY B 33 -7.74 1.28 -7.02
CA GLY B 33 -8.03 2.66 -7.54
C GLY B 33 -6.80 3.43 -8.12
N VAL B 34 -6.64 3.43 -9.46
CA VAL B 34 -5.77 4.41 -10.19
C VAL B 34 -6.57 5.00 -11.39
N GLN B 35 -7.03 6.26 -11.28
CA GLN B 35 -7.53 7.06 -12.44
C GLN B 35 -6.96 8.52 -12.44
N NH2 B 36 -6.66 9.07 -11.25
HN1 NH2 B 36 -6.85 8.54 -10.38
HN2 NH2 B 36 -6.24 10.00 -11.20
C ACE A 1 -15.28 -9.94 3.89
O ACE A 1 -14.39 -9.82 3.04
CH3 ACE A 1 -15.00 -9.61 5.41
H1 ACE A 1 -15.58 -8.75 5.69
H2 ACE A 1 -15.20 -10.47 6.02
H3 ACE A 1 -13.92 -9.35 5.47
N LYS A 2 -16.50 -10.40 3.58
CA LYS A 2 -16.81 -11.09 2.28
C LYS A 2 -15.66 -12.09 1.92
N SER A 3 -15.41 -12.29 0.61
CA SER A 3 -14.18 -13.00 0.12
C SER A 3 -12.89 -12.13 0.25
N GLU A 4 -11.79 -12.72 0.76
CA GLU A 4 -10.64 -11.95 1.33
C GLU A 4 -9.33 -12.81 1.43
N GLU A 5 -9.47 -14.15 1.39
CA GLU A 5 -8.34 -15.13 1.33
C GLU A 5 -7.06 -14.58 0.60
N GLU A 6 -7.12 -14.42 -0.74
CA GLU A 6 -5.91 -14.23 -1.61
C GLU A 6 -5.21 -12.84 -1.42
N LEU A 7 -6.00 -11.76 -1.25
CA LEU A 7 -5.53 -10.41 -0.83
C LEU A 7 -5.15 -10.39 0.70
N ALA A 8 -5.65 -11.37 1.49
CA ALA A 8 -5.14 -11.65 2.86
C ALA A 8 -3.67 -12.22 2.92
N ASN A 9 -3.43 -13.38 2.29
CA ASN A 9 -2.07 -13.83 1.86
C ASN A 9 -1.22 -12.68 1.22
N ALA A 10 -1.75 -12.00 0.19
CA ALA A 10 -1.05 -10.90 -0.53
C ALA A 10 -0.71 -9.64 0.35
N PHE A 11 -1.61 -9.26 1.27
CA PHE A 11 -1.42 -8.09 2.18
C PHE A 11 -0.40 -8.40 3.33
N ARG A 12 -0.33 -9.67 3.78
CA ARG A 12 0.79 -10.20 4.62
C ARG A 12 2.16 -10.23 3.86
N ILE A 13 2.18 -10.72 2.62
CA ILE A 13 3.43 -11.07 1.86
C ILE A 13 4.19 -9.76 1.41
N PHE A 14 3.43 -8.67 1.17
CA PHE A 14 3.99 -7.30 0.99
C PHE A 14 4.55 -6.73 2.34
N ASP A 15 3.88 -7.03 3.46
CA ASP A 15 4.28 -6.54 4.82
C ASP A 15 5.69 -7.09 5.28
N LYS A 16 6.44 -6.30 6.06
CA LYS A 16 7.82 -6.67 6.52
C LYS A 16 7.81 -6.83 8.08
N ASN A 17 7.11 -5.94 8.80
CA ASN A 17 7.21 -5.82 10.29
C ASN A 17 5.94 -6.33 11.07
N ALA A 18 4.75 -6.15 10.50
CA ALA A 18 3.53 -6.96 10.84
C ALA A 18 2.87 -6.58 12.21
N ASP A 19 2.65 -5.27 12.46
CA ASP A 19 1.59 -4.76 13.39
C ASP A 19 0.23 -4.49 12.67
N GLY A 20 0.02 -5.05 11.46
CA GLY A 20 -1.32 -5.16 10.80
C GLY A 20 -1.61 -4.09 9.70
N TYR A 21 -0.68 -3.15 9.47
CA TYR A 21 -0.86 -2.00 8.52
C TYR A 21 0.20 -2.03 7.36
N ILE A 22 -0.12 -1.44 6.20
CA ILE A 22 0.88 -1.09 5.13
C ILE A 22 1.34 0.40 5.28
N ASP A 23 2.66 0.64 5.37
CA ASP A 23 3.25 1.96 5.73
C ASP A 23 3.94 2.67 4.51
N ILE A 24 4.47 3.89 4.72
CA ILE A 24 5.21 4.66 3.66
C ILE A 24 6.55 3.94 3.30
N GLU A 25 7.26 3.40 4.31
CA GLU A 25 8.57 2.69 4.11
C GLU A 25 8.44 1.31 3.40
N GLU A 26 7.29 0.64 3.54
CA GLU A 26 6.89 -0.54 2.70
C GLU A 26 6.54 -0.18 1.21
N LEU A 27 6.05 1.05 0.97
CA LEU A 27 5.38 1.44 -0.31
C LEU A 27 6.38 1.44 -1.52
N GLY A 28 7.41 2.31 -1.48
CA GLY A 28 8.46 2.40 -2.55
C GLY A 28 9.14 1.03 -2.93
N GLU A 29 9.39 0.17 -1.94
CA GLU A 29 10.17 -1.10 -2.12
C GLU A 29 9.34 -2.28 -2.72
N ILE A 30 8.05 -2.37 -2.37
CA ILE A 30 7.03 -3.14 -3.17
C ILE A 30 7.09 -2.70 -4.67
N LEU A 31 6.76 -1.43 -4.97
CA LEU A 31 6.51 -0.93 -6.35
C LEU A 31 7.84 -0.85 -7.19
N ARG A 32 8.98 -1.23 -6.58
CA ARG A 32 10.27 -1.41 -7.32
C ARG A 32 10.77 -2.90 -7.20
N ALA A 33 11.32 -3.28 -6.03
CA ALA A 33 12.04 -4.58 -5.84
C ALA A 33 11.17 -5.86 -6.18
N THR A 34 11.84 -6.98 -6.52
CA THR A 34 11.18 -8.31 -6.66
C THR A 34 11.29 -9.10 -5.31
N GLY A 35 11.43 -8.38 -4.18
CA GLY A 35 11.75 -8.99 -2.86
C GLY A 35 12.81 -10.15 -2.89
N NH2 A 36 12.35 -11.42 -2.94
HN1 NH2 A 36 11.33 -11.59 -2.96
HN2 NH2 A 36 13.00 -12.22 -2.95
C ACE B 1 11.63 10.37 -13.02
O ACE B 1 12.42 9.45 -13.25
CH3 ACE B 1 12.06 11.87 -13.25
H1 ACE B 1 11.54 12.24 -14.13
H2 ACE B 1 11.83 12.46 -12.38
H3 ACE B 1 13.14 11.89 -13.44
N VAL B 2 10.38 10.14 -12.61
CA VAL B 2 9.87 8.78 -12.24
C VAL B 2 10.89 8.12 -11.25
N THR B 3 10.83 8.51 -9.97
CA THR B 3 11.78 8.01 -8.92
C THR B 3 10.99 7.71 -7.59
N GLU B 4 11.43 8.31 -6.46
CA GLU B 4 10.59 8.42 -5.23
C GLU B 4 9.54 9.59 -5.27
N GLU B 5 9.84 10.65 -6.03
CA GLU B 5 9.04 11.92 -6.02
C GLU B 5 7.60 11.76 -6.63
N ASP B 6 7.49 11.07 -7.79
CA ASP B 6 6.19 10.58 -8.33
C ASP B 6 5.39 9.72 -7.29
N ILE B 7 6.06 8.75 -6.63
CA ILE B 7 5.43 7.87 -5.60
C ILE B 7 4.84 8.76 -4.43
N GLU B 8 5.72 9.53 -3.74
CA GLU B 8 5.36 10.21 -2.47
C GLU B 8 4.25 11.31 -2.63
N ASP B 9 4.22 12.00 -3.78
CA ASP B 9 3.13 12.95 -4.16
C ASP B 9 1.79 12.22 -4.51
N LEU B 10 1.86 11.03 -5.11
CA LEU B 10 0.69 10.13 -5.33
C LEU B 10 0.03 9.64 -4.00
N MET B 11 0.84 9.23 -3.01
CA MET B 11 0.34 8.80 -1.66
C MET B 11 -0.34 9.98 -0.88
N LYS B 12 0.19 11.21 -1.03
CA LYS B 12 -0.38 12.45 -0.42
C LYS B 12 -1.66 12.91 -1.21
N ASP B 13 -1.76 12.58 -2.51
CA ASP B 13 -2.98 12.86 -3.32
C ASP B 13 -4.22 12.02 -2.86
N SER B 14 -4.02 10.72 -2.57
CA SER B 14 -5.13 9.75 -2.33
C SER B 14 -5.47 9.58 -0.81
N ASP B 15 -4.48 9.81 0.07
CA ASP B 15 -4.63 9.58 1.55
C ASP B 15 -5.56 10.65 2.24
N LYS B 16 -6.89 10.45 2.14
CA LYS B 16 -7.90 11.46 2.61
C LYS B 16 -7.57 11.91 4.08
N ASN B 17 -7.61 10.96 5.03
CA ASN B 17 -7.66 11.28 6.49
C ASN B 17 -6.44 12.13 6.99
N ASN B 18 -5.26 11.95 6.37
CA ASN B 18 -3.97 12.57 6.84
C ASN B 18 -3.64 12.22 8.33
N ASP B 19 -3.80 10.95 8.72
CA ASP B 19 -3.16 10.37 9.95
C ASP B 19 -1.72 9.79 9.67
N GLY B 20 -1.60 8.93 8.65
CA GLY B 20 -0.28 8.56 8.03
C GLY B 20 -0.28 7.26 7.16
N ARG B 21 -0.85 6.16 7.68
CA ARG B 21 -0.61 4.77 7.17
C ARG B 21 -1.88 4.08 6.58
N ILE B 22 -1.72 2.93 5.90
CA ILE B 22 -2.81 2.24 5.14
C ILE B 22 -3.27 0.95 5.89
N ASP B 23 -4.56 0.58 5.78
CA ASP B 23 -5.09 -0.74 6.26
C ASP B 23 -5.38 -1.74 5.10
N PHE B 24 -6.16 -2.81 5.37
CA PHE B 24 -6.64 -3.76 4.32
C PHE B 24 -7.66 -3.09 3.34
N ASP B 25 -8.52 -2.18 3.84
CA ASP B 25 -9.46 -1.37 3.01
C ASP B 25 -8.71 -0.65 1.82
N GLU B 26 -8.15 0.56 2.17
CA GLU B 26 -7.15 1.30 1.35
C GLU B 26 -6.25 0.38 0.45
N PHE B 27 -5.88 -0.83 0.90
CA PHE B 27 -5.10 -1.81 0.07
C PHE B 27 -5.88 -2.24 -1.22
N LEU B 28 -7.16 -2.62 -1.05
CA LEU B 28 -8.12 -2.96 -2.15
C LEU B 28 -8.30 -1.77 -3.16
N LYS B 29 -8.41 -0.53 -2.64
CA LYS B 29 -8.45 0.71 -3.49
C LYS B 29 -7.06 0.90 -4.20
N MET B 30 -5.97 0.50 -3.55
CA MET B 30 -4.57 0.74 -4.05
C MET B 30 -4.12 -0.23 -5.19
N MET B 31 -4.67 -1.46 -5.22
CA MET B 31 -4.31 -2.50 -6.23
C MET B 31 -5.35 -2.50 -7.41
N GLU B 32 -6.54 -1.90 -7.19
CA GLU B 32 -7.44 -1.42 -8.29
C GLU B 32 -6.95 -0.11 -8.98
N GLY B 33 -7.17 1.05 -8.35
CA GLY B 33 -7.01 2.39 -9.00
C GLY B 33 -8.32 3.03 -9.56
N VAL B 34 -9.41 3.01 -8.77
CA VAL B 34 -10.75 3.54 -9.18
C VAL B 34 -10.87 5.03 -8.68
N GLN B 35 -10.60 6.00 -9.57
CA GLN B 35 -10.96 7.45 -9.35
C GLN B 35 -11.28 8.18 -10.69
N NH2 B 36 -12.15 9.22 -10.64
HN1 NH2 B 36 -12.53 9.51 -9.74
HN2 NH2 B 36 -12.41 9.71 -11.51
C ACE A 1 -16.99 -9.50 -2.55
O ACE A 1 -16.47 -8.73 -1.73
CH3 ACE A 1 -17.64 -8.95 -3.87
H1 ACE A 1 -17.06 -9.32 -4.71
H2 ACE A 1 -18.67 -9.25 -3.93
H3 ACE A 1 -17.57 -7.86 -3.83
N LYS A 2 -17.08 -10.82 -2.31
CA LYS A 2 -16.53 -11.47 -1.08
C LYS A 2 -15.09 -12.03 -1.36
N SER A 3 -14.26 -11.26 -2.09
CA SER A 3 -12.78 -11.52 -2.21
C SER A 3 -11.94 -10.71 -1.16
N GLU A 4 -11.94 -11.16 0.11
CA GLU A 4 -11.02 -10.64 1.16
C GLU A 4 -9.86 -11.65 1.47
N GLU A 5 -10.04 -12.94 1.14
CA GLU A 5 -9.18 -14.05 1.65
C GLU A 5 -7.72 -14.05 1.06
N GLU A 6 -7.59 -13.93 -0.27
CA GLU A 6 -6.27 -13.96 -0.99
C GLU A 6 -5.50 -12.58 -0.96
N LEU A 7 -6.25 -11.46 -0.95
CA LEU A 7 -5.73 -10.12 -0.54
C LEU A 7 -5.46 -10.05 1.00
N ALA A 8 -6.00 -11.01 1.77
CA ALA A 8 -5.62 -11.23 3.21
C ALA A 8 -4.18 -11.82 3.41
N ASN A 9 -3.95 -13.09 3.01
CA ASN A 9 -2.60 -13.64 2.73
C ASN A 9 -1.60 -12.59 2.12
N ALA A 10 -1.99 -11.95 1.00
CA ALA A 10 -1.14 -10.95 0.27
C ALA A 10 -0.85 -9.63 1.07
N PHE A 11 -1.82 -9.16 1.86
CA PHE A 11 -1.64 -7.97 2.76
C PHE A 11 -0.66 -8.28 3.95
N ARG A 12 -0.72 -9.50 4.51
CA ARG A 12 0.23 -9.98 5.56
C ARG A 12 1.66 -10.27 5.00
N ILE A 13 1.75 -10.83 3.79
CA ILE A 13 3.01 -11.40 3.21
C ILE A 13 3.90 -10.27 2.61
N PHE A 14 3.28 -9.21 2.07
CA PHE A 14 3.94 -7.90 1.80
C PHE A 14 4.74 -7.43 3.07
N ASP A 15 4.03 -7.17 4.19
CA ASP A 15 4.57 -6.40 5.35
C ASP A 15 5.71 -7.19 6.12
N LYS A 16 6.75 -6.47 6.57
CA LYS A 16 7.99 -7.11 7.12
C LYS A 16 7.69 -7.68 8.55
N ASN A 17 7.31 -6.81 9.51
CA ASN A 17 7.25 -7.16 10.97
C ASN A 17 5.82 -7.58 11.48
N ALA A 18 4.75 -7.08 10.82
CA ALA A 18 3.37 -7.63 10.95
C ALA A 18 2.62 -7.22 12.27
N ASP A 19 2.54 -5.90 12.55
CA ASP A 19 1.46 -5.29 13.39
C ASP A 19 0.17 -4.97 12.57
N GLY A 20 0.11 -5.32 11.27
CA GLY A 20 -1.17 -5.37 10.50
C GLY A 20 -1.50 -4.11 9.63
N TYR A 21 -0.56 -3.14 9.56
CA TYR A 21 -0.66 -1.93 8.68
C TYR A 21 0.36 -1.97 7.49
N ILE A 22 0.13 -1.18 6.44
CA ILE A 22 1.17 -0.79 5.43
C ILE A 22 1.73 0.63 5.77
N ASP A 23 3.07 0.75 5.94
CA ASP A 23 3.76 2.06 6.16
C ASP A 23 4.42 2.63 4.86
N ILE A 24 4.79 3.92 4.87
CA ILE A 24 5.45 4.60 3.71
C ILE A 24 6.81 3.89 3.37
N GLU A 25 7.49 3.32 4.39
CA GLU A 25 8.82 2.67 4.25
C GLU A 25 8.77 1.25 3.59
N GLU A 26 7.66 0.51 3.79
CA GLU A 26 7.39 -0.77 3.07
C GLU A 26 7.22 -0.60 1.51
N LEU A 27 6.42 0.39 1.10
CA LEU A 27 5.91 0.55 -0.31
C LEU A 27 7.09 0.54 -1.36
N GLY A 28 8.01 1.51 -1.26
CA GLY A 28 9.25 1.56 -2.10
C GLY A 28 9.95 0.18 -2.33
N GLU A 29 10.00 -0.68 -1.29
CA GLU A 29 10.65 -2.03 -1.35
C GLU A 29 9.76 -3.12 -2.05
N ILE A 30 8.43 -3.02 -1.91
CA ILE A 30 7.45 -3.72 -2.81
C ILE A 30 7.75 -3.38 -4.31
N LEU A 31 7.55 -2.11 -4.71
CA LEU A 31 7.72 -1.66 -6.13
C LEU A 31 9.18 -1.93 -6.64
N ARG A 32 10.09 -2.34 -5.73
CA ARG A 32 11.44 -2.88 -6.10
C ARG A 32 11.41 -4.45 -6.24
N ALA A 33 10.94 -5.15 -5.19
CA ALA A 33 11.20 -6.61 -4.99
C ALA A 33 10.93 -7.50 -6.27
N THR A 34 9.69 -7.49 -6.77
CA THR A 34 9.20 -8.53 -7.74
C THR A 34 9.37 -8.00 -9.21
N GLY A 35 10.43 -7.21 -9.46
CA GLY A 35 10.66 -6.56 -10.79
C GLY A 35 10.57 -4.99 -10.79
N NH2 A 36 9.34 -4.44 -10.74
HN1 NH2 A 36 8.51 -5.04 -10.72
HN2 NH2 A 36 9.23 -3.42 -10.73
C ACE B 1 8.65 6.48 -13.24
O ACE B 1 7.78 7.33 -13.03
CH3 ACE B 1 9.12 6.12 -14.70
H1 ACE B 1 10.12 6.54 -14.84
H2 ACE B 1 9.10 5.06 -14.86
H3 ACE B 1 8.43 6.62 -15.39
N VAL B 2 9.17 5.75 -12.23
CA VAL B 2 8.96 6.06 -10.79
C VAL B 2 10.04 7.11 -10.34
N THR B 3 9.67 8.40 -10.29
CA THR B 3 10.38 9.45 -9.49
C THR B 3 9.81 9.47 -8.02
N GLU B 4 10.59 10.01 -7.07
CA GLU B 4 10.16 10.13 -5.64
C GLU B 4 8.91 11.06 -5.42
N GLU B 5 8.71 12.03 -6.31
CA GLU B 5 7.50 12.91 -6.30
C GLU B 5 6.16 12.15 -6.60
N ASP B 6 6.15 11.27 -7.63
CA ASP B 6 4.99 10.40 -7.96
C ASP B 6 4.57 9.47 -6.76
N ILE B 7 5.55 8.81 -6.12
CA ILE B 7 5.30 7.92 -4.93
C ILE B 7 4.68 8.75 -3.75
N GLU B 8 5.17 9.99 -3.54
CA GLU B 8 4.68 10.90 -2.46
C GLU B 8 3.31 11.59 -2.79
N ASP B 9 3.09 11.93 -4.08
CA ASP B 9 1.79 12.48 -4.59
C ASP B 9 0.66 11.38 -4.67
N LEU B 10 1.04 10.11 -4.84
CA LEU B 10 0.11 8.94 -4.68
C LEU B 10 -0.22 8.59 -3.19
N MET B 11 0.82 8.58 -2.33
CA MET B 11 0.63 8.52 -0.83
C MET B 11 0.28 9.93 -0.23
N LYS B 12 -0.19 10.85 -1.08
CA LYS B 12 -0.91 12.10 -0.64
C LYS B 12 -2.24 12.29 -1.46
N ASP B 13 -2.44 11.56 -2.58
CA ASP B 13 -3.79 11.38 -3.19
C ASP B 13 -4.76 10.53 -2.28
N SER B 14 -4.24 9.45 -1.67
CA SER B 14 -5.09 8.47 -0.91
C SER B 14 -4.90 8.60 0.65
N ASP B 15 -3.75 9.13 1.10
CA ASP B 15 -3.45 9.36 2.54
C ASP B 15 -4.04 10.70 3.08
N LYS B 16 -5.24 11.10 2.61
CA LYS B 16 -5.88 12.41 2.96
C LYS B 16 -6.11 12.49 4.52
N ASN B 17 -6.14 11.34 5.20
CA ASN B 17 -6.41 11.26 6.68
C ASN B 17 -5.41 12.13 7.53
N ASN B 18 -4.24 12.46 6.97
CA ASN B 18 -3.09 13.03 7.74
C ASN B 18 -2.84 12.30 9.11
N ASP B 19 -2.19 11.13 9.08
CA ASP B 19 -1.39 10.57 10.22
C ASP B 19 -0.04 9.93 9.76
N GLY B 20 -0.06 9.20 8.62
CA GLY B 20 1.17 8.61 8.00
C GLY B 20 0.98 7.23 7.29
N ARG B 21 -0.04 6.45 7.70
CA ARG B 21 -0.04 4.96 7.57
C ARG B 21 -1.40 4.38 7.02
N ILE B 22 -1.36 3.16 6.45
CA ILE B 22 -2.47 2.59 5.63
C ILE B 22 -3.13 1.38 6.38
N ASP B 23 -4.42 1.10 6.14
CA ASP B 23 -5.14 -0.12 6.64
C ASP B 23 -5.77 -0.96 5.48
N PHE B 24 -6.18 -2.21 5.76
CA PHE B 24 -6.55 -3.23 4.72
C PHE B 24 -7.56 -2.66 3.67
N ASP B 25 -8.45 -1.76 4.09
CA ASP B 25 -9.32 -0.95 3.18
C ASP B 25 -8.46 -0.29 2.01
N GLU B 26 -7.86 0.89 2.37
CA GLU B 26 -6.77 1.55 1.60
C GLU B 26 -5.96 0.57 0.69
N PHE B 27 -5.61 -0.62 1.21
CA PHE B 27 -4.83 -1.64 0.44
C PHE B 27 -5.57 -2.09 -0.87
N LEU B 28 -6.88 -2.39 -0.74
CA LEU B 28 -7.80 -2.68 -1.88
C LEU B 28 -7.90 -1.47 -2.87
N LYS B 29 -8.09 -0.24 -2.37
CA LYS B 29 -8.12 1.00 -3.20
C LYS B 29 -6.75 1.16 -3.96
N MET B 30 -5.64 0.79 -3.31
CA MET B 30 -4.26 1.05 -3.83
C MET B 30 -3.82 0.09 -4.99
N MET B 31 -3.98 -1.23 -4.80
CA MET B 31 -3.67 -2.26 -5.83
C MET B 31 -4.82 -2.34 -6.91
N GLU B 32 -5.96 -1.67 -6.65
CA GLU B 32 -6.94 -1.25 -7.69
C GLU B 32 -6.44 -0.06 -8.59
N GLY B 33 -6.26 1.13 -7.98
CA GLY B 33 -5.41 2.22 -8.55
C GLY B 33 -6.19 3.44 -9.17
N VAL B 34 -6.91 3.21 -10.29
CA VAL B 34 -7.91 4.18 -10.83
C VAL B 34 -9.15 4.21 -9.87
N GLN B 35 -9.54 5.43 -9.42
CA GLN B 35 -10.49 5.60 -8.27
C GLN B 35 -11.92 5.02 -8.59
N NH2 B 36 -12.55 4.36 -7.60
HN1 NH2 B 36 -12.08 4.22 -6.70
HN2 NH2 B 36 -13.50 3.99 -7.76
C ACE A 1 -15.93 -15.96 -2.78
O ACE A 1 -15.25 -16.80 -2.16
CH3 ACE A 1 -17.50 -15.97 -2.67
H1 ACE A 1 -17.81 -15.06 -2.17
H2 ACE A 1 -17.95 -16.07 -3.65
H3 ACE A 1 -17.77 -16.83 -2.03
N LYS A 2 -15.36 -14.99 -3.51
CA LYS A 2 -13.93 -14.57 -3.36
C LYS A 2 -13.79 -13.03 -3.64
N SER A 3 -13.86 -12.20 -2.59
CA SER A 3 -13.41 -10.77 -2.63
C SER A 3 -12.15 -10.51 -1.72
N GLU A 4 -11.80 -11.48 -0.86
CA GLU A 4 -10.87 -11.27 0.29
C GLU A 4 -9.58 -12.16 0.20
N GLU A 5 -9.75 -13.44 -0.20
CA GLU A 5 -8.70 -14.50 0.01
C GLU A 5 -7.29 -14.11 -0.52
N GLU A 6 -7.18 -13.74 -1.81
CA GLU A 6 -5.88 -13.61 -2.53
C GLU A 6 -5.25 -12.17 -2.46
N LEU A 7 -6.08 -11.13 -2.24
CA LEU A 7 -5.62 -9.78 -1.81
C LEU A 7 -5.16 -9.78 -0.31
N ALA A 8 -5.86 -10.52 0.56
CA ALA A 8 -5.43 -10.75 1.98
C ALA A 8 -4.04 -11.47 2.14
N ASN A 9 -3.94 -12.71 1.63
CA ASN A 9 -2.62 -13.38 1.36
C ASN A 9 -1.52 -12.40 0.84
N ALA A 10 -1.82 -11.62 -0.22
CA ALA A 10 -0.83 -10.74 -0.92
C ALA A 10 -0.39 -9.48 -0.11
N PHE A 11 -1.34 -8.82 0.59
CA PHE A 11 -1.07 -7.60 1.42
C PHE A 11 -0.23 -7.94 2.70
N ARG A 12 -0.56 -9.06 3.37
CA ARG A 12 0.31 -9.69 4.42
C ARG A 12 1.74 -10.07 3.89
N ILE A 13 1.83 -10.58 2.64
CA ILE A 13 3.09 -11.15 2.07
C ILE A 13 4.06 -9.99 1.65
N PHE A 14 3.51 -8.87 1.13
CA PHE A 14 4.29 -7.63 0.83
C PHE A 14 5.00 -7.10 2.14
N ASP A 15 4.26 -7.01 3.25
CA ASP A 15 4.74 -6.34 4.50
C ASP A 15 5.82 -7.18 5.27
N LYS A 16 7.08 -6.74 5.26
CA LYS A 16 8.24 -7.52 5.81
C LYS A 16 8.09 -7.65 7.37
N ASN A 17 7.35 -6.71 7.99
CA ASN A 17 7.08 -6.73 9.47
C ASN A 17 5.73 -7.40 9.90
N ALA A 18 4.67 -7.21 9.09
CA ALA A 18 3.32 -7.79 9.36
C ALA A 18 2.73 -7.47 10.78
N ASP A 19 2.80 -6.19 11.20
CA ASP A 19 1.86 -5.59 12.19
C ASP A 19 0.40 -5.43 11.64
N GLY A 20 0.26 -5.33 10.31
CA GLY A 20 -1.08 -5.18 9.64
C GLY A 20 -1.15 -4.10 8.50
N TYR A 21 -0.20 -3.14 8.48
CA TYR A 21 -0.26 -1.92 7.62
C TYR A 21 0.83 -1.93 6.50
N ILE A 22 0.71 -1.05 5.49
CA ILE A 22 1.80 -0.70 4.54
C ILE A 22 2.30 0.78 4.78
N ASP A 23 3.54 1.09 4.40
CA ASP A 23 4.09 2.49 4.41
C ASP A 23 4.59 2.95 2.99
N ILE A 24 4.87 4.25 2.82
CA ILE A 24 5.47 4.81 1.57
C ILE A 24 6.91 4.25 1.37
N GLU A 25 7.65 3.97 2.46
CA GLU A 25 9.05 3.45 2.42
C GLU A 25 9.14 1.97 1.89
N GLU A 26 8.10 1.15 2.15
CA GLU A 26 7.91 -0.18 1.50
C GLU A 26 7.36 -0.10 0.03
N LEU A 27 6.53 0.92 -0.26
CA LEU A 27 5.73 1.03 -1.52
C LEU A 27 6.62 0.77 -2.79
N GLY A 28 7.48 1.74 -3.15
CA GLY A 28 8.47 1.58 -4.26
C GLY A 28 9.17 0.17 -4.33
N GLU A 29 9.60 -0.36 -3.18
CA GLU A 29 10.34 -1.65 -3.08
C GLU A 29 9.46 -2.91 -3.42
N ILE A 30 8.15 -2.86 -3.11
CA ILE A 30 7.12 -3.73 -3.76
C ILE A 30 7.22 -3.62 -5.33
N LEU A 31 6.84 -2.46 -5.88
CA LEU A 31 6.60 -2.30 -7.36
C LEU A 31 7.87 -2.70 -8.19
N ARG A 32 9.04 -2.79 -7.54
CA ARG A 32 10.33 -3.15 -8.22
C ARG A 32 11.02 -4.36 -7.50
N ALA A 33 11.35 -4.21 -6.20
CA ALA A 33 12.44 -4.98 -5.53
C ALA A 33 12.13 -6.50 -5.30
N THR A 34 10.86 -6.90 -5.41
CA THR A 34 10.32 -8.15 -4.77
C THR A 34 10.79 -9.40 -5.59
N GLY A 35 11.22 -9.20 -6.84
CA GLY A 35 11.93 -10.24 -7.65
C GLY A 35 11.10 -10.86 -8.83
N NH2 A 36 10.07 -11.67 -8.51
HN1 NH2 A 36 9.84 -11.85 -7.52
HN2 NH2 A 36 9.51 -12.12 -9.26
C ACE B 1 13.35 2.57 -9.18
O ACE B 1 13.39 3.12 -8.07
CH3 ACE B 1 14.49 1.56 -9.60
H1 ACE B 1 14.09 0.55 -9.56
H2 ACE B 1 14.85 1.81 -10.59
H3 ACE B 1 15.30 1.66 -8.87
N VAL B 2 12.40 2.83 -10.08
CA VAL B 2 11.26 3.76 -9.81
C VAL B 2 11.82 5.23 -9.71
N THR B 3 10.94 6.23 -9.78
CA THR B 3 11.33 7.67 -9.66
C THR B 3 10.66 8.30 -8.38
N GLU B 4 11.43 9.06 -7.59
CA GLU B 4 11.06 9.42 -6.18
C GLU B 4 9.82 10.37 -6.07
N GLU B 5 9.91 11.57 -6.69
CA GLU B 5 8.80 12.59 -6.68
C GLU B 5 7.47 12.08 -7.34
N ASP B 6 7.57 11.15 -8.31
CA ASP B 6 6.38 10.48 -8.93
C ASP B 6 5.49 9.73 -7.88
N ILE B 7 6.12 8.93 -7.00
CA ILE B 7 5.42 8.10 -5.97
C ILE B 7 4.98 8.99 -4.75
N GLU B 8 5.80 9.98 -4.39
CA GLU B 8 5.50 10.93 -3.27
C GLU B 8 4.26 11.85 -3.54
N ASP B 9 4.11 12.34 -4.78
CA ASP B 9 2.87 13.03 -5.26
C ASP B 9 1.64 12.05 -5.38
N LEU B 10 1.87 10.83 -5.89
CA LEU B 10 0.78 9.82 -6.13
C LEU B 10 0.12 9.28 -4.81
N MET B 11 0.94 8.93 -3.80
CA MET B 11 0.45 8.37 -2.51
C MET B 11 -0.03 9.50 -1.51
N LYS B 12 0.78 10.56 -1.35
CA LYS B 12 0.49 11.68 -0.41
C LYS B 12 -0.81 12.45 -0.86
N ASP B 13 -1.15 12.39 -2.17
CA ASP B 13 -2.54 12.64 -2.64
C ASP B 13 -3.55 11.53 -2.17
N SER B 14 -3.32 10.27 -2.58
CA SER B 14 -4.34 9.18 -2.52
C SER B 14 -4.98 9.03 -1.08
N ASP B 15 -4.24 9.43 -0.03
CA ASP B 15 -4.76 9.50 1.37
C ASP B 15 -6.01 10.44 1.51
N LYS B 16 -6.34 10.85 2.74
CA LYS B 16 -7.10 12.11 3.03
C LYS B 16 -6.31 13.00 4.05
N ASN B 17 -6.28 12.61 5.34
CA ASN B 17 -5.94 13.50 6.48
C ASN B 17 -4.39 13.77 6.63
N ASN B 18 -3.59 13.39 5.62
CA ASN B 18 -2.09 13.43 5.70
C ASN B 18 -1.49 12.55 6.84
N ASP B 19 -2.15 11.41 7.15
CA ASP B 19 -1.50 10.21 7.76
C ASP B 19 -1.12 9.11 6.70
N GLY B 20 -0.20 9.45 5.77
CA GLY B 20 -0.01 8.68 4.50
C GLY B 20 0.00 7.11 4.65
N ARG B 21 0.50 6.60 5.78
CA ARG B 21 0.57 5.14 6.06
C ARG B 21 -0.79 4.38 5.85
N ILE B 22 -0.77 3.25 5.12
CA ILE B 22 -1.98 2.69 4.45
C ILE B 22 -2.48 1.42 5.22
N ASP B 23 -3.81 1.19 5.25
CA ASP B 23 -4.44 -0.10 5.70
C ASP B 23 -5.31 -0.77 4.59
N PHE B 24 -5.86 -1.97 4.87
CA PHE B 24 -6.30 -2.96 3.83
C PHE B 24 -7.38 -2.36 2.86
N ASP B 25 -8.28 -1.52 3.40
CA ASP B 25 -9.21 -0.64 2.62
C ASP B 25 -8.50 0.12 1.43
N GLU B 26 -7.76 1.20 1.78
CA GLU B 26 -6.82 1.89 0.84
C GLU B 26 -6.16 0.94 -0.22
N PHE B 27 -5.70 -0.25 0.19
CA PHE B 27 -5.07 -1.25 -0.73
C PHE B 27 -6.03 -1.64 -1.90
N LEU B 28 -7.30 -1.94 -1.58
CA LEU B 28 -8.31 -2.42 -2.59
C LEU B 28 -8.63 -1.32 -3.66
N LYS B 29 -8.59 -0.03 -3.27
CA LYS B 29 -8.90 1.11 -4.18
C LYS B 29 -7.61 1.50 -4.99
N MET B 30 -6.43 1.41 -4.37
CA MET B 30 -5.11 1.51 -5.08
C MET B 30 -4.94 0.52 -6.28
N MET B 31 -5.22 -0.78 -6.06
CA MET B 31 -5.10 -1.84 -7.11
C MET B 31 -6.18 -1.63 -8.23
N GLU B 32 -7.47 -1.55 -7.84
CA GLU B 32 -8.62 -1.66 -8.79
C GLU B 32 -8.94 -0.32 -9.55
N GLY B 33 -8.88 0.83 -8.84
CA GLY B 33 -8.85 2.18 -9.47
C GLY B 33 -10.22 2.94 -9.51
N VAL B 34 -10.35 3.96 -10.38
CA VAL B 34 -11.56 4.82 -10.46
C VAL B 34 -12.52 4.25 -11.58
N GLN B 35 -13.82 4.12 -11.26
CA GLN B 35 -14.85 3.66 -12.24
C GLN B 35 -15.51 4.86 -13.01
N NH2 B 36 -14.86 6.04 -12.99
HN1 NH2 B 36 -13.96 6.13 -12.47
HN2 NH2 B 36 -15.24 6.85 -13.50
C ACE A 1 -18.48 -13.36 2.95
O ACE A 1 -18.80 -13.30 1.76
CH3 ACE A 1 -18.82 -14.65 3.80
H1 ACE A 1 -17.90 -15.12 4.10
H2 ACE A 1 -19.44 -14.38 4.65
H3 ACE A 1 -19.38 -15.34 3.14
N LYS A 2 -17.79 -12.39 3.55
CA LYS A 2 -17.17 -11.24 2.82
C LYS A 2 -15.70 -11.60 2.41
N SER A 3 -15.47 -11.91 1.11
CA SER A 3 -14.27 -12.66 0.65
C SER A 3 -12.99 -11.76 0.56
N GLU A 4 -12.27 -11.58 1.67
CA GLU A 4 -10.92 -10.93 1.69
C GLU A 4 -9.79 -11.92 2.17
N GLU A 5 -9.84 -13.18 1.70
CA GLU A 5 -8.88 -14.25 2.12
C GLU A 5 -7.38 -13.93 1.76
N GLU A 6 -7.04 -13.92 0.46
CA GLU A 6 -5.62 -13.83 -0.01
C GLU A 6 -5.01 -12.38 0.08
N LEU A 7 -5.87 -11.34 0.04
CA LEU A 7 -5.49 -9.92 0.33
C LEU A 7 -5.30 -9.68 1.87
N ALA A 8 -5.90 -10.53 2.72
CA ALA A 8 -5.55 -10.64 4.17
C ALA A 8 -4.15 -11.30 4.46
N ASN A 9 -3.93 -12.53 3.98
CA ASN A 9 -2.58 -13.15 3.86
C ASN A 9 -1.46 -12.13 3.40
N ALA A 10 -1.62 -11.53 2.20
CA ALA A 10 -0.68 -10.51 1.66
C ALA A 10 -0.46 -9.26 2.58
N PHE A 11 -1.54 -8.72 3.16
CA PHE A 11 -1.47 -7.53 4.07
C PHE A 11 -0.65 -7.80 5.37
N ARG A 12 -0.88 -8.97 6.01
CA ARG A 12 -0.14 -9.40 7.24
C ARG A 12 1.29 -9.97 6.93
N ILE A 13 1.46 -10.61 5.75
CA ILE A 13 2.76 -11.15 5.27
C ILE A 13 3.78 -9.98 4.99
N PHE A 14 3.27 -8.85 4.45
CA PHE A 14 4.12 -7.70 4.00
C PHE A 14 4.87 -7.06 5.23
N ASP A 15 4.26 -7.13 6.42
CA ASP A 15 4.66 -6.28 7.60
C ASP A 15 6.00 -6.75 8.26
N LYS A 16 6.92 -5.80 8.54
CA LYS A 16 8.21 -6.08 9.26
C LYS A 16 7.90 -6.45 10.74
N ASN A 17 7.24 -5.54 11.49
CA ASN A 17 7.10 -5.64 12.97
C ASN A 17 5.84 -6.45 13.45
N ALA A 18 4.76 -6.47 12.66
CA ALA A 18 3.61 -7.39 12.83
C ALA A 18 2.60 -6.98 13.97
N ASP A 19 2.15 -5.71 13.98
CA ASP A 19 0.91 -5.26 14.69
C ASP A 19 -0.36 -5.27 13.76
N GLY A 20 -0.24 -5.84 12.56
CA GLY A 20 -1.38 -5.94 11.58
C GLY A 20 -1.63 -4.66 10.71
N TYR A 21 -0.64 -3.76 10.64
CA TYR A 21 -0.74 -2.46 9.91
C TYR A 21 0.27 -2.38 8.69
N ILE A 22 0.07 -1.43 7.77
CA ILE A 22 1.10 -1.00 6.78
C ILE A 22 1.75 0.35 7.22
N ASP A 23 3.09 0.44 7.20
CA ASP A 23 3.85 1.66 7.62
C ASP A 23 4.49 2.43 6.40
N ILE A 24 4.87 3.70 6.60
CA ILE A 24 5.60 4.51 5.58
C ILE A 24 7.05 3.95 5.36
N GLU A 25 7.54 3.06 6.25
CA GLU A 25 8.80 2.29 6.04
C GLU A 25 8.65 1.08 5.05
N GLU A 26 7.49 0.39 5.10
CA GLU A 26 7.24 -0.87 4.34
C GLU A 26 6.97 -0.64 2.80
N LEU A 27 6.09 0.32 2.47
CA LEU A 27 5.74 0.73 1.08
C LEU A 27 6.99 0.71 0.13
N GLY A 28 7.95 1.64 0.34
CA GLY A 28 9.07 1.89 -0.63
C GLY A 28 9.95 0.63 -0.95
N GLU A 29 10.29 -0.19 0.07
CA GLU A 29 11.14 -1.40 -0.09
C GLU A 29 10.40 -2.63 -0.74
N ILE A 30 9.09 -2.78 -0.45
CA ILE A 30 8.18 -3.67 -1.24
C ILE A 30 8.13 -3.21 -2.73
N LEU A 31 7.56 -2.01 -2.99
CA LEU A 31 7.23 -1.55 -4.38
C LEU A 31 8.51 -1.49 -5.29
N ARG A 32 9.71 -1.59 -4.69
CA ARG A 32 11.00 -1.70 -5.44
C ARG A 32 11.44 -3.20 -5.58
N ALA A 33 11.21 -4.01 -4.52
CA ALA A 33 11.85 -5.36 -4.38
C ALA A 33 10.97 -6.42 -3.63
N THR A 34 11.12 -7.71 -4.00
CA THR A 34 10.16 -8.80 -3.60
C THR A 34 10.95 -10.04 -3.08
N GLY A 35 10.32 -10.86 -2.22
CA GLY A 35 10.75 -12.27 -1.96
C GLY A 35 12.15 -12.43 -1.26
N NH2 A 36 12.64 -13.68 -1.13
HN1 NH2 A 36 12.08 -14.48 -1.45
HN2 NH2 A 36 13.57 -13.82 -0.73
C ACE B 1 8.77 7.26 -13.48
O ACE B 1 7.71 7.76 -13.89
CH3 ACE B 1 9.82 6.65 -14.48
H1 ACE B 1 10.67 7.33 -14.55
H2 ACE B 1 10.11 5.66 -14.16
H3 ACE B 1 9.33 6.59 -15.47
N VAL B 2 9.10 7.29 -12.18
CA VAL B 2 8.25 7.93 -11.13
C VAL B 2 9.17 8.32 -9.92
N THR B 3 9.01 9.55 -9.40
CA THR B 3 9.99 10.17 -8.44
C THR B 3 9.68 9.66 -6.98
N GLU B 4 10.22 10.34 -5.95
CA GLU B 4 9.72 10.27 -4.55
C GLU B 4 8.36 11.02 -4.32
N GLU B 5 8.12 12.13 -5.06
CA GLU B 5 6.89 12.95 -4.91
C GLU B 5 5.57 12.21 -5.32
N ASP B 6 5.69 11.14 -6.12
CA ASP B 6 4.52 10.32 -6.58
C ASP B 6 4.02 9.32 -5.48
N ILE B 7 4.94 8.66 -4.77
CA ILE B 7 4.63 7.94 -3.50
C ILE B 7 4.02 8.94 -2.44
N GLU B 8 4.70 10.08 -2.19
CA GLU B 8 4.29 11.06 -1.14
C GLU B 8 2.92 11.76 -1.43
N ASP B 9 2.58 11.95 -2.72
CA ASP B 9 1.25 12.49 -3.16
C ASP B 9 0.10 11.42 -3.05
N LEU B 10 0.43 10.13 -3.17
CA LEU B 10 -0.49 9.01 -2.83
C LEU B 10 -0.72 8.83 -1.30
N MET B 11 0.36 8.85 -0.49
CA MET B 11 0.29 8.89 1.00
C MET B 11 0.18 10.36 1.54
N LYS B 12 -0.23 11.31 0.68
CA LYS B 12 -0.84 12.60 1.09
C LYS B 12 -2.41 12.54 0.89
N ASP B 13 -2.85 12.08 -0.30
CA ASP B 13 -4.30 12.11 -0.69
C ASP B 13 -5.18 11.14 0.19
N SER B 14 -4.73 9.87 0.32
CA SER B 14 -5.37 8.86 1.24
C SER B 14 -4.98 9.08 2.74
N ASP B 15 -3.95 9.90 3.01
CA ASP B 15 -3.47 10.19 4.40
C ASP B 15 -4.32 11.30 5.12
N LYS B 16 -5.52 11.60 4.59
CA LYS B 16 -6.30 12.81 4.97
C LYS B 16 -6.65 12.78 6.50
N ASN B 17 -7.06 11.60 7.02
CA ASN B 17 -7.64 11.48 8.39
C ASN B 17 -6.59 11.65 9.54
N ASN B 18 -5.30 11.86 9.21
CA ASN B 18 -4.20 11.97 10.20
C ASN B 18 -3.98 10.66 11.04
N ASP B 19 -4.05 9.48 10.39
CA ASP B 19 -3.37 8.22 10.81
C ASP B 19 -2.19 7.81 9.86
N GLY B 20 -1.05 8.52 9.97
CA GLY B 20 0.17 8.24 9.12
C GLY B 20 0.69 6.76 9.17
N ARG B 21 -0.01 5.88 9.91
CA ARG B 21 0.04 4.40 9.69
C ARG B 21 -1.34 3.79 9.24
N ILE B 22 -1.31 2.74 8.40
CA ILE B 22 -2.50 2.29 7.59
C ILE B 22 -3.12 0.99 8.22
N ASP B 23 -4.45 0.79 8.03
CA ASP B 23 -5.13 -0.52 8.25
C ASP B 23 -5.62 -1.19 6.92
N PHE B 24 -6.42 -2.27 7.01
CA PHE B 24 -6.83 -3.11 5.83
C PHE B 24 -7.80 -2.35 4.87
N ASP B 25 -8.63 -1.42 5.38
CA ASP B 25 -9.44 -0.48 4.55
C ASP B 25 -8.55 0.25 3.48
N GLU B 26 -7.88 1.35 3.96
CA GLU B 26 -6.71 2.01 3.31
C GLU B 26 -5.95 1.08 2.30
N PHE B 27 -5.71 -0.18 2.70
CA PHE B 27 -4.99 -1.18 1.84
C PHE B 27 -5.74 -1.41 0.46
N LEU B 28 -7.06 -1.71 0.55
CA LEU B 28 -7.96 -1.89 -0.64
C LEU B 28 -8.03 -0.59 -1.51
N LYS B 29 -7.90 0.59 -0.89
CA LYS B 29 -7.78 1.90 -1.62
C LYS B 29 -6.36 1.99 -2.29
N MET B 30 -5.32 1.48 -1.60
CA MET B 30 -3.90 1.65 -2.03
C MET B 30 -3.48 0.76 -3.26
N MET B 31 -4.09 -0.44 -3.41
CA MET B 31 -4.14 -1.20 -4.69
C MET B 31 -5.13 -0.50 -5.70
N GLU B 32 -6.44 -0.77 -5.58
CA GLU B 32 -7.45 -0.46 -6.65
C GLU B 32 -7.55 1.06 -7.00
N GLY B 33 -7.58 1.95 -5.98
CA GLY B 33 -7.12 3.37 -6.10
C GLY B 33 -7.89 4.25 -7.15
N VAL B 34 -7.36 4.35 -8.38
CA VAL B 34 -7.58 5.50 -9.30
C VAL B 34 -9.12 5.78 -9.43
N GLN B 35 -9.62 6.82 -8.75
CA GLN B 35 -10.88 7.54 -9.13
C GLN B 35 -11.03 7.65 -10.70
N NH2 B 36 -12.02 6.96 -11.27
HN1 NH2 B 36 -12.63 6.34 -10.70
HN2 NH2 B 36 -12.19 7.04 -12.28
C ACE A 1 -13.49 -16.95 2.33
O ACE A 1 -12.53 -17.55 1.83
CH3 ACE A 1 -13.73 -16.95 3.89
H1 ACE A 1 -13.61 -15.94 4.25
H2 ACE A 1 -14.70 -17.37 4.13
H3 ACE A 1 -12.94 -17.58 4.33
N LYS A 2 -14.42 -16.34 1.57
CA LYS A 2 -14.24 -16.11 0.10
C LYS A 2 -14.62 -14.61 -0.25
N SER A 3 -14.03 -13.64 0.46
CA SER A 3 -14.39 -12.20 0.34
C SER A 3 -13.20 -11.25 0.78
N GLU A 4 -12.98 -11.11 2.09
CA GLU A 4 -11.77 -10.44 2.66
C GLU A 4 -10.54 -11.42 2.75
N GLU A 5 -10.78 -12.74 2.72
CA GLU A 5 -9.79 -13.76 3.20
C GLU A 5 -8.45 -13.79 2.39
N GLU A 6 -8.53 -13.58 1.06
CA GLU A 6 -7.34 -13.62 0.14
C GLU A 6 -6.53 -12.28 0.10
N LEU A 7 -7.21 -11.13 -0.03
CA LEU A 7 -6.61 -9.78 0.21
C LEU A 7 -6.13 -9.61 1.70
N ALA A 8 -6.55 -10.52 2.60
CA ALA A 8 -6.04 -10.59 4.00
C ALA A 8 -4.70 -11.40 4.18
N ASN A 9 -4.62 -12.60 3.57
CA ASN A 9 -3.34 -13.32 3.31
C ASN A 9 -2.26 -12.42 2.61
N ALA A 10 -2.68 -11.65 1.58
CA ALA A 10 -1.75 -10.77 0.79
C ALA A 10 -1.35 -9.44 1.51
N PHE A 11 -2.25 -8.85 2.31
CA PHE A 11 -1.95 -7.65 3.16
C PHE A 11 -0.97 -8.00 4.33
N ARG A 12 -1.06 -9.21 4.90
CA ARG A 12 -0.01 -9.79 5.79
C ARG A 12 1.34 -10.07 5.04
N ILE A 13 1.26 -10.60 3.81
CA ILE A 13 2.44 -11.06 3.01
C ILE A 13 3.29 -9.85 2.53
N PHE A 14 2.65 -8.68 2.34
CA PHE A 14 3.32 -7.39 2.01
C PHE A 14 4.08 -6.81 3.26
N ASP A 15 3.43 -6.86 4.44
CA ASP A 15 3.97 -6.24 5.70
C ASP A 15 5.20 -7.04 6.27
N LYS A 16 6.33 -6.35 6.49
CA LYS A 16 7.65 -7.01 6.74
C LYS A 16 7.62 -7.75 8.12
N ASN A 17 6.94 -7.16 9.12
CA ASN A 17 6.82 -7.75 10.50
C ASN A 17 5.36 -8.16 10.90
N ALA A 18 4.37 -7.97 10.02
CA ALA A 18 3.03 -8.62 10.12
C ALA A 18 2.24 -8.31 11.45
N ASP A 19 2.18 -7.03 11.84
CA ASP A 19 1.16 -6.51 12.82
C ASP A 19 -0.17 -6.07 12.12
N GLY A 20 -0.33 -6.38 10.83
CA GLY A 20 -1.54 -5.99 10.02
C GLY A 20 -1.68 -4.46 9.72
N TYR A 21 -0.55 -3.76 9.51
CA TYR A 21 -0.51 -2.35 9.00
C TYR A 21 0.39 -2.23 7.72
N ILE A 22 0.19 -1.17 6.91
CA ILE A 22 1.20 -0.68 5.92
C ILE A 22 1.79 0.70 6.39
N ASP A 23 3.04 1.02 5.99
CA ASP A 23 3.63 2.38 6.15
C ASP A 23 4.24 2.95 4.82
N ILE A 24 4.57 4.25 4.78
CA ILE A 24 5.13 4.93 3.57
C ILE A 24 6.50 4.26 3.17
N GLU A 25 7.25 3.74 4.17
CA GLU A 25 8.61 3.14 3.96
C GLU A 25 8.56 1.66 3.43
N GLU A 26 7.45 0.95 3.66
CA GLU A 26 7.09 -0.33 2.96
C GLU A 26 6.59 -0.12 1.49
N LEU A 27 5.97 1.04 1.19
CA LEU A 27 5.13 1.23 -0.03
C LEU A 27 5.98 1.09 -1.35
N GLY A 28 6.87 2.08 -1.62
CA GLY A 28 7.76 2.06 -2.83
C GLY A 28 8.64 0.77 -2.99
N GLU A 29 8.99 0.11 -1.87
CA GLU A 29 9.65 -1.23 -1.87
C GLU A 29 8.77 -2.38 -2.47
N ILE A 30 7.49 -2.45 -2.08
CA ILE A 30 6.46 -3.32 -2.76
C ILE A 30 6.49 -3.07 -4.31
N LEU A 31 6.28 -1.81 -4.74
CA LEU A 31 6.20 -1.43 -6.18
C LEU A 31 7.54 -1.76 -6.94
N ARG A 32 8.63 -2.00 -6.20
CA ARG A 32 9.98 -2.27 -6.78
C ARG A 32 10.52 -3.69 -6.37
N ALA A 33 9.76 -4.44 -5.55
CA ALA A 33 10.16 -5.82 -5.12
C ALA A 33 10.62 -6.78 -6.27
N THR A 34 10.17 -6.53 -7.51
CA THR A 34 10.39 -7.45 -8.67
C THR A 34 11.87 -7.29 -9.20
N GLY A 35 12.43 -8.37 -9.78
CA GLY A 35 13.64 -8.28 -10.67
C GLY A 35 14.23 -9.66 -11.12
N NH2 A 36 15.58 -9.76 -11.19
HN1 NH2 A 36 16.16 -8.95 -10.97
HN2 NH2 A 36 16.01 -10.65 -11.48
C ACE B 1 11.40 8.81 -13.33
O ACE B 1 11.56 10.00 -13.05
CH3 ACE B 1 11.97 8.19 -14.66
H1 ACE B 1 12.82 7.57 -14.41
H2 ACE B 1 11.19 7.63 -15.17
H3 ACE B 1 12.30 9.02 -15.29
N VAL B 2 10.80 7.97 -12.47
CA VAL B 2 10.14 8.43 -11.21
C VAL B 2 11.19 8.41 -10.05
N THR B 3 10.92 9.11 -8.94
CA THR B 3 11.72 9.02 -7.68
C THR B 3 10.76 8.81 -6.46
N GLU B 4 11.32 8.74 -5.23
CA GLU B 4 10.52 8.65 -3.97
C GLU B 4 9.63 9.90 -3.69
N GLU B 5 10.07 11.09 -4.12
CA GLU B 5 9.26 12.35 -4.07
C GLU B 5 7.98 12.31 -4.98
N ASP B 6 7.92 11.36 -5.93
CA ASP B 6 6.69 11.04 -6.71
C ASP B 6 5.75 10.02 -5.97
N ILE B 7 6.33 9.07 -5.20
CA ILE B 7 5.60 8.31 -4.14
C ILE B 7 4.98 9.30 -3.10
N GLU B 8 5.71 10.37 -2.74
CA GLU B 8 5.25 11.41 -1.77
C GLU B 8 4.11 12.34 -2.34
N ASP B 9 4.15 12.63 -3.65
CA ASP B 9 3.01 13.26 -4.39
C ASP B 9 1.70 12.39 -4.34
N LEU B 10 1.81 11.08 -4.64
CA LEU B 10 0.64 10.17 -4.76
C LEU B 10 -0.01 9.78 -3.38
N MET B 11 0.82 9.43 -2.38
CA MET B 11 0.35 9.03 -1.02
C MET B 11 0.15 10.27 -0.07
N LYS B 12 0.30 11.49 -0.61
CA LYS B 12 -0.31 12.74 -0.05
C LYS B 12 -1.66 13.07 -0.78
N ASP B 13 -1.74 12.74 -2.09
CA ASP B 13 -2.96 13.03 -2.91
C ASP B 13 -4.20 12.17 -2.47
N SER B 14 -3.95 11.02 -1.82
CA SER B 14 -5.03 10.18 -1.19
C SER B 14 -5.09 10.36 0.38
N ASP B 15 -3.93 10.36 1.04
CA ASP B 15 -3.80 9.97 2.49
C ASP B 15 -4.19 11.14 3.46
N LYS B 16 -4.51 12.33 2.91
CA LYS B 16 -4.50 13.63 3.66
C LYS B 16 -5.71 13.70 4.66
N ASN B 17 -6.35 12.55 4.96
CA ASN B 17 -7.28 12.41 6.13
C ASN B 17 -6.54 12.37 7.51
N ASN B 18 -5.23 12.67 7.54
CA ASN B 18 -4.43 12.75 8.80
C ASN B 18 -4.41 11.40 9.62
N ASP B 19 -4.38 10.26 8.91
CA ASP B 19 -3.84 8.96 9.41
C ASP B 19 -2.62 8.45 8.55
N GLY B 20 -1.48 9.17 8.60
CA GLY B 20 -0.35 9.00 7.64
C GLY B 20 0.03 7.52 7.32
N ARG B 21 -0.21 6.59 8.26
CA ARG B 21 -0.01 5.12 8.04
C ARG B 21 -1.34 4.33 7.78
N ILE B 22 -1.26 3.18 7.09
CA ILE B 22 -2.39 2.60 6.30
C ILE B 22 -2.98 1.35 7.02
N ASP B 23 -4.29 1.08 6.85
CA ASP B 23 -4.96 -0.18 7.28
C ASP B 23 -5.71 -0.91 6.11
N PHE B 24 -6.42 -2.01 6.40
CA PHE B 24 -6.90 -3.00 5.38
C PHE B 24 -7.84 -2.34 4.31
N ASP B 25 -8.74 -1.43 4.74
CA ASP B 25 -9.49 -0.52 3.84
C ASP B 25 -8.60 0.13 2.73
N GLU B 26 -7.82 1.17 3.12
CA GLU B 26 -6.78 1.81 2.25
C GLU B 26 -6.06 0.82 1.28
N PHE B 27 -5.73 -0.41 1.72
CA PHE B 27 -5.12 -1.47 0.83
C PHE B 27 -6.02 -1.78 -0.42
N LEU B 28 -7.30 -2.12 -0.18
CA LEU B 28 -8.27 -2.48 -1.26
C LEU B 28 -8.44 -1.32 -2.31
N LYS B 29 -8.39 -0.05 -1.84
CA LYS B 29 -8.57 1.15 -2.72
C LYS B 29 -7.21 1.48 -3.44
N MET B 30 -6.09 1.44 -2.70
CA MET B 30 -4.72 1.69 -3.26
C MET B 30 -4.29 0.70 -4.41
N MET B 31 -4.74 -0.58 -4.32
CA MET B 31 -4.76 -1.52 -5.47
C MET B 31 -5.75 -1.00 -6.58
N GLU B 32 -7.05 -1.32 -6.45
CA GLU B 32 -7.99 -1.39 -7.62
C GLU B 32 -8.80 -0.07 -7.86
N GLY B 33 -8.91 0.80 -6.83
CA GLY B 33 -9.93 1.88 -6.77
C GLY B 33 -9.42 3.32 -7.17
N VAL B 34 -8.15 3.42 -7.61
CA VAL B 34 -7.37 4.70 -7.58
C VAL B 34 -7.19 5.20 -9.06
N GLN B 35 -8.02 6.18 -9.48
CA GLN B 35 -8.03 6.70 -10.89
C GLN B 35 -8.31 8.24 -10.93
N NH2 B 36 -9.59 8.65 -10.83
HN1 NH2 B 36 -10.34 7.94 -10.77
HN2 NH2 B 36 -9.81 9.65 -10.80
C ACE A 1 -19.11 -10.43 -3.27
O ACE A 1 -19.25 -10.29 -4.50
CH3 ACE A 1 -20.36 -10.41 -2.31
H1 ACE A 1 -20.46 -11.38 -1.86
H2 ACE A 1 -20.25 -9.61 -1.58
H3 ACE A 1 -21.24 -10.22 -2.94
N LYS A 2 -17.89 -10.52 -2.71
CA LYS A 2 -16.63 -10.74 -3.46
C LYS A 2 -15.69 -11.72 -2.66
N SER A 3 -14.65 -12.27 -3.32
CA SER A 3 -13.65 -13.18 -2.69
C SER A 3 -12.34 -12.42 -2.26
N GLU A 4 -12.25 -12.00 -1.00
CA GLU A 4 -11.03 -11.34 -0.44
C GLU A 4 -9.74 -12.22 -0.60
N GLU A 5 -9.91 -13.56 -0.70
CA GLU A 5 -8.83 -14.54 -0.38
C GLU A 5 -7.50 -14.32 -1.18
N GLU A 6 -7.60 -14.06 -2.50
CA GLU A 6 -6.42 -13.99 -3.41
C GLU A 6 -5.65 -12.62 -3.36
N LEU A 7 -6.38 -11.49 -3.52
CA LEU A 7 -5.91 -10.14 -3.09
C LEU A 7 -5.33 -10.17 -1.62
N ALA A 8 -6.04 -10.83 -0.68
CA ALA A 8 -5.48 -11.20 0.66
C ALA A 8 -4.02 -11.76 0.63
N ASN A 9 -3.82 -12.97 0.08
CA ASN A 9 -2.48 -13.62 -0.03
C ASN A 9 -1.38 -12.66 -0.64
N ALA A 10 -1.70 -12.00 -1.76
CA ALA A 10 -0.79 -11.02 -2.43
C ALA A 10 -0.50 -9.72 -1.60
N PHE A 11 -1.46 -9.29 -0.75
CA PHE A 11 -1.26 -8.16 0.21
C PHE A 11 -0.33 -8.55 1.40
N ARG A 12 -0.34 -9.83 1.81
CA ARG A 12 0.73 -10.44 2.66
C ARG A 12 2.10 -10.60 1.89
N ILE A 13 2.08 -11.18 0.69
CA ILE A 13 3.30 -11.65 -0.04
C ILE A 13 4.19 -10.41 -0.46
N PHE A 14 3.55 -9.26 -0.73
CA PHE A 14 4.24 -7.93 -0.77
C PHE A 14 4.81 -7.57 0.65
N ASP A 15 3.95 -7.11 1.58
CA ASP A 15 4.36 -6.66 2.95
C ASP A 15 5.32 -7.68 3.66
N LYS A 16 6.63 -7.41 3.64
CA LYS A 16 7.70 -8.41 3.98
C LYS A 16 8.03 -8.32 5.51
N ASN A 17 7.02 -8.07 6.36
CA ASN A 17 7.18 -7.99 7.84
C ASN A 17 5.84 -8.05 8.66
N ALA A 18 4.75 -7.51 8.09
CA ALA A 18 3.35 -7.88 8.48
C ALA A 18 2.88 -7.36 9.88
N ASP A 19 3.30 -6.14 10.27
CA ASP A 19 2.59 -5.31 11.28
C ASP A 19 1.08 -5.09 10.92
N GLY A 20 0.73 -5.09 9.62
CA GLY A 20 -0.67 -4.88 9.14
C GLY A 20 -0.79 -4.20 7.73
N TYR A 21 0.06 -3.19 7.46
CA TYR A 21 -0.18 -2.15 6.41
C TYR A 21 0.78 -2.32 5.18
N ILE A 22 0.57 -1.53 4.11
CA ILE A 22 1.57 -1.33 3.01
C ILE A 22 2.11 0.15 3.02
N ASP A 23 3.40 0.35 2.74
CA ASP A 23 4.11 1.66 2.93
C ASP A 23 4.82 2.16 1.63
N ILE A 24 5.20 3.44 1.58
CA ILE A 24 5.87 4.07 0.40
C ILE A 24 7.34 3.55 0.27
N GLU A 25 7.94 3.04 1.35
CA GLU A 25 9.24 2.31 1.33
C GLU A 25 9.15 0.86 0.71
N GLU A 26 7.99 0.20 0.90
CA GLU A 26 7.61 -1.04 0.15
C GLU A 26 7.18 -0.78 -1.33
N LEU A 27 6.62 0.42 -1.62
CA LEU A 27 6.13 0.80 -2.97
C LEU A 27 7.21 0.58 -4.08
N GLY A 28 8.11 1.56 -4.29
CA GLY A 28 9.16 1.52 -5.35
C GLY A 28 10.04 0.21 -5.36
N GLU A 29 10.24 -0.41 -4.19
CA GLU A 29 11.07 -1.65 -4.02
C GLU A 29 10.32 -2.97 -4.41
N ILE A 30 8.98 -2.99 -4.24
CA ILE A 30 8.07 -3.90 -5.02
C ILE A 30 8.30 -3.71 -6.56
N LEU A 31 7.87 -2.57 -7.13
CA LEU A 31 7.69 -2.39 -8.60
C LEU A 31 9.08 -2.40 -9.35
N ARG A 32 10.19 -2.34 -8.61
CA ARG A 32 11.58 -2.46 -9.18
C ARG A 32 12.21 -3.85 -8.81
N ALA A 33 11.68 -4.51 -7.76
CA ALA A 33 12.18 -5.84 -7.31
C ALA A 33 12.55 -6.84 -8.46
N THR A 34 13.51 -7.75 -8.22
CA THR A 34 13.98 -8.76 -9.22
C THR A 34 13.00 -9.99 -9.23
N GLY A 35 13.37 -11.06 -9.94
CA GLY A 35 12.38 -12.08 -10.46
C GLY A 35 11.77 -11.76 -11.87
N NH2 A 36 12.48 -10.97 -12.69
HN1 NH2 A 36 13.39 -10.59 -12.38
HN2 NH2 A 36 12.12 -10.75 -13.62
C ACE B 1 15.48 11.10 -12.13
O ACE B 1 15.89 9.99 -11.77
CH3 ACE B 1 16.44 12.10 -12.89
H1 ACE B 1 16.15 12.13 -13.93
H2 ACE B 1 16.40 13.07 -12.42
H3 ACE B 1 17.47 11.69 -12.81
N VAL B 2 14.25 11.52 -11.85
CA VAL B 2 13.10 10.60 -11.56
C VAL B 2 13.31 9.99 -10.13
N THR B 3 12.61 10.56 -9.12
CA THR B 3 12.91 10.29 -7.68
C THR B 3 11.60 10.42 -6.83
N GLU B 4 11.72 10.68 -5.51
CA GLU B 4 10.60 10.52 -4.53
C GLU B 4 9.37 11.45 -4.80
N GLU B 5 9.60 12.60 -5.48
CA GLU B 5 8.51 13.55 -5.86
C GLU B 5 7.52 12.98 -6.94
N ASP B 6 8.05 12.43 -8.05
CA ASP B 6 7.24 11.82 -9.14
C ASP B 6 6.41 10.57 -8.65
N ILE B 7 7.03 9.70 -7.85
CA ILE B 7 6.35 8.51 -7.25
C ILE B 7 5.24 8.97 -6.24
N GLU B 8 5.45 10.10 -5.56
CA GLU B 8 4.39 10.80 -4.76
C GLU B 8 3.22 11.36 -5.64
N ASP B 9 3.56 11.96 -6.80
CA ASP B 9 2.55 12.41 -7.81
C ASP B 9 1.57 11.26 -8.26
N LEU B 10 2.12 10.04 -8.44
CA LEU B 10 1.29 8.78 -8.48
C LEU B 10 0.41 8.56 -7.21
N MET B 11 1.01 8.65 -6.01
CA MET B 11 0.38 8.17 -4.74
C MET B 11 -0.55 9.27 -4.10
N LYS B 12 -1.00 10.24 -4.91
CA LYS B 12 -2.20 11.09 -4.60
C LYS B 12 -3.11 11.26 -5.88
N ASP B 13 -2.52 11.18 -7.09
CA ASP B 13 -3.33 11.05 -8.36
C ASP B 13 -4.22 9.76 -8.36
N SER B 14 -3.81 8.72 -7.61
CA SER B 14 -4.72 7.64 -7.14
C SER B 14 -5.23 7.85 -5.66
N ASP B 15 -4.30 7.92 -4.70
CA ASP B 15 -4.55 7.57 -3.27
C ASP B 15 -5.20 8.75 -2.45
N LYS B 16 -6.12 8.44 -1.52
CA LYS B 16 -6.41 9.30 -0.34
C LYS B 16 -5.32 9.06 0.77
N ASN B 17 -4.52 10.09 1.09
CA ASN B 17 -3.15 9.91 1.66
C ASN B 17 -3.16 9.36 3.13
N ASN B 18 -3.83 10.06 4.05
CA ASN B 18 -3.57 9.98 5.53
C ASN B 18 -2.04 9.94 5.89
N ASP B 19 -1.43 11.13 6.10
CA ASP B 19 0.03 11.38 5.87
C ASP B 19 0.80 10.12 5.34
N GLY B 20 0.31 9.53 4.23
CA GLY B 20 1.15 8.72 3.29
C GLY B 20 1.32 7.20 3.69
N ARG B 21 0.25 6.56 4.19
CA ARG B 21 0.27 5.11 4.56
C ARG B 21 -1.07 4.36 4.21
N ILE B 22 -0.96 3.13 3.66
CA ILE B 22 -2.12 2.38 3.07
C ILE B 22 -2.48 1.14 3.96
N ASP B 23 -3.78 0.87 4.15
CA ASP B 23 -4.29 -0.40 4.75
C ASP B 23 -5.15 -1.25 3.74
N PHE B 24 -5.62 -2.45 4.15
CA PHE B 24 -6.10 -3.51 3.21
C PHE B 24 -7.30 -3.02 2.33
N ASP B 25 -8.21 -2.21 2.91
CA ASP B 25 -9.20 -1.41 2.15
C ASP B 25 -8.60 -0.66 0.91
N GLU B 26 -7.91 0.48 1.18
CA GLU B 26 -7.12 1.24 0.17
C GLU B 26 -6.38 0.33 -0.89
N PHE B 27 -5.97 -0.88 -0.53
CA PHE B 27 -5.40 -1.87 -1.51
C PHE B 27 -6.46 -2.28 -2.60
N LEU B 28 -7.66 -2.74 -2.18
CA LEU B 28 -8.74 -3.22 -3.09
C LEU B 28 -9.20 -2.09 -4.09
N LYS B 29 -9.07 -0.82 -3.70
CA LYS B 29 -9.48 0.35 -4.53
C LYS B 29 -8.29 0.78 -5.46
N MET B 30 -7.06 0.79 -4.92
CA MET B 30 -5.81 0.97 -5.74
C MET B 30 -5.70 0.01 -6.98
N MET B 31 -6.09 -1.27 -6.81
CA MET B 31 -6.13 -2.27 -7.92
C MET B 31 -7.45 -2.09 -8.78
N GLU B 32 -8.63 -2.24 -8.14
CA GLU B 32 -9.91 -2.54 -8.85
C GLU B 32 -10.88 -1.30 -8.94
N GLY B 33 -10.69 -0.29 -8.07
CA GLY B 33 -11.29 1.07 -8.25
C GLY B 33 -11.47 1.53 -9.74
N VAL B 34 -12.52 2.34 -10.03
CA VAL B 34 -12.58 3.22 -11.23
C VAL B 34 -12.71 4.71 -10.75
N GLN B 35 -12.25 5.67 -11.58
CA GLN B 35 -12.37 7.14 -11.28
C GLN B 35 -13.20 7.89 -12.38
N NH2 B 36 -14.05 7.16 -13.13
HN1 NH2 B 36 -14.15 6.15 -12.95
HN2 NH2 B 36 -14.60 7.62 -13.87
C ACE A 1 -15.94 -16.28 -1.73
O ACE A 1 -15.30 -17.02 -2.49
CH3 ACE A 1 -16.58 -16.82 -0.42
H1 ACE A 1 -16.10 -16.36 0.44
H2 ACE A 1 -17.66 -16.65 -0.41
H3 ACE A 1 -16.39 -17.91 -0.38
N LYS A 2 -16.05 -14.96 -1.99
CA LYS A 2 -15.64 -14.32 -3.27
C LYS A 2 -14.11 -13.92 -3.20
N SER A 3 -13.51 -13.56 -4.34
CA SER A 3 -12.16 -12.91 -4.40
C SER A 3 -11.97 -11.83 -3.27
N GLU A 4 -11.31 -12.20 -2.16
CA GLU A 4 -10.79 -11.21 -1.16
C GLU A 4 -9.60 -11.81 -0.31
N GLU A 5 -9.66 -13.12 -0.02
CA GLU A 5 -8.75 -13.77 0.99
C GLU A 5 -7.31 -14.06 0.44
N GLU A 6 -7.13 -14.06 -0.90
CA GLU A 6 -5.81 -14.28 -1.55
C GLU A 6 -5.08 -12.94 -1.97
N LEU A 7 -5.83 -11.83 -2.08
CA LEU A 7 -5.29 -10.44 -1.94
C LEU A 7 -4.96 -10.10 -0.44
N ALA A 8 -5.50 -10.88 0.51
CA ALA A 8 -5.11 -10.80 1.96
C ALA A 8 -3.85 -11.65 2.34
N ASN A 9 -3.66 -12.81 1.70
CA ASN A 9 -2.37 -13.56 1.68
C ASN A 9 -1.25 -12.85 0.83
N ALA A 10 -1.65 -12.14 -0.24
CA ALA A 10 -0.76 -11.22 -1.01
C ALA A 10 -0.36 -9.90 -0.25
N PHE A 11 -1.32 -9.28 0.47
CA PHE A 11 -1.09 -8.03 1.24
C PHE A 11 -0.21 -8.27 2.52
N ARG A 12 -0.41 -9.42 3.20
CA ARG A 12 0.55 -9.96 4.21
C ARG A 12 1.98 -10.25 3.61
N ILE A 13 2.04 -10.98 2.49
CA ILE A 13 3.31 -11.49 1.90
C ILE A 13 4.23 -10.30 1.45
N PHE A 14 3.63 -9.17 1.04
CA PHE A 14 4.34 -7.90 0.72
C PHE A 14 4.88 -7.23 2.03
N ASP A 15 4.13 -7.34 3.14
CA ASP A 15 4.45 -6.66 4.44
C ASP A 15 5.59 -7.39 5.24
N LYS A 16 6.81 -6.86 5.20
CA LYS A 16 8.04 -7.56 5.69
C LYS A 16 8.32 -7.16 7.19
N ASN A 17 7.31 -6.67 7.93
CA ASN A 17 7.39 -6.49 9.41
C ASN A 17 6.09 -6.90 10.19
N ALA A 18 4.91 -6.81 9.53
CA ALA A 18 3.70 -7.60 9.90
C ALA A 18 2.85 -6.99 11.07
N ASP A 19 2.46 -5.71 10.96
CA ASP A 19 1.32 -5.11 11.72
C ASP A 19 0.05 -4.86 10.82
N GLY A 20 0.05 -5.41 9.59
CA GLY A 20 -1.14 -5.35 8.68
C GLY A 20 -1.26 -4.01 7.84
N TYR A 21 -0.18 -3.23 7.76
CA TYR A 21 -0.14 -1.95 6.98
C TYR A 21 0.99 -1.98 5.88
N ILE A 22 1.00 -1.00 4.97
CA ILE A 22 2.17 -0.69 4.09
C ILE A 22 2.76 0.73 4.46
N ASP A 23 4.02 0.99 4.06
CA ASP A 23 4.63 2.36 4.10
C ASP A 23 4.86 2.94 2.65
N ILE A 24 5.15 4.26 2.56
CA ILE A 24 5.46 4.93 1.25
C ILE A 24 6.75 4.31 0.61
N GLU A 25 7.69 3.82 1.45
CA GLU A 25 8.98 3.20 0.99
C GLU A 25 8.81 1.77 0.39
N GLU A 26 7.85 0.98 0.93
CA GLU A 26 7.43 -0.34 0.35
C GLU A 26 6.63 -0.21 -1.00
N LEU A 27 5.78 0.83 -1.12
CA LEU A 27 4.94 1.08 -2.33
C LEU A 27 5.76 0.87 -3.66
N GLY A 28 6.50 1.89 -4.10
CA GLY A 28 7.21 1.89 -5.42
C GLY A 28 7.92 0.54 -5.80
N GLU A 29 8.62 -0.08 -4.84
CA GLU A 29 9.46 -1.30 -5.07
C GLU A 29 8.64 -2.64 -5.19
N ILE A 30 7.46 -2.69 -4.53
CA ILE A 30 6.36 -3.63 -4.92
C ILE A 30 6.00 -3.44 -6.45
N LEU A 31 5.58 -2.23 -6.84
CA LEU A 31 5.08 -1.94 -8.22
C LEU A 31 6.13 -2.36 -9.31
N ARG A 32 7.43 -2.27 -8.99
CA ARG A 32 8.54 -2.57 -9.95
C ARG A 32 8.76 -4.12 -10.07
N ALA A 33 8.97 -4.80 -8.94
CA ALA A 33 9.43 -6.23 -8.92
C ALA A 33 9.31 -6.94 -7.52
N THR A 34 10.02 -8.07 -7.34
CA THR A 34 9.75 -9.05 -6.24
C THR A 34 11.10 -9.55 -5.62
N GLY A 35 12.01 -10.06 -6.46
CA GLY A 35 13.21 -10.86 -6.01
C GLY A 35 13.11 -12.41 -6.27
N NH2 A 36 14.26 -13.08 -6.40
HN1 NH2 A 36 15.16 -12.60 -6.28
HN2 NH2 A 36 14.25 -14.09 -6.61
C ACE B 1 11.10 5.34 -12.64
O ACE B 1 9.90 5.39 -12.90
CH3 ACE B 1 12.17 5.11 -13.77
H1 ACE B 1 12.71 6.04 -13.94
H2 ACE B 1 12.85 4.31 -13.48
H3 ACE B 1 11.63 4.82 -14.68
N VAL B 2 11.55 5.54 -11.39
CA VAL B 2 10.65 5.62 -10.19
C VAL B 2 11.31 6.61 -9.15
N THR B 3 10.86 7.88 -9.14
CA THR B 3 11.50 8.96 -8.34
C THR B 3 10.84 9.01 -6.91
N GLU B 4 11.48 9.72 -5.95
CA GLU B 4 10.84 10.10 -4.65
C GLU B 4 9.57 11.00 -4.81
N GLU B 5 9.70 12.17 -5.47
CA GLU B 5 8.61 13.18 -5.57
C GLU B 5 7.35 12.68 -6.37
N ASP B 6 7.52 11.62 -7.18
CA ASP B 6 6.41 11.01 -7.97
C ASP B 6 5.56 9.98 -7.14
N ILE B 7 6.24 9.12 -6.35
CA ILE B 7 5.58 8.28 -5.30
C ILE B 7 4.93 9.18 -4.20
N GLU B 8 5.45 10.40 -4.01
CA GLU B 8 4.85 11.44 -3.11
C GLU B 8 3.67 12.23 -3.76
N ASP B 9 3.71 12.44 -5.09
CA ASP B 9 2.55 12.96 -5.88
C ASP B 9 1.30 12.02 -5.83
N LEU B 10 1.51 10.70 -5.94
CA LEU B 10 0.42 9.68 -5.85
C LEU B 10 -0.07 9.41 -4.38
N MET B 11 0.87 9.28 -3.42
CA MET B 11 0.54 9.05 -1.98
C MET B 11 0.31 10.40 -1.20
N LYS B 12 0.15 11.52 -1.94
CA LYS B 12 -0.43 12.79 -1.37
C LYS B 12 -1.83 13.08 -2.03
N ASP B 13 -2.04 12.63 -3.28
CA ASP B 13 -3.42 12.56 -3.88
C ASP B 13 -4.33 11.48 -3.17
N SER B 14 -3.75 10.33 -2.78
CA SER B 14 -4.52 9.13 -2.33
C SER B 14 -4.53 8.97 -0.77
N ASP B 15 -3.47 9.45 -0.09
CA ASP B 15 -3.35 9.38 1.41
C ASP B 15 -4.50 10.18 2.13
N LYS B 16 -5.53 9.46 2.61
CA LYS B 16 -6.58 10.04 3.51
C LYS B 16 -5.91 10.55 4.84
N ASN B 17 -5.53 9.64 5.75
CA ASN B 17 -5.37 9.93 7.20
C ASN B 17 -4.16 10.88 7.52
N ASN B 18 -3.37 11.24 6.49
CA ASN B 18 -2.21 12.19 6.64
C ASN B 18 -1.23 11.79 7.80
N ASP B 19 -1.19 10.50 8.16
CA ASP B 19 -0.08 9.91 8.98
C ASP B 19 1.06 9.28 8.09
N GLY B 20 0.78 9.00 6.80
CA GLY B 20 1.83 8.62 5.80
C GLY B 20 1.93 7.08 5.50
N ARG B 21 0.87 6.32 5.80
CA ARG B 21 0.88 4.83 5.81
C ARG B 21 -0.50 4.16 5.47
N ILE B 22 -0.49 2.98 4.82
CA ILE B 22 -1.66 2.44 4.06
C ILE B 22 -2.29 1.23 4.83
N ASP B 23 -3.58 0.95 4.58
CA ASP B 23 -4.24 -0.34 4.97
C ASP B 23 -5.06 -0.98 3.79
N PHE B 24 -5.82 -2.07 4.06
CA PHE B 24 -6.22 -3.07 3.02
C PHE B 24 -7.15 -2.44 1.92
N ASP B 25 -8.09 -1.58 2.34
CA ASP B 25 -8.85 -0.68 1.43
C ASP B 25 -7.97 -0.03 0.30
N GLU B 26 -7.19 1.01 0.71
CA GLU B 26 -6.11 1.62 -0.13
C GLU B 26 -5.44 0.61 -1.14
N PHE B 27 -5.03 -0.57 -0.65
CA PHE B 27 -4.38 -1.62 -1.50
C PHE B 27 -5.27 -1.99 -2.75
N LEU B 28 -6.58 -2.18 -2.55
CA LEU B 28 -7.53 -2.55 -3.64
C LEU B 28 -7.62 -1.43 -4.73
N LYS B 29 -7.52 -0.15 -4.33
CA LYS B 29 -7.76 1.02 -5.23
C LYS B 29 -6.42 1.42 -5.95
N MET B 30 -5.29 1.40 -5.21
CA MET B 30 -3.93 1.52 -5.81
C MET B 30 -3.57 0.39 -6.83
N MET B 31 -4.31 -0.74 -6.82
CA MET B 31 -4.23 -1.81 -7.85
C MET B 31 -5.24 -1.54 -9.01
N GLU B 32 -6.54 -1.83 -8.79
CA GLU B 32 -7.60 -1.74 -9.84
C GLU B 32 -7.79 -0.29 -10.42
N GLY B 33 -7.68 0.74 -9.57
CA GLY B 33 -7.43 2.15 -10.01
C GLY B 33 -8.39 2.66 -11.15
N VAL B 34 -9.67 2.87 -10.84
CA VAL B 34 -10.74 3.13 -11.86
C VAL B 34 -10.78 4.68 -12.16
N GLN B 35 -11.56 5.09 -13.18
CA GLN B 35 -12.09 6.49 -13.29
C GLN B 35 -13.57 6.51 -13.82
N NH2 B 36 -14.41 7.39 -13.26
HN1 NH2 B 36 -14.09 8.00 -12.49
HN2 NH2 B 36 -15.38 7.47 -13.59
C ACE A 1 -17.09 -16.13 -1.71
O ACE A 1 -16.39 -16.50 -0.77
CH3 ACE A 1 -18.63 -16.46 -1.77
H1 ACE A 1 -19.17 -15.52 -1.72
H2 ACE A 1 -18.86 -17.02 -2.67
H3 ACE A 1 -18.85 -17.06 -0.88
N LYS A 2 -16.57 -15.39 -2.71
CA LYS A 2 -15.17 -14.86 -2.71
C LYS A 2 -15.10 -13.53 -1.87
N SER A 3 -14.53 -13.59 -0.66
CA SER A 3 -14.74 -12.56 0.39
C SER A 3 -13.46 -11.69 0.67
N GLU A 4 -12.45 -12.27 1.34
CA GLU A 4 -11.32 -11.50 1.96
C GLU A 4 -10.05 -12.39 2.18
N GLU A 5 -10.24 -13.69 2.46
CA GLU A 5 -9.15 -14.58 2.98
C GLU A 5 -7.85 -14.59 2.09
N GLU A 6 -8.02 -14.40 0.76
CA GLU A 6 -6.90 -14.55 -0.22
C GLU A 6 -6.03 -13.25 -0.41
N LEU A 7 -6.67 -12.12 -0.76
CA LEU A 7 -6.12 -10.75 -0.52
C LEU A 7 -5.68 -10.55 0.98
N ALA A 8 -6.10 -11.46 1.87
CA ALA A 8 -5.57 -11.54 3.28
C ALA A 8 -4.15 -12.20 3.40
N ASN A 9 -3.96 -13.38 2.79
CA ASN A 9 -2.61 -14.01 2.61
C ASN A 9 -1.62 -13.11 1.77
N ALA A 10 -2.12 -12.52 0.66
CA ALA A 10 -1.32 -11.59 -0.20
C ALA A 10 -0.90 -10.25 0.50
N PHE A 11 -1.78 -9.70 1.37
CA PHE A 11 -1.50 -8.46 2.15
C PHE A 11 -0.47 -8.71 3.30
N ARG A 12 -0.50 -9.90 3.92
CA ARG A 12 0.63 -10.46 4.73
C ARG A 12 1.94 -10.68 3.89
N ILE A 13 1.81 -11.25 2.69
CA ILE A 13 2.95 -11.85 1.91
C ILE A 13 3.76 -10.73 1.19
N PHE A 14 3.09 -9.65 0.76
CA PHE A 14 3.75 -8.37 0.32
C PHE A 14 4.69 -7.83 1.45
N ASP A 15 4.26 -7.92 2.73
CA ASP A 15 4.92 -7.22 3.87
C ASP A 15 6.21 -7.95 4.36
N LYS A 16 7.28 -7.20 4.69
CA LYS A 16 8.46 -7.71 5.44
C LYS A 16 8.02 -8.06 6.91
N ASN A 17 7.59 -7.05 7.69
CA ASN A 17 7.62 -7.09 9.19
C ASN A 17 6.31 -7.66 9.84
N ALA A 18 5.14 -7.35 9.26
CA ALA A 18 3.83 -7.98 9.63
C ALA A 18 3.25 -7.50 11.01
N ASP A 19 3.42 -6.21 11.34
CA ASP A 19 2.52 -5.47 12.29
C ASP A 19 1.14 -5.07 11.65
N GLY A 20 0.87 -5.49 10.40
CA GLY A 20 -0.50 -5.40 9.79
C GLY A 20 -0.73 -4.20 8.82
N TYR A 21 0.27 -3.30 8.70
CA TYR A 21 0.15 -2.04 7.88
C TYR A 21 1.20 -2.02 6.71
N ILE A 22 0.88 -1.31 5.60
CA ILE A 22 1.87 -0.94 4.55
C ILE A 22 2.26 0.58 4.67
N ASP A 23 3.57 0.89 4.60
CA ASP A 23 4.08 2.29 4.67
C ASP A 23 4.47 2.87 3.26
N ILE A 24 4.72 4.19 3.18
CA ILE A 24 5.06 4.89 1.90
C ILE A 24 6.45 4.39 1.35
N GLU A 25 7.33 3.89 2.23
CA GLU A 25 8.59 3.19 1.83
C GLU A 25 8.33 1.82 1.10
N GLU A 26 7.34 1.04 1.59
CA GLU A 26 6.94 -0.26 0.97
C GLU A 26 6.26 -0.12 -0.44
N LEU A 27 5.34 0.86 -0.58
CA LEU A 27 4.54 1.09 -1.81
C LEU A 27 5.42 1.08 -3.11
N GLY A 28 6.25 2.12 -3.30
CA GLY A 28 7.40 2.10 -4.26
C GLY A 28 8.02 0.68 -4.53
N GLU A 29 8.39 -0.04 -3.46
CA GLU A 29 9.15 -1.33 -3.55
C GLU A 29 8.27 -2.54 -4.06
N ILE A 30 6.95 -2.52 -3.77
CA ILE A 30 5.96 -3.41 -4.42
C ILE A 30 5.93 -3.15 -5.98
N LEU A 31 5.58 -1.91 -6.38
CA LEU A 31 5.49 -1.52 -7.82
C LEU A 31 6.79 -1.90 -8.61
N ARG A 32 7.96 -1.88 -7.93
CA ARG A 32 9.30 -1.91 -8.59
C ARG A 32 9.92 -3.35 -8.53
N ALA A 33 9.64 -4.10 -7.46
CA ALA A 33 10.12 -5.51 -7.28
C ALA A 33 8.98 -6.60 -7.30
N THR A 34 9.29 -7.79 -7.86
CA THR A 34 8.46 -9.02 -7.66
C THR A 34 9.30 -10.29 -8.07
N GLY A 35 10.48 -10.46 -7.47
CA GLY A 35 11.50 -11.46 -7.92
C GLY A 35 13.00 -11.02 -7.77
N NH2 A 36 13.78 -11.72 -6.93
HN1 NH2 A 36 13.40 -12.55 -6.44
HN2 NH2 A 36 14.76 -11.46 -6.78
C ACE B 1 14.30 10.89 -12.40
O ACE B 1 15.39 10.32 -12.23
CH3 ACE B 1 14.24 12.41 -12.78
H1 ACE B 1 13.95 12.49 -13.84
H2 ACE B 1 13.56 12.94 -12.14
H3 ACE B 1 15.26 12.83 -12.67
N VAL B 2 13.14 10.22 -12.33
CA VAL B 2 13.02 8.83 -11.79
C VAL B 2 13.53 8.83 -10.30
N THR B 3 12.69 9.30 -9.36
CA THR B 3 13.11 9.63 -7.96
C THR B 3 11.99 9.18 -6.95
N GLU B 4 12.20 9.44 -5.64
CA GLU B 4 11.19 9.14 -4.57
C GLU B 4 10.06 10.23 -4.45
N GLU B 5 10.37 11.49 -4.78
CA GLU B 5 9.40 12.62 -4.68
C GLU B 5 8.21 12.54 -5.71
N ASP B 6 8.47 11.95 -6.90
CA ASP B 6 7.41 11.48 -7.84
C ASP B 6 6.47 10.39 -7.19
N ILE B 7 7.07 9.42 -6.47
CA ILE B 7 6.30 8.39 -5.70
C ILE B 7 5.43 9.08 -4.58
N GLU B 8 5.98 10.10 -3.92
CA GLU B 8 5.24 10.88 -2.87
C GLU B 8 4.00 11.66 -3.41
N ASP B 9 4.06 12.15 -4.67
CA ASP B 9 2.93 12.82 -5.37
C ASP B 9 1.78 11.81 -5.76
N LEU B 10 2.14 10.66 -6.36
CA LEU B 10 1.17 9.57 -6.69
C LEU B 10 0.40 9.01 -5.44
N MET B 11 1.13 8.77 -4.33
CA MET B 11 0.52 8.24 -3.06
C MET B 11 -0.42 9.30 -2.37
N LYS B 12 -0.04 10.59 -2.44
CA LYS B 12 -0.89 11.73 -1.97
C LYS B 12 -2.17 11.87 -2.89
N ASP B 13 -2.03 11.51 -4.19
CA ASP B 13 -3.22 11.45 -5.11
C ASP B 13 -4.31 10.42 -4.64
N SER B 14 -4.00 9.12 -4.73
CA SER B 14 -4.97 8.02 -4.38
C SER B 14 -5.46 8.11 -2.88
N ASP B 15 -4.60 8.60 -1.97
CA ASP B 15 -4.88 8.60 -0.50
C ASP B 15 -5.91 9.71 -0.07
N LYS B 16 -6.79 9.41 0.90
CA LYS B 16 -7.42 10.44 1.77
C LYS B 16 -6.32 11.23 2.56
N ASN B 17 -6.71 11.91 3.67
CA ASN B 17 -5.83 12.87 4.38
C ASN B 17 -4.70 12.17 5.22
N ASN B 18 -5.08 11.28 6.15
CA ASN B 18 -4.20 10.20 6.68
C ASN B 18 -2.89 10.74 7.39
N ASP B 19 -2.88 10.74 8.73
CA ASP B 19 -1.66 10.95 9.56
C ASP B 19 -0.36 10.34 8.92
N GLY B 20 -0.49 9.21 8.19
CA GLY B 20 0.58 8.68 7.29
C GLY B 20 0.25 7.34 6.55
N ARG B 21 0.09 6.23 7.31
CA ARG B 21 0.33 4.85 6.78
C ARG B 21 -0.96 4.14 6.25
N ILE B 22 -0.80 3.02 5.53
CA ILE B 22 -1.90 2.34 4.76
C ILE B 22 -2.30 1.00 5.47
N ASP B 23 -3.61 0.71 5.54
CA ASP B 23 -4.16 -0.58 6.07
C ASP B 23 -5.20 -1.25 5.10
N PHE B 24 -5.75 -2.43 5.48
CA PHE B 24 -6.29 -3.44 4.51
C PHE B 24 -7.38 -2.82 3.56
N ASP B 25 -8.26 -1.95 4.10
CA ASP B 25 -9.11 -1.04 3.30
C ASP B 25 -8.37 -0.37 2.10
N GLU B 26 -7.54 0.66 2.42
CA GLU B 26 -6.56 1.26 1.47
C GLU B 26 -5.99 0.24 0.41
N PHE B 27 -5.53 -0.94 0.86
CA PHE B 27 -4.97 -2.00 -0.04
C PHE B 27 -5.96 -2.38 -1.21
N LEU B 28 -7.26 -2.51 -0.89
CA LEU B 28 -8.32 -2.87 -1.89
C LEU B 28 -8.53 -1.73 -2.95
N LYS B 29 -8.52 -0.46 -2.50
CA LYS B 29 -8.78 0.72 -3.38
C LYS B 29 -7.51 1.00 -4.27
N MET B 30 -6.31 0.86 -3.70
CA MET B 30 -5.02 0.98 -4.45
C MET B 30 -4.76 -0.19 -5.47
N MET B 31 -5.40 -1.34 -5.27
CA MET B 31 -5.41 -2.47 -6.25
C MET B 31 -6.35 -2.14 -7.47
N GLU B 32 -7.51 -1.49 -7.20
CA GLU B 32 -8.46 -1.03 -8.26
C GLU B 32 -8.05 0.32 -8.95
N GLY B 33 -7.32 1.19 -8.23
CA GLY B 33 -6.48 2.27 -8.84
C GLY B 33 -7.30 3.48 -9.43
N VAL B 34 -7.59 4.49 -8.60
CA VAL B 34 -8.48 5.64 -8.97
C VAL B 34 -7.63 6.96 -8.94
N GLN B 35 -8.04 7.99 -9.71
CA GLN B 35 -7.18 9.16 -10.05
C GLN B 35 -8.03 10.36 -10.62
N NH2 B 36 -8.13 11.46 -9.85
HN1 NH2 B 36 -7.63 11.52 -8.94
HN2 NH2 B 36 -8.70 12.26 -10.17
C ACE A 1 -18.59 -14.49 -2.61
O ACE A 1 -18.50 -14.31 -3.83
CH3 ACE A 1 -19.80 -15.27 -1.99
H1 ACE A 1 -19.43 -16.19 -1.55
H2 ACE A 1 -20.33 -14.66 -1.26
H3 ACE A 1 -20.48 -15.52 -2.81
N LYS A 2 -17.68 -13.97 -1.76
CA LYS A 2 -16.38 -13.40 -2.20
C LYS A 2 -15.29 -13.59 -1.08
N SER A 3 -14.51 -14.68 -1.16
CA SER A 3 -13.55 -15.09 -0.08
C SER A 3 -12.27 -14.20 -0.05
N GLU A 4 -12.21 -13.21 0.86
CA GLU A 4 -11.16 -12.14 0.87
C GLU A 4 -9.84 -12.63 1.57
N GLU A 5 -9.71 -13.94 1.83
CA GLU A 5 -8.43 -14.58 2.23
C GLU A 5 -7.24 -14.30 1.24
N GLU A 6 -7.40 -14.65 -0.04
CA GLU A 6 -6.32 -14.54 -1.08
C GLU A 6 -5.76 -13.07 -1.26
N LEU A 7 -6.62 -12.06 -1.08
CA LEU A 7 -6.22 -10.61 -1.04
C LEU A 7 -5.52 -10.25 0.31
N ALA A 8 -5.85 -10.97 1.40
CA ALA A 8 -5.10 -10.91 2.70
C ALA A 8 -3.71 -11.64 2.68
N ASN A 9 -3.68 -12.91 2.24
CA ASN A 9 -2.42 -13.63 1.86
C ASN A 9 -1.47 -12.76 0.96
N ALA A 10 -2.00 -12.13 -0.10
CA ALA A 10 -1.25 -11.20 -0.99
C ALA A 10 -0.80 -9.86 -0.30
N PHE A 11 -1.63 -9.33 0.61
CA PHE A 11 -1.35 -8.04 1.34
C PHE A 11 -0.18 -8.17 2.36
N ARG A 12 -0.15 -9.28 3.14
CA ARG A 12 1.06 -9.72 3.90
C ARG A 12 2.32 -9.96 2.98
N ILE A 13 2.15 -10.74 1.91
CA ILE A 13 3.28 -11.25 1.07
C ILE A 13 4.09 -10.03 0.46
N PHE A 14 3.42 -8.90 0.23
CA PHE A 14 4.05 -7.64 -0.29
C PHE A 14 4.95 -6.98 0.81
N ASP A 15 4.38 -6.74 2.01
CA ASP A 15 4.99 -5.83 3.04
C ASP A 15 6.25 -6.47 3.73
N LYS A 16 7.40 -5.76 3.69
CA LYS A 16 8.74 -6.37 4.00
C LYS A 16 8.74 -6.89 5.48
N ASN A 17 8.20 -6.09 6.42
CA ASN A 17 8.26 -6.39 7.89
C ASN A 17 6.96 -7.02 8.48
N ALA A 18 5.77 -6.51 8.09
CA ALA A 18 4.49 -7.26 8.13
C ALA A 18 3.87 -7.42 9.57
N ASP A 19 3.46 -6.31 10.20
CA ASP A 19 2.41 -6.29 11.27
C ASP A 19 0.97 -6.01 10.70
N GLY A 20 0.85 -5.59 9.44
CA GLY A 20 -0.45 -5.57 8.69
C GLY A 20 -0.87 -4.17 8.12
N TYR A 21 0.13 -3.30 7.82
CA TYR A 21 -0.05 -2.06 7.01
C TYR A 21 0.77 -2.10 5.68
N ILE A 22 0.46 -1.22 4.72
CA ILE A 22 1.41 -0.78 3.64
C ILE A 22 1.94 0.66 3.93
N ASP A 23 3.27 0.86 3.91
CA ASP A 23 3.91 2.20 4.08
C ASP A 23 4.53 2.75 2.74
N ILE A 24 4.90 4.04 2.72
CA ILE A 24 5.57 4.70 1.55
C ILE A 24 7.06 4.22 1.43
N GLU A 25 7.59 3.48 2.42
CA GLU A 25 8.91 2.78 2.31
C GLU A 25 8.84 1.41 1.56
N GLU A 26 7.78 0.62 1.82
CA GLU A 26 7.57 -0.72 1.17
C GLU A 26 7.13 -0.63 -0.34
N LEU A 27 6.20 0.29 -0.66
CA LEU A 27 5.40 0.24 -1.93
C LEU A 27 6.29 0.52 -3.19
N GLY A 28 7.18 1.53 -3.11
CA GLY A 28 8.29 1.72 -4.11
C GLY A 28 9.16 0.45 -4.40
N GLU A 29 9.72 -0.17 -3.35
CA GLU A 29 10.54 -1.42 -3.48
C GLU A 29 9.83 -2.57 -4.29
N ILE A 30 8.52 -2.77 -4.04
CA ILE A 30 7.68 -3.73 -4.83
C ILE A 30 7.65 -3.31 -6.35
N LEU A 31 7.09 -2.12 -6.64
CA LEU A 31 6.95 -1.62 -8.04
C LEU A 31 8.34 -1.51 -8.76
N ARG A 32 9.44 -1.75 -8.03
CA ARG A 32 10.79 -2.01 -8.62
C ARG A 32 11.12 -3.54 -8.63
N ALA A 33 11.47 -4.10 -7.47
CA ALA A 33 12.21 -5.41 -7.38
C ALA A 33 11.30 -6.68 -7.39
N THR A 34 11.77 -7.79 -6.78
CA THR A 34 11.02 -9.08 -6.73
C THR A 34 9.78 -8.94 -5.76
N GLY A 35 8.69 -9.66 -6.05
CA GLY A 35 7.59 -9.92 -5.06
C GLY A 35 7.86 -11.07 -4.04
N NH2 A 36 6.80 -11.78 -3.60
HN1 NH2 A 36 5.86 -11.53 -3.90
HN2 NH2 A 36 6.95 -12.58 -2.98
C ACE B 1 13.20 7.58 -12.74
O ACE B 1 12.24 8.35 -12.93
CH3 ACE B 1 14.25 7.31 -13.86
H1 ACE B 1 15.18 7.80 -13.60
H2 ACE B 1 14.40 6.23 -13.97
H3 ACE B 1 13.86 7.72 -14.80
N VAL B 2 13.40 7.01 -11.54
CA VAL B 2 12.37 6.98 -10.46
C VAL B 2 13.03 7.47 -9.11
N THR B 3 13.05 8.78 -8.88
CA THR B 3 13.68 9.39 -7.66
C THR B 3 12.57 9.65 -6.57
N GLU B 4 13.00 9.91 -5.31
CA GLU B 4 12.08 9.90 -4.13
C GLU B 4 10.93 10.96 -4.20
N GLU B 5 11.28 12.24 -4.43
CA GLU B 5 10.32 13.38 -4.35
C GLU B 5 9.11 13.25 -5.35
N ASP B 6 9.30 12.56 -6.49
CA ASP B 6 8.20 12.20 -7.44
C ASP B 6 7.25 11.09 -6.88
N ILE B 7 7.82 10.00 -6.33
CA ILE B 7 7.04 8.92 -5.65
C ILE B 7 6.27 9.51 -4.42
N GLU B 8 6.85 10.53 -3.74
CA GLU B 8 6.14 11.29 -2.66
C GLU B 8 4.93 12.14 -3.18
N ASP B 9 5.06 12.75 -4.37
CA ASP B 9 3.93 13.41 -5.10
C ASP B 9 2.85 12.40 -5.61
N LEU B 10 3.26 11.15 -5.91
CA LEU B 10 2.32 10.03 -6.24
C LEU B 10 1.43 9.58 -5.02
N MET B 11 2.07 9.28 -3.86
CA MET B 11 1.37 8.76 -2.65
C MET B 11 0.41 9.83 -2.02
N LYS B 12 0.80 11.10 -2.04
CA LYS B 12 0.02 12.22 -1.43
C LYS B 12 -1.10 12.70 -2.43
N ASP B 13 -0.84 12.60 -3.75
CA ASP B 13 -1.90 12.85 -4.79
C ASP B 13 -3.02 11.75 -4.78
N SER B 14 -2.64 10.47 -4.61
CA SER B 14 -3.60 9.36 -4.32
C SER B 14 -4.33 9.54 -2.93
N ASP B 15 -3.65 10.16 -1.94
CA ASP B 15 -4.19 10.36 -0.57
C ASP B 15 -5.36 11.39 -0.52
N LYS B 16 -6.29 11.26 0.44
CA LYS B 16 -7.41 12.22 0.65
C LYS B 16 -7.37 12.81 2.11
N ASN B 17 -7.94 12.09 3.09
CA ASN B 17 -8.11 12.57 4.49
C ASN B 17 -6.79 12.50 5.36
N ASN B 18 -5.64 12.39 4.70
CA ASN B 18 -4.28 12.52 5.33
C ASN B 18 -3.90 11.29 6.23
N ASP B 19 -4.30 10.07 5.82
CA ASP B 19 -3.62 8.80 6.19
C ASP B 19 -2.26 8.60 5.42
N GLY B 20 -1.21 9.33 5.82
CA GLY B 20 0.19 9.06 5.38
C GLY B 20 0.59 7.54 5.28
N ARG B 21 -0.13 6.66 6.01
CA ARG B 21 0.07 5.18 5.95
C ARG B 21 -1.25 4.38 5.62
N ILE B 22 -1.11 3.20 4.98
CA ILE B 22 -2.25 2.45 4.36
C ILE B 22 -2.52 1.11 5.15
N ASP B 23 -3.79 0.67 5.20
CA ASP B 23 -4.20 -0.66 5.74
C ASP B 23 -4.95 -1.54 4.69
N PHE B 24 -5.56 -2.67 5.11
CA PHE B 24 -6.19 -3.67 4.21
C PHE B 24 -7.41 -3.08 3.42
N ASP B 25 -8.25 -2.30 4.10
CA ASP B 25 -9.29 -1.44 3.46
C ASP B 25 -8.78 -0.66 2.20
N GLU B 26 -8.03 0.45 2.45
CA GLU B 26 -7.30 1.21 1.40
C GLU B 26 -6.75 0.33 0.22
N PHE B 27 -6.19 -0.86 0.51
CA PHE B 27 -5.70 -1.81 -0.53
C PHE B 27 -6.83 -2.20 -1.55
N LEU B 28 -8.00 -2.63 -1.04
CA LEU B 28 -9.17 -3.03 -1.89
C LEU B 28 -9.75 -1.82 -2.69
N LYS B 29 -9.50 -0.58 -2.23
CA LYS B 29 -9.96 0.67 -2.93
C LYS B 29 -8.88 1.10 -3.98
N MET B 30 -7.57 0.98 -3.64
CA MET B 30 -6.45 1.09 -4.63
C MET B 30 -6.55 0.07 -5.82
N MET B 31 -7.29 -1.03 -5.65
CA MET B 31 -7.78 -1.88 -6.78
C MET B 31 -9.10 -1.28 -7.38
N GLU B 32 -10.26 -1.57 -6.77
CA GLU B 32 -11.60 -1.34 -7.36
C GLU B 32 -12.02 0.17 -7.45
N GLY B 33 -11.56 0.99 -6.49
CA GLY B 33 -12.08 2.38 -6.27
C GLY B 33 -11.12 3.53 -6.71
N VAL B 34 -10.38 3.33 -7.82
CA VAL B 34 -9.47 4.36 -8.40
C VAL B 34 -10.03 4.80 -9.80
N GLN B 35 -11.35 4.67 -10.03
CA GLN B 35 -11.94 4.61 -11.40
C GLN B 35 -12.77 5.90 -11.75
N NH2 B 36 -13.49 6.45 -10.76
HN1 NH2 B 36 -13.44 6.07 -9.81
HN2 NH2 B 36 -14.08 7.27 -10.96
C ACE A 1 -17.78 -11.55 -2.34
O ACE A 1 -17.15 -10.57 -1.92
CH3 ACE A 1 -18.94 -11.36 -3.38
H1 ACE A 1 -18.66 -11.82 -4.32
H2 ACE A 1 -19.87 -11.77 -2.99
H3 ACE A 1 -19.06 -10.27 -3.54
N LYS A 2 -17.54 -12.79 -1.90
CA LYS A 2 -16.35 -13.16 -1.08
C LYS A 2 -15.04 -13.11 -1.96
N SER A 3 -14.11 -12.19 -1.64
CA SER A 3 -12.92 -11.91 -2.50
C SER A 3 -11.75 -11.27 -1.68
N GLU A 4 -11.61 -11.62 -0.39
CA GLU A 4 -10.53 -11.10 0.50
C GLU A 4 -9.33 -12.11 0.61
N GLU A 5 -9.59 -13.41 0.40
CA GLU A 5 -8.64 -14.51 0.78
C GLU A 5 -7.17 -14.28 0.29
N GLU A 6 -7.00 -13.90 -0.99
CA GLU A 6 -5.66 -13.88 -1.67
C GLU A 6 -4.93 -12.50 -1.59
N LEU A 7 -5.68 -11.39 -1.55
CA LEU A 7 -5.18 -10.05 -1.10
C LEU A 7 -4.94 -10.01 0.45
N ALA A 8 -5.50 -10.98 1.20
CA ALA A 8 -5.10 -11.28 2.60
C ALA A 8 -3.69 -11.96 2.76
N ASN A 9 -3.52 -13.15 2.16
CA ASN A 9 -2.18 -13.74 1.86
C ASN A 9 -1.14 -12.68 1.34
N ALA A 10 -1.46 -11.97 0.25
CA ALA A 10 -0.57 -10.92 -0.35
C ALA A 10 -0.17 -9.77 0.64
N PHE A 11 -1.11 -9.29 1.47
CA PHE A 11 -0.92 -8.09 2.35
C PHE A 11 -0.05 -8.42 3.61
N ARG A 12 -0.10 -9.67 4.10
CA ARG A 12 0.73 -10.14 5.25
C ARG A 12 2.18 -10.59 4.81
N ILE A 13 2.33 -11.10 3.58
CA ILE A 13 3.64 -11.51 3.00
C ILE A 13 4.51 -10.25 2.65
N PHE A 14 3.86 -9.17 2.18
CA PHE A 14 4.52 -7.84 1.94
C PHE A 14 5.08 -7.27 3.28
N ASP A 15 4.32 -7.37 4.38
CA ASP A 15 4.66 -6.75 5.70
C ASP A 15 5.84 -7.48 6.43
N LYS A 16 6.88 -6.73 6.84
CA LYS A 16 8.06 -7.28 7.58
C LYS A 16 7.66 -7.55 9.07
N ASN A 17 6.97 -6.60 9.71
CA ASN A 17 6.83 -6.53 11.20
C ASN A 17 5.48 -7.12 11.76
N ALA A 18 4.43 -7.16 10.92
CA ALA A 18 3.21 -7.98 11.17
C ALA A 18 2.39 -7.58 12.47
N ASP A 19 2.20 -6.27 12.69
CA ASP A 19 1.06 -5.73 13.51
C ASP A 19 -0.29 -5.68 12.70
N GLY A 20 -0.21 -5.72 11.35
CA GLY A 20 -1.41 -5.61 10.46
C GLY A 20 -1.27 -4.61 9.26
N TYR A 21 -0.36 -3.63 9.36
CA TYR A 21 -0.43 -2.34 8.60
C TYR A 21 0.77 -2.19 7.59
N ILE A 22 0.64 -1.29 6.61
CA ILE A 22 1.77 -0.86 5.72
C ILE A 22 2.18 0.63 6.04
N ASP A 23 3.48 0.94 5.96
CA ASP A 23 4.02 2.33 6.14
C ASP A 23 4.39 3.01 4.78
N ILE A 24 4.43 4.36 4.75
CA ILE A 24 4.82 5.13 3.52
C ILE A 24 6.19 4.59 2.97
N GLU A 25 7.07 4.10 3.85
CA GLU A 25 8.46 3.66 3.50
C GLU A 25 8.53 2.23 2.83
N GLU A 26 7.59 1.34 3.19
CA GLU A 26 7.45 -0.01 2.56
C GLU A 26 6.84 0.03 1.11
N LEU A 27 6.01 1.06 0.81
CA LEU A 27 5.39 1.26 -0.53
C LEU A 27 6.40 1.00 -1.70
N GLY A 28 7.49 1.80 -1.76
CA GLY A 28 8.43 1.81 -2.94
C GLY A 28 9.23 0.47 -3.15
N GLU A 29 9.54 -0.25 -2.06
CA GLU A 29 10.14 -1.62 -2.11
C GLU A 29 9.11 -2.76 -2.44
N ILE A 30 7.84 -2.57 -2.04
CA ILE A 30 6.70 -3.43 -2.49
C ILE A 30 6.66 -3.51 -4.05
N LEU A 31 6.53 -2.34 -4.72
CA LEU A 31 6.56 -2.24 -6.21
C LEU A 31 7.88 -2.87 -6.80
N ARG A 32 9.05 -2.47 -6.26
CA ARG A 32 10.36 -2.63 -6.96
C ARG A 32 10.96 -4.06 -6.72
N ALA A 33 10.87 -4.58 -5.48
CA ALA A 33 11.79 -5.64 -4.97
C ALA A 33 11.71 -7.01 -5.73
N THR A 34 10.83 -7.92 -5.30
CA THR A 34 10.85 -9.36 -5.70
C THR A 34 9.43 -9.79 -6.22
N GLY A 35 9.12 -9.48 -7.50
CA GLY A 35 8.09 -10.22 -8.29
C GLY A 35 8.20 -10.07 -9.85
N NH2 A 36 7.07 -9.97 -10.55
HN1 NH2 A 36 6.15 -10.04 -10.08
HN2 NH2 A 36 7.10 -9.81 -11.57
C ACE B 1 10.03 7.88 -13.31
O ACE B 1 10.93 7.18 -12.84
CH3 ACE B 1 10.20 8.64 -14.67
H1 ACE B 1 9.61 8.14 -15.43
H2 ACE B 1 9.92 9.68 -14.56
H3 ACE B 1 11.27 8.59 -14.94
N VAL B 2 8.87 8.08 -12.63
CA VAL B 2 8.37 7.14 -11.58
C VAL B 2 9.46 7.01 -10.46
N THR B 3 9.56 8.01 -9.56
CA THR B 3 10.68 8.11 -8.56
C THR B 3 10.08 8.41 -7.14
N GLU B 4 10.75 9.26 -6.36
CA GLU B 4 10.15 9.93 -5.15
C GLU B 4 8.88 10.81 -5.49
N GLU B 5 9.01 11.73 -6.46
CA GLU B 5 8.00 12.80 -6.71
C GLU B 5 6.61 12.28 -7.21
N ASP B 6 6.61 11.22 -8.04
CA ASP B 6 5.37 10.44 -8.37
C ASP B 6 4.70 9.80 -7.10
N ILE B 7 5.50 9.10 -6.27
CA ILE B 7 5.00 8.44 -5.02
C ILE B 7 4.49 9.52 -4.01
N GLU B 8 5.13 10.71 -3.98
CA GLU B 8 4.68 11.87 -3.15
C GLU B 8 3.28 12.45 -3.58
N ASP B 9 3.04 12.54 -4.90
CA ASP B 9 1.70 12.86 -5.48
C ASP B 9 0.62 11.77 -5.14
N LEU B 10 1.03 10.49 -5.08
CA LEU B 10 0.10 9.34 -4.81
C LEU B 10 -0.41 9.29 -3.33
N MET B 11 0.51 9.30 -2.35
CA MET B 11 0.18 9.13 -0.91
C MET B 11 0.06 10.50 -0.16
N LYS B 12 -0.06 11.61 -0.92
CA LYS B 12 -0.53 12.92 -0.38
C LYS B 12 -1.93 13.28 -1.00
N ASP B 13 -2.19 12.84 -2.24
CA ASP B 13 -3.59 12.84 -2.81
C ASP B 13 -4.54 11.84 -2.08
N SER B 14 -4.25 10.53 -2.15
CA SER B 14 -5.10 9.46 -1.55
C SER B 14 -5.08 9.50 0.03
N ASP B 15 -3.98 9.98 0.63
CA ASP B 15 -3.84 10.08 2.12
C ASP B 15 -4.51 11.38 2.70
N LYS B 16 -5.84 11.43 2.73
CA LYS B 16 -6.61 12.69 3.00
C LYS B 16 -6.48 13.09 4.52
N ASN B 17 -7.05 12.28 5.42
CA ASN B 17 -7.40 12.71 6.81
C ASN B 17 -6.16 12.77 7.79
N ASN B 18 -4.94 12.63 7.26
CA ASN B 18 -3.70 12.45 8.08
C ASN B 18 -3.74 11.17 9.00
N ASP B 19 -4.07 10.01 8.41
CA ASP B 19 -3.64 8.67 8.93
C ASP B 19 -2.37 8.11 8.20
N GLY B 20 -1.21 8.75 8.41
CA GLY B 20 0.02 8.50 7.59
C GLY B 20 0.42 6.99 7.43
N ARG B 21 -0.11 6.10 8.29
CA ARG B 21 0.03 4.62 8.15
C ARG B 21 -1.26 3.90 7.64
N ILE B 22 -1.12 2.92 6.73
CA ILE B 22 -2.23 2.43 5.85
C ILE B 22 -2.68 1.00 6.30
N ASP B 23 -3.99 0.71 6.23
CA ASP B 23 -4.59 -0.59 6.65
C ASP B 23 -5.14 -1.43 5.43
N PHE B 24 -5.80 -2.57 5.70
CA PHE B 24 -6.22 -3.54 4.64
C PHE B 24 -7.29 -2.93 3.68
N ASP B 25 -8.28 -2.20 4.21
CA ASP B 25 -9.15 -1.28 3.44
C ASP B 25 -8.37 -0.40 2.40
N GLU B 26 -7.73 0.68 2.90
CA GLU B 26 -6.82 1.54 2.10
C GLU B 26 -5.95 0.77 1.04
N PHE B 27 -5.52 -0.48 1.31
CA PHE B 27 -4.80 -1.33 0.31
C PHE B 27 -5.66 -1.57 -0.98
N LEU B 28 -6.94 -1.96 -0.81
CA LEU B 28 -7.89 -2.23 -1.94
C LEU B 28 -8.14 -0.95 -2.80
N LYS B 29 -8.02 0.25 -2.20
CA LYS B 29 -8.10 1.55 -2.93
C LYS B 29 -6.71 1.88 -3.58
N MET B 30 -5.60 1.56 -2.87
CA MET B 30 -4.21 1.70 -3.40
C MET B 30 -3.92 0.87 -4.70
N MET B 31 -3.93 -0.47 -4.59
CA MET B 31 -3.91 -1.40 -5.76
C MET B 31 -5.00 -0.98 -6.80
N GLU B 32 -6.30 -1.12 -6.45
CA GLU B 32 -7.43 -1.13 -7.44
C GLU B 32 -8.67 -0.27 -6.98
N GLY B 33 -8.44 1.02 -6.67
CA GLY B 33 -9.50 2.08 -6.73
C GLY B 33 -9.05 3.42 -7.44
N VAL B 34 -8.19 3.33 -8.47
CA VAL B 34 -7.60 4.52 -9.15
C VAL B 34 -8.41 4.79 -10.47
N GLN B 35 -9.06 5.96 -10.57
CA GLN B 35 -9.69 6.45 -11.83
C GLN B 35 -8.66 7.15 -12.79
N NH2 B 36 -8.48 6.62 -14.02
HN1 NH2 B 36 -9.05 5.81 -14.31
HN2 NH2 B 36 -7.79 7.01 -14.65
C ACE A 1 -17.86 -15.17 1.30
O ACE A 1 -16.66 -15.45 1.21
CH3 ACE A 1 -18.96 -16.24 0.97
H1 ACE A 1 -19.51 -16.47 1.88
H2 ACE A 1 -19.62 -15.88 0.18
H3 ACE A 1 -18.44 -17.15 0.63
N LYS A 2 -18.27 -13.97 1.74
CA LYS A 2 -17.38 -12.78 1.84
C LYS A 2 -16.49 -12.66 0.55
N SER A 3 -15.44 -11.82 0.59
CA SER A 3 -14.64 -11.45 -0.62
C SER A 3 -13.20 -10.91 -0.24
N GLU A 4 -12.61 -11.43 0.85
CA GLU A 4 -11.44 -10.80 1.53
C GLU A 4 -10.21 -11.77 1.61
N GLU A 5 -10.45 -13.08 1.75
CA GLU A 5 -9.39 -14.09 2.08
C GLU A 5 -8.04 -13.89 1.30
N GLU A 6 -8.10 -13.76 -0.04
CA GLU A 6 -6.89 -13.82 -0.91
C GLU A 6 -6.13 -12.44 -1.03
N LEU A 7 -6.83 -11.33 -0.76
CA LEU A 7 -6.23 -9.96 -0.68
C LEU A 7 -5.65 -9.66 0.75
N ALA A 8 -6.13 -10.40 1.78
CA ALA A 8 -5.48 -10.42 3.13
C ALA A 8 -4.21 -11.32 3.24
N ASN A 9 -4.31 -12.60 2.83
CA ASN A 9 -3.13 -13.46 2.49
C ASN A 9 -2.01 -12.69 1.71
N ALA A 10 -2.38 -11.94 0.66
CA ALA A 10 -1.45 -11.02 -0.08
C ALA A 10 -0.94 -9.80 0.78
N PHE A 11 -1.80 -9.26 1.67
CA PHE A 11 -1.51 -8.03 2.46
C PHE A 11 -0.50 -8.31 3.64
N ARG A 12 -0.47 -9.56 4.14
CA ARG A 12 0.52 -10.03 5.15
C ARG A 12 1.75 -10.77 4.50
N ILE A 13 1.72 -11.00 3.17
CA ILE A 13 2.89 -11.44 2.36
C ILE A 13 3.81 -10.20 2.03
N PHE A 14 3.20 -9.02 1.88
CA PHE A 14 3.93 -7.71 1.77
C PHE A 14 4.73 -7.42 3.08
N ASP A 15 4.04 -7.10 4.19
CA ASP A 15 4.64 -6.49 5.40
C ASP A 15 5.71 -7.42 6.08
N LYS A 16 6.98 -6.98 6.16
CA LYS A 16 8.14 -7.83 6.54
C LYS A 16 7.83 -8.51 7.93
N ASN A 17 7.10 -7.80 8.82
CA ASN A 17 6.95 -8.20 10.25
C ASN A 17 5.53 -8.77 10.63
N ALA A 18 4.48 -8.28 9.97
CA ALA A 18 3.04 -8.58 10.32
C ALA A 18 2.57 -7.96 11.69
N ASP A 19 2.86 -6.67 11.92
CA ASP A 19 2.07 -5.79 12.83
C ASP A 19 0.70 -5.33 12.21
N GLY A 20 0.33 -5.85 11.02
CA GLY A 20 -1.07 -5.78 10.50
C GLY A 20 -1.36 -4.63 9.48
N TYR A 21 -0.40 -3.71 9.29
CA TYR A 21 -0.59 -2.49 8.45
C TYR A 21 0.47 -2.40 7.29
N ILE A 22 0.29 -1.46 6.34
CA ILE A 22 1.36 -1.01 5.40
C ILE A 22 1.81 0.45 5.76
N ASP A 23 3.07 0.81 5.44
CA ASP A 23 3.67 2.13 5.80
C ASP A 23 4.30 2.88 4.57
N ILE A 24 4.60 4.17 4.72
CA ILE A 24 5.10 5.04 3.59
C ILE A 24 6.54 4.58 3.16
N GLU A 25 7.33 4.03 4.11
CA GLU A 25 8.73 3.56 3.86
C GLU A 25 8.80 2.19 3.10
N GLU A 26 7.81 1.31 3.31
CA GLU A 26 7.64 0.02 2.57
C GLU A 26 7.04 0.20 1.12
N LEU A 27 6.20 1.23 0.92
CA LEU A 27 5.35 1.42 -0.29
C LEU A 27 6.21 1.35 -1.61
N GLY A 28 7.25 2.19 -1.72
CA GLY A 28 8.22 2.14 -2.87
C GLY A 28 8.75 0.71 -3.23
N GLU A 29 9.20 -0.06 -2.22
CA GLU A 29 9.71 -1.46 -2.41
C GLU A 29 8.59 -2.53 -2.63
N ILE A 30 7.34 -2.21 -2.23
CA ILE A 30 6.13 -2.99 -2.62
C ILE A 30 5.96 -2.99 -4.19
N LEU A 31 6.03 -1.79 -4.81
CA LEU A 31 6.14 -1.66 -6.30
C LEU A 31 7.35 -2.49 -6.87
N ARG A 32 8.51 -2.43 -6.17
CA ARG A 32 9.79 -3.00 -6.68
C ARG A 32 10.43 -3.98 -5.63
N ALA A 33 9.61 -4.83 -4.99
CA ALA A 33 10.09 -5.95 -4.14
C ALA A 33 11.24 -6.81 -4.77
N THR A 34 12.28 -7.14 -3.99
CA THR A 34 13.53 -7.79 -4.49
C THR A 34 13.41 -9.34 -4.34
N GLY A 35 14.46 -10.10 -4.73
CA GLY A 35 14.60 -11.55 -4.41
C GLY A 35 15.92 -12.22 -4.94
N NH2 A 36 17.03 -11.47 -4.96
HN1 NH2 A 36 17.01 -10.50 -4.60
HN2 NH2 A 36 17.91 -11.85 -5.35
C ACE B 1 11.38 9.56 -13.60
O ACE B 1 10.17 9.63 -13.84
CH3 ACE B 1 12.43 10.22 -14.55
H1 ACE B 1 12.84 11.10 -14.06
H2 ACE B 1 13.22 9.51 -14.80
H3 ACE B 1 11.91 10.52 -15.48
N VAL B 2 11.84 8.85 -12.55
CA VAL B 2 10.97 8.25 -11.50
C VAL B 2 11.57 8.59 -10.09
N THR B 3 11.21 9.75 -9.52
CA THR B 3 11.89 10.31 -8.32
C THR B 3 11.06 9.98 -7.03
N GLU B 4 11.53 10.40 -5.84
CA GLU B 4 10.77 10.33 -4.56
C GLU B 4 9.50 11.26 -4.54
N GLU B 5 9.61 12.50 -5.06
CA GLU B 5 8.58 13.57 -4.88
C GLU B 5 7.22 13.26 -5.60
N ASP B 6 7.27 12.51 -6.71
CA ASP B 6 6.06 11.87 -7.33
C ASP B 6 5.36 10.84 -6.36
N ILE B 7 6.15 9.95 -5.73
CA ILE B 7 5.61 8.86 -4.85
C ILE B 7 4.78 9.49 -3.68
N GLU B 8 5.37 10.42 -2.91
CA GLU B 8 4.69 11.12 -1.78
C GLU B 8 3.55 12.10 -2.24
N ASP B 9 3.69 12.71 -3.42
CA ASP B 9 2.56 13.36 -4.16
C ASP B 9 1.37 12.37 -4.44
N LEU B 10 1.68 11.09 -4.72
CA LEU B 10 0.66 10.02 -4.95
C LEU B 10 -0.02 9.51 -3.63
N MET B 11 0.80 9.13 -2.62
CA MET B 11 0.30 8.74 -1.27
C MET B 11 -0.50 9.90 -0.58
N LYS B 12 -0.17 11.16 -0.92
CA LYS B 12 -0.86 12.37 -0.38
C LYS B 12 -2.04 12.80 -1.32
N ASP B 13 -2.17 12.23 -2.53
CA ASP B 13 -3.48 12.20 -3.28
C ASP B 13 -4.55 11.31 -2.56
N SER B 14 -4.20 10.05 -2.22
CA SER B 14 -5.20 8.95 -2.01
C SER B 14 -5.48 8.68 -0.48
N ASP B 15 -4.51 8.99 0.39
CA ASP B 15 -4.74 9.06 1.87
C ASP B 15 -5.83 10.12 2.27
N LYS B 16 -6.92 9.68 2.94
CA LYS B 16 -7.86 10.60 3.64
C LYS B 16 -7.11 11.41 4.75
N ASN B 17 -7.17 10.95 6.01
CA ASN B 17 -6.82 11.78 7.21
C ASN B 17 -5.32 12.20 7.25
N ASN B 18 -4.50 11.65 6.34
CA ASN B 18 -3.13 12.19 6.02
C ASN B 18 -2.18 12.24 7.26
N ASP B 19 -2.20 11.19 8.11
CA ASP B 19 -1.09 10.88 9.07
C ASP B 19 -0.01 9.93 8.43
N GLY B 20 -0.37 9.17 7.39
CA GLY B 20 0.61 8.39 6.56
C GLY B 20 0.83 6.90 7.01
N ARG B 21 -0.26 6.22 7.41
CA ARG B 21 -0.29 4.72 7.53
C ARG B 21 -1.53 4.05 6.83
N ILE B 22 -1.29 3.03 5.99
CA ILE B 22 -2.34 2.38 5.15
C ILE B 22 -2.82 1.04 5.82
N ASP B 23 -4.13 0.91 6.10
CA ASP B 23 -4.76 -0.37 6.57
C ASP B 23 -5.54 -1.12 5.42
N PHE B 24 -6.05 -2.33 5.71
CA PHE B 24 -6.56 -3.28 4.67
C PHE B 24 -7.61 -2.61 3.71
N ASP B 25 -8.41 -1.67 4.22
CA ASP B 25 -9.33 -0.82 3.39
C ASP B 25 -8.56 -0.16 2.18
N GLU B 26 -7.89 0.99 2.49
CA GLU B 26 -6.86 1.66 1.65
C GLU B 26 -6.15 0.69 0.66
N PHE B 27 -5.83 -0.55 1.09
CA PHE B 27 -5.18 -1.58 0.22
C PHE B 27 -6.09 -1.95 -1.01
N LEU B 28 -7.37 -2.27 -0.75
CA LEU B 28 -8.40 -2.56 -1.79
C LEU B 28 -8.58 -1.36 -2.79
N LYS B 29 -8.35 -0.11 -2.32
CA LYS B 29 -8.52 1.11 -3.16
C LYS B 29 -7.24 1.32 -4.05
N MET B 30 -6.04 1.22 -3.44
CA MET B 30 -4.74 1.40 -4.16
C MET B 30 -4.33 0.18 -5.07
N MET B 31 -5.11 -0.91 -5.03
CA MET B 31 -5.00 -2.05 -6.00
C MET B 31 -6.20 -2.03 -7.02
N GLU B 32 -7.41 -1.73 -6.53
CA GLU B 32 -8.69 -2.04 -7.25
C GLU B 32 -9.83 -0.99 -6.99
N GLY B 33 -9.47 0.23 -6.56
CA GLY B 33 -10.41 1.40 -6.47
C GLY B 33 -10.53 2.25 -7.78
N VAL B 34 -10.33 3.59 -7.67
CA VAL B 34 -10.76 4.58 -8.71
C VAL B 34 -9.47 5.22 -9.35
N GLN B 35 -9.63 5.92 -10.48
CA GLN B 35 -8.59 6.85 -11.02
C GLN B 35 -8.81 8.32 -10.52
N NH2 B 36 -7.73 9.06 -10.23
HN1 NH2 B 36 -6.78 8.65 -10.37
HN2 NH2 B 36 -7.82 10.02 -9.87
C ACE A 1 -17.00 -13.68 1.91
O ACE A 1 -16.69 -14.16 3.01
CH3 ACE A 1 -17.88 -12.38 1.81
H1 ACE A 1 -17.28 -11.58 1.38
H2 ACE A 1 -18.78 -12.58 1.24
H3 ACE A 1 -18.16 -12.10 2.84
N LYS A 2 -16.53 -14.21 0.77
CA LYS A 2 -15.43 -15.21 0.71
C LYS A 2 -14.76 -15.21 -0.71
N SER A 3 -14.57 -14.01 -1.30
CA SER A 3 -13.75 -13.83 -2.53
C SER A 3 -12.45 -12.99 -2.26
N GLU A 4 -12.49 -12.09 -1.27
CA GLU A 4 -11.31 -11.29 -0.82
C GLU A 4 -10.09 -12.21 -0.43
N GLU A 5 -10.30 -13.54 -0.39
CA GLU A 5 -9.20 -14.54 -0.24
C GLU A 5 -7.87 -14.14 -0.97
N GLU A 6 -7.91 -14.05 -2.31
CA GLU A 6 -6.69 -13.98 -3.18
C GLU A 6 -5.92 -12.62 -3.09
N LEU A 7 -6.65 -11.50 -2.89
CA LEU A 7 -6.06 -10.15 -2.59
C LEU A 7 -5.50 -10.08 -1.13
N ALA A 8 -5.95 -10.98 -0.24
CA ALA A 8 -5.40 -11.11 1.15
C ALA A 8 -4.06 -11.93 1.26
N ASN A 9 -3.99 -13.08 0.57
CA ASN A 9 -2.70 -13.79 0.31
C ASN A 9 -1.69 -12.94 -0.54
N ALA A 10 -2.19 -12.21 -1.56
CA ALA A 10 -1.43 -11.12 -2.26
C ALA A 10 -0.89 -10.00 -1.32
N PHE A 11 -1.74 -9.45 -0.43
CA PHE A 11 -1.42 -8.23 0.38
C PHE A 11 -0.41 -8.54 1.55
N ARG A 12 -0.41 -9.80 2.04
CA ARG A 12 0.66 -10.35 2.92
C ARG A 12 1.98 -10.67 2.14
N ILE A 13 1.87 -11.23 0.93
CA ILE A 13 3.04 -11.72 0.12
C ILE A 13 3.98 -10.53 -0.27
N PHE A 14 3.39 -9.36 -0.57
CA PHE A 14 4.15 -8.09 -0.79
C PHE A 14 5.02 -7.74 0.47
N ASP A 15 4.36 -7.50 1.63
CA ASP A 15 4.98 -6.76 2.79
C ASP A 15 6.01 -7.63 3.59
N LYS A 16 7.15 -7.04 3.98
CA LYS A 16 8.28 -7.76 4.64
C LYS A 16 7.89 -8.08 6.12
N ASN A 17 8.03 -7.10 7.03
CA ASN A 17 8.07 -7.33 8.50
C ASN A 17 6.68 -7.67 9.15
N ALA A 18 5.60 -7.04 8.64
CA ALA A 18 4.20 -7.59 8.71
C ALA A 18 3.46 -7.31 10.05
N ASP A 19 3.32 -6.02 10.43
CA ASP A 19 2.23 -5.53 11.32
C ASP A 19 0.93 -5.13 10.53
N GLY A 20 0.77 -5.64 9.29
CA GLY A 20 -0.54 -5.65 8.57
C GLY A 20 -0.74 -4.51 7.51
N TYR A 21 0.22 -3.57 7.42
CA TYR A 21 0.06 -2.31 6.62
C TYR A 21 1.11 -2.23 5.45
N ILE A 22 0.79 -1.50 4.37
CA ILE A 22 1.71 -1.23 3.23
C ILE A 22 2.07 0.29 3.16
N ASP A 23 3.33 0.67 3.43
CA ASP A 23 3.73 2.07 3.80
C ASP A 23 4.40 2.84 2.61
N ILE A 24 4.61 4.16 2.78
CA ILE A 24 5.21 5.03 1.72
C ILE A 24 6.68 4.57 1.41
N GLU A 25 7.37 3.96 2.38
CA GLU A 25 8.76 3.45 2.23
C GLU A 25 8.84 2.08 1.45
N GLU A 26 7.87 1.18 1.69
CA GLU A 26 7.84 -0.19 1.08
C GLU A 26 7.26 -0.22 -0.38
N LEU A 27 6.40 0.75 -0.73
CA LEU A 27 5.81 0.88 -2.10
C LEU A 27 6.90 0.81 -3.22
N GLY A 28 7.88 1.73 -3.21
CA GLY A 28 9.04 1.72 -4.15
C GLY A 28 9.95 0.43 -4.06
N GLU A 29 9.95 -0.25 -2.90
CA GLU A 29 10.46 -1.65 -2.76
C GLU A 29 9.63 -2.72 -3.55
N ILE A 30 8.28 -2.66 -3.45
CA ILE A 30 7.36 -3.59 -4.17
C ILE A 30 7.66 -3.54 -5.71
N LEU A 31 7.65 -2.34 -6.32
CA LEU A 31 8.00 -2.12 -7.75
C LEU A 31 9.54 -2.34 -8.01
N ARG A 32 10.39 -1.99 -7.03
CA ARG A 32 11.87 -2.08 -7.16
C ARG A 32 12.49 -2.98 -6.04
N ALA A 33 11.92 -4.18 -5.82
CA ALA A 33 12.60 -5.30 -5.09
C ALA A 33 13.55 -6.18 -5.98
N THR A 34 13.00 -6.85 -7.01
CA THR A 34 13.70 -7.93 -7.76
C THR A 34 14.35 -7.34 -9.06
N GLY A 35 13.53 -7.06 -10.08
CA GLY A 35 14.00 -6.72 -11.47
C GLY A 35 13.61 -5.29 -11.98
N NH2 A 36 13.73 -4.26 -11.12
HN1 NH2 A 36 14.09 -4.42 -10.17
HN2 NH2 A 36 13.44 -3.32 -11.40
C ACE B 1 13.13 4.12 -13.22
O ACE B 1 12.66 4.53 -14.28
CH3 ACE B 1 13.91 2.75 -13.16
H1 ACE B 1 14.97 2.97 -13.04
H2 ACE B 1 13.54 2.16 -12.34
H3 ACE B 1 13.74 2.23 -14.11
N VAL B 2 13.07 4.85 -12.10
CA VAL B 2 12.23 6.09 -11.97
C VAL B 2 12.29 6.57 -10.48
N THR B 3 12.39 7.90 -10.25
CA THR B 3 12.77 8.48 -8.93
C THR B 3 11.68 8.11 -7.86
N GLU B 4 12.01 8.29 -6.56
CA GLU B 4 11.00 8.37 -5.46
C GLU B 4 10.04 9.62 -5.55
N GLU B 5 10.45 10.65 -6.31
CA GLU B 5 9.55 11.79 -6.69
C GLU B 5 8.37 11.39 -7.63
N ASP B 6 8.48 10.24 -8.31
CA ASP B 6 7.37 9.63 -9.11
C ASP B 6 6.46 8.68 -8.25
N ILE B 7 7.06 7.93 -7.31
CA ILE B 7 6.30 7.29 -6.18
C ILE B 7 5.58 8.40 -5.33
N GLU B 8 6.20 9.57 -5.17
CA GLU B 8 5.58 10.77 -4.52
C GLU B 8 4.42 11.41 -5.37
N ASP B 9 4.54 11.38 -6.71
CA ASP B 9 3.43 11.76 -7.65
C ASP B 9 2.17 10.83 -7.51
N LEU B 10 2.36 9.50 -7.62
CA LEU B 10 1.27 8.50 -7.38
C LEU B 10 0.53 8.67 -6.01
N MET B 11 1.30 8.72 -4.90
CA MET B 11 0.75 8.48 -3.53
C MET B 11 0.35 9.81 -2.80
N LYS B 12 0.56 10.97 -3.47
CA LYS B 12 -0.07 12.27 -3.07
C LYS B 12 -1.27 12.61 -4.03
N ASP B 13 -1.34 11.99 -5.22
CA ASP B 13 -2.63 11.86 -5.97
C ASP B 13 -3.67 10.94 -5.24
N SER B 14 -3.52 9.61 -5.37
CA SER B 14 -4.54 8.62 -4.89
C SER B 14 -4.79 8.70 -3.35
N ASP B 15 -3.84 9.27 -2.59
CA ASP B 15 -4.07 9.76 -1.19
C ASP B 15 -4.99 11.03 -1.15
N LYS B 16 -6.03 11.02 -0.29
CA LYS B 16 -6.95 12.19 -0.09
C LYS B 16 -6.72 12.81 1.34
N ASN B 17 -7.18 12.14 2.40
CA ASN B 17 -7.20 12.72 3.79
C ASN B 17 -5.79 12.72 4.49
N ASN B 18 -4.74 12.25 3.78
CA ASN B 18 -3.35 12.19 4.33
C ASN B 18 -3.22 11.25 5.59
N ASP B 19 -3.90 10.09 5.58
CA ASP B 19 -3.50 8.90 6.38
C ASP B 19 -2.46 7.99 5.62
N GLY B 20 -1.26 8.52 5.36
CA GLY B 20 -0.32 7.96 4.34
C GLY B 20 -0.15 6.39 4.37
N ARG B 21 -0.25 5.78 5.56
CA ARG B 21 -0.05 4.31 5.75
C ARG B 21 -1.33 3.45 5.41
N ILE B 22 -1.21 2.49 4.48
CA ILE B 22 -2.38 1.89 3.75
C ILE B 22 -2.77 0.51 4.38
N ASP B 23 -4.08 0.29 4.59
CA ASP B 23 -4.65 -1.05 4.95
C ASP B 23 -5.40 -1.73 3.74
N PHE B 24 -6.13 -2.84 3.98
CA PHE B 24 -6.65 -3.74 2.92
C PHE B 24 -7.81 -3.09 2.08
N ASP B 25 -8.69 -2.32 2.74
CA ASP B 25 -9.63 -1.38 2.08
C ASP B 25 -8.95 -0.49 0.96
N GLU B 26 -8.20 0.55 1.40
CA GLU B 26 -7.28 1.33 0.52
C GLU B 26 -6.57 0.47 -0.59
N PHE B 27 -6.14 -0.77 -0.30
CA PHE B 27 -5.51 -1.68 -1.30
C PHE B 27 -6.45 -1.97 -2.53
N LEU B 28 -7.76 -2.18 -2.25
CA LEU B 28 -8.80 -2.45 -3.29
C LEU B 28 -9.11 -1.17 -4.14
N LYS B 29 -9.01 0.03 -3.52
CA LYS B 29 -9.22 1.33 -4.22
C LYS B 29 -7.86 1.81 -4.85
N MET B 30 -6.74 1.17 -4.49
CA MET B 30 -5.41 1.41 -5.13
C MET B 30 -5.13 0.53 -6.39
N MET B 31 -5.09 -0.80 -6.24
CA MET B 31 -5.24 -1.79 -7.36
C MET B 31 -6.33 -1.30 -8.37
N GLU B 32 -7.38 -0.61 -7.88
CA GLU B 32 -8.37 0.10 -8.74
C GLU B 32 -7.95 1.56 -9.14
N GLY B 33 -8.53 2.57 -8.48
CA GLY B 33 -8.25 4.01 -8.78
C GLY B 33 -9.36 4.76 -9.59
N VAL B 34 -9.74 5.98 -9.17
CA VAL B 34 -10.97 6.67 -9.64
C VAL B 34 -10.60 7.59 -10.87
N GLN B 35 -11.53 8.44 -11.32
CA GLN B 35 -11.26 9.50 -12.34
C GLN B 35 -12.27 10.70 -12.21
N NH2 B 36 -12.91 10.86 -11.05
HN1 NH2 B 36 -12.72 10.22 -10.26
HN2 NH2 B 36 -13.61 11.61 -10.94
#